data_5FOA
#
_entry.id   5FOA
#
_cell.length_a   117.429
_cell.length_b   142.378
_cell.length_c   323.697
_cell.angle_alpha   90.00
_cell.angle_beta   90.00
_cell.angle_gamma   90.00
#
_symmetry.space_group_name_H-M   'P 21 2 21'
#
loop_
_entity.id
_entity.type
_entity.pdbx_description
1 polymer 'COMPLEMENT C3 BETA CHAIN'
2 polymer 'COMPLEMENT C3B ALPHA CHAIN'
3 polymer 'DECAY ACCELERATING FACTOR, CD55'
#
loop_
_entity_poly.entity_id
_entity_poly.type
_entity_poly.pdbx_seq_one_letter_code
_entity_poly.pdbx_strand_id
1 'polypeptide(L)'
;SPMYSIITPNILRLESEETMVLEAHDAQGDVPVTVTVHDFPGKKLVLSSEKTVLTPATNHMGNVTFTIPANREFKSEKGR
NKFVTVQATFGTQVVEKVVLVSLQSGYLFIQTDKTIYTPGSTVLYRIFTVNHKLLPVGRTVMVNIENPEGIPVKQDSLSS
QNQLGVLPLSWDIPELVNMGQWKIRAYYENSPQQVFSTEFEVKEYVLPSFEVIVEPTEKFYYIYNEKGLEVTITARFLYG
KKVEGTAFVIFGIQDGEQRISLPESLKRIPIEDGSGEVVLSRKVLLDGVQNPRAEDLVGKSLYVSATVILHSGSDMVQAE
RSGIPIVTSPYQIHFTKTPKYFKPGMPFDLMVFVTNPDGSPAYRVPVAVQGEDTVQSLTQGDGVAKLSINTHPSQKPLSI
TVRTKKQELSEAEQATRTMQALPYSTVGNSNNYLHLSVLRTELRPGETLNVNFLLRMDRAHEAKIRYYTYLIMNKGRLLK
AGRQVREPGQDLVVLPLSITTDFIPSFRLVAYYTLIGASGQREVVADSVWVDVKDSCVGSLVVKSGQSEDRQPVPGQQMT
LKIEGDHGARVVLVAVDKGVFVLNKKNKLTQSKIWDVVEKADIGCTPGSGKDYAGVFSDAGLTFTSSSGQQTAQRAELQC
PQPAA
;
A,C
2 'polypeptide(L)'
;SNLDEDIIAEENIVSRSEFPESWLWNVEDLKEPPKNGISTKLMNIFLKDSITTWEILAVSMSDKKGICVADPFEVTVMQD
FFIDLRLPYSVVRNEQVEIRAVLYNYRQNQELKVRVELLHNPAFCSLATTKRRHQQTVTIPPKSSLSVPYVIVPLKTGLQ
EVEVKAAVYHHFISDGVRKSLKVVPEGIRMNKTVAVRTLDPERLGREGVQKEDIPPADLSDQVPDTESETRILLQGTPVA
QMTEDAVDAERLKHLIVTPSGCGEENMIGMTPTVIAVHYLDETEQWEKFGLEKRQGALELIKKGYTQQLAFRQPSSAFAA
FVKRAPSTWLTAYVVKVFSLAVNLIAIDSQVLCGAVKWLILEKQKPDGVFQEDAPVIHQEMIGGLRNNNEKDMALTAFVL
ISLQEAKDICEEQVNSLPGSITKAGDFLEANYMNLQRSYTVAIAGYALAQMGRLKGPLLNKFLTTAKDKNRWEDPGKQLY
NVEATSYALLALLQLKDFDFVPPVVRWLNEQRYYGGGYGSTQATFMVFQALAQYQKDAPDHQELNLDVSLQLPSRSSKIT
HRIHWESASLLRSEETKENEGFTVTAEGKGQGTLSVVTMYHAKAKDQLTCNKFDLKVTIKPAPETEKRPQDAKNTMILEI
CTRYRGDQDATMSILDISMMTGFAPDTDDLKQLANGVDRYISKYELDKAFSDRNTLIIYLDKVSHSEDDCLAFKVHQYFN
VELIQPGAVKVYAYYNLEESCTRFYHPEKEDGKLNKLCRDELCRCAEENCFIQKSDDKVTLEERLDKACEPGVDYVYKTR
LVKVQLSNDFDEYIMAIEQTIKSGSDEVQVGQQRTFISPIKCREALKLEEKKHYLMWGLSSDFWGEKPNLSYIIGKDTWV
EHWPEEDECQDEENQKQCQDLGAFTESMVVFGCPN
;
B,D
3 'polypeptide(L)'
;GSSCEVPTRLNSASLKQPYITQNYFPVGTVVEYECRPGYRREPSLSPKLTCLQNLKWSTAVEFCKKKSCPNPGEIRNGQI
DVPGGILFGATISFSCNTGYKLFGSTSSFCLISGSSVQWSDPLPECREIYCPAPPQIDNGIIQGERDHYGYRQSVTYACN
KGFTMIGEHSIYCTVNNDEGEWSGPPPECRGAAA
;
E,F
#
# COMPACT_ATOMS: atom_id res chain seq x y z
N SER A 1 40.27 -14.83 51.97
CA SER A 1 40.40 -14.84 50.52
C SER A 1 39.06 -14.84 49.77
N PRO A 2 38.16 -15.80 50.07
CA PRO A 2 36.96 -15.64 49.27
C PRO A 2 36.22 -14.34 49.58
N MET A 3 35.83 -13.62 48.55
CA MET A 3 35.11 -12.39 48.78
C MET A 3 33.74 -12.51 48.16
N TYR A 4 32.71 -12.52 48.97
CA TYR A 4 31.37 -12.58 48.43
C TYR A 4 30.72 -11.23 48.21
N SER A 5 30.16 -11.09 47.01
CA SER A 5 29.51 -9.86 46.60
C SER A 5 28.06 -10.06 46.24
N ILE A 6 27.36 -8.95 46.21
CA ILE A 6 25.96 -8.90 45.85
C ILE A 6 25.66 -7.56 45.11
N ILE A 7 24.94 -7.61 43.99
CA ILE A 7 24.55 -6.41 43.22
C ILE A 7 23.06 -6.31 42.91
N THR A 8 22.45 -5.16 43.25
CA THR A 8 21.03 -4.96 42.88
C THR A 8 20.76 -3.53 42.30
N PRO A 9 19.53 -3.21 41.84
CA PRO A 9 19.41 -1.85 41.31
C PRO A 9 19.30 -0.87 42.46
N ASN A 10 19.83 0.33 42.25
CA ASN A 10 19.72 1.43 43.20
C ASN A 10 18.33 1.53 43.81
N ILE A 11 17.30 1.50 42.98
CA ILE A 11 15.94 1.64 43.48
C ILE A 11 15.10 0.43 43.12
N LEU A 12 14.61 -0.29 44.12
CA LEU A 12 13.72 -1.41 43.84
C LEU A 12 12.27 -0.95 43.74
N ARG A 13 11.43 -1.66 42.99
CA ARG A 13 10.05 -1.20 42.81
C ARG A 13 9.16 -2.37 43.21
N LEU A 14 7.92 -2.05 43.50
CA LEU A 14 6.91 -2.95 44.03
C LEU A 14 6.06 -3.53 42.94
N GLU A 15 5.76 -4.84 43.04
CA GLU A 15 4.90 -5.61 42.11
C GLU A 15 5.61 -5.72 40.79
N SER A 16 6.92 -5.89 40.94
CA SER A 16 7.82 -6.02 39.83
C SER A 16 8.89 -7.04 40.17
N GLU A 17 9.34 -7.76 39.14
CA GLU A 17 10.37 -8.78 39.31
C GLU A 17 11.78 -8.20 39.35
N GLU A 18 12.25 -7.85 40.53
CA GLU A 18 13.64 -7.41 40.64
C GLU A 18 14.65 -8.54 40.72
N THR A 19 15.71 -8.42 39.92
CA THR A 19 16.77 -9.44 39.81
C THR A 19 17.91 -9.07 40.75
N MET A 20 18.65 -10.06 41.25
CA MET A 20 19.77 -9.82 42.17
C MET A 20 21.00 -10.66 41.84
N VAL A 21 22.17 -10.03 41.65
CA VAL A 21 23.37 -10.75 41.21
C VAL A 21 24.26 -11.20 42.36
N LEU A 22 24.44 -12.51 42.53
CA LEU A 22 25.24 -13.04 43.65
C LEU A 22 26.59 -13.60 43.23
N GLU A 23 27.63 -13.31 44.01
CA GLU A 23 28.98 -13.74 43.60
C GLU A 23 29.88 -14.16 44.74
N ALA A 24 30.81 -15.06 44.46
CA ALA A 24 31.83 -15.42 45.44
C ALA A 24 33.15 -15.54 44.67
N HIS A 25 34.08 -14.62 44.86
CA HIS A 25 35.38 -14.63 44.14
C HIS A 25 36.46 -15.36 44.95
N ASP A 26 37.25 -16.21 44.28
CA ASP A 26 38.34 -17.02 44.88
C ASP A 26 37.73 -17.97 45.91
N ALA A 27 36.50 -18.41 45.61
CA ALA A 27 35.77 -19.30 46.48
C ALA A 27 36.08 -20.74 46.03
N GLN A 28 35.87 -21.71 46.92
CA GLN A 28 36.08 -23.12 46.59
C GLN A 28 34.84 -23.94 46.85
N GLY A 29 34.71 -25.07 46.17
CA GLY A 29 33.55 -25.95 46.33
C GLY A 29 32.22 -25.26 46.15
N ASP A 30 31.16 -25.88 46.64
CA ASP A 30 29.85 -25.27 46.56
C ASP A 30 29.68 -24.22 47.64
N VAL A 31 28.74 -23.31 47.44
CA VAL A 31 28.44 -22.32 48.46
C VAL A 31 26.94 -22.03 48.51
N PRO A 32 26.29 -22.41 49.61
CA PRO A 32 24.84 -22.17 49.73
C PRO A 32 24.49 -20.71 50.02
N VAL A 33 23.66 -20.11 49.17
CA VAL A 33 23.30 -18.71 49.35
C VAL A 33 21.80 -18.57 49.58
N THR A 34 21.43 -17.88 50.65
CA THR A 34 20.02 -17.61 50.91
C THR A 34 19.75 -16.11 50.92
N VAL A 35 18.75 -15.69 50.16
CA VAL A 35 18.41 -14.27 50.09
C VAL A 35 17.07 -13.98 50.77
N THR A 36 17.04 -12.90 51.55
CA THR A 36 15.86 -12.49 52.30
C THR A 36 15.68 -10.99 52.13
N VAL A 37 14.45 -10.52 52.06
CA VAL A 37 14.18 -9.09 52.01
C VAL A 37 13.28 -8.73 53.18
N HIS A 38 13.75 -7.77 53.99
CA HIS A 38 12.95 -7.27 55.13
C HIS A 38 12.62 -5.78 55.03
N ASP A 39 11.49 -5.36 55.60
CA ASP A 39 11.19 -3.93 55.66
C ASP A 39 12.18 -3.29 56.62
N PHE A 40 12.41 -2.01 56.42
CA PHE A 40 13.34 -1.24 57.23
C PHE A 40 12.70 -0.18 58.10
N PRO A 41 13.19 -0.05 59.35
CA PRO A 41 14.11 -0.90 60.11
C PRO A 41 13.43 -1.98 60.95
N GLY A 42 12.10 -1.89 61.06
CA GLY A 42 11.33 -2.86 61.81
C GLY A 42 11.59 -4.33 61.56
N LYS A 43 11.78 -4.72 60.30
CA LYS A 43 12.02 -6.12 59.96
C LYS A 43 10.81 -6.95 60.38
N LYS A 44 9.66 -6.29 60.47
CA LYS A 44 8.39 -6.95 60.78
C LYS A 44 8.05 -8.09 59.84
N LEU A 45 8.55 -8.04 58.60
CA LEU A 45 8.17 -9.08 57.68
C LEU A 45 9.30 -9.65 56.83
N VAL A 46 8.87 -10.61 56.03
CA VAL A 46 9.63 -11.49 55.17
C VAL A 46 8.95 -11.34 53.84
N LEU A 47 9.38 -10.34 53.10
CA LEU A 47 8.79 -10.05 51.80
C LEU A 47 9.35 -10.93 50.70
N SER A 48 10.63 -11.24 50.77
CA SER A 48 11.14 -12.21 49.81
C SER A 48 12.15 -13.15 50.43
N SER A 49 12.18 -14.36 49.88
CA SER A 49 13.03 -15.43 50.38
C SER A 49 13.29 -16.44 49.28
N GLU A 50 14.54 -16.54 48.85
CA GLU A 50 14.92 -17.49 47.81
C GLU A 50 16.17 -18.25 48.26
N LYS A 51 16.36 -19.48 47.79
CA LYS A 51 17.63 -20.19 47.96
C LYS A 51 18.33 -20.71 46.70
N THR A 52 19.66 -20.55 46.60
CA THR A 52 20.32 -21.00 45.37
C THR A 52 21.70 -21.51 45.81
N VAL A 53 22.41 -22.18 44.91
CA VAL A 53 23.74 -22.70 45.23
C VAL A 53 24.75 -22.26 44.28
N LEU A 54 25.73 -21.58 44.82
CA LEU A 54 26.71 -21.28 43.89
C LEU A 54 27.76 -22.42 43.66
N THR A 55 27.96 -22.76 42.38
CA THR A 55 28.85 -23.88 41.97
C THR A 55 30.03 -23.43 41.09
N PRO A 56 31.24 -24.03 41.26
CA PRO A 56 32.36 -23.72 40.36
C PRO A 56 31.98 -23.76 38.86
N ALA A 57 31.03 -24.61 38.50
CA ALA A 57 30.62 -24.73 37.11
C ALA A 57 29.80 -23.52 36.63
N THR A 58 29.37 -22.62 37.52
CA THR A 58 28.71 -21.39 37.04
C THR A 58 29.76 -20.39 37.35
N ASN A 59 30.96 -20.91 37.63
CA ASN A 59 32.06 -20.07 38.08
C ASN A 59 31.75 -19.23 39.27
N HIS A 60 30.73 -19.67 39.99
CA HIS A 60 30.26 -19.08 41.22
C HIS A 60 29.51 -17.82 41.02
N MET A 61 28.84 -17.79 39.87
CA MET A 61 27.97 -16.71 39.63
C MET A 61 26.45 -17.04 39.83
N GLY A 62 25.73 -16.46 40.79
CA GLY A 62 24.31 -16.81 40.91
C GLY A 62 23.46 -15.65 40.60
N ASN A 63 22.15 -15.82 40.75
CA ASN A 63 21.17 -14.79 40.43
C ASN A 63 19.85 -15.16 41.05
N VAL A 64 19.29 -14.24 41.85
CA VAL A 64 17.96 -14.49 42.39
C VAL A 64 16.96 -13.45 41.93
N THR A 65 15.90 -13.93 41.31
CA THR A 65 14.81 -13.11 40.85
C THR A 65 13.64 -13.16 41.83
N PHE A 66 13.37 -12.01 42.45
CA PHE A 66 12.39 -11.87 43.52
C PHE A 66 11.38 -10.76 43.31
N THR A 67 10.27 -10.86 44.04
CA THR A 67 9.14 -9.94 43.94
C THR A 67 8.80 -9.37 45.30
N ILE A 68 8.43 -8.10 45.32
CA ILE A 68 8.06 -7.42 46.55
C ILE A 68 6.59 -7.17 46.38
N PRO A 69 5.78 -7.93 47.13
CA PRO A 69 4.35 -7.67 47.18
C PRO A 69 4.03 -6.32 47.81
N ALA A 70 2.84 -5.84 47.45
CA ALA A 70 2.43 -4.48 47.76
C ALA A 70 1.67 -4.46 49.06
N ASN A 71 2.38 -4.77 50.14
CA ASN A 71 1.78 -4.78 51.46
C ASN A 71 1.41 -3.35 51.85
N ARG A 72 0.45 -3.23 52.77
CA ARG A 72 -0.07 -1.94 53.21
C ARG A 72 0.90 -1.31 54.21
N GLU A 73 2.00 -2.00 54.44
CA GLU A 73 3.03 -1.42 55.29
C GLU A 73 3.86 -0.39 54.49
N PHE A 74 3.92 -0.61 53.17
CA PHE A 74 4.77 0.24 52.33
C PHE A 74 4.36 1.75 52.18
N LYS A 75 3.09 2.08 52.00
CA LYS A 75 2.68 3.46 51.84
C LYS A 75 2.76 4.35 53.10
N SER A 76 3.40 5.53 53.00
CA SER A 76 3.22 6.62 54.01
C SER A 76 3.92 6.41 55.39
N GLU A 77 3.99 7.42 56.30
CA GLU A 77 3.35 8.75 56.25
C GLU A 77 4.15 9.90 56.86
N LYS A 78 4.37 10.98 56.11
CA LYS A 78 3.97 11.12 54.71
C LYS A 78 4.99 11.98 53.99
N GLY A 79 5.40 11.56 52.80
CA GLY A 79 6.44 12.25 52.08
C GLY A 79 7.71 11.60 52.57
N ARG A 80 7.52 10.45 53.21
CA ARG A 80 8.60 9.74 53.86
C ARG A 80 8.93 8.48 53.07
N ASN A 81 10.05 8.55 52.38
CA ASN A 81 10.52 7.51 51.46
C ASN A 81 10.75 6.23 52.22
N LYS A 82 10.44 5.12 51.61
CA LYS A 82 10.69 3.89 52.32
C LYS A 82 11.77 2.97 51.79
N PHE A 83 12.26 2.10 52.67
CA PHE A 83 13.39 1.26 52.42
C PHE A 83 13.30 -0.20 52.85
N VAL A 84 14.04 -1.01 52.11
CA VAL A 84 14.17 -2.41 52.43
C VAL A 84 15.61 -2.80 52.79
N THR A 85 15.75 -3.87 53.56
CA THR A 85 17.03 -4.46 53.90
C THR A 85 17.23 -5.78 53.18
N VAL A 86 17.97 -5.71 52.07
CA VAL A 86 18.36 -6.90 51.32
C VAL A 86 19.41 -7.68 52.09
N GLN A 87 19.17 -8.96 52.34
CA GLN A 87 20.10 -9.78 53.12
C GLN A 87 20.49 -11.00 52.29
N ALA A 88 21.77 -11.33 52.30
CA ALA A 88 22.31 -12.39 51.47
C ALA A 88 23.32 -13.20 52.27
N THR A 89 22.91 -14.40 52.67
CA THR A 89 23.77 -15.27 53.45
C THR A 89 24.51 -16.27 52.60
N PHE A 90 25.82 -16.16 52.57
CA PHE A 90 26.63 -17.12 51.87
C PHE A 90 27.28 -18.09 52.85
N GLY A 91 26.66 -19.23 53.08
CA GLY A 91 27.18 -20.19 54.04
C GLY A 91 27.05 -19.70 55.46
N THR A 92 28.11 -19.04 55.93
CA THR A 92 28.16 -18.42 57.25
C THR A 92 28.34 -16.90 57.15
N GLN A 93 28.86 -16.45 56.02
CA GLN A 93 29.13 -15.02 55.83
C GLN A 93 27.88 -14.27 55.44
N VAL A 94 27.50 -13.23 56.20
CA VAL A 94 26.26 -12.52 55.87
C VAL A 94 26.55 -11.14 55.33
N VAL A 95 25.92 -10.82 54.20
CA VAL A 95 26.05 -9.47 53.67
C VAL A 95 24.69 -8.81 53.55
N GLU A 96 24.56 -7.61 54.11
CA GLU A 96 23.27 -6.95 54.03
C GLU A 96 23.43 -5.51 53.58
N LYS A 97 22.43 -5.01 52.87
CA LYS A 97 22.47 -3.64 52.39
C LYS A 97 21.07 -3.08 52.27
N VAL A 98 20.90 -1.85 52.74
CA VAL A 98 19.63 -1.15 52.64
C VAL A 98 19.46 -0.48 51.25
N VAL A 99 18.29 -0.72 50.66
CA VAL A 99 17.96 -0.19 49.33
C VAL A 99 16.64 0.60 49.37
N LEU A 100 16.51 1.57 48.47
CA LEU A 100 15.33 2.43 48.41
C LEU A 100 14.20 1.84 47.62
N VAL A 101 12.98 2.03 48.09
CA VAL A 101 11.88 1.43 47.38
C VAL A 101 10.90 2.43 46.80
N SER A 102 10.71 2.31 45.49
CA SER A 102 9.79 3.12 44.73
C SER A 102 8.40 2.54 44.81
N LEU A 103 7.42 3.40 45.04
CA LEU A 103 6.02 3.04 45.09
C LEU A 103 5.45 2.94 43.70
N GLN A 104 6.04 3.72 42.79
CA GLN A 104 5.62 3.74 41.40
C GLN A 104 5.51 2.33 40.87
N SER A 105 4.28 1.96 40.50
CA SER A 105 3.96 0.65 39.96
C SER A 105 4.39 0.50 38.50
N GLY A 106 4.52 1.65 37.82
CA GLY A 106 4.87 1.68 36.41
C GLY A 106 4.39 2.94 35.74
N TYR A 107 3.76 2.79 34.58
CA TYR A 107 3.20 3.95 33.89
C TYR A 107 1.73 3.84 33.47
N LEU A 108 1.14 5.02 33.26
CA LEU A 108 -0.14 5.28 32.62
C LEU A 108 -0.05 6.23 31.44
N PHE A 109 -0.67 5.89 30.32
CA PHE A 109 -0.80 6.84 29.21
C PHE A 109 -2.22 7.21 28.92
N ILE A 110 -2.44 8.48 28.65
CA ILE A 110 -3.79 8.92 28.35
C ILE A 110 -3.82 9.35 26.90
N GLN A 111 -4.91 9.00 26.24
CA GLN A 111 -5.13 9.34 24.85
C GLN A 111 -6.55 9.83 24.66
N THR A 112 -6.71 11.03 24.15
CA THR A 112 -8.05 11.49 23.81
C THR A 112 -8.25 11.30 22.31
N ASP A 113 -9.49 11.32 21.86
CA ASP A 113 -9.75 11.20 20.42
C ASP A 113 -9.22 12.44 19.72
N LYS A 114 -9.81 13.59 20.03
CA LYS A 114 -9.42 14.82 19.38
C LYS A 114 -8.42 15.58 20.26
N THR A 115 -7.95 16.72 19.77
CA THR A 115 -7.08 17.58 20.54
C THR A 115 -7.87 18.75 21.14
N ILE A 116 -8.94 19.15 20.45
CA ILE A 116 -9.74 20.28 20.90
C ILE A 116 -11.21 19.86 20.82
N TYR A 117 -12.06 20.50 21.62
CA TYR A 117 -13.50 20.16 21.71
C TYR A 117 -14.45 21.35 21.87
N THR A 118 -15.69 21.17 21.42
CA THR A 118 -16.74 22.20 21.56
C THR A 118 -17.68 21.91 22.70
N PRO A 119 -18.04 22.96 23.47
CA PRO A 119 -19.01 22.81 24.55
C PRO A 119 -20.26 22.14 23.97
N GLY A 120 -20.68 21.07 24.64
CA GLY A 120 -21.83 20.25 24.29
C GLY A 120 -21.45 18.85 23.79
N SER A 121 -20.16 18.58 23.61
CA SER A 121 -19.67 17.28 23.11
C SER A 121 -19.07 16.28 24.10
N THR A 122 -18.73 15.09 23.61
CA THR A 122 -18.20 14.06 24.49
C THR A 122 -16.71 13.79 24.26
N VAL A 123 -15.91 13.86 25.32
CA VAL A 123 -14.50 13.53 25.18
C VAL A 123 -14.29 12.04 25.42
N LEU A 124 -13.84 11.34 24.39
CA LEU A 124 -13.53 9.93 24.51
C LEU A 124 -12.04 9.75 24.77
N TYR A 125 -11.69 9.10 25.86
CA TYR A 125 -10.29 8.95 26.22
C TYR A 125 -9.97 7.58 26.81
N ARG A 126 -8.83 7.03 26.42
CA ARG A 126 -8.40 5.73 26.88
C ARG A 126 -7.14 5.85 27.73
N ILE A 127 -7.13 5.11 28.82
CA ILE A 127 -5.98 5.01 29.69
C ILE A 127 -5.29 3.67 29.48
N PHE A 128 -3.97 3.73 29.31
CA PHE A 128 -3.14 2.56 29.12
C PHE A 128 -2.32 2.27 30.38
N THR A 129 -2.66 1.17 31.04
CA THR A 129 -2.07 0.79 32.32
C THR A 129 -0.99 -0.26 32.13
N VAL A 130 0.27 0.14 32.29
CA VAL A 130 1.36 -0.80 32.11
C VAL A 130 2.41 -0.68 33.19
N ASN A 131 3.07 -1.79 33.49
CA ASN A 131 4.14 -1.79 34.47
C ASN A 131 5.39 -1.10 33.93
N HIS A 132 6.52 -1.26 34.60
CA HIS A 132 7.76 -0.63 34.15
C HIS A 132 8.26 -1.27 32.86
N LYS A 133 7.99 -2.55 32.68
CA LYS A 133 8.42 -3.26 31.48
C LYS A 133 7.46 -3.04 30.33
N LEU A 134 6.48 -2.18 30.57
CA LEU A 134 5.50 -1.70 29.58
C LEU A 134 4.39 -2.68 29.23
N LEU A 135 4.43 -3.87 29.80
CA LEU A 135 3.34 -4.83 29.58
C LEU A 135 2.12 -4.44 30.42
N PRO A 136 0.95 -4.73 29.88
CA PRO A 136 -0.33 -4.42 30.52
C PRO A 136 -0.51 -5.16 31.83
N VAL A 137 -1.05 -4.44 32.79
CA VAL A 137 -1.32 -4.98 34.11
C VAL A 137 -2.71 -4.59 34.56
N GLY A 138 -3.28 -5.31 35.51
CA GLY A 138 -4.60 -4.93 35.94
C GLY A 138 -4.48 -4.36 37.33
N ARG A 139 -4.70 -3.06 37.49
CA ARG A 139 -4.62 -2.43 38.80
C ARG A 139 -5.67 -1.39 38.94
N THR A 140 -5.77 -0.78 40.11
CA THR A 140 -6.66 0.37 40.28
C THR A 140 -6.01 1.72 40.09
N VAL A 141 -6.73 2.52 39.29
CA VAL A 141 -6.40 3.84 38.82
C VAL A 141 -7.44 4.90 39.22
N MET A 142 -6.98 6.00 39.80
CA MET A 142 -7.83 7.15 40.08
C MET A 142 -7.74 8.12 38.91
N VAL A 143 -8.88 8.68 38.53
CA VAL A 143 -8.94 9.58 37.39
C VAL A 143 -9.72 10.84 37.72
N ASN A 144 -9.00 11.94 37.59
CA ASN A 144 -9.55 13.27 37.80
C ASN A 144 -9.66 14.05 36.49
N ILE A 145 -10.52 15.06 36.48
CA ILE A 145 -10.56 15.98 35.35
C ILE A 145 -10.60 17.41 35.82
N GLU A 146 -9.48 18.10 35.59
CA GLU A 146 -9.35 19.48 36.03
C GLU A 146 -9.64 20.48 34.93
N ASN A 147 -10.25 21.58 35.38
CA ASN A 147 -10.56 22.74 34.58
C ASN A 147 -9.35 23.66 34.34
N PRO A 148 -9.51 24.74 33.55
CA PRO A 148 -8.40 25.67 33.27
C PRO A 148 -7.66 26.15 34.51
N GLU A 149 -8.40 26.63 35.50
CA GLU A 149 -7.82 27.19 36.71
C GLU A 149 -7.14 26.18 37.63
N GLY A 150 -7.25 24.89 37.30
CA GLY A 150 -6.55 23.84 38.02
C GLY A 150 -7.43 23.30 39.14
N ILE A 151 -8.70 23.12 38.81
CA ILE A 151 -9.67 22.59 39.76
C ILE A 151 -10.37 21.31 39.32
N PRO A 152 -10.26 20.27 40.14
CA PRO A 152 -10.97 19.00 39.89
C PRO A 152 -12.46 19.22 39.94
N VAL A 153 -13.17 18.65 38.98
CA VAL A 153 -14.61 18.82 38.96
C VAL A 153 -15.24 17.45 38.93
N LYS A 154 -14.39 16.45 38.71
CA LYS A 154 -14.78 15.05 38.72
C LYS A 154 -13.70 13.99 39.04
N GLN A 155 -14.00 13.05 39.94
CA GLN A 155 -13.04 11.99 40.22
C GLN A 155 -13.73 10.63 40.28
N ASP A 156 -13.18 9.70 39.50
CA ASP A 156 -13.61 8.32 39.40
C ASP A 156 -12.50 7.36 39.83
N SER A 157 -12.89 6.19 40.29
CA SER A 157 -11.94 5.18 40.73
C SER A 157 -12.20 3.88 39.94
N LEU A 158 -11.22 3.46 39.12
CA LEU A 158 -11.35 2.31 38.19
C LEU A 158 -10.12 1.38 38.21
N SER A 159 -10.17 0.20 37.58
CA SER A 159 -9.04 -0.79 37.49
C SER A 159 -8.83 -1.50 36.12
N SER A 160 -7.60 -1.58 35.62
CA SER A 160 -7.42 -2.21 34.29
C SER A 160 -7.34 -3.76 34.27
N GLN A 161 -7.89 -4.40 35.29
CA GLN A 161 -7.95 -5.85 35.40
C GLN A 161 -8.86 -6.31 34.25
N ASN A 162 -8.41 -7.35 33.56
CA ASN A 162 -9.07 -8.02 32.43
C ASN A 162 -9.40 -7.08 31.26
N GLN A 163 -8.83 -5.89 31.29
CA GLN A 163 -9.15 -4.83 30.34
C GLN A 163 -7.98 -4.79 29.37
N LEU A 164 -7.05 -5.73 29.57
CA LEU A 164 -5.89 -5.90 28.71
C LEU A 164 -5.10 -4.60 28.61
N GLY A 165 -5.08 -3.90 29.74
CA GLY A 165 -4.27 -2.70 29.88
C GLY A 165 -4.88 -1.54 29.12
N VAL A 166 -6.10 -1.75 28.63
CA VAL A 166 -6.79 -0.75 27.85
C VAL A 166 -8.09 -0.40 28.59
N LEU A 167 -8.09 0.79 29.20
CA LEU A 167 -9.21 1.27 29.98
C LEU A 167 -9.95 2.38 29.23
N PRO A 168 -11.07 2.04 28.59
CA PRO A 168 -11.83 3.06 27.88
C PRO A 168 -12.55 3.95 28.88
N LEU A 169 -12.76 5.22 28.53
CA LEU A 169 -13.44 6.17 29.41
C LEU A 169 -14.03 7.34 28.62
N SER A 170 -15.05 7.98 29.19
CA SER A 170 -15.67 9.15 28.54
C SER A 170 -16.01 10.28 29.51
N TRP A 171 -16.16 11.49 29.00
CA TRP A 171 -16.62 12.62 29.82
C TRP A 171 -17.39 13.66 29.01
N ASP A 172 -18.66 13.84 29.38
CA ASP A 172 -19.51 14.81 28.71
C ASP A 172 -19.27 16.23 29.17
N ILE A 173 -18.63 17.03 28.34
CA ILE A 173 -18.46 18.43 28.65
C ILE A 173 -19.86 19.09 28.58
N PRO A 174 -20.23 19.84 29.62
CA PRO A 174 -21.51 20.56 29.62
C PRO A 174 -21.45 21.73 28.63
N GLU A 175 -22.59 22.18 28.11
CA GLU A 175 -22.59 23.34 27.21
C GLU A 175 -22.18 24.63 27.94
N LEU A 176 -22.42 24.71 29.26
CA LEU A 176 -21.96 25.82 30.12
C LEU A 176 -20.64 25.39 30.76
N VAL A 177 -19.54 25.94 30.26
CA VAL A 177 -18.18 25.55 30.64
C VAL A 177 -17.19 26.65 30.32
N ASN A 178 -16.11 26.65 31.11
CA ASN A 178 -14.99 27.55 31.01
C ASN A 178 -14.09 27.15 29.87
N MET A 179 -13.86 28.09 28.96
CA MET A 179 -12.95 27.88 27.85
C MET A 179 -11.50 27.74 28.28
N GLY A 180 -10.68 27.18 27.40
CA GLY A 180 -9.27 27.07 27.68
C GLY A 180 -8.73 25.66 27.77
N GLN A 181 -7.61 25.55 28.47
CA GLN A 181 -6.90 24.29 28.62
C GLN A 181 -7.46 23.42 29.73
N TRP A 182 -8.02 22.27 29.36
CA TRP A 182 -8.45 21.29 30.34
C TRP A 182 -7.43 20.17 30.47
N LYS A 183 -7.47 19.49 31.62
CA LYS A 183 -6.48 18.46 31.95
C LYS A 183 -7.19 17.21 32.44
N ILE A 184 -6.68 16.07 31.98
CA ILE A 184 -7.05 14.77 32.49
C ILE A 184 -5.87 14.31 33.34
N ARG A 185 -6.13 14.10 34.62
CA ARG A 185 -5.07 13.65 35.51
C ARG A 185 -5.35 12.24 35.96
N ALA A 186 -4.34 11.38 35.99
CA ALA A 186 -4.62 10.02 36.40
C ALA A 186 -3.42 9.45 37.12
N TYR A 187 -3.67 8.62 38.11
CA TYR A 187 -2.58 8.02 38.85
C TYR A 187 -2.99 6.65 39.37
N TYR A 188 -2.00 5.83 39.69
CA TYR A 188 -2.23 4.51 40.28
C TYR A 188 -2.55 4.69 41.76
N GLU A 189 -3.60 4.04 42.24
CA GLU A 189 -3.97 4.16 43.66
C GLU A 189 -2.85 3.91 44.68
N ASN A 190 -1.92 3.01 44.38
CA ASN A 190 -0.87 2.69 45.36
C ASN A 190 0.23 3.75 45.32
N SER A 191 0.20 4.61 44.32
CA SER A 191 1.23 5.63 44.16
C SER A 191 0.60 6.93 43.67
N PRO A 192 0.04 7.71 44.62
CA PRO A 192 -0.66 8.97 44.34
C PRO A 192 0.21 10.20 43.98
N GLN A 193 1.51 10.16 44.24
CA GLN A 193 2.45 11.24 43.89
C GLN A 193 2.81 11.33 42.42
N GLN A 194 3.14 10.19 41.80
CA GLN A 194 3.46 10.18 40.40
C GLN A 194 2.15 10.23 39.65
N VAL A 195 1.99 11.33 38.92
CA VAL A 195 0.75 11.63 38.24
C VAL A 195 1.04 11.67 36.76
N PHE A 196 0.06 11.26 35.96
CA PHE A 196 0.21 11.26 34.51
C PHE A 196 -0.91 12.07 33.94
N SER A 197 -0.56 13.00 33.06
CA SER A 197 -1.52 13.99 32.63
C SER A 197 -1.59 14.19 31.12
N THR A 198 -2.78 14.57 30.64
CA THR A 198 -2.92 15.00 29.25
C THR A 198 -3.85 16.20 29.12
N GLU A 199 -3.45 17.17 28.31
CA GLU A 199 -4.28 18.35 28.10
C GLU A 199 -5.12 18.26 26.84
N PHE A 200 -6.35 18.77 26.93
CA PHE A 200 -7.23 18.92 25.79
C PHE A 200 -7.93 20.27 25.85
N GLU A 201 -8.07 20.92 24.71
CA GLU A 201 -8.63 22.27 24.67
C GLU A 201 -10.14 22.29 24.48
N VAL A 202 -10.80 23.16 25.24
CA VAL A 202 -12.24 23.39 25.07
C VAL A 202 -12.45 24.82 24.60
N LYS A 203 -13.01 24.96 23.41
CA LYS A 203 -13.14 26.27 22.77
C LYS A 203 -14.34 26.30 21.84
N GLU A 204 -14.88 27.49 21.61
CA GLU A 204 -15.96 27.71 20.67
C GLU A 204 -15.32 27.80 19.27
N TYR A 205 -15.55 26.79 18.43
CA TYR A 205 -14.84 26.75 17.15
C TYR A 205 -15.63 26.12 16.02
N VAL A 206 -15.12 26.43 14.82
CA VAL A 206 -15.46 25.81 13.52
C VAL A 206 -14.22 25.39 12.67
N LEU A 207 -14.47 24.43 11.83
CA LEU A 207 -13.60 23.81 10.94
C LEU A 207 -13.29 24.82 9.85
N PRO A 208 -12.04 25.07 9.52
CA PRO A 208 -11.76 26.03 8.46
C PRO A 208 -12.01 25.68 7.04
N SER A 209 -12.03 24.40 6.85
CA SER A 209 -12.13 23.65 5.61
C SER A 209 -10.86 23.62 4.73
N PHE A 210 -9.82 24.32 5.18
CA PHE A 210 -8.57 24.22 4.45
C PHE A 210 -7.39 24.39 5.42
N GLU A 211 -6.19 24.06 4.97
CA GLU A 211 -5.03 24.25 5.83
C GLU A 211 -3.98 25.19 5.23
N VAL A 212 -3.18 25.77 6.13
CA VAL A 212 -2.10 26.71 5.82
C VAL A 212 -0.82 26.32 6.53
N ILE A 213 0.21 26.07 5.76
CA ILE A 213 1.51 25.71 6.29
C ILE A 213 2.50 26.78 5.95
N VAL A 214 3.15 27.29 6.98
CA VAL A 214 4.18 28.29 6.79
C VAL A 214 5.59 27.71 6.98
N GLU A 215 6.40 27.75 5.91
CA GLU A 215 7.74 27.17 6.04
C GLU A 215 8.87 28.12 5.68
N PRO A 216 9.72 28.45 6.65
CA PRO A 216 10.93 29.19 6.34
C PRO A 216 11.90 28.26 5.63
N THR A 217 12.67 28.74 4.66
CA THR A 217 13.61 27.92 3.88
C THR A 217 14.59 27.14 4.77
N GLU A 218 15.11 27.86 5.76
CA GLU A 218 15.93 27.28 6.80
C GLU A 218 15.12 27.22 8.09
N LYS A 219 15.36 26.20 8.92
CA LYS A 219 14.57 26.01 10.15
C LYS A 219 15.05 26.98 11.22
N PHE A 220 15.96 27.83 10.79
CA PHE A 220 16.61 28.84 11.60
C PHE A 220 16.92 30.13 10.84
N TYR A 221 17.39 31.14 11.56
CA TYR A 221 17.89 32.36 10.95
C TYR A 221 19.31 32.70 11.38
N TYR A 222 20.15 32.97 10.40
CA TYR A 222 21.54 33.32 10.61
C TYR A 222 21.65 34.84 10.63
N ILE A 223 22.04 35.38 11.79
CA ILE A 223 22.01 36.81 12.05
C ILE A 223 22.70 37.67 10.96
N TYR A 224 23.65 37.09 10.25
CA TYR A 224 24.39 37.81 9.20
C TYR A 224 23.89 37.41 7.81
N ASN A 225 22.80 36.66 7.74
CA ASN A 225 22.22 36.37 6.45
C ASN A 225 21.48 37.60 5.93
N GLU A 226 22.08 38.26 4.95
CA GLU A 226 21.55 39.50 4.39
C GLU A 226 20.19 39.34 3.73
N LYS A 227 19.94 38.20 3.10
CA LYS A 227 18.67 37.99 2.39
C LYS A 227 17.54 38.21 3.38
N GLY A 228 17.72 37.61 4.55
CA GLY A 228 16.76 37.71 5.64
C GLY A 228 15.99 36.42 5.78
N LEU A 229 14.89 36.45 6.53
CA LEU A 229 14.15 35.23 6.74
C LEU A 229 13.02 35.11 5.71
N GLU A 230 13.28 34.30 4.69
CA GLU A 230 12.35 34.08 3.59
C GLU A 230 11.42 32.87 3.84
N VAL A 231 10.12 33.12 3.78
CA VAL A 231 9.10 32.10 4.08
C VAL A 231 8.10 31.82 2.94
N THR A 232 7.81 30.52 2.78
CA THR A 232 6.84 30.02 1.81
C THR A 232 5.50 29.62 2.43
N ILE A 233 4.48 30.44 2.13
CA ILE A 233 3.12 30.26 2.58
C ILE A 233 2.30 29.39 1.64
N THR A 234 2.16 28.12 1.97
CA THR A 234 1.39 27.19 1.14
C THR A 234 -0.02 27.06 1.75
N ALA A 235 -1.06 26.96 0.92
CA ALA A 235 -2.43 26.80 1.42
C ALA A 235 -3.19 25.85 0.51
N ARG A 236 -3.73 24.78 1.08
CA ARG A 236 -4.50 23.82 0.31
C ARG A 236 -5.72 23.32 1.06
N PHE A 237 -6.77 22.97 0.33
CA PHE A 237 -7.97 22.45 0.95
C PHE A 237 -7.64 21.12 1.61
N LEU A 238 -8.43 20.74 2.62
CA LEU A 238 -8.22 19.50 3.35
C LEU A 238 -8.26 18.27 2.45
N TYR A 239 -9.08 18.33 1.40
CA TYR A 239 -9.23 17.20 0.51
C TYR A 239 -8.16 17.17 -0.57
N GLY A 240 -7.25 18.14 -0.52
CA GLY A 240 -6.08 18.14 -1.38
C GLY A 240 -5.86 19.33 -2.30
N LYS A 241 -6.88 19.76 -3.04
CA LYS A 241 -6.70 20.83 -4.00
C LYS A 241 -6.05 22.14 -3.45
N LYS A 242 -5.29 22.88 -4.25
CA LYS A 242 -4.68 24.13 -3.77
C LYS A 242 -5.68 25.26 -3.80
N VAL A 243 -5.50 26.15 -2.83
CA VAL A 243 -6.36 27.29 -2.56
C VAL A 243 -6.00 28.57 -3.34
N GLU A 244 -7.03 29.30 -3.79
CA GLU A 244 -6.88 30.64 -4.39
C GLU A 244 -7.54 31.68 -3.45
N GLY A 245 -6.74 32.67 -3.03
CA GLY A 245 -7.14 33.72 -2.10
C GLY A 245 -6.02 34.75 -1.90
N THR A 246 -6.00 35.45 -0.75
CA THR A 246 -4.97 36.48 -0.46
C THR A 246 -4.41 36.34 0.98
N ALA A 247 -3.10 36.47 1.17
CA ALA A 247 -2.56 36.29 2.52
C ALA A 247 -1.88 37.53 3.11
N PHE A 248 -2.09 37.73 4.41
CA PHE A 248 -1.36 38.71 5.23
C PHE A 248 -0.41 37.95 6.09
N VAL A 249 0.82 38.45 6.13
CA VAL A 249 1.85 37.82 6.92
C VAL A 249 2.64 38.84 7.70
N ILE A 250 2.93 38.50 8.95
CA ILE A 250 3.66 39.41 9.81
C ILE A 250 4.72 38.62 10.54
N PHE A 251 5.72 39.33 11.07
CA PHE A 251 6.82 38.70 11.75
C PHE A 251 6.98 39.22 13.17
N GLY A 252 7.69 38.47 14.00
CA GLY A 252 7.89 38.87 15.38
C GLY A 252 9.10 38.24 16.02
N ILE A 253 9.53 38.82 17.14
CA ILE A 253 10.69 38.32 17.85
C ILE A 253 10.30 37.87 19.24
N GLN A 254 10.66 36.66 19.63
CA GLN A 254 10.26 36.21 20.95
C GLN A 254 11.47 36.03 21.85
N ASP A 255 11.32 36.41 23.12
CA ASP A 255 12.39 36.24 24.09
C ASP A 255 11.81 35.59 25.34
N GLY A 256 11.95 34.27 25.45
CA GLY A 256 11.30 33.52 26.51
C GLY A 256 9.80 33.45 26.28
N GLU A 257 9.05 34.16 27.11
CA GLU A 257 7.60 34.31 26.96
C GLU A 257 7.17 35.67 26.44
N GLN A 258 8.10 36.65 26.39
CA GLN A 258 7.68 37.95 25.88
C GLN A 258 7.91 38.01 24.38
N ARG A 259 6.87 38.48 23.69
CA ARG A 259 6.86 38.64 22.25
C ARG A 259 6.83 40.10 21.84
N ILE A 260 7.57 40.42 20.79
CA ILE A 260 7.54 41.76 20.22
C ILE A 260 7.12 41.65 18.76
N SER A 261 6.01 42.29 18.43
CA SER A 261 5.48 42.24 17.08
C SER A 261 6.21 43.24 16.21
N LEU A 262 6.57 42.83 15.00
CA LEU A 262 7.22 43.75 14.06
C LEU A 262 6.21 44.33 13.10
N PRO A 263 5.65 45.51 13.42
CA PRO A 263 4.55 46.05 12.62
C PRO A 263 4.96 46.32 11.18
N GLU A 264 6.20 46.77 10.99
CA GLU A 264 6.67 47.16 9.67
C GLU A 264 7.03 45.98 8.78
N SER A 265 6.84 44.77 9.27
CA SER A 265 7.12 43.61 8.44
C SER A 265 5.83 43.07 7.87
N LEU A 266 4.72 43.74 8.20
CA LEU A 266 3.42 43.29 7.73
C LEU A 266 3.26 43.44 6.23
N LYS A 267 3.08 42.32 5.55
CA LYS A 267 2.95 42.35 4.09
C LYS A 267 1.65 41.68 3.69
N ARG A 268 1.14 42.06 2.51
CA ARG A 268 0.01 41.39 1.91
C ARG A 268 0.41 40.88 0.54
N ILE A 269 0.36 39.56 0.41
CA ILE A 269 0.86 38.84 -0.76
C ILE A 269 -0.17 37.91 -1.39
N PRO A 270 -0.24 37.92 -2.73
CA PRO A 270 -1.13 37.13 -3.59
C PRO A 270 -0.67 35.65 -3.60
N ILE A 271 -1.63 34.79 -3.31
CA ILE A 271 -1.45 33.36 -3.26
C ILE A 271 -1.88 32.72 -4.59
N GLU A 272 -0.94 32.42 -5.46
CA GLU A 272 -1.34 31.89 -6.75
C GLU A 272 -0.98 30.41 -6.77
N ASP A 273 -1.92 29.64 -7.30
CA ASP A 273 -1.78 28.21 -7.37
C ASP A 273 -1.46 27.61 -5.99
N GLY A 274 -2.16 28.06 -4.95
CA GLY A 274 -1.99 27.47 -3.63
C GLY A 274 -0.67 27.73 -2.92
N SER A 275 -0.01 28.83 -3.27
CA SER A 275 1.29 29.14 -2.70
C SER A 275 1.58 30.64 -2.73
N GLY A 276 2.55 31.06 -1.92
CA GLY A 276 2.94 32.45 -1.84
C GLY A 276 4.28 32.67 -1.13
N GLU A 277 4.98 33.73 -1.53
CA GLU A 277 6.30 34.02 -0.97
C GLU A 277 6.38 35.36 -0.25
N VAL A 278 7.00 35.37 0.93
CA VAL A 278 7.15 36.62 1.68
C VAL A 278 8.41 36.58 2.53
N VAL A 279 9.15 37.69 2.53
CA VAL A 279 10.48 37.72 3.13
C VAL A 279 10.59 38.84 4.15
N LEU A 280 11.19 38.49 5.28
CA LEU A 280 11.56 39.45 6.30
C LEU A 280 13.02 39.89 6.09
N SER A 281 13.22 41.08 5.53
CA SER A 281 14.58 41.58 5.28
C SER A 281 15.32 41.97 6.56
N ARG A 282 16.60 41.64 6.64
CA ARG A 282 17.38 41.92 7.84
C ARG A 282 17.18 43.37 8.34
N LYS A 283 17.16 44.31 7.39
CA LYS A 283 16.94 45.73 7.68
C LYS A 283 15.77 46.02 8.62
N VAL A 284 14.57 45.64 8.18
CA VAL A 284 13.32 45.88 8.93
C VAL A 284 13.49 45.30 10.32
N LEU A 285 14.03 44.09 10.36
CA LEU A 285 14.25 43.40 11.62
C LEU A 285 15.05 44.25 12.59
N LEU A 286 16.25 44.66 12.18
CA LEU A 286 17.14 45.41 13.06
C LEU A 286 16.51 46.76 13.41
N ASP A 287 15.60 47.20 12.54
CA ASP A 287 14.92 48.47 12.72
C ASP A 287 13.81 48.36 13.76
N GLY A 288 13.21 47.16 13.87
CA GLY A 288 12.09 46.95 14.76
C GLY A 288 12.58 46.85 16.20
N VAL A 289 13.79 46.34 16.36
CA VAL A 289 14.37 46.22 17.69
C VAL A 289 15.16 47.50 17.90
N GLN A 290 15.33 47.92 19.15
CA GLN A 290 16.02 49.18 19.38
C GLN A 290 17.50 48.98 19.60
N ASN A 291 17.97 47.76 19.39
CA ASN A 291 19.39 47.50 19.50
C ASN A 291 20.06 47.63 18.14
N PRO A 292 21.22 48.33 18.10
CA PRO A 292 22.12 48.29 16.94
C PRO A 292 22.87 46.95 16.87
N ARG A 293 23.29 46.42 18.02
CA ARG A 293 24.07 45.18 18.06
C ARG A 293 23.20 43.99 17.66
N ALA A 294 23.68 43.27 16.65
CA ALA A 294 22.97 42.13 16.07
C ALA A 294 23.07 40.87 16.94
N GLU A 295 24.24 40.68 17.54
CA GLU A 295 24.53 39.47 18.32
C GLU A 295 23.67 39.36 19.57
N ASP A 296 22.98 40.44 19.91
CA ASP A 296 22.08 40.44 21.04
C ASP A 296 20.81 39.67 20.72
N LEU A 297 20.63 39.33 19.44
CA LEU A 297 19.45 38.62 19.00
C LEU A 297 19.67 37.10 19.00
N VAL A 298 20.92 36.69 19.18
CA VAL A 298 21.25 35.28 19.26
C VAL A 298 20.72 34.69 20.56
N GLY A 299 20.01 33.56 20.46
CA GLY A 299 19.39 32.96 21.62
C GLY A 299 17.88 33.12 21.56
N LYS A 300 17.46 34.29 21.08
CA LYS A 300 16.04 34.60 20.90
C LYS A 300 15.49 33.87 19.68
N SER A 301 14.21 34.01 19.42
CA SER A 301 13.59 33.33 18.29
C SER A 301 12.69 34.24 17.48
N LEU A 302 12.24 33.74 16.34
CA LEU A 302 11.35 34.49 15.47
C LEU A 302 10.04 33.73 15.25
N TYR A 303 8.94 34.44 15.08
CA TYR A 303 7.67 33.77 14.72
C TYR A 303 7.00 34.43 13.52
N VAL A 304 6.32 33.60 12.74
CA VAL A 304 5.62 34.04 11.55
C VAL A 304 4.11 33.81 11.63
N SER A 305 3.34 34.88 11.49
CA SER A 305 1.87 34.80 11.54
C SER A 305 1.25 34.96 10.16
N ALA A 306 0.54 33.92 9.73
CA ALA A 306 -0.10 33.93 8.42
C ALA A 306 -1.62 33.98 8.53
N THR A 307 -2.25 34.71 7.59
CA THR A 307 -3.69 34.88 7.44
C THR A 307 -4.12 34.83 6.00
N VAL A 308 -4.62 33.66 5.63
CA VAL A 308 -4.99 33.44 4.23
C VAL A 308 -6.52 33.47 4.12
N ILE A 309 -7.02 34.29 3.22
CA ILE A 309 -8.46 34.46 3.01
C ILE A 309 -8.89 34.10 1.60
N LEU A 310 -9.82 33.13 1.51
CA LEU A 310 -10.36 32.70 0.23
C LEU A 310 -11.06 33.81 -0.54
N HIS A 311 -10.80 33.87 -1.85
CA HIS A 311 -11.33 34.91 -2.73
C HIS A 311 -12.86 35.04 -2.65
N SER A 312 -13.48 34.15 -1.89
CA SER A 312 -14.90 34.15 -1.64
C SER A 312 -15.22 34.87 -0.33
N GLY A 313 -14.22 34.96 0.54
CA GLY A 313 -14.36 35.61 1.82
C GLY A 313 -15.22 34.74 2.72
N SER A 314 -15.40 33.49 2.28
CA SER A 314 -16.23 32.52 2.99
C SER A 314 -15.47 31.73 4.04
N ASP A 315 -14.14 31.79 3.98
CA ASP A 315 -13.30 31.04 4.90
C ASP A 315 -11.99 31.77 5.07
N MET A 316 -11.47 31.78 6.28
CA MET A 316 -10.25 32.52 6.55
C MET A 316 -9.50 31.66 7.56
N VAL A 317 -8.23 31.40 7.27
CA VAL A 317 -7.47 30.57 8.20
C VAL A 317 -6.21 31.23 8.73
N GLN A 318 -6.00 30.97 10.03
CA GLN A 318 -4.83 31.46 10.72
C GLN A 318 -3.83 30.42 11.10
N ALA A 319 -2.58 30.72 10.77
CA ALA A 319 -1.49 29.84 11.10
C ALA A 319 -0.35 30.64 11.68
N GLU A 320 0.67 29.91 12.13
CA GLU A 320 1.80 30.51 12.78
C GLU A 320 2.91 29.49 12.97
N ARG A 321 4.11 29.78 12.48
CA ARG A 321 5.26 28.98 12.90
C ARG A 321 5.97 29.77 13.98
N SER A 322 6.40 29.08 15.04
CA SER A 322 7.09 29.74 16.13
C SER A 322 8.36 29.01 16.54
N GLY A 323 9.23 29.74 17.22
CA GLY A 323 10.44 29.18 17.78
C GLY A 323 11.49 28.94 16.71
N ILE A 324 11.53 29.83 15.72
CA ILE A 324 12.61 29.84 14.74
C ILE A 324 13.79 30.53 15.38
N PRO A 325 14.82 29.76 15.73
CA PRO A 325 15.94 30.34 16.47
C PRO A 325 16.82 31.24 15.64
N ILE A 326 17.30 32.33 16.25
CA ILE A 326 18.32 33.17 15.65
C ILE A 326 19.65 32.67 16.17
N VAL A 327 20.53 32.22 15.29
CA VAL A 327 21.78 31.63 15.74
C VAL A 327 22.96 32.03 14.84
N THR A 328 24.14 32.08 15.44
CA THR A 328 25.40 32.33 14.74
C THR A 328 25.86 31.06 14.02
N SER A 329 25.31 29.91 14.44
CA SER A 329 25.73 28.61 13.92
C SER A 329 24.56 27.71 13.55
N PRO A 330 24.64 27.06 12.38
CA PRO A 330 23.50 26.24 11.96
C PRO A 330 23.43 24.92 12.74
N TYR A 331 24.23 24.79 13.79
CA TYR A 331 24.30 23.56 14.59
C TYR A 331 24.52 23.87 16.08
N GLN A 332 24.29 22.85 16.91
CA GLN A 332 24.63 22.91 18.33
C GLN A 332 25.34 21.64 18.77
N ILE A 333 26.22 21.78 19.76
CA ILE A 333 26.96 20.62 20.28
C ILE A 333 26.71 20.35 21.77
N HIS A 334 26.41 19.10 22.11
CA HIS A 334 26.13 18.62 23.47
C HIS A 334 26.90 17.37 23.90
N PHE A 335 27.35 17.42 25.15
CA PHE A 335 28.09 16.34 25.77
C PHE A 335 27.21 15.58 26.76
N THR A 336 25.90 15.70 26.58
CA THR A 336 24.94 15.03 27.45
C THR A 336 25.03 13.53 27.28
N LYS A 337 25.78 13.11 26.27
CA LYS A 337 25.88 11.71 25.93
C LYS A 337 27.27 11.15 26.31
N THR A 338 28.17 12.07 26.66
CA THR A 338 29.53 11.76 27.13
C THR A 338 29.72 11.69 28.65
N PRO A 339 30.46 10.67 29.14
CA PRO A 339 30.75 10.56 30.57
C PRO A 339 31.64 11.70 31.06
N LYS A 340 31.56 11.99 32.35
CA LYS A 340 32.27 13.13 32.90
C LYS A 340 33.57 12.74 33.64
N TYR A 341 34.06 11.51 33.43
CA TYR A 341 35.30 11.07 34.16
C TYR A 341 36.21 10.15 33.34
N PHE A 342 37.52 10.40 33.26
CA PHE A 342 38.27 9.44 32.43
C PHE A 342 39.11 8.59 33.39
N LYS A 343 39.88 7.66 32.80
CA LYS A 343 40.90 6.81 33.41
C LYS A 343 42.34 7.08 32.91
N PRO A 344 43.19 7.71 33.75
CA PRO A 344 44.54 8.19 33.40
C PRO A 344 45.40 7.22 32.60
N GLY A 345 45.70 7.64 31.37
CA GLY A 345 46.52 6.85 30.48
C GLY A 345 45.72 6.02 29.50
N MET A 346 44.43 5.85 29.78
CA MET A 346 43.55 5.08 28.90
C MET A 346 42.83 5.96 27.88
N PRO A 347 42.53 5.43 26.70
CA PRO A 347 41.70 6.16 25.72
C PRO A 347 40.44 6.73 26.38
N PHE A 348 40.08 7.96 26.04
CA PHE A 348 38.86 8.54 26.57
C PHE A 348 37.97 8.79 25.38
N ASP A 349 36.76 8.24 25.44
CA ASP A 349 35.78 8.38 24.36
C ASP A 349 34.79 9.51 24.58
N LEU A 350 34.55 10.28 23.53
CA LEU A 350 33.61 11.37 23.54
C LEU A 350 32.43 10.98 22.68
N MET A 351 31.25 11.26 23.21
CA MET A 351 30.00 11.12 22.49
C MET A 351 29.49 12.53 22.21
N VAL A 352 29.95 13.10 21.10
CA VAL A 352 29.49 14.42 20.69
C VAL A 352 28.10 14.34 20.08
N PHE A 353 27.25 15.29 20.46
CA PHE A 353 25.89 15.26 19.98
C PHE A 353 25.46 16.55 19.27
N VAL A 354 25.39 16.51 17.95
CA VAL A 354 25.09 17.71 17.17
C VAL A 354 23.63 17.84 16.72
N THR A 355 22.96 18.88 17.22
CA THR A 355 21.57 19.12 16.85
C THR A 355 21.40 20.28 15.92
N ASN A 356 20.26 20.30 15.25
CA ASN A 356 19.82 21.45 14.51
C ASN A 356 19.09 22.34 15.49
N PRO A 357 19.16 23.66 15.28
CA PRO A 357 18.66 24.68 16.22
C PRO A 357 17.34 24.34 16.93
N ASP A 358 16.48 23.53 16.29
CA ASP A 358 15.19 23.17 16.91
C ASP A 358 15.28 22.13 18.02
N GLY A 359 16.24 21.22 17.85
CA GLY A 359 16.45 20.14 18.77
C GLY A 359 16.57 18.82 17.99
N SER A 360 16.46 18.87 16.66
CA SER A 360 16.54 17.65 15.85
C SER A 360 17.98 17.27 15.54
N PRO A 361 18.26 15.96 15.40
CA PRO A 361 19.61 15.45 15.16
C PRO A 361 20.15 15.84 13.80
N ALA A 362 21.41 16.25 13.76
CA ALA A 362 22.03 16.68 12.52
C ALA A 362 22.86 15.58 11.85
N TYR A 363 22.43 15.18 10.66
CA TYR A 363 23.03 14.09 9.91
C TYR A 363 24.29 14.53 9.17
N ARG A 364 25.27 13.63 9.09
CA ARG A 364 26.54 13.83 8.38
C ARG A 364 27.22 15.16 8.73
N VAL A 365 27.48 15.40 10.02
CA VAL A 365 28.21 16.61 10.36
C VAL A 365 29.57 16.31 10.99
N PRO A 366 30.66 16.56 10.24
CA PRO A 366 31.98 16.26 10.78
C PRO A 366 32.34 17.12 11.99
N VAL A 367 32.90 16.51 13.02
CA VAL A 367 33.38 17.25 14.19
C VAL A 367 34.80 16.83 14.55
N ALA A 368 35.46 17.67 15.35
CA ALA A 368 36.82 17.40 15.76
C ALA A 368 37.28 18.17 16.99
N VAL A 369 38.27 17.58 17.66
CA VAL A 369 38.94 18.15 18.81
C VAL A 369 39.96 19.20 18.45
N GLN A 370 39.91 20.35 19.11
CA GLN A 370 40.91 21.37 18.86
C GLN A 370 42.30 20.93 19.36
N GLY A 371 43.32 21.23 18.58
CA GLY A 371 44.65 20.68 18.83
C GLY A 371 44.89 19.28 18.29
N GLU A 372 43.81 18.57 17.99
CA GLU A 372 43.94 17.26 17.36
C GLU A 372 43.07 17.21 16.11
N ASP A 373 43.67 17.41 14.95
CA ASP A 373 42.89 17.38 13.71
C ASP A 373 42.71 15.95 13.26
N THR A 374 43.65 15.08 13.67
CA THR A 374 43.51 13.70 13.30
C THR A 374 42.19 13.19 13.81
N VAL A 375 42.01 13.35 15.12
CA VAL A 375 40.79 12.91 15.73
C VAL A 375 39.58 13.51 15.01
N GLN A 376 38.99 12.82 14.03
CA GLN A 376 37.83 13.40 13.33
C GLN A 376 36.75 12.40 13.30
N SER A 377 35.53 12.89 13.38
CA SER A 377 34.41 11.96 13.35
C SER A 377 33.08 12.55 12.87
N LEU A 378 32.36 11.79 12.07
CA LEU A 378 31.10 12.24 11.47
C LEU A 378 29.92 11.74 12.26
N THR A 379 28.86 12.53 12.23
CA THR A 379 27.60 12.22 12.89
C THR A 379 26.77 11.20 12.13
N GLN A 380 26.16 10.28 12.87
CA GLN A 380 25.39 9.24 12.23
C GLN A 380 23.95 9.74 12.12
N GLY A 381 23.00 8.82 11.90
CA GLY A 381 21.59 9.15 11.73
C GLY A 381 21.00 9.90 12.90
N ASP A 382 21.42 9.50 14.10
CA ASP A 382 20.91 10.09 15.34
C ASP A 382 21.68 11.37 15.73
N GLY A 383 22.65 11.77 14.90
CA GLY A 383 23.42 12.98 15.14
C GLY A 383 24.62 12.96 16.06
N VAL A 384 25.09 11.76 16.37
CA VAL A 384 26.22 11.56 17.28
C VAL A 384 27.55 11.17 16.64
N ALA A 385 28.64 11.71 17.19
CA ALA A 385 29.97 11.36 16.73
C ALA A 385 30.82 10.78 17.86
N LYS A 386 31.66 9.80 17.53
CA LYS A 386 32.48 9.08 18.49
C LYS A 386 33.90 9.55 18.29
N LEU A 387 34.39 10.43 19.16
CA LEU A 387 35.77 10.86 19.03
C LEU A 387 36.57 10.21 20.15
N SER A 388 37.81 9.80 19.88
CA SER A 388 38.62 9.26 20.96
C SER A 388 40.03 9.85 21.10
N ILE A 389 40.35 10.27 22.32
CA ILE A 389 41.65 10.88 22.58
C ILE A 389 42.43 10.08 23.60
N ASN A 390 43.72 9.87 23.35
CA ASN A 390 44.53 9.13 24.30
C ASN A 390 44.97 10.09 25.38
N THR A 391 44.95 9.67 26.65
CA THR A 391 45.13 10.68 27.69
C THR A 391 46.43 10.30 28.37
N HIS A 392 47.00 11.28 29.04
CA HIS A 392 48.18 11.10 29.86
C HIS A 392 47.91 10.75 31.29
N PRO A 393 48.78 9.91 31.87
CA PRO A 393 48.65 9.57 33.28
C PRO A 393 48.94 10.82 34.11
N SER A 394 47.90 11.42 34.72
CA SER A 394 48.13 12.61 35.57
C SER A 394 46.74 12.90 36.16
N GLN A 395 46.72 13.57 37.30
CA GLN A 395 45.46 13.92 37.95
C GLN A 395 44.94 15.29 37.51
N LYS A 396 45.43 15.82 36.40
CA LYS A 396 44.98 17.16 36.00
C LYS A 396 43.64 17.07 35.23
N PRO A 397 42.69 17.95 35.55
CA PRO A 397 41.39 18.12 34.91
C PRO A 397 41.43 18.13 33.38
N LEU A 398 40.91 17.12 32.70
CA LEU A 398 40.90 17.21 31.25
C LEU A 398 39.84 18.11 30.72
N SER A 399 40.27 19.10 29.95
CA SER A 399 39.34 20.02 29.40
C SER A 399 39.29 19.83 27.89
N ILE A 400 38.10 19.54 27.37
CA ILE A 400 38.03 19.22 25.95
C ILE A 400 37.04 20.12 25.26
N THR A 401 37.48 20.77 24.20
CA THR A 401 36.58 21.58 23.40
C THR A 401 36.51 20.97 22.02
N VAL A 402 35.34 21.10 21.42
CA VAL A 402 35.01 20.43 20.18
C VAL A 402 34.35 21.44 19.26
N ARG A 403 34.61 21.27 17.96
CA ARG A 403 33.91 22.05 16.95
C ARG A 403 33.53 21.22 15.77
N THR A 404 32.66 21.81 14.97
CA THR A 404 32.29 21.24 13.70
C THR A 404 33.26 21.61 12.59
N LYS A 405 33.31 20.78 11.56
CA LYS A 405 34.25 20.95 10.46
C LYS A 405 33.45 20.68 9.19
N LYS A 406 32.16 20.99 9.28
CA LYS A 406 31.27 20.89 8.14
C LYS A 406 31.91 21.83 7.15
N GLN A 407 32.21 21.32 5.96
CA GLN A 407 32.65 22.20 4.90
C GLN A 407 31.55 23.15 4.43
N GLU A 408 31.85 23.86 3.35
CA GLU A 408 30.98 24.86 2.72
C GLU A 408 30.71 26.10 3.60
N LEU A 409 30.68 25.90 4.91
CA LEU A 409 30.40 26.97 5.86
C LEU A 409 31.70 27.66 6.30
N SER A 410 31.59 28.76 7.04
CA SER A 410 32.78 29.42 7.61
C SER A 410 33.05 29.13 9.09
N GLU A 411 34.33 29.24 9.48
CA GLU A 411 34.80 29.03 10.85
C GLU A 411 33.93 29.71 11.91
N ALA A 412 33.42 30.89 11.55
CA ALA A 412 32.57 31.69 12.43
C ALA A 412 31.24 30.99 12.66
N GLU A 413 30.78 30.27 11.63
CA GLU A 413 29.49 29.60 11.68
C GLU A 413 29.63 28.24 12.31
N GLN A 414 30.86 27.73 12.43
CA GLN A 414 31.04 26.42 13.05
C GLN A 414 30.59 26.51 14.49
N ALA A 415 30.11 25.40 15.02
CA ALA A 415 29.65 25.42 16.39
C ALA A 415 30.80 24.99 17.26
N THR A 416 30.66 25.19 18.56
CA THR A 416 31.69 24.79 19.49
C THR A 416 31.13 24.53 20.86
N ARG A 417 31.88 23.76 21.66
CA ARG A 417 31.47 23.48 23.02
C ARG A 417 32.62 22.92 23.84
N THR A 418 32.63 23.19 25.14
CA THR A 418 33.76 22.79 25.98
C THR A 418 33.32 22.17 27.29
N MET A 419 33.74 20.93 27.51
CA MET A 419 33.48 20.25 28.77
C MET A 419 34.80 20.09 29.54
N GLN A 420 34.75 19.29 30.60
CA GLN A 420 35.89 19.01 31.46
C GLN A 420 35.78 17.63 32.11
N ALA A 421 36.68 16.71 31.85
CA ALA A 421 36.54 15.36 32.43
C ALA A 421 37.56 15.12 33.55
N LEU A 422 37.10 14.71 34.74
CA LEU A 422 38.00 14.46 35.88
C LEU A 422 38.52 13.01 35.96
N PRO A 423 39.65 12.79 36.67
CA PRO A 423 40.15 11.40 36.74
C PRO A 423 39.45 10.48 37.73
N TYR A 424 39.34 9.23 37.30
CA TYR A 424 38.85 8.15 38.12
C TYR A 424 39.81 7.89 39.29
N SER A 425 39.33 8.08 40.52
CA SER A 425 40.19 7.85 41.68
C SER A 425 40.35 6.38 42.00
N THR A 426 41.59 5.93 42.13
CA THR A 426 41.86 4.50 42.29
C THR A 426 41.99 4.15 43.77
N VAL A 427 41.75 2.88 44.09
CA VAL A 427 41.82 2.42 45.47
C VAL A 427 43.25 2.53 46.01
N GLY A 428 43.49 3.57 46.79
CA GLY A 428 44.80 3.81 47.36
C GLY A 428 45.87 4.04 46.32
N ASN A 429 45.49 4.70 45.22
CA ASN A 429 46.44 5.02 44.16
C ASN A 429 47.13 3.80 43.57
N SER A 430 46.38 2.74 43.30
CA SER A 430 46.97 1.49 42.84
C SER A 430 47.25 1.63 41.35
N ASN A 431 46.65 2.66 40.77
CA ASN A 431 46.71 2.95 39.35
C ASN A 431 46.24 1.78 38.44
N ASN A 432 45.16 1.14 38.86
CA ASN A 432 44.49 0.07 38.10
C ASN A 432 43.11 0.43 37.56
N TYR A 433 43.01 0.59 36.24
CA TYR A 433 41.78 1.04 35.60
C TYR A 433 41.12 -0.01 34.71
N LEU A 434 39.84 0.22 34.41
CA LEU A 434 39.11 -0.53 33.39
C LEU A 434 38.34 0.44 32.48
N HIS A 435 38.33 0.15 31.19
CA HIS A 435 37.69 0.98 30.19
C HIS A 435 36.84 0.19 29.20
N LEU A 436 35.58 0.56 29.10
CA LEU A 436 34.64 -0.09 28.21
C LEU A 436 34.33 0.74 26.97
N SER A 437 34.66 0.19 25.80
CA SER A 437 34.42 0.89 24.54
C SER A 437 33.36 0.19 23.71
N VAL A 438 32.54 0.99 23.05
CA VAL A 438 31.46 0.52 22.20
C VAL A 438 31.42 1.29 20.89
N LEU A 439 31.28 0.54 19.79
CA LEU A 439 31.22 1.09 18.45
C LEU A 439 29.99 1.94 18.29
N ARG A 440 30.20 3.20 17.88
CA ARG A 440 29.10 4.11 17.88
C ARG A 440 28.37 3.90 16.58
N THR A 441 27.17 3.34 16.74
CA THR A 441 26.26 3.22 15.62
C THR A 441 24.87 3.12 16.08
N GLU A 442 24.02 3.54 15.15
CA GLU A 442 22.60 3.52 15.40
C GLU A 442 22.29 2.06 15.59
N LEU A 443 22.14 1.59 16.82
CA LEU A 443 21.84 0.16 17.16
C LEU A 443 20.43 -0.44 16.90
N ARG A 444 20.26 -1.50 16.11
CA ARG A 444 18.91 -2.12 16.03
C ARG A 444 18.81 -3.47 16.73
N PRO A 445 17.62 -3.78 17.29
CA PRO A 445 17.46 -5.11 17.88
C PRO A 445 17.61 -6.16 16.78
N GLY A 446 18.38 -7.20 17.03
CA GLY A 446 18.65 -8.22 16.03
C GLY A 446 20.11 -8.17 15.62
N GLU A 447 20.72 -7.00 15.79
CA GLU A 447 22.13 -6.82 15.47
C GLU A 447 22.96 -7.37 16.61
N THR A 448 24.26 -7.51 16.41
CA THR A 448 25.13 -7.95 17.50
C THR A 448 26.19 -6.92 17.76
N LEU A 449 26.27 -6.55 19.03
CA LEU A 449 27.17 -5.50 19.48
C LEU A 449 28.49 -6.10 19.98
N ASN A 450 29.60 -5.45 19.64
CA ASN A 450 30.92 -5.89 20.09
C ASN A 450 31.50 -5.08 21.27
N VAL A 451 31.14 -5.43 22.51
CA VAL A 451 31.64 -4.69 23.68
C VAL A 451 33.10 -4.95 23.98
N ASN A 452 33.85 -3.86 24.07
CA ASN A 452 35.29 -3.94 24.23
C ASN A 452 35.78 -3.68 25.64
N PHE A 453 36.42 -4.71 26.20
CA PHE A 453 36.95 -4.67 27.54
C PHE A 453 38.45 -4.39 27.57
N LEU A 454 38.83 -3.13 27.84
CA LEU A 454 40.25 -2.81 27.99
C LEU A 454 40.68 -2.62 29.45
N LEU A 455 41.62 -3.44 29.88
CA LEU A 455 42.15 -3.43 31.24
C LEU A 455 43.54 -2.76 31.34
N ARG A 456 43.77 -1.85 32.27
CA ARG A 456 45.14 -1.32 32.49
C ARG A 456 45.62 -1.57 33.94
N MET A 457 46.71 -2.31 34.13
CA MET A 457 47.32 -2.46 35.49
C MET A 457 48.73 -3.07 35.46
N ASP A 458 49.55 -2.75 36.46
CA ASP A 458 50.95 -3.24 36.54
C ASP A 458 51.08 -4.75 36.41
N ARG A 459 52.19 -5.20 35.81
CA ARG A 459 52.35 -6.62 35.50
C ARG A 459 52.45 -7.53 36.70
N ALA A 460 52.56 -6.93 37.87
CA ALA A 460 52.69 -7.72 39.08
C ALA A 460 51.39 -8.51 39.33
N HIS A 461 50.24 -7.99 38.88
CA HIS A 461 48.99 -8.71 39.16
C HIS A 461 47.99 -9.03 37.98
N GLU A 462 48.31 -8.76 36.71
CA GLU A 462 47.35 -8.99 35.58
C GLU A 462 46.99 -10.43 35.41
N ALA A 463 47.91 -11.30 35.82
CA ALA A 463 47.67 -12.69 35.59
C ALA A 463 46.61 -13.20 36.51
N LYS A 464 46.20 -12.36 37.45
CA LYS A 464 45.16 -12.80 38.37
C LYS A 464 43.75 -12.48 37.86
N ILE A 465 43.65 -11.45 37.03
CA ILE A 465 42.38 -11.06 36.43
C ILE A 465 42.04 -12.01 35.26
N ARG A 466 41.17 -12.98 35.54
CA ARG A 466 40.81 -14.02 34.57
C ARG A 466 39.43 -13.76 34.00
N TYR A 467 38.68 -12.91 34.69
CA TYR A 467 37.32 -12.65 34.25
C TYR A 467 36.75 -11.29 34.64
N TYR A 468 35.91 -10.74 33.76
CA TYR A 468 35.13 -9.54 34.08
C TYR A 468 33.65 -9.84 34.30
N THR A 469 33.03 -9.12 35.22
CA THR A 469 31.59 -9.22 35.40
C THR A 469 30.78 -8.08 34.86
N TYR A 470 29.84 -8.42 33.99
CA TYR A 470 28.98 -7.39 33.45
C TYR A 470 27.50 -7.50 33.86
N LEU A 471 26.85 -6.34 33.90
CA LEU A 471 25.44 -6.22 34.21
C LEU A 471 24.77 -5.23 33.26
N ILE A 472 23.65 -5.65 32.68
CA ILE A 472 22.86 -4.80 31.79
C ILE A 472 21.69 -4.20 32.58
N MET A 473 21.58 -2.88 32.48
CA MET A 473 20.49 -2.14 33.09
C MET A 473 19.58 -1.63 31.98
N ASN A 474 18.29 -1.69 32.23
CA ASN A 474 17.29 -1.23 31.27
C ASN A 474 16.02 -0.82 32.00
N LYS A 475 15.38 0.23 31.52
CA LYS A 475 14.13 0.72 32.11
C LYS A 475 14.15 0.91 33.64
N GLY A 476 15.32 0.64 34.21
CA GLY A 476 15.63 0.77 35.62
C GLY A 476 15.68 -0.60 36.28
N ARG A 477 15.75 -1.66 35.47
CA ARG A 477 15.87 -3.02 36.01
C ARG A 477 17.11 -3.77 35.50
N LEU A 478 17.39 -4.92 36.11
CA LEU A 478 18.51 -5.78 35.68
C LEU A 478 18.22 -6.85 34.60
N LEU A 479 18.36 -6.45 33.33
CA LEU A 479 18.02 -7.29 32.18
C LEU A 479 18.84 -8.58 32.03
N LYS A 480 20.10 -8.52 32.43
CA LYS A 480 21.04 -9.65 32.32
C LYS A 480 22.39 -9.46 33.03
N ALA A 481 22.88 -10.49 33.72
CA ALA A 481 24.23 -10.43 34.29
C ALA A 481 25.05 -11.54 33.65
N GLY A 482 26.37 -11.38 33.64
CA GLY A 482 27.21 -12.38 32.99
C GLY A 482 28.72 -12.27 33.13
N ARG A 483 29.44 -13.22 32.52
CA ARG A 483 30.91 -13.28 32.57
C ARG A 483 31.76 -13.32 31.30
N GLN A 484 32.75 -12.44 31.36
CA GLN A 484 33.75 -12.30 30.33
C GLN A 484 35.11 -12.91 30.61
N VAL A 485 35.37 -14.02 29.94
CA VAL A 485 36.61 -14.75 30.14
C VAL A 485 37.80 -13.88 29.73
N ARG A 486 38.90 -13.93 30.48
CA ARG A 486 40.12 -13.20 30.09
C ARG A 486 41.32 -14.09 30.34
N GLU A 487 42.22 -14.19 29.38
CA GLU A 487 43.46 -14.89 29.63
C GLU A 487 44.56 -13.88 29.98
N PRO A 488 45.61 -14.34 30.67
CA PRO A 488 46.69 -13.44 31.10
C PRO A 488 47.40 -12.82 29.89
N GLY A 489 47.62 -11.50 29.90
CA GLY A 489 48.31 -10.86 28.81
C GLY A 489 47.36 -10.23 27.80
N GLN A 490 46.08 -10.54 27.95
CA GLN A 490 45.06 -10.02 27.05
C GLN A 490 44.58 -8.64 27.48
N ASP A 491 45.15 -7.61 26.86
CA ASP A 491 44.70 -6.25 27.13
C ASP A 491 43.24 -6.05 26.70
N LEU A 492 42.89 -6.50 25.50
CA LEU A 492 41.55 -6.27 24.95
C LEU A 492 40.76 -7.55 24.74
N VAL A 493 39.62 -7.68 25.41
CA VAL A 493 38.79 -8.83 25.09
C VAL A 493 37.41 -8.36 24.65
N VAL A 494 36.76 -9.15 23.78
CA VAL A 494 35.48 -8.74 23.20
C VAL A 494 34.30 -9.60 23.63
N LEU A 495 33.18 -8.94 23.88
CA LEU A 495 31.93 -9.59 24.25
C LEU A 495 30.87 -9.44 23.14
N PRO A 496 30.51 -10.57 22.50
CA PRO A 496 29.44 -10.57 21.50
C PRO A 496 28.05 -10.54 22.14
N LEU A 497 27.49 -9.35 22.35
CA LEU A 497 26.20 -9.22 23.06
C LEU A 497 25.05 -9.01 22.08
N SER A 498 24.18 -10.02 21.99
CA SER A 498 23.02 -9.97 21.10
C SER A 498 21.99 -8.97 21.62
N ILE A 499 21.49 -8.12 20.72
CA ILE A 499 20.49 -7.12 21.04
C ILE A 499 19.09 -7.56 20.65
N THR A 500 18.20 -7.57 21.64
CA THR A 500 16.82 -7.94 21.40
C THR A 500 15.94 -6.73 21.64
N THR A 501 14.64 -6.91 21.43
CA THR A 501 13.66 -5.86 21.63
C THR A 501 13.59 -5.37 23.09
N ASP A 502 14.24 -6.10 23.98
CA ASP A 502 14.21 -5.79 25.41
C ASP A 502 15.16 -4.65 25.77
N PHE A 503 16.10 -4.36 24.87
CA PHE A 503 17.08 -3.32 25.12
C PHE A 503 16.55 -1.95 24.74
N ILE A 504 15.48 -1.93 23.94
CA ILE A 504 14.82 -0.69 23.59
C ILE A 504 14.35 0.04 24.85
N PRO A 505 14.54 1.37 24.91
CA PRO A 505 15.19 2.27 23.94
C PRO A 505 16.68 2.45 24.23
N SER A 506 17.06 2.27 25.49
CA SER A 506 18.42 2.49 25.91
C SER A 506 18.81 1.46 26.96
N PHE A 507 20.10 1.15 27.04
CA PHE A 507 20.56 0.23 28.07
C PHE A 507 21.94 0.62 28.57
N ARG A 508 22.22 0.31 29.82
CA ARG A 508 23.53 0.54 30.42
C ARG A 508 24.31 -0.76 30.63
N LEU A 509 25.59 -0.71 30.31
CA LEU A 509 26.49 -1.82 30.55
C LEU A 509 27.49 -1.41 31.61
N VAL A 510 27.44 -2.06 32.76
CA VAL A 510 28.48 -1.82 33.77
C VAL A 510 29.24 -3.13 34.02
N ALA A 511 30.56 -3.05 33.99
CA ALA A 511 31.36 -4.25 34.18
C ALA A 511 32.51 -3.98 35.14
N TYR A 512 32.92 -5.02 35.87
CA TYR A 512 33.97 -4.84 36.86
C TYR A 512 34.78 -6.08 37.14
N TYR A 513 35.95 -5.85 37.72
CA TYR A 513 36.77 -6.92 38.20
C TYR A 513 37.29 -6.67 39.62
N THR A 514 37.59 -7.75 40.33
CA THR A 514 38.13 -7.64 41.68
C THR A 514 39.35 -8.54 41.90
N LEU A 515 40.23 -8.13 42.82
CA LEU A 515 41.43 -8.91 43.09
C LEU A 515 42.13 -8.44 44.37
N ILE A 516 42.97 -9.29 44.95
CA ILE A 516 43.79 -8.86 46.08
C ILE A 516 45.19 -8.44 45.61
N GLY A 517 45.65 -7.28 46.06
CA GLY A 517 46.97 -6.85 45.64
C GLY A 517 47.70 -5.98 46.63
N ALA A 518 48.24 -4.87 46.12
CA ALA A 518 48.98 -3.87 46.90
C ALA A 518 49.68 -4.42 48.13
N SER A 519 49.01 -4.28 49.27
CA SER A 519 49.53 -4.78 50.54
C SER A 519 48.45 -5.59 51.23
N GLY A 520 47.95 -6.57 50.48
CA GLY A 520 46.85 -7.42 50.91
C GLY A 520 45.51 -6.72 50.83
N GLN A 521 45.34 -5.86 49.83
CA GLN A 521 44.06 -5.14 49.79
C GLN A 521 43.12 -5.65 48.72
N ARG A 522 41.85 -5.75 49.10
CA ARG A 522 40.81 -6.21 48.20
C ARG A 522 40.39 -5.03 47.36
N GLU A 523 40.50 -5.21 46.04
CA GLU A 523 40.30 -4.14 45.09
C GLU A 523 39.19 -4.43 44.10
N VAL A 524 38.30 -3.46 43.94
CA VAL A 524 37.24 -3.55 42.94
C VAL A 524 37.37 -2.40 41.96
N VAL A 525 37.45 -2.72 40.68
CA VAL A 525 37.56 -1.73 39.63
C VAL A 525 36.43 -1.90 38.62
N ALA A 526 35.61 -0.87 38.48
CA ALA A 526 34.43 -0.95 37.62
C ALA A 526 34.41 0.17 36.58
N ASP A 527 33.66 -0.06 35.51
CA ASP A 527 33.38 0.96 34.50
C ASP A 527 32.05 0.71 33.81
N SER A 528 31.32 1.78 33.55
CA SER A 528 30.01 1.69 32.90
C SER A 528 30.00 2.39 31.55
N VAL A 529 28.89 2.24 30.83
CA VAL A 529 28.69 2.89 29.53
C VAL A 529 27.19 2.88 29.22
N TRP A 530 26.71 3.94 28.57
CA TRP A 530 25.30 4.03 28.22
C TRP A 530 25.13 3.94 26.70
N VAL A 531 24.45 2.90 26.24
CA VAL A 531 24.24 2.71 24.80
C VAL A 531 22.76 2.91 24.41
N ASP A 532 22.55 3.77 23.42
CA ASP A 532 21.24 4.05 22.82
C ASP A 532 20.79 3.08 21.74
N VAL A 533 19.51 2.76 21.79
CA VAL A 533 18.93 1.88 20.79
C VAL A 533 17.78 2.54 20.01
N LYS A 534 17.68 2.14 18.74
CA LYS A 534 16.70 2.66 17.79
C LYS A 534 15.35 2.64 18.39
N ASP A 535 14.77 3.79 18.72
CA ASP A 535 13.46 3.75 19.38
C ASP A 535 12.38 3.27 18.42
N SER A 536 11.55 2.33 18.87
CA SER A 536 10.50 1.83 17.99
C SER A 536 9.46 1.10 18.79
N CYS A 537 8.71 0.25 18.12
CA CYS A 537 7.83 -0.67 18.79
C CYS A 537 8.50 -1.99 19.06
N VAL A 538 8.16 -2.60 20.20
CA VAL A 538 8.74 -3.88 20.57
C VAL A 538 8.33 -4.81 19.43
N GLY A 539 7.11 -4.60 18.96
CA GLY A 539 6.58 -5.35 17.84
C GLY A 539 6.43 -4.46 16.61
N SER A 540 5.19 -4.31 16.14
CA SER A 540 4.89 -3.44 14.99
C SER A 540 3.39 -3.15 14.82
N LEU A 541 3.05 -1.94 14.41
CA LEU A 541 1.65 -1.69 14.09
C LEU A 541 1.49 -0.71 12.92
N VAL A 542 1.01 -1.26 11.81
CA VAL A 542 0.80 -0.52 10.57
C VAL A 542 -0.67 -0.51 10.17
N VAL A 543 -1.19 0.66 9.81
CA VAL A 543 -2.55 0.72 9.27
C VAL A 543 -2.53 1.28 7.85
N LYS A 544 -3.12 0.56 6.90
CA LYS A 544 -3.12 1.05 5.52
C LYS A 544 -4.36 0.64 4.72
N SER A 545 -4.36 0.88 3.41
CA SER A 545 -5.54 0.53 2.62
C SER A 545 -5.64 -0.90 2.08
N GLY A 546 -6.76 -1.55 2.37
CA GLY A 546 -7.02 -2.87 1.85
C GLY A 546 -7.39 -2.92 0.37
N GLN A 547 -8.24 -1.99 -0.07
CA GLN A 547 -8.63 -1.96 -1.49
C GLN A 547 -7.54 -1.55 -2.47
N SER A 548 -7.97 -1.23 -3.68
CA SER A 548 -7.05 -0.79 -4.72
C SER A 548 -6.73 0.66 -4.42
N GLU A 549 -5.54 1.10 -4.81
CA GLU A 549 -5.20 2.52 -4.79
C GLU A 549 -5.93 3.44 -5.75
N ASP A 550 -6.45 2.87 -6.82
CA ASP A 550 -7.21 3.66 -7.79
C ASP A 550 -8.57 4.14 -7.25
N ARG A 551 -9.23 3.30 -6.46
CA ARG A 551 -10.59 3.59 -6.02
C ARG A 551 -10.64 4.63 -4.90
N GLN A 552 -10.88 5.88 -5.28
CA GLN A 552 -10.92 6.97 -4.30
C GLN A 552 -12.16 6.79 -3.43
N PRO A 553 -12.10 7.14 -2.13
CA PRO A 553 -13.39 6.93 -1.46
C PRO A 553 -14.45 8.03 -1.70
N VAL A 554 -15.72 7.66 -1.58
CA VAL A 554 -16.87 8.57 -1.72
C VAL A 554 -17.75 8.63 -0.45
N PRO A 555 -18.28 9.81 -0.08
CA PRO A 555 -19.10 9.89 1.14
C PRO A 555 -20.17 8.77 1.28
N GLY A 556 -20.04 7.89 2.25
CA GLY A 556 -21.01 6.82 2.45
C GLY A 556 -20.59 5.51 1.80
N GLN A 557 -19.33 5.46 1.39
CA GLN A 557 -18.75 4.31 0.73
C GLN A 557 -18.22 3.31 1.74
N GLN A 558 -18.27 2.03 1.36
CA GLN A 558 -17.69 1.00 2.19
C GLN A 558 -16.26 0.81 1.71
N MET A 559 -15.33 0.90 2.65
CA MET A 559 -13.93 0.70 2.34
C MET A 559 -13.21 -0.26 3.30
N THR A 560 -12.18 -0.90 2.78
CA THR A 560 -11.38 -1.86 3.54
C THR A 560 -10.16 -1.28 4.27
N LEU A 561 -10.04 -1.58 5.56
CA LEU A 561 -8.92 -1.07 6.36
C LEU A 561 -7.97 -2.19 6.78
N LYS A 562 -6.82 -2.27 6.12
CA LYS A 562 -5.83 -3.29 6.50
C LYS A 562 -5.11 -2.90 7.78
N ILE A 563 -4.99 -3.84 8.72
CA ILE A 563 -4.19 -3.63 9.93
C ILE A 563 -3.17 -4.74 10.17
N GLU A 564 -1.90 -4.38 10.16
CA GLU A 564 -0.83 -5.35 10.37
C GLU A 564 -0.23 -5.10 11.75
N GLY A 565 -0.34 -6.08 12.64
CA GLY A 565 0.16 -5.91 13.99
C GLY A 565 0.60 -7.22 14.62
N ASP A 566 0.94 -7.16 15.91
CA ASP A 566 1.41 -8.35 16.60
C ASP A 566 0.25 -9.27 16.95
N HIS A 567 0.44 -10.56 16.73
CA HIS A 567 -0.58 -11.57 17.02
C HIS A 567 -1.01 -11.53 18.48
N GLY A 568 -2.32 -11.55 18.72
CA GLY A 568 -2.83 -11.61 20.07
C GLY A 568 -3.19 -10.25 20.62
N ALA A 569 -2.51 -9.23 20.11
CA ALA A 569 -2.71 -7.86 20.57
C ALA A 569 -4.14 -7.34 20.32
N ARG A 570 -4.47 -6.26 21.00
CA ARG A 570 -5.75 -5.58 20.80
C ARG A 570 -5.49 -4.17 20.29
N VAL A 571 -6.20 -3.81 19.23
CA VAL A 571 -6.00 -2.51 18.59
C VAL A 571 -7.21 -1.61 18.83
N VAL A 572 -6.94 -0.36 19.19
CA VAL A 572 -7.97 0.64 19.40
C VAL A 572 -7.84 1.78 18.41
N LEU A 573 -8.84 1.93 17.53
CA LEU A 573 -8.77 2.91 16.46
C LEU A 573 -9.48 4.21 16.79
N VAL A 574 -9.29 5.20 15.92
CA VAL A 574 -9.98 6.48 15.97
C VAL A 574 -9.73 7.21 14.65
N ALA A 575 -10.72 7.95 14.15
CA ALA A 575 -10.56 8.70 12.92
C ALA A 575 -10.96 10.17 13.09
N VAL A 576 -9.98 11.06 12.98
CA VAL A 576 -10.23 12.48 13.18
C VAL A 576 -10.14 13.30 11.89
N ASP A 577 -11.00 14.31 11.79
CA ASP A 577 -11.06 15.25 10.67
C ASP A 577 -9.89 16.23 10.74
N LYS A 578 -8.96 16.13 9.78
CA LYS A 578 -7.75 16.98 9.75
C LYS A 578 -8.00 18.47 10.02
N GLY A 579 -9.26 18.88 9.99
CA GLY A 579 -9.59 20.25 10.36
C GLY A 579 -9.19 20.44 11.81
N VAL A 580 -9.48 19.46 12.65
CA VAL A 580 -9.10 19.52 14.04
C VAL A 580 -7.62 19.88 14.22
N PHE A 581 -6.76 19.18 13.46
CA PHE A 581 -5.32 19.39 13.60
C PHE A 581 -4.81 20.67 12.96
N VAL A 582 -5.71 21.48 12.42
CA VAL A 582 -5.39 22.83 11.97
C VAL A 582 -5.53 23.80 13.13
N LEU A 583 -6.42 23.47 14.06
CA LEU A 583 -6.65 24.29 15.24
C LEU A 583 -5.65 23.95 16.33
N ASN A 584 -5.57 22.67 16.67
CA ASN A 584 -4.66 22.23 17.71
C ASN A 584 -4.14 20.82 17.42
N LYS A 585 -2.83 20.73 17.34
CA LYS A 585 -2.08 19.51 17.06
C LYS A 585 -1.24 19.01 18.24
N LYS A 586 -1.39 19.63 19.40
CA LYS A 586 -0.54 19.35 20.56
C LYS A 586 -1.09 18.21 21.41
N ASN A 587 -0.22 17.54 22.17
CA ASN A 587 -0.66 16.49 23.08
C ASN A 587 -1.20 15.33 22.28
N LYS A 588 -0.59 15.11 21.12
CA LYS A 588 -0.91 13.98 20.29
C LYS A 588 -0.22 12.76 20.90
N LEU A 589 -0.66 11.53 20.58
CA LEU A 589 0.07 10.37 21.08
C LEU A 589 1.06 9.77 20.05
N THR A 590 2.30 9.53 20.48
CA THR A 590 3.32 8.92 19.62
C THR A 590 4.02 7.85 20.44
N GLN A 591 4.60 6.87 19.76
CA GLN A 591 5.42 5.85 20.39
C GLN A 591 6.67 6.47 21.02
N SER A 592 7.13 7.56 20.43
CA SER A 592 8.34 8.22 20.88
C SER A 592 8.17 8.90 22.24
N LYS A 593 6.99 9.45 22.50
CA LYS A 593 6.70 10.06 23.80
C LYS A 593 6.56 9.01 24.90
N ILE A 594 6.21 7.80 24.47
CA ILE A 594 6.13 6.66 25.36
C ILE A 594 7.56 6.34 25.78
N TRP A 595 8.41 6.10 24.79
CA TRP A 595 9.82 5.81 25.06
C TRP A 595 10.48 6.97 25.81
N ASP A 596 9.92 8.16 25.64
CA ASP A 596 10.37 9.37 26.33
C ASP A 596 10.09 9.28 27.82
N VAL A 597 8.87 8.84 28.16
CA VAL A 597 8.47 8.67 29.55
C VAL A 597 9.38 7.60 30.15
N VAL A 598 9.39 6.43 29.50
CA VAL A 598 10.21 5.28 29.91
C VAL A 598 11.59 5.85 30.25
N GLU A 599 12.09 6.73 29.39
CA GLU A 599 13.41 7.30 29.54
C GLU A 599 13.49 8.14 30.79
N LYS A 600 12.54 9.07 30.96
CA LYS A 600 12.60 9.92 32.14
C LYS A 600 12.50 9.08 33.40
N ALA A 601 12.20 7.78 33.33
CA ALA A 601 12.10 7.10 34.63
C ALA A 601 13.19 6.11 34.86
N ASP A 602 14.33 6.42 34.26
CA ASP A 602 15.54 5.68 34.49
C ASP A 602 16.16 6.10 35.83
N ILE A 603 16.71 5.13 36.54
CA ILE A 603 17.44 5.35 37.78
C ILE A 603 18.91 5.73 37.56
N GLY A 604 19.42 5.47 36.35
CA GLY A 604 20.74 5.90 35.95
C GLY A 604 20.85 7.35 35.53
N CYS A 605 21.81 8.05 36.13
CA CYS A 605 21.92 9.50 36.00
C CYS A 605 23.20 9.97 35.26
N THR A 606 23.88 9.04 34.60
CA THR A 606 25.14 9.39 33.95
C THR A 606 25.44 8.50 32.76
N PRO A 607 25.97 9.10 31.68
CA PRO A 607 26.48 8.38 30.51
C PRO A 607 27.42 7.22 30.84
N GLY A 608 27.91 7.14 32.07
CA GLY A 608 28.77 6.04 32.46
C GLY A 608 29.92 6.49 33.36
N SER A 609 30.72 5.52 33.80
CA SER A 609 31.87 5.74 34.69
C SER A 609 31.52 6.37 36.03
N GLY A 610 32.52 6.98 36.68
CA GLY A 610 32.31 7.56 37.99
C GLY A 610 33.61 7.93 38.68
N LYS A 611 33.53 8.84 39.66
CA LYS A 611 34.70 9.31 40.37
C LYS A 611 35.45 8.13 40.96
N ASP A 612 34.69 7.08 41.30
CA ASP A 612 35.28 5.86 41.80
C ASP A 612 34.39 4.71 41.37
N TYR A 613 34.70 3.54 41.89
CA TYR A 613 33.96 2.33 41.61
C TYR A 613 32.56 2.31 42.24
N ALA A 614 32.44 2.85 43.45
CA ALA A 614 31.14 2.94 44.09
C ALA A 614 30.31 4.00 43.38
N GLY A 615 31.01 4.83 42.61
CA GLY A 615 30.39 5.88 41.82
C GLY A 615 29.93 5.30 40.51
N VAL A 616 30.79 4.52 39.85
CA VAL A 616 30.40 3.87 38.60
C VAL A 616 29.08 3.15 38.87
N PHE A 617 29.10 2.37 39.95
CA PHE A 617 27.92 1.61 40.38
C PHE A 617 26.70 2.49 40.64
N SER A 618 26.77 3.38 41.64
CA SER A 618 25.59 4.18 42.00
C SER A 618 25.07 5.06 40.86
N ASP A 619 25.99 5.63 40.10
CA ASP A 619 25.68 6.44 38.92
C ASP A 619 24.96 5.64 37.84
N ALA A 620 25.29 4.36 37.70
CA ALA A 620 24.65 3.55 36.67
C ALA A 620 23.29 3.07 37.16
N GLY A 621 23.10 3.14 38.48
CA GLY A 621 21.84 2.82 39.09
C GLY A 621 21.88 1.49 39.79
N LEU A 622 22.99 1.23 40.46
CA LEU A 622 23.18 -0.04 41.11
C LEU A 622 23.82 0.13 42.48
N THR A 623 23.72 -0.93 43.26
CA THR A 623 24.29 -1.01 44.60
C THR A 623 25.13 -2.28 44.58
N PHE A 624 26.39 -2.10 44.94
CA PHE A 624 27.38 -3.17 45.01
C PHE A 624 27.82 -3.26 46.42
N THR A 625 27.51 -4.43 46.96
CA THR A 625 27.82 -4.77 48.32
C THR A 625 28.61 -6.06 48.62
N SER A 626 29.64 -5.96 49.46
CA SER A 626 30.49 -7.12 49.75
C SER A 626 30.66 -7.57 51.19
N SER A 627 31.33 -8.72 51.38
CA SER A 627 31.62 -9.22 52.74
C SER A 627 32.99 -8.80 53.35
N SER A 628 33.74 -7.93 52.67
CA SER A 628 34.99 -7.37 53.21
C SER A 628 34.80 -5.89 53.56
N GLY A 629 33.64 -5.33 53.20
CA GLY A 629 33.32 -3.93 53.50
C GLY A 629 33.37 -2.89 52.37
N GLN A 630 33.73 -3.31 51.16
CA GLN A 630 33.81 -2.44 49.97
C GLN A 630 32.39 -2.17 49.51
N GLN A 631 31.81 -1.12 50.08
CA GLN A 631 30.43 -0.75 49.81
C GLN A 631 30.14 0.55 49.01
N THR A 632 28.91 0.70 48.51
CA THR A 632 28.50 1.89 47.76
C THR A 632 27.99 2.97 48.71
N ALA A 633 27.59 4.09 48.11
CA ALA A 633 26.97 5.19 48.82
C ALA A 633 25.46 4.99 48.98
N GLN A 634 24.92 5.32 50.15
CA GLN A 634 23.49 5.20 50.40
C GLN A 634 22.72 6.23 49.58
N ARG A 635 21.94 5.75 48.62
CA ARG A 635 21.12 6.62 47.79
C ARG A 635 19.88 7.01 48.58
N ALA A 636 19.73 8.29 48.86
CA ALA A 636 18.56 8.74 49.63
C ALA A 636 17.46 9.33 48.75
N GLU A 637 17.81 9.68 47.51
CA GLU A 637 16.87 10.33 46.58
C GLU A 637 16.34 9.46 45.44
N LEU A 638 15.03 9.49 45.23
CA LEU A 638 14.44 8.75 44.13
C LEU A 638 14.74 9.42 42.79
N GLN A 639 14.76 10.75 42.78
CA GLN A 639 15.06 11.49 41.56
C GLN A 639 16.56 11.58 41.29
N CYS A 640 16.93 11.81 40.03
CA CYS A 640 18.30 12.07 39.66
C CYS A 640 18.76 13.49 40.01
N PRO A 641 20.06 13.65 40.30
CA PRO A 641 20.63 14.95 40.69
C PRO A 641 20.50 15.98 39.58
N GLN A 642 20.30 17.25 39.90
CA GLN A 642 20.23 18.29 38.87
C GLN A 642 21.57 18.40 38.14
N ASP B 4 -38.57 19.53 -11.73
CA ASP B 4 -38.53 19.92 -13.15
C ASP B 4 -38.15 18.77 -14.07
N GLU B 5 -37.46 19.12 -15.16
CA GLU B 5 -37.11 18.18 -16.21
C GLU B 5 -35.62 17.91 -16.11
N ASP B 6 -35.21 16.66 -16.18
CA ASP B 6 -33.81 16.21 -16.25
C ASP B 6 -33.02 16.69 -15.03
N ILE B 7 -33.65 16.57 -13.86
CA ILE B 7 -33.02 16.92 -12.60
C ILE B 7 -33.58 15.99 -11.56
N ILE B 8 -32.80 15.83 -10.50
CA ILE B 8 -33.15 15.00 -9.38
C ILE B 8 -34.13 15.79 -8.46
N ALA B 9 -35.35 15.27 -8.22
CA ALA B 9 -36.38 15.99 -7.43
C ALA B 9 -35.98 16.24 -5.97
N GLU B 10 -36.71 17.08 -5.25
CA GLU B 10 -36.29 17.44 -3.88
C GLU B 10 -36.46 16.30 -2.87
N GLU B 11 -37.52 15.50 -2.96
CA GLU B 11 -37.64 14.49 -1.92
C GLU B 11 -36.73 13.23 -2.02
N ASN B 12 -36.16 12.95 -3.19
CA ASN B 12 -35.27 11.80 -3.41
C ASN B 12 -33.86 11.94 -2.86
N ILE B 13 -33.46 13.19 -2.68
CA ILE B 13 -32.10 13.57 -2.34
C ILE B 13 -31.73 13.59 -0.88
N VAL B 14 -30.75 12.79 -0.57
CA VAL B 14 -30.29 12.75 0.78
C VAL B 14 -29.21 13.75 1.11
N SER B 15 -29.52 14.59 2.08
CA SER B 15 -28.62 15.64 2.44
C SER B 15 -27.53 14.95 3.23
N ARG B 16 -26.31 15.47 3.16
CA ARG B 16 -25.25 14.92 3.99
C ARG B 16 -25.43 15.50 5.37
N SER B 17 -25.50 14.60 6.34
CA SER B 17 -25.87 14.95 7.71
C SER B 17 -24.80 14.51 8.68
N GLU B 18 -24.13 13.42 8.35
CA GLU B 18 -23.15 12.87 9.26
C GLU B 18 -21.81 13.55 9.10
N PHE B 19 -21.54 14.47 10.02
CA PHE B 19 -20.30 15.20 9.99
C PHE B 19 -19.62 15.16 11.35
N PRO B 20 -19.29 13.96 11.84
CA PRO B 20 -18.54 13.99 13.09
C PRO B 20 -17.12 14.53 12.89
N GLU B 21 -16.54 14.96 14.00
CA GLU B 21 -15.19 15.50 14.02
C GLU B 21 -14.26 14.34 14.33
N SER B 22 -14.86 13.30 14.88
CA SER B 22 -14.15 12.06 15.14
C SER B 22 -15.14 10.91 15.20
N TRP B 23 -14.72 9.75 14.72
CA TRP B 23 -15.56 8.56 14.64
C TRP B 23 -14.63 7.36 14.52
N LEU B 24 -15.22 6.17 14.43
CA LEU B 24 -14.48 4.91 14.35
C LEU B 24 -13.79 4.60 15.67
N TRP B 25 -14.38 5.05 16.77
CA TRP B 25 -13.82 4.73 18.07
C TRP B 25 -13.99 3.23 18.34
N ASN B 26 -13.29 2.41 17.57
CA ASN B 26 -13.46 0.95 17.60
C ASN B 26 -12.33 0.12 18.19
N VAL B 27 -12.70 -1.10 18.56
CA VAL B 27 -11.80 -2.09 19.12
C VAL B 27 -11.75 -3.46 18.41
N GLU B 28 -10.66 -3.75 17.71
CA GLU B 28 -10.54 -5.01 16.98
C GLU B 28 -9.38 -5.83 17.55
N ASP B 29 -9.51 -7.15 17.46
CA ASP B 29 -8.49 -8.08 17.95
C ASP B 29 -7.76 -8.84 16.85
N LEU B 30 -6.43 -8.77 16.88
CA LEU B 30 -5.56 -9.43 15.91
C LEU B 30 -5.36 -10.91 16.20
N LYS B 31 -6.31 -11.76 15.80
CA LYS B 31 -6.25 -13.17 16.15
C LYS B 31 -6.00 -14.07 14.94
N GLU B 32 -5.71 -13.45 13.81
CA GLU B 32 -5.42 -14.17 12.60
C GLU B 32 -4.05 -14.80 12.63
N PRO B 33 -3.89 -15.88 11.85
CA PRO B 33 -2.61 -16.56 11.74
C PRO B 33 -1.53 -15.56 11.36
N PRO B 34 -0.44 -15.49 12.12
CA PRO B 34 0.64 -14.51 11.99
C PRO B 34 1.66 -14.96 10.95
N LYS B 35 2.10 -14.01 10.14
CA LYS B 35 3.16 -14.29 9.19
C LYS B 35 4.39 -13.44 9.51
N ASN B 36 5.40 -14.09 10.07
CA ASN B 36 6.63 -13.45 10.55
C ASN B 36 6.29 -12.63 11.79
N GLY B 37 5.49 -13.23 12.65
CA GLY B 37 5.01 -12.60 13.87
C GLY B 37 4.13 -11.41 13.57
N ILE B 38 3.60 -11.39 12.35
CA ILE B 38 2.76 -10.29 11.88
C ILE B 38 1.37 -10.77 11.44
N SER B 39 0.35 -10.49 12.24
CA SER B 39 -1.02 -10.82 11.86
C SER B 39 -1.63 -9.68 11.05
N THR B 40 -2.54 -10.02 10.13
CA THR B 40 -3.14 -9.01 9.26
C THR B 40 -4.66 -9.18 9.22
N LYS B 41 -5.33 -8.19 9.79
CA LYS B 41 -6.79 -8.05 9.87
C LYS B 41 -7.43 -7.09 8.87
N LEU B 42 -8.52 -7.52 8.22
CA LEU B 42 -9.24 -6.66 7.29
C LEU B 42 -10.62 -6.19 7.78
N MET B 43 -10.83 -4.88 7.81
CA MET B 43 -12.11 -4.30 8.27
C MET B 43 -12.79 -3.41 7.24
N ASN B 44 -14.08 -3.65 7.07
CA ASN B 44 -14.93 -2.79 6.27
C ASN B 44 -15.53 -1.66 7.10
N ILE B 45 -15.40 -0.42 6.64
CA ILE B 45 -16.01 0.68 7.39
C ILE B 45 -16.79 1.58 6.44
N PHE B 46 -17.95 2.04 6.88
CA PHE B 46 -18.69 3.04 6.12
C PHE B 46 -18.31 4.41 6.58
N LEU B 47 -17.59 5.09 5.70
CA LEU B 47 -17.12 6.44 5.87
C LEU B 47 -18.28 7.43 5.86
N LYS B 48 -18.16 8.46 6.71
CA LYS B 48 -19.22 9.43 6.93
C LYS B 48 -19.48 10.34 5.73
N ASP B 49 -20.17 11.44 6.01
CA ASP B 49 -20.64 12.34 4.97
C ASP B 49 -19.72 13.54 4.72
N SER B 50 -18.70 13.70 5.56
CA SER B 50 -17.76 14.79 5.42
C SER B 50 -16.98 14.70 4.10
N ILE B 51 -16.76 15.84 3.45
CA ILE B 51 -15.85 15.90 2.31
C ILE B 51 -14.53 16.46 2.80
N THR B 52 -13.57 15.56 3.03
CA THR B 52 -12.31 15.98 3.65
C THR B 52 -11.21 14.93 3.62
N THR B 53 -10.38 14.95 4.65
CA THR B 53 -9.37 13.92 4.85
C THR B 53 -9.42 13.44 6.30
N TRP B 54 -9.58 12.13 6.50
CA TRP B 54 -9.62 11.58 7.84
C TRP B 54 -8.20 11.19 8.23
N GLU B 55 -7.86 11.33 9.49
CA GLU B 55 -6.59 10.82 9.96
C GLU B 55 -6.92 9.63 10.95
N ILE B 56 -6.42 8.45 10.65
CA ILE B 56 -6.67 7.24 11.43
C ILE B 56 -5.51 6.73 12.27
N LEU B 57 -5.70 6.78 13.58
CA LEU B 57 -4.64 6.51 14.54
C LEU B 57 -4.98 5.26 15.37
N ALA B 58 -4.11 4.28 15.27
CA ALA B 58 -4.28 3.00 15.95
C ALA B 58 -3.23 2.73 17.02
N VAL B 59 -3.68 2.26 18.18
CA VAL B 59 -2.78 1.90 19.28
C VAL B 59 -2.99 0.43 19.63
N SER B 60 -1.89 -0.31 19.77
CA SER B 60 -1.96 -1.73 20.13
C SER B 60 -1.41 -2.06 21.51
N MET B 61 -1.90 -3.19 22.04
CA MET B 61 -1.52 -3.72 23.35
C MET B 61 -1.40 -5.23 23.35
N SER B 62 -0.19 -5.71 23.56
CA SER B 62 0.07 -7.14 23.61
C SER B 62 0.84 -7.49 24.87
N ASP B 63 0.37 -8.52 25.58
CA ASP B 63 1.02 -8.98 26.82
C ASP B 63 2.48 -9.39 26.62
N LYS B 64 2.93 -9.39 25.37
CA LYS B 64 4.31 -9.72 25.02
C LYS B 64 5.05 -8.49 24.50
N LYS B 65 4.45 -7.81 23.54
CA LYS B 65 5.11 -6.68 22.89
C LYS B 65 4.76 -5.34 23.52
N GLY B 66 3.87 -5.37 24.51
CA GLY B 66 3.48 -4.14 25.19
C GLY B 66 2.63 -3.22 24.33
N ILE B 67 2.76 -1.92 24.60
CA ILE B 67 2.00 -0.88 23.92
C ILE B 67 2.71 -0.54 22.60
N CYS B 68 1.98 0.06 21.68
CA CYS B 68 2.57 0.53 20.41
C CYS B 68 1.63 1.50 19.70
N VAL B 69 2.12 2.70 19.46
CA VAL B 69 1.37 3.69 18.71
C VAL B 69 1.71 3.65 17.23
N ALA B 70 0.69 3.47 16.40
CA ALA B 70 0.92 3.41 14.97
C ALA B 70 0.97 4.80 14.36
N ASP B 71 1.64 4.87 13.23
CA ASP B 71 1.74 6.04 12.39
C ASP B 71 0.38 6.45 11.82
N PRO B 72 0.09 7.76 11.73
CA PRO B 72 -1.22 8.15 11.21
C PRO B 72 -1.45 7.67 9.78
N PHE B 73 -2.70 7.36 9.46
CA PHE B 73 -3.09 6.94 8.12
C PHE B 73 -4.20 7.82 7.57
N GLU B 74 -3.93 8.54 6.48
CA GLU B 74 -4.91 9.49 5.99
C GLU B 74 -5.76 8.96 4.84
N VAL B 75 -7.08 9.14 4.96
CA VAL B 75 -7.99 8.78 3.87
C VAL B 75 -8.69 10.03 3.36
N THR B 76 -8.54 10.34 2.09
CA THR B 76 -9.15 11.55 1.53
C THR B 76 -10.45 11.23 0.78
N VAL B 77 -11.56 11.72 1.31
CA VAL B 77 -12.89 11.49 0.73
C VAL B 77 -13.37 12.71 -0.06
N MET B 78 -13.63 12.46 -1.34
CA MET B 78 -14.09 13.48 -2.29
C MET B 78 -15.13 13.02 -3.31
N GLN B 79 -15.62 14.00 -4.06
CA GLN B 79 -16.66 13.90 -5.06
C GLN B 79 -16.38 15.00 -6.07
N ASP B 80 -16.80 14.79 -7.31
CA ASP B 80 -16.50 15.69 -8.41
C ASP B 80 -17.24 17.03 -8.29
N PHE B 81 -18.47 16.95 -7.81
CA PHE B 81 -19.24 18.16 -7.52
C PHE B 81 -19.85 18.06 -6.15
N PHE B 82 -19.73 19.14 -5.37
CA PHE B 82 -20.35 19.09 -4.05
C PHE B 82 -20.52 20.46 -3.45
N ILE B 83 -21.23 20.52 -2.33
CA ILE B 83 -21.42 21.78 -1.66
C ILE B 83 -20.84 21.84 -0.25
N ASP B 84 -20.22 22.98 0.10
CA ASP B 84 -19.80 23.23 1.47
C ASP B 84 -20.64 24.34 2.11
N LEU B 85 -21.54 23.92 2.98
CA LEU B 85 -22.38 24.84 3.72
C LEU B 85 -21.63 25.31 4.98
N ARG B 86 -21.10 26.53 4.95
CA ARG B 86 -20.27 27.02 6.06
C ARG B 86 -21.04 27.87 7.06
N LEU B 87 -21.55 27.17 8.08
CA LEU B 87 -22.24 27.77 9.20
C LEU B 87 -21.25 28.31 10.23
N PRO B 88 -21.73 29.15 11.17
CA PRO B 88 -20.95 29.51 12.36
C PRO B 88 -21.23 28.54 13.51
N TYR B 89 -20.43 28.58 14.57
CA TYR B 89 -20.63 27.72 15.74
C TYR B 89 -22.03 27.98 16.30
N SER B 90 -22.30 29.25 16.63
CA SER B 90 -23.60 29.65 17.20
C SER B 90 -24.08 30.95 16.56
N VAL B 91 -25.39 31.23 16.61
CA VAL B 91 -25.89 32.53 16.16
C VAL B 91 -26.95 33.14 17.08
N VAL B 92 -27.00 34.47 17.11
CA VAL B 92 -27.96 35.07 18.00
C VAL B 92 -29.32 35.09 17.35
N ARG B 93 -30.23 34.73 18.24
CA ARG B 93 -31.63 34.63 18.05
C ARG B 93 -32.24 36.02 17.67
N ASN B 94 -32.92 36.15 16.54
CA ASN B 94 -33.63 37.37 16.03
C ASN B 94 -32.65 38.30 15.26
N GLU B 95 -31.37 38.00 15.37
CA GLU B 95 -30.30 38.69 14.66
C GLU B 95 -30.21 38.15 13.24
N GLN B 96 -30.36 39.02 12.25
CA GLN B 96 -30.21 38.59 10.87
C GLN B 96 -28.76 38.41 10.49
N VAL B 97 -28.45 37.23 9.95
CA VAL B 97 -27.08 36.94 9.54
C VAL B 97 -27.00 36.26 8.18
N GLU B 98 -25.83 36.36 7.57
CA GLU B 98 -25.56 35.73 6.28
C GLU B 98 -24.82 34.42 6.46
N ILE B 99 -25.22 33.41 5.72
CA ILE B 99 -24.49 32.15 5.71
C ILE B 99 -24.01 31.88 4.28
N ARG B 100 -22.87 31.22 4.14
CA ARG B 100 -22.32 30.96 2.82
C ARG B 100 -22.42 29.48 2.45
N ALA B 101 -22.65 29.24 1.16
CA ALA B 101 -22.69 27.89 0.62
C ALA B 101 -21.85 27.88 -0.64
N VAL B 102 -20.73 27.18 -0.60
CA VAL B 102 -19.78 27.21 -1.71
C VAL B 102 -19.95 25.94 -2.56
N LEU B 103 -20.18 26.12 -3.84
CA LEU B 103 -20.31 25.00 -4.75
C LEU B 103 -19.03 24.71 -5.52
N TYR B 104 -18.45 23.55 -5.23
CA TYR B 104 -17.22 23.11 -5.88
C TYR B 104 -17.43 22.17 -7.05
N ASN B 105 -16.81 22.57 -8.17
CA ASN B 105 -16.74 21.80 -9.39
C ASN B 105 -15.28 21.45 -9.72
N TYR B 106 -14.90 20.20 -9.48
CA TYR B 106 -13.52 19.77 -9.69
C TYR B 106 -13.37 18.98 -10.97
N ARG B 107 -14.31 19.13 -11.90
CA ARG B 107 -14.17 18.46 -13.16
C ARG B 107 -13.18 19.21 -14.04
N GLN B 108 -12.23 18.47 -14.61
CA GLN B 108 -11.06 19.05 -15.27
C GLN B 108 -11.38 20.20 -16.24
N ASN B 109 -12.19 19.88 -17.25
CA ASN B 109 -12.59 20.87 -18.27
C ASN B 109 -14.05 20.77 -18.69
N GLN B 110 -14.95 20.66 -17.72
CA GLN B 110 -16.37 20.53 -18.01
C GLN B 110 -17.22 21.46 -17.14
N GLU B 111 -17.68 22.58 -17.70
CA GLU B 111 -18.53 23.46 -16.91
C GLU B 111 -19.91 22.87 -16.62
N LEU B 112 -20.50 23.29 -15.51
CA LEU B 112 -21.75 22.70 -15.03
C LEU B 112 -22.78 23.79 -14.75
N LYS B 113 -23.90 23.72 -15.46
CA LYS B 113 -25.05 24.56 -15.18
C LYS B 113 -25.87 23.99 -14.01
N VAL B 114 -25.76 24.63 -12.85
CA VAL B 114 -26.33 24.07 -11.63
C VAL B 114 -27.48 24.92 -11.11
N ARG B 115 -28.36 24.28 -10.36
CA ARG B 115 -29.45 24.95 -9.65
C ARG B 115 -29.27 24.65 -8.18
N VAL B 116 -29.19 25.71 -7.40
CA VAL B 116 -29.06 25.58 -5.96
C VAL B 116 -30.25 26.19 -5.18
N GLU B 117 -30.83 25.35 -4.33
CA GLU B 117 -32.04 25.66 -3.59
C GLU B 117 -31.92 25.52 -2.09
N LEU B 118 -32.31 26.55 -1.36
CA LEU B 118 -32.46 26.49 0.08
C LEU B 118 -33.85 26.03 0.52
N LEU B 119 -33.90 25.11 1.46
CA LEU B 119 -35.19 24.61 1.92
C LEU B 119 -35.70 25.45 3.02
N HIS B 120 -37.01 25.58 3.05
CA HIS B 120 -37.65 26.42 4.02
C HIS B 120 -37.69 25.73 5.39
N ASN B 121 -37.31 26.44 6.45
CA ASN B 121 -37.42 25.87 7.80
C ASN B 121 -38.12 26.84 8.73
N PRO B 122 -39.28 26.41 9.26
CA PRO B 122 -40.13 27.23 10.13
C PRO B 122 -39.34 27.91 11.22
N ALA B 123 -38.22 27.31 11.64
CA ALA B 123 -37.40 27.94 12.65
C ALA B 123 -36.61 29.09 12.04
N PHE B 124 -36.54 29.16 10.71
CA PHE B 124 -35.78 30.23 10.08
C PHE B 124 -36.69 31.06 9.18
N CYS B 125 -36.46 32.36 9.14
CA CYS B 125 -37.24 33.19 8.24
C CYS B 125 -36.38 33.71 7.13
N SER B 126 -36.46 33.04 6.00
CA SER B 126 -35.64 33.42 4.87
C SER B 126 -36.54 33.60 3.66
N LEU B 127 -35.94 33.62 2.48
CA LEU B 127 -36.71 33.79 1.27
C LEU B 127 -37.47 32.55 0.82
N ALA B 128 -36.93 31.36 1.05
CA ALA B 128 -37.63 30.15 0.67
C ALA B 128 -38.76 29.86 1.65
N THR B 129 -39.97 29.78 1.13
CA THR B 129 -41.08 29.43 1.99
C THR B 129 -41.83 28.14 1.58
N THR B 130 -42.95 28.00 2.25
CA THR B 130 -43.96 26.96 2.14
C THR B 130 -44.44 26.94 0.72
N LYS B 131 -44.72 28.16 0.27
CA LYS B 131 -45.38 28.46 -0.99
C LYS B 131 -44.51 28.89 -2.14
N ARG B 132 -43.25 29.15 -1.83
CA ARG B 132 -42.26 29.53 -2.81
C ARG B 132 -40.89 28.93 -2.63
N ARG B 133 -40.30 28.39 -3.69
CA ARG B 133 -38.95 27.91 -3.56
C ARG B 133 -38.02 29.06 -3.87
N HIS B 134 -36.78 28.89 -3.43
CA HIS B 134 -35.72 29.88 -3.58
C HIS B 134 -34.54 29.33 -4.32
N GLN B 135 -34.66 29.22 -5.63
CA GLN B 135 -33.64 28.52 -6.38
C GLN B 135 -32.88 29.43 -7.28
N GLN B 136 -31.57 29.42 -7.15
CA GLN B 136 -30.81 30.19 -8.10
C GLN B 136 -30.24 29.26 -9.14
N THR B 137 -30.19 29.76 -10.38
CA THR B 137 -29.52 29.08 -11.48
C THR B 137 -28.20 29.77 -11.79
N VAL B 138 -27.12 29.00 -11.65
CA VAL B 138 -25.79 29.55 -11.83
C VAL B 138 -24.85 28.58 -12.54
N THR B 139 -23.82 29.13 -13.19
CA THR B 139 -22.89 28.31 -13.95
C THR B 139 -21.51 28.24 -13.32
N ILE B 140 -20.97 27.03 -13.24
CA ILE B 140 -19.64 26.89 -12.64
C ILE B 140 -18.63 26.30 -13.61
N PRO B 141 -17.60 27.11 -13.90
CA PRO B 141 -16.52 26.76 -14.80
C PRO B 141 -15.70 25.62 -14.22
N PRO B 142 -14.98 24.89 -15.07
CA PRO B 142 -14.13 23.75 -14.69
C PRO B 142 -13.05 24.21 -13.71
N LYS B 143 -12.84 23.41 -12.66
CA LYS B 143 -11.79 23.63 -11.65
C LYS B 143 -12.03 24.88 -10.84
N SER B 144 -13.28 25.20 -10.56
CA SER B 144 -13.52 26.43 -9.82
C SER B 144 -14.66 26.28 -8.84
N SER B 145 -14.82 27.31 -8.03
CA SER B 145 -15.85 27.31 -7.01
C SER B 145 -16.78 28.47 -7.24
N LEU B 146 -17.98 28.39 -6.67
CA LEU B 146 -18.87 29.51 -6.83
C LEU B 146 -19.59 29.70 -5.50
N SER B 147 -19.42 30.89 -4.91
CA SER B 147 -20.02 31.22 -3.63
C SER B 147 -21.48 31.66 -3.77
N VAL B 148 -22.32 31.11 -2.90
CA VAL B 148 -23.73 31.48 -2.90
C VAL B 148 -24.11 31.92 -1.48
N PRO B 149 -24.50 33.19 -1.34
CA PRO B 149 -24.88 33.81 -0.06
C PRO B 149 -26.35 33.65 0.23
N TYR B 150 -26.69 33.34 1.48
CA TYR B 150 -28.09 33.32 1.88
C TYR B 150 -28.26 34.13 3.14
N VAL B 151 -29.31 34.92 3.19
CA VAL B 151 -29.59 35.63 4.44
C VAL B 151 -30.76 35.07 5.22
N ILE B 152 -30.56 34.92 6.53
CA ILE B 152 -31.59 34.36 7.40
C ILE B 152 -31.68 35.00 8.77
N VAL B 153 -32.71 34.59 9.46
CA VAL B 153 -33.06 35.00 10.81
C VAL B 153 -33.71 33.77 11.50
N PRO B 154 -33.06 33.24 12.55
CA PRO B 154 -33.41 32.10 13.39
C PRO B 154 -34.56 32.35 14.25
N LEU B 155 -35.58 31.51 14.26
CA LEU B 155 -36.83 31.83 14.96
C LEU B 155 -37.01 31.11 16.32
N LYS B 156 -36.27 30.04 16.59
CA LYS B 156 -36.40 29.43 17.93
C LYS B 156 -35.03 29.15 18.54
N THR B 157 -34.86 29.41 19.83
CA THR B 157 -33.52 29.28 20.40
C THR B 157 -33.30 27.80 20.53
N GLY B 158 -32.04 27.38 20.68
CA GLY B 158 -31.78 25.97 20.83
C GLY B 158 -31.11 25.61 19.53
N LEU B 159 -30.99 24.31 19.26
CA LEU B 159 -30.35 23.86 18.05
C LEU B 159 -31.36 24.01 16.91
N GLN B 160 -30.87 24.28 15.71
CA GLN B 160 -31.68 24.39 14.50
C GLN B 160 -30.99 23.78 13.34
N GLU B 161 -31.64 23.74 12.19
CA GLU B 161 -31.09 22.96 11.10
C GLU B 161 -31.26 23.70 9.78
N VAL B 162 -30.13 23.95 9.13
CA VAL B 162 -30.06 24.50 7.78
C VAL B 162 -29.75 23.33 6.86
N GLU B 163 -30.23 23.37 5.64
CA GLU B 163 -30.02 22.28 4.72
C GLU B 163 -30.18 22.87 3.32
N VAL B 164 -29.12 22.79 2.52
CA VAL B 164 -29.22 23.26 1.15
C VAL B 164 -29.06 22.10 0.20
N LYS B 165 -29.72 22.22 -0.93
CA LYS B 165 -29.58 21.19 -1.93
C LYS B 165 -29.14 21.79 -3.30
N ALA B 166 -28.54 20.98 -4.17
CA ALA B 166 -28.10 21.40 -5.50
C ALA B 166 -28.09 20.28 -6.54
N ALA B 167 -28.49 20.61 -7.77
CA ALA B 167 -28.49 19.61 -8.86
C ALA B 167 -28.00 20.24 -10.16
N VAL B 168 -27.41 19.42 -11.03
CA VAL B 168 -26.92 19.92 -12.31
C VAL B 168 -27.86 19.58 -13.46
N TYR B 169 -27.86 20.42 -14.50
CA TYR B 169 -28.70 20.18 -15.66
C TYR B 169 -28.04 19.24 -16.65
N HIS B 170 -28.84 18.34 -17.23
CA HIS B 170 -28.40 17.47 -18.32
C HIS B 170 -27.52 16.30 -17.86
N HIS B 171 -27.18 16.27 -16.58
CA HIS B 171 -26.36 15.21 -16.02
C HIS B 171 -27.02 14.56 -14.81
N PHE B 172 -26.53 13.39 -14.41
CA PHE B 172 -27.08 12.68 -13.25
C PHE B 172 -26.25 12.90 -11.98
N ILE B 173 -26.05 14.18 -11.65
CA ILE B 173 -25.30 14.61 -10.47
C ILE B 173 -26.11 15.45 -9.47
N SER B 174 -26.20 15.04 -8.21
CA SER B 174 -26.97 15.80 -7.24
C SER B 174 -26.24 15.78 -5.91
N ASP B 175 -26.39 16.82 -5.08
CA ASP B 175 -25.76 16.80 -3.76
C ASP B 175 -26.55 17.61 -2.73
N GLY B 176 -26.51 17.18 -1.47
CA GLY B 176 -27.20 17.85 -0.38
C GLY B 176 -26.50 17.93 0.97
N VAL B 177 -26.53 19.10 1.60
CA VAL B 177 -25.89 19.31 2.91
C VAL B 177 -26.84 19.78 3.97
N ARG B 178 -26.97 18.93 5.00
CA ARG B 178 -27.81 19.17 6.15
C ARG B 178 -26.97 19.37 7.41
N LYS B 179 -26.77 20.64 7.79
CA LYS B 179 -25.98 20.95 8.96
C LYS B 179 -26.86 21.64 10.01
N SER B 180 -26.52 21.42 11.28
CA SER B 180 -27.28 22.04 12.36
C SER B 180 -26.46 23.12 13.03
N LEU B 181 -27.13 24.13 13.59
CA LEU B 181 -26.44 25.16 14.35
C LEU B 181 -27.20 25.65 15.59
N LYS B 182 -26.45 25.95 16.64
CA LYS B 182 -26.97 26.37 17.93
C LYS B 182 -27.45 27.83 17.92
N VAL B 183 -28.70 28.06 18.30
CA VAL B 183 -29.21 29.42 18.37
C VAL B 183 -29.20 29.82 19.84
N VAL B 184 -28.51 30.91 20.15
CA VAL B 184 -28.31 31.27 21.55
C VAL B 184 -28.93 32.62 22.00
N PRO B 185 -29.44 32.67 23.26
CA PRO B 185 -29.99 33.86 23.90
C PRO B 185 -28.91 34.91 24.17
N GLU B 186 -29.36 36.16 24.21
CA GLU B 186 -28.49 37.31 24.25
C GLU B 186 -27.63 37.49 25.48
N GLY B 187 -28.21 37.21 26.66
CA GLY B 187 -27.41 37.44 27.84
C GLY B 187 -25.97 37.03 27.97
N ILE B 188 -25.42 37.62 29.02
CA ILE B 188 -24.05 37.48 29.42
C ILE B 188 -23.82 36.78 30.74
N ARG B 189 -22.76 36.01 30.75
CA ARG B 189 -22.29 35.24 31.89
C ARG B 189 -21.90 35.98 33.15
N MET B 190 -22.61 35.60 34.21
CA MET B 190 -22.40 36.11 35.55
C MET B 190 -22.21 34.95 36.52
N ASN B 191 -21.21 35.10 37.38
CA ASN B 191 -20.91 34.12 38.41
C ASN B 191 -21.04 34.65 39.82
N LYS B 192 -21.93 34.05 40.61
CA LYS B 192 -22.16 34.53 41.96
C LYS B 192 -21.81 33.51 42.99
N THR B 193 -21.28 34.01 44.10
CA THR B 193 -20.97 33.19 45.25
C THR B 193 -22.17 33.15 46.19
N VAL B 194 -22.52 31.93 46.56
CA VAL B 194 -23.71 31.67 47.38
C VAL B 194 -23.36 31.51 48.86
N ALA B 195 -22.41 30.64 49.16
CA ALA B 195 -22.07 30.46 50.55
C ALA B 195 -20.64 30.02 50.75
N VAL B 196 -19.92 30.70 51.64
CA VAL B 196 -18.60 30.23 51.98
C VAL B 196 -18.46 30.20 53.49
N ARG B 197 -18.69 29.03 54.08
CA ARG B 197 -18.60 28.95 55.53
C ARG B 197 -17.48 27.97 55.88
N THR B 198 -16.87 28.20 57.05
CA THR B 198 -15.79 27.36 57.54
C THR B 198 -16.22 26.21 58.45
N LEU B 199 -16.01 24.99 57.95
CA LEU B 199 -16.39 23.72 58.57
C LEU B 199 -15.39 23.21 59.62
N ASP B 200 -15.67 23.46 60.89
CA ASP B 200 -14.81 23.02 61.99
C ASP B 200 -15.59 22.71 63.28
N PRO B 201 -15.96 21.44 63.49
CA PRO B 201 -16.57 21.02 64.74
C PRO B 201 -15.65 21.33 65.90
N GLU B 202 -16.19 21.72 67.07
CA GLU B 202 -15.49 22.16 68.30
C GLU B 202 -15.42 23.69 68.40
N ARG B 203 -14.75 24.38 67.47
CA ARG B 203 -14.71 25.84 67.50
C ARG B 203 -16.02 26.41 66.95
N LEU B 204 -16.86 26.88 67.86
CA LEU B 204 -18.19 27.39 67.54
C LEU B 204 -19.14 26.36 66.91
N GLY B 205 -18.67 25.55 65.97
CA GLY B 205 -19.47 24.42 65.55
C GLY B 205 -19.55 23.45 66.73
N ARG B 206 -20.61 23.57 67.52
CA ARG B 206 -20.73 22.88 68.81
C ARG B 206 -20.49 21.40 68.83
N GLU B 207 -20.31 20.85 70.03
CA GLU B 207 -20.12 19.43 70.21
C GLU B 207 -21.27 18.63 69.58
N GLY B 208 -22.47 19.24 69.58
CA GLY B 208 -23.56 18.77 68.74
C GLY B 208 -23.13 19.17 67.35
N VAL B 209 -22.33 18.31 66.73
CA VAL B 209 -21.66 18.59 65.47
C VAL B 209 -22.33 19.63 64.55
N GLN B 210 -21.53 20.54 64.02
CA GLN B 210 -22.02 21.72 63.27
C GLN B 210 -23.03 21.33 62.20
N LYS B 211 -24.14 22.05 62.15
CA LYS B 211 -25.11 21.86 61.09
C LYS B 211 -25.09 23.10 60.26
N GLU B 212 -25.16 22.91 58.95
CA GLU B 212 -25.00 24.06 58.10
C GLU B 212 -26.01 24.27 56.94
N ASP B 213 -26.89 25.26 57.12
CA ASP B 213 -27.92 25.61 56.15
C ASP B 213 -27.51 26.55 54.96
N ILE B 214 -27.64 26.06 53.73
CA ILE B 214 -27.27 26.86 52.57
C ILE B 214 -28.46 27.16 51.65
N PRO B 215 -28.76 28.44 51.49
CA PRO B 215 -29.85 28.80 50.62
C PRO B 215 -29.46 28.70 49.21
N PRO B 216 -30.40 28.64 48.32
CA PRO B 216 -30.07 28.68 46.92
C PRO B 216 -29.65 30.13 46.47
N ALA B 217 -29.41 30.25 45.17
CA ALA B 217 -29.03 31.53 44.60
C ALA B 217 -30.20 32.30 44.13
N ASP B 218 -29.98 33.60 43.97
CA ASP B 218 -31.02 34.52 43.54
C ASP B 218 -31.61 34.12 42.20
N LEU B 219 -30.80 34.23 41.16
CA LEU B 219 -31.14 33.86 39.79
C LEU B 219 -32.50 34.45 39.36
N SER B 220 -32.85 35.61 39.89
CA SER B 220 -34.12 36.27 39.57
C SER B 220 -34.02 36.98 38.24
N ASP B 221 -32.80 37.30 37.85
CA ASP B 221 -32.58 37.90 36.56
C ASP B 221 -32.12 36.88 35.56
N GLN B 222 -32.39 35.62 35.88
CA GLN B 222 -32.12 34.56 34.91
C GLN B 222 -33.12 34.60 33.79
N VAL B 223 -32.58 34.76 32.60
CA VAL B 223 -33.28 34.80 31.33
C VAL B 223 -33.81 33.42 31.12
N PRO B 224 -35.13 33.30 30.86
CA PRO B 224 -35.89 32.05 30.71
C PRO B 224 -35.40 30.96 29.77
N ASP B 225 -35.49 29.72 30.24
CA ASP B 225 -35.14 28.53 29.44
C ASP B 225 -33.65 28.24 29.43
N THR B 226 -32.96 28.55 30.53
CA THR B 226 -31.54 28.26 30.56
C THR B 226 -31.16 27.42 31.75
N GLU B 227 -30.27 26.46 31.52
CA GLU B 227 -29.78 25.69 32.61
C GLU B 227 -28.78 26.50 33.40
N SER B 228 -28.65 26.11 34.66
CA SER B 228 -27.76 26.73 35.61
C SER B 228 -27.19 25.65 36.51
N GLU B 229 -25.88 25.61 36.65
CA GLU B 229 -25.27 24.59 37.47
C GLU B 229 -24.70 25.12 38.78
N THR B 230 -24.97 24.37 39.85
CA THR B 230 -24.41 24.69 41.13
C THR B 230 -23.28 23.73 41.49
N ARG B 231 -22.06 24.25 41.43
CA ARG B 231 -20.87 23.52 41.81
C ARG B 231 -20.58 23.72 43.29
N ILE B 232 -20.06 22.72 44.00
CA ILE B 232 -19.81 22.96 45.41
C ILE B 232 -18.48 22.29 45.75
N LEU B 233 -17.65 23.01 46.48
CA LEU B 233 -16.32 22.53 46.86
C LEU B 233 -16.06 22.45 48.35
N LEU B 234 -15.28 21.43 48.71
CA LEU B 234 -14.84 21.20 50.06
C LEU B 234 -13.30 21.23 50.14
N GLN B 235 -12.76 22.43 50.36
CA GLN B 235 -11.33 22.68 50.49
C GLN B 235 -10.78 22.15 51.82
N GLY B 236 -9.80 21.26 51.71
CA GLY B 236 -9.10 20.68 52.84
C GLY B 236 -7.90 21.43 53.35
N THR B 237 -7.74 21.36 54.68
CA THR B 237 -6.76 22.10 55.46
C THR B 237 -5.52 21.26 55.62
N PRO B 238 -4.33 21.85 55.39
CA PRO B 238 -3.08 21.08 55.44
C PRO B 238 -2.48 21.03 56.84
N VAL B 239 -2.98 21.87 57.74
CA VAL B 239 -2.38 22.06 59.05
C VAL B 239 -2.61 20.88 60.02
N ALA B 240 -1.52 20.20 60.35
CA ALA B 240 -1.60 19.01 61.18
C ALA B 240 -0.29 18.80 61.94
N GLN B 241 0.16 19.83 62.66
CA GLN B 241 1.28 19.65 63.58
C GLN B 241 1.00 18.57 64.63
N MET B 242 1.90 17.61 64.71
CA MET B 242 1.83 16.59 65.76
C MET B 242 1.84 17.29 67.10
N THR B 243 2.88 18.07 67.33
CA THR B 243 3.05 18.95 68.47
C THR B 243 3.52 20.25 67.91
N GLU B 244 4.62 20.04 67.22
CA GLU B 244 5.55 21.03 66.78
C GLU B 244 6.40 20.27 65.77
N ASP B 245 7.50 19.69 66.22
CA ASP B 245 8.30 18.83 65.37
C ASP B 245 8.95 17.77 66.25
N ALA B 246 9.13 16.56 65.72
CA ALA B 246 9.86 15.55 66.48
C ALA B 246 11.28 16.07 66.57
N VAL B 247 12.07 15.58 67.52
CA VAL B 247 13.40 16.17 67.67
C VAL B 247 14.28 15.63 66.56
N ASP B 248 14.97 16.55 65.91
CA ASP B 248 15.84 16.30 64.76
C ASP B 248 16.89 15.25 65.15
N ALA B 249 17.15 14.31 64.23
CA ALA B 249 18.04 13.20 64.52
C ALA B 249 19.47 13.69 64.72
N GLU B 250 19.82 14.76 64.02
CA GLU B 250 21.14 15.39 64.11
C GLU B 250 21.47 15.84 65.55
N ARG B 251 20.46 15.84 66.40
CA ARG B 251 20.58 16.27 67.79
C ARG B 251 20.83 15.08 68.71
N LEU B 252 20.96 13.90 68.13
CA LEU B 252 21.09 12.71 68.95
C LEU B 252 22.43 12.02 68.73
N LYS B 253 23.27 12.65 67.90
CA LYS B 253 24.57 12.11 67.51
C LYS B 253 25.42 11.69 68.72
N HIS B 254 25.17 12.31 69.88
CA HIS B 254 25.93 12.03 71.09
C HIS B 254 25.37 10.82 71.83
N LEU B 255 24.16 10.41 71.47
CA LEU B 255 23.49 9.31 72.14
C LEU B 255 23.98 7.93 71.71
N ILE B 256 24.88 7.88 70.74
CA ILE B 256 25.46 6.61 70.33
C ILE B 256 26.75 6.35 71.10
N VAL B 257 26.61 5.67 72.23
CA VAL B 257 27.72 5.47 73.15
C VAL B 257 28.13 4.00 73.26
N THR B 258 29.45 3.78 73.25
CA THR B 258 30.06 2.46 73.44
C THR B 258 29.90 2.07 74.90
N PRO B 259 29.19 0.96 75.15
CA PRO B 259 28.97 0.54 76.53
C PRO B 259 30.20 -0.04 77.20
N SER B 260 30.51 0.48 78.39
CA SER B 260 31.62 -0.09 79.11
C SER B 260 31.46 -0.01 80.62
N GLY B 261 32.34 -0.69 81.32
CA GLY B 261 32.32 -0.71 82.77
C GLY B 261 31.57 -1.94 83.34
N CYS B 262 31.18 -1.85 84.61
CA CYS B 262 30.53 -2.92 85.36
C CYS B 262 29.00 -2.78 85.36
N GLY B 263 28.35 -3.77 85.99
CA GLY B 263 26.89 -3.94 86.05
C GLY B 263 26.06 -2.66 85.99
N GLU B 264 26.60 -1.58 86.54
CA GLU B 264 25.83 -0.36 86.56
C GLU B 264 26.15 0.67 85.47
N GLU B 265 27.43 1.01 85.33
CA GLU B 265 27.88 1.98 84.34
C GLU B 265 27.65 1.50 82.91
N ASN B 266 27.78 0.19 82.70
CA ASN B 266 27.61 -0.36 81.38
C ASN B 266 26.10 -0.15 81.08
N MET B 267 25.21 -0.10 82.08
CA MET B 267 23.77 0.13 81.79
C MET B 267 23.58 1.63 81.47
N ILE B 268 24.41 2.48 82.08
CA ILE B 268 24.38 3.93 81.87
C ILE B 268 24.91 4.20 80.48
N GLY B 269 25.68 3.26 79.93
CA GLY B 269 26.21 3.47 78.60
C GLY B 269 25.32 2.82 77.57
N MET B 270 24.55 1.82 77.97
CA MET B 270 23.62 1.16 77.05
C MET B 270 22.29 1.94 77.00
N THR B 271 22.07 2.85 77.94
CA THR B 271 20.82 3.60 77.99
C THR B 271 20.63 4.55 76.79
N PRO B 272 21.51 5.57 76.62
CA PRO B 272 21.25 6.51 75.53
C PRO B 272 21.26 5.87 74.14
N THR B 273 21.98 4.77 73.97
CA THR B 273 22.07 4.12 72.66
C THR B 273 20.79 3.37 72.29
N VAL B 274 20.26 2.59 73.23
CA VAL B 274 19.02 1.84 72.99
C VAL B 274 17.84 2.78 72.76
N ILE B 275 17.78 3.83 73.56
CA ILE B 275 16.69 4.80 73.46
C ILE B 275 16.86 5.77 72.28
N ALA B 276 18.04 5.82 71.67
CA ALA B 276 18.20 6.68 70.50
C ALA B 276 17.69 6.05 69.22
N VAL B 277 18.06 4.80 69.01
CA VAL B 277 17.62 4.02 67.87
C VAL B 277 16.09 3.83 67.96
N HIS B 278 15.59 3.42 69.14
CA HIS B 278 14.16 3.19 69.37
C HIS B 278 13.44 4.46 68.90
N TYR B 279 13.87 5.64 69.37
CA TYR B 279 13.26 6.90 68.96
C TYR B 279 13.39 7.15 67.44
N LEU B 280 14.54 6.79 66.87
CA LEU B 280 14.80 7.02 65.44
C LEU B 280 14.06 6.07 64.52
N ASP B 281 13.76 4.89 65.03
CA ASP B 281 12.99 3.89 64.29
C ASP B 281 11.54 4.36 64.23
N GLU B 282 11.15 5.12 65.24
CA GLU B 282 9.78 5.59 65.37
C GLU B 282 9.54 6.94 64.69
N THR B 283 10.58 7.75 64.61
CA THR B 283 10.47 9.05 63.98
C THR B 283 10.91 8.98 62.52
N GLU B 284 11.38 7.81 62.14
CA GLU B 284 11.79 7.52 60.77
C GLU B 284 12.76 8.59 60.26
N GLN B 285 13.63 9.04 61.15
CA GLN B 285 14.62 10.06 60.82
C GLN B 285 15.94 9.44 60.43
N TRP B 286 15.91 8.12 60.30
CA TRP B 286 17.07 7.32 59.92
C TRP B 286 17.80 7.90 58.70
N GLU B 287 17.05 8.62 57.86
CA GLU B 287 17.69 9.25 56.73
C GLU B 287 18.59 10.38 56.94
N LYS B 288 18.08 11.28 57.75
CA LYS B 288 18.72 12.51 58.04
C LYS B 288 19.93 12.19 58.88
N PHE B 289 19.77 11.13 59.67
CA PHE B 289 20.80 10.67 60.56
C PHE B 289 21.91 9.92 59.85
N GLY B 290 21.55 9.11 58.87
CA GLY B 290 22.53 8.24 58.23
C GLY B 290 22.13 6.79 58.40
N LEU B 291 21.71 6.17 57.31
CA LEU B 291 21.15 4.83 57.36
C LEU B 291 22.17 3.79 57.77
N GLU B 292 23.39 3.98 57.30
CA GLU B 292 24.46 3.02 57.48
C GLU B 292 24.88 2.93 58.95
N LYS B 293 24.55 3.98 59.69
CA LYS B 293 24.94 4.12 61.09
C LYS B 293 24.08 3.28 62.02
N ARG B 294 22.98 2.75 61.49
CA ARG B 294 22.09 1.93 62.30
C ARG B 294 22.75 0.61 62.67
N GLN B 295 23.25 -0.09 61.66
CA GLN B 295 23.92 -1.37 61.86
C GLN B 295 24.99 -1.21 62.95
N GLY B 296 25.71 -0.09 62.87
CA GLY B 296 26.74 0.16 63.86
C GLY B 296 26.21 0.50 65.24
N ALA B 297 25.01 1.07 65.37
CA ALA B 297 24.51 1.31 66.73
C ALA B 297 23.89 0.04 67.37
N LEU B 298 23.40 -0.85 66.50
CA LEU B 298 22.85 -2.14 66.94
C LEU B 298 23.97 -3.00 67.45
N GLU B 299 25.17 -2.85 66.89
CA GLU B 299 26.27 -3.67 67.39
C GLU B 299 26.61 -3.24 68.83
N LEU B 300 26.49 -1.95 69.14
CA LEU B 300 26.79 -1.42 70.48
C LEU B 300 25.68 -1.83 71.46
N ILE B 301 24.46 -1.99 70.98
CA ILE B 301 23.37 -2.43 71.87
C ILE B 301 23.56 -3.91 72.17
N LYS B 302 24.03 -4.67 71.18
CA LYS B 302 24.34 -6.06 71.42
C LYS B 302 25.54 -6.16 72.35
N LYS B 303 26.44 -5.18 72.30
CA LYS B 303 27.64 -5.20 73.14
C LYS B 303 27.29 -4.86 74.59
N GLY B 304 26.28 -4.03 74.76
CA GLY B 304 25.84 -3.68 76.09
C GLY B 304 25.15 -4.89 76.69
N TYR B 305 24.34 -5.59 75.89
CA TYR B 305 23.64 -6.77 76.40
C TYR B 305 24.58 -7.97 76.72
N THR B 306 25.61 -8.19 75.89
CA THR B 306 26.55 -9.29 76.16
C THR B 306 27.30 -9.01 77.43
N GLN B 307 27.68 -7.75 77.58
CA GLN B 307 28.43 -7.40 78.77
C GLN B 307 27.48 -7.36 79.98
N GLN B 308 26.16 -7.42 79.78
CA GLN B 308 25.22 -7.42 80.89
C GLN B 308 24.90 -8.80 81.27
N LEU B 309 25.50 -9.69 80.51
CA LEU B 309 25.33 -11.08 80.80
C LEU B 309 26.38 -11.53 81.80
N ALA B 310 27.51 -10.82 81.81
CA ALA B 310 28.61 -11.15 82.72
C ALA B 310 28.36 -10.68 84.16
N PHE B 311 27.36 -9.85 84.37
CA PHE B 311 27.04 -9.39 85.72
C PHE B 311 25.72 -9.95 86.18
N ARG B 312 25.24 -10.97 85.49
CA ARG B 312 24.02 -11.65 85.89
C ARG B 312 24.33 -12.79 86.85
N GLN B 313 23.91 -12.64 88.11
CA GLN B 313 24.12 -13.65 89.14
C GLN B 313 23.17 -14.84 88.98
N PRO B 314 23.55 -16.01 89.54
CA PRO B 314 22.75 -17.24 89.49
C PRO B 314 21.29 -17.06 89.92
N SER B 315 21.03 -16.12 90.82
CA SER B 315 19.68 -15.88 91.28
C SER B 315 18.89 -15.10 90.23
N SER B 316 19.51 -14.92 89.07
CA SER B 316 18.93 -14.21 87.93
C SER B 316 18.83 -12.71 88.14
N ALA B 317 19.54 -12.21 89.15
CA ALA B 317 19.50 -10.79 89.52
C ALA B 317 20.79 -10.07 89.12
N PHE B 318 20.79 -8.75 89.22
CA PHE B 318 21.94 -7.95 88.80
C PHE B 318 22.45 -7.03 89.89
N ALA B 319 23.76 -6.85 89.93
CA ALA B 319 24.39 -5.91 90.86
C ALA B 319 25.65 -5.34 90.21
N ALA B 320 26.17 -4.27 90.81
CA ALA B 320 27.37 -3.61 90.32
C ALA B 320 28.49 -4.63 90.08
N PHE B 321 28.70 -5.48 91.06
CA PHE B 321 29.70 -6.53 90.96
C PHE B 321 29.02 -7.88 91.13
N VAL B 322 29.79 -8.95 91.05
CA VAL B 322 29.24 -10.30 91.15
C VAL B 322 29.24 -10.76 92.60
N LYS B 323 30.09 -10.12 93.40
CA LYS B 323 30.25 -10.48 94.80
C LYS B 323 29.36 -9.61 95.67
N ARG B 324 28.84 -8.53 95.08
CA ARG B 324 27.96 -7.60 95.78
C ARG B 324 26.54 -8.15 95.85
N ALA B 325 25.76 -7.76 96.87
CA ALA B 325 24.39 -8.22 96.94
C ALA B 325 23.55 -7.54 95.88
N PRO B 326 22.69 -8.33 95.22
CA PRO B 326 21.89 -7.78 94.11
C PRO B 326 20.93 -6.63 94.40
N SER B 327 20.87 -5.65 93.49
CA SER B 327 19.97 -4.53 93.68
C SER B 327 18.70 -4.78 92.88
N THR B 328 17.55 -4.58 93.49
CA THR B 328 16.21 -4.70 92.90
C THR B 328 16.01 -3.63 91.86
N TRP B 329 16.36 -2.39 92.16
CA TRP B 329 16.10 -1.34 91.21
C TRP B 329 16.91 -1.63 90.01
N LEU B 330 18.13 -2.07 90.20
CA LEU B 330 18.94 -2.35 89.04
C LEU B 330 18.37 -3.43 88.15
N THR B 331 17.97 -4.51 88.78
CA THR B 331 17.38 -5.64 88.10
C THR B 331 16.06 -5.25 87.44
N ALA B 332 15.40 -4.23 87.98
CA ALA B 332 14.15 -3.71 87.43
C ALA B 332 14.47 -2.76 86.28
N TYR B 333 15.72 -2.35 86.21
CA TYR B 333 16.15 -1.51 85.11
C TYR B 333 16.64 -2.37 83.99
N VAL B 334 17.35 -3.41 84.36
CA VAL B 334 17.75 -4.40 83.41
C VAL B 334 16.48 -4.92 82.74
N VAL B 335 15.47 -5.26 83.54
CA VAL B 335 14.20 -5.70 82.98
C VAL B 335 13.53 -4.63 82.12
N LYS B 336 13.55 -3.39 82.59
CA LYS B 336 12.95 -2.28 81.82
C LYS B 336 13.58 -2.07 80.45
N VAL B 337 14.89 -1.89 80.43
CA VAL B 337 15.66 -1.64 79.20
C VAL B 337 15.56 -2.84 78.25
N PHE B 338 15.80 -4.05 78.76
CA PHE B 338 15.78 -5.25 77.92
C PHE B 338 14.37 -5.48 77.37
N SER B 339 13.35 -4.94 78.03
CA SER B 339 11.98 -5.11 77.55
C SER B 339 11.76 -4.16 76.39
N LEU B 340 12.62 -3.16 76.30
CA LEU B 340 12.50 -2.19 75.23
C LEU B 340 13.49 -2.51 74.12
N ALA B 341 14.54 -3.27 74.41
CA ALA B 341 15.46 -3.59 73.34
C ALA B 341 15.22 -5.01 72.82
N VAL B 342 13.95 -5.40 72.81
CA VAL B 342 13.50 -6.72 72.35
C VAL B 342 13.36 -6.69 70.84
N ASN B 343 12.83 -5.58 70.34
CA ASN B 343 12.59 -5.44 68.92
C ASN B 343 13.85 -5.09 68.17
N LEU B 344 14.86 -4.69 68.93
CA LEU B 344 16.14 -4.31 68.37
C LEU B 344 17.12 -5.45 68.22
N ILE B 345 17.43 -6.10 69.34
CA ILE B 345 18.34 -7.26 69.32
C ILE B 345 17.67 -8.52 69.87
N ALA B 346 18.37 -9.64 69.78
CA ALA B 346 17.85 -10.92 70.25
C ALA B 346 18.09 -11.14 71.76
N ILE B 347 17.13 -10.68 72.56
CA ILE B 347 17.09 -10.83 74.01
C ILE B 347 16.62 -12.18 74.54
N ASP B 348 17.45 -12.85 75.34
CA ASP B 348 17.01 -14.13 75.89
C ASP B 348 15.87 -13.98 76.89
N SER B 349 14.91 -14.89 76.76
CA SER B 349 13.73 -14.94 77.61
C SER B 349 14.01 -15.49 79.01
N GLN B 350 14.95 -16.41 79.10
CA GLN B 350 15.34 -16.99 80.39
C GLN B 350 15.92 -15.94 81.32
N VAL B 351 16.65 -14.99 80.77
CA VAL B 351 17.32 -13.98 81.57
C VAL B 351 16.33 -12.92 82.05
N LEU B 352 15.59 -12.36 81.11
CA LEU B 352 14.63 -11.32 81.42
C LEU B 352 13.52 -11.88 82.33
N CYS B 353 12.97 -13.04 81.98
CA CYS B 353 11.89 -13.58 82.78
C CYS B 353 12.43 -14.12 84.07
N GLY B 354 13.69 -14.53 84.09
CA GLY B 354 14.29 -15.02 85.31
C GLY B 354 14.42 -13.89 86.32
N ALA B 355 14.77 -12.71 85.83
CA ALA B 355 14.91 -11.54 86.69
C ALA B 355 13.56 -11.00 87.12
N VAL B 356 12.56 -11.24 86.29
CA VAL B 356 11.20 -10.87 86.66
C VAL B 356 10.69 -11.83 87.79
N LYS B 357 10.96 -13.13 87.68
CA LYS B 357 10.57 -14.12 88.67
C LYS B 357 11.27 -13.87 89.99
N TRP B 358 12.53 -13.46 89.86
CA TRP B 358 13.33 -13.18 91.03
C TRP B 358 12.79 -11.95 91.75
N LEU B 359 12.52 -10.89 90.99
CA LEU B 359 11.95 -9.68 91.58
C LEU B 359 10.66 -10.02 92.31
N ILE B 360 9.80 -10.82 91.67
CA ILE B 360 8.49 -11.14 92.25
C ILE B 360 8.59 -11.98 93.53
N LEU B 361 9.29 -13.11 93.47
CA LEU B 361 9.34 -14.06 94.57
C LEU B 361 10.22 -13.66 95.75
N GLU B 362 11.22 -12.84 95.46
CA GLU B 362 12.25 -12.46 96.43
C GLU B 362 11.97 -11.06 96.90
N LYS B 363 11.70 -10.21 95.92
CA LYS B 363 11.62 -8.80 96.20
C LYS B 363 10.24 -8.18 96.27
N GLN B 364 9.28 -9.02 96.60
CA GLN B 364 7.97 -8.50 96.85
C GLN B 364 7.44 -8.78 98.24
N LYS B 365 7.01 -7.71 98.93
CA LYS B 365 6.38 -7.89 100.23
C LYS B 365 4.95 -8.44 100.03
N PRO B 366 4.38 -9.11 101.04
CA PRO B 366 3.00 -9.59 100.92
C PRO B 366 2.05 -8.51 100.46
N ASP B 367 2.18 -7.36 101.13
CA ASP B 367 1.32 -6.20 100.89
C ASP B 367 1.59 -5.46 99.61
N GLY B 368 2.31 -6.02 98.65
CA GLY B 368 2.32 -5.37 97.35
C GLY B 368 3.46 -4.42 97.05
N VAL B 369 4.20 -3.96 98.06
CA VAL B 369 5.33 -3.04 97.83
C VAL B 369 6.77 -3.61 97.71
N PHE B 370 7.49 -3.31 96.63
CA PHE B 370 8.85 -3.81 96.48
C PHE B 370 9.60 -3.09 97.60
N GLN B 371 10.56 -3.75 98.22
CA GLN B 371 11.47 -3.19 99.25
C GLN B 371 12.96 -3.01 98.90
N GLU B 372 13.72 -1.93 99.03
CA GLU B 372 15.08 -2.20 98.49
C GLU B 372 16.09 -2.48 99.58
N ASP B 373 16.75 -3.63 99.38
CA ASP B 373 17.85 -4.17 100.19
C ASP B 373 19.23 -3.61 99.94
N ALA B 374 19.56 -3.40 98.67
CA ALA B 374 20.94 -3.09 98.33
C ALA B 374 21.04 -1.99 97.30
N PRO B 375 20.94 -0.73 97.74
CA PRO B 375 20.96 0.46 96.89
C PRO B 375 22.15 0.43 95.96
N VAL B 376 21.88 0.91 94.76
CA VAL B 376 22.85 0.95 93.69
C VAL B 376 23.99 1.93 94.00
N ILE B 377 25.21 1.58 93.57
CA ILE B 377 26.33 2.47 93.89
C ILE B 377 26.13 3.79 93.21
N HIS B 378 25.71 3.72 91.95
CA HIS B 378 25.52 4.92 91.17
C HIS B 378 24.14 5.46 91.53
N GLN B 379 24.08 6.26 92.57
CA GLN B 379 22.82 6.84 93.02
C GLN B 379 22.18 7.90 92.13
N GLU B 380 22.96 8.49 91.21
CA GLU B 380 22.42 9.54 90.35
C GLU B 380 21.63 8.95 89.20
N MET B 381 21.86 7.66 88.99
CA MET B 381 21.33 6.91 87.88
C MET B 381 19.90 6.54 88.24
N ILE B 382 19.52 6.67 89.50
CA ILE B 382 18.15 6.41 89.93
C ILE B 382 17.16 7.51 89.54
N GLY B 383 17.61 8.75 89.28
CA GLY B 383 16.73 9.86 89.00
C GLY B 383 16.23 10.57 90.24
N GLY B 384 14.90 10.68 90.32
CA GLY B 384 14.19 11.27 91.44
C GLY B 384 13.98 10.39 92.67
N LEU B 385 14.02 9.08 92.47
CA LEU B 385 13.87 8.10 93.54
C LEU B 385 14.83 8.42 94.67
N ARG B 386 16.04 8.88 94.35
CA ARG B 386 16.97 9.34 95.38
C ARG B 386 16.45 10.42 96.35
N ASN B 387 15.61 11.37 95.93
CA ASN B 387 15.19 12.44 96.86
C ASN B 387 14.33 12.00 98.06
N ASN B 388 14.59 10.81 98.60
CA ASN B 388 13.84 10.30 99.76
C ASN B 388 12.33 10.43 99.61
N ASN B 389 11.62 10.43 100.74
CA ASN B 389 10.16 10.58 100.81
C ASN B 389 9.32 9.61 99.97
N GLU B 390 8.51 8.81 100.67
CA GLU B 390 7.57 7.85 100.07
C GLU B 390 8.18 7.00 98.94
N LYS B 391 9.29 6.30 99.24
CA LYS B 391 9.99 5.49 98.24
C LYS B 391 9.42 4.11 98.06
N ASP B 392 8.43 3.84 98.86
CA ASP B 392 7.69 2.61 98.76
C ASP B 392 6.81 2.82 97.55
N MET B 393 6.61 4.08 97.18
CA MET B 393 5.76 4.32 96.03
C MET B 393 6.57 4.49 94.80
N ALA B 394 7.62 5.28 94.92
CA ALA B 394 8.52 5.56 93.81
C ALA B 394 9.05 4.22 93.33
N LEU B 395 9.42 3.38 94.30
CA LEU B 395 9.92 2.05 93.99
C LEU B 395 8.95 1.06 93.53
N THR B 396 7.80 0.99 94.15
CA THR B 396 6.85 0.02 93.64
C THR B 396 6.26 0.34 92.29
N ALA B 397 6.34 1.61 91.95
CA ALA B 397 5.88 2.10 90.68
C ALA B 397 6.97 1.88 89.66
N PHE B 398 8.24 1.99 90.08
CA PHE B 398 9.32 1.77 89.13
C PHE B 398 9.37 0.27 88.74
N VAL B 399 9.51 -0.57 89.75
CA VAL B 399 9.55 -2.00 89.50
C VAL B 399 8.25 -2.43 88.84
N LEU B 400 7.16 -1.70 89.10
CA LEU B 400 5.91 -2.07 88.47
C LEU B 400 5.96 -1.85 86.98
N ILE B 401 6.33 -0.62 86.60
CA ILE B 401 6.41 -0.26 85.20
C ILE B 401 7.35 -1.27 84.51
N SER B 402 8.44 -1.64 85.17
CA SER B 402 9.32 -2.63 84.56
C SER B 402 8.62 -3.98 84.38
N LEU B 403 7.75 -4.36 85.33
CA LEU B 403 7.08 -5.65 85.15
C LEU B 403 5.99 -5.75 84.08
N GLN B 404 5.19 -4.70 83.88
CA GLN B 404 4.11 -4.79 82.87
C GLN B 404 4.71 -4.60 81.48
N GLU B 405 5.88 -3.97 81.40
CA GLU B 405 6.49 -3.78 80.10
C GLU B 405 7.24 -5.05 79.76
N ALA B 406 7.31 -5.94 80.74
CA ALA B 406 7.88 -7.26 80.54
C ALA B 406 6.71 -8.26 80.56
N LYS B 407 5.48 -7.73 80.53
CA LYS B 407 4.29 -8.56 80.60
C LYS B 407 4.24 -9.59 79.49
N ASP B 408 4.01 -9.10 78.28
CA ASP B 408 3.84 -9.94 77.11
C ASP B 408 4.95 -10.97 76.91
N ILE B 409 6.16 -10.61 77.28
CA ILE B 409 7.26 -11.53 77.05
C ILE B 409 7.37 -12.67 78.13
N CYS B 410 6.94 -12.43 79.39
CA CYS B 410 7.10 -13.41 80.52
C CYS B 410 5.76 -13.63 81.24
N GLU B 411 4.69 -13.73 80.48
CA GLU B 411 3.39 -14.04 81.05
C GLU B 411 3.25 -15.56 81.16
N GLU B 412 3.64 -16.29 80.10
CA GLU B 412 3.50 -17.75 80.10
C GLU B 412 4.66 -18.46 80.80
N GLN B 413 5.75 -17.73 81.02
CA GLN B 413 6.95 -18.26 81.67
C GLN B 413 6.89 -17.97 83.16
N VAL B 414 6.15 -16.91 83.51
CA VAL B 414 5.97 -16.59 84.91
C VAL B 414 4.49 -16.48 85.27
N ASN B 415 4.02 -17.42 86.08
CA ASN B 415 2.60 -17.47 86.38
C ASN B 415 2.20 -16.58 87.56
N SER B 416 3.20 -16.11 88.31
CA SER B 416 2.93 -15.26 89.46
C SER B 416 2.91 -13.78 89.08
N LEU B 417 3.12 -13.50 87.81
CA LEU B 417 3.18 -12.12 87.32
C LEU B 417 1.87 -11.32 87.36
N PRO B 418 0.74 -11.89 86.88
CA PRO B 418 -0.51 -11.13 86.95
C PRO B 418 -0.89 -10.73 88.38
N GLY B 419 -0.60 -11.64 89.30
CA GLY B 419 -0.90 -11.46 90.71
C GLY B 419 0.01 -10.45 91.38
N SER B 420 1.25 -10.37 90.93
CA SER B 420 2.19 -9.44 91.54
C SER B 420 1.83 -8.07 90.98
N ILE B 421 1.56 -8.01 89.68
CA ILE B 421 1.15 -6.77 89.02
C ILE B 421 -0.06 -6.16 89.74
N THR B 422 -1.09 -6.98 89.93
CA THR B 422 -2.32 -6.53 90.59
C THR B 422 -2.03 -6.13 92.03
N LYS B 423 -1.14 -6.88 92.65
CA LYS B 423 -0.73 -6.65 94.04
C LYS B 423 -0.03 -5.27 94.20
N ALA B 424 0.98 -5.02 93.38
CA ALA B 424 1.59 -3.72 93.50
C ALA B 424 0.62 -2.66 93.06
N GLY B 425 -0.39 -3.00 92.27
CA GLY B 425 -1.34 -1.96 91.91
C GLY B 425 -2.39 -1.61 92.95
N ASP B 426 -2.85 -2.59 93.71
CA ASP B 426 -3.82 -2.29 94.75
C ASP B 426 -3.10 -1.40 95.75
N PHE B 427 -1.84 -1.71 96.06
CA PHE B 427 -1.17 -0.83 97.04
C PHE B 427 -0.86 0.58 96.54
N LEU B 428 -0.36 0.79 95.32
CA LEU B 428 -0.16 2.19 94.90
C LEU B 428 -1.59 2.74 94.98
N GLU B 429 -2.61 1.99 94.59
CA GLU B 429 -3.99 2.50 94.63
C GLU B 429 -4.45 2.97 96.01
N ALA B 430 -4.21 2.22 97.07
CA ALA B 430 -4.70 2.67 98.38
C ALA B 430 -4.03 3.94 98.91
N ASN B 431 -2.73 4.10 98.70
CA ASN B 431 -1.95 5.22 99.22
C ASN B 431 -1.60 6.27 98.13
N TYR B 432 -2.42 6.45 97.09
CA TYR B 432 -2.12 7.43 96.04
C TYR B 432 -2.55 8.82 96.45
N MET B 433 -3.58 8.89 97.28
CA MET B 433 -4.13 10.16 97.71
C MET B 433 -3.28 10.82 98.79
N ASN B 434 -2.24 10.14 99.27
CA ASN B 434 -1.42 10.67 100.35
C ASN B 434 -0.02 11.05 99.88
N LEU B 435 0.11 11.31 98.57
CA LEU B 435 1.40 11.66 97.97
C LEU B 435 1.49 13.17 97.84
N GLN B 436 2.67 13.72 98.12
CA GLN B 436 2.85 15.16 98.09
C GLN B 436 3.71 15.60 96.91
N ARG B 437 4.74 14.81 96.62
CA ARG B 437 5.66 15.11 95.52
C ARG B 437 5.08 14.81 94.13
N SER B 438 5.32 15.77 93.22
CA SER B 438 4.91 15.75 91.81
C SER B 438 5.46 14.58 91.01
N TYR B 439 6.65 14.16 91.40
CA TYR B 439 7.36 13.08 90.74
C TYR B 439 6.71 11.77 91.12
N THR B 440 6.57 11.53 92.41
CA THR B 440 6.06 10.27 92.92
C THR B 440 4.63 10.09 92.43
N VAL B 441 3.90 11.19 92.27
CA VAL B 441 2.57 11.04 91.73
C VAL B 441 2.55 10.91 90.21
N ALA B 442 3.58 11.42 89.51
CA ALA B 442 3.59 11.22 88.05
C ALA B 442 3.96 9.77 87.68
N ILE B 443 4.85 9.14 88.46
CA ILE B 443 5.18 7.73 88.17
C ILE B 443 4.14 6.79 88.68
N ALA B 444 3.50 7.19 89.77
CA ALA B 444 2.48 6.35 90.36
C ALA B 444 1.21 6.40 89.51
N GLY B 445 1.03 7.48 88.77
CA GLY B 445 -0.17 7.54 87.97
C GLY B 445 0.20 6.90 86.66
N TYR B 446 1.45 6.99 86.21
CA TYR B 446 1.69 6.27 84.97
C TYR B 446 1.62 4.78 85.31
N ALA B 447 1.89 4.45 86.59
CA ALA B 447 1.82 3.07 87.05
C ALA B 447 0.40 2.52 87.21
N LEU B 448 -0.59 3.40 87.35
CA LEU B 448 -1.96 2.92 87.44
C LEU B 448 -2.66 3.17 86.11
N ALA B 449 -1.96 3.83 85.20
CA ALA B 449 -2.54 4.21 83.92
C ALA B 449 -2.63 3.00 83.02
N GLN B 450 -1.64 2.12 83.19
CA GLN B 450 -1.52 0.92 82.39
C GLN B 450 -2.55 -0.14 82.69
N MET B 451 -3.10 -0.09 83.89
CA MET B 451 -4.13 -1.06 84.24
C MET B 451 -5.49 -0.43 84.09
N GLY B 452 -5.51 0.88 83.87
CA GLY B 452 -6.77 1.59 83.78
C GLY B 452 -7.37 1.74 85.17
N ARG B 453 -6.53 1.60 86.20
CA ARG B 453 -7.03 1.70 87.56
C ARG B 453 -6.77 3.10 88.05
N LEU B 454 -6.69 4.02 87.10
CA LEU B 454 -6.59 5.40 87.47
C LEU B 454 -7.90 6.03 87.07
N LYS B 455 -8.73 6.25 88.06
CA LYS B 455 -10.01 6.93 87.86
C LYS B 455 -10.27 7.98 88.92
N GLY B 456 -11.48 8.51 88.94
CA GLY B 456 -11.96 9.33 90.04
C GLY B 456 -11.04 10.39 90.63
N PRO B 457 -11.00 10.46 91.97
CA PRO B 457 -10.20 11.39 92.76
C PRO B 457 -8.68 11.35 92.59
N LEU B 458 -8.18 10.14 92.35
CA LEU B 458 -6.79 9.91 92.04
C LEU B 458 -6.48 10.59 90.69
N LEU B 459 -7.44 10.54 89.77
CA LEU B 459 -7.29 11.11 88.43
C LEU B 459 -7.15 12.60 88.49
N ASN B 460 -8.08 13.15 89.24
CA ASN B 460 -8.14 14.56 89.53
C ASN B 460 -6.86 15.01 90.17
N LYS B 461 -6.42 14.32 91.22
CA LYS B 461 -5.19 14.73 91.86
C LYS B 461 -4.01 14.65 90.90
N PHE B 462 -4.06 13.70 89.98
CA PHE B 462 -2.98 13.63 89.00
C PHE B 462 -2.95 14.82 88.06
N LEU B 463 -4.11 15.17 87.49
CA LEU B 463 -4.18 16.33 86.61
C LEU B 463 -3.87 17.65 87.31
N THR B 464 -4.45 17.83 88.50
CA THR B 464 -4.25 19.01 89.34
C THR B 464 -2.81 19.15 89.82
N THR B 465 -2.09 18.04 89.84
CA THR B 465 -0.73 18.01 90.35
C THR B 465 0.17 18.90 89.51
N ALA B 466 -0.07 18.89 88.20
CA ALA B 466 0.78 19.61 87.28
C ALA B 466 0.50 21.11 87.28
N LYS B 467 1.59 21.86 87.29
CA LYS B 467 1.56 23.31 87.29
C LYS B 467 1.43 23.86 85.89
N ASP B 468 0.40 24.69 85.69
CA ASP B 468 0.17 25.39 84.43
C ASP B 468 -0.31 24.39 83.38
N LYS B 469 -0.77 23.23 83.84
CA LYS B 469 -1.31 22.18 82.99
C LYS B 469 -0.30 21.60 81.98
N ASN B 470 0.98 21.92 82.16
CA ASN B 470 1.99 21.43 81.22
C ASN B 470 3.21 20.76 81.84
N ARG B 471 3.34 20.81 83.16
CA ARG B 471 4.52 20.19 83.77
C ARG B 471 4.40 19.72 85.23
N TRP B 472 5.12 18.64 85.55
CA TRP B 472 5.13 18.07 86.90
C TRP B 472 6.50 18.38 87.48
N GLU B 473 6.69 19.60 87.99
CA GLU B 473 7.95 19.93 88.65
C GLU B 473 8.03 20.07 90.17
N ASP B 474 9.14 19.56 90.70
CA ASP B 474 9.42 19.45 92.13
C ASP B 474 10.63 20.33 92.45
N PRO B 475 10.72 20.88 93.68
CA PRO B 475 11.99 21.55 93.98
C PRO B 475 13.25 20.71 93.82
N GLY B 476 14.31 21.31 93.31
CA GLY B 476 15.55 20.59 93.10
C GLY B 476 16.06 20.61 91.68
N LYS B 477 16.64 19.48 91.27
CA LYS B 477 17.15 19.32 89.90
C LYS B 477 16.03 19.27 88.87
N GLN B 478 16.31 19.80 87.69
CA GLN B 478 15.35 19.83 86.59
C GLN B 478 15.15 18.50 85.89
N LEU B 479 16.11 17.61 86.08
CA LEU B 479 16.17 16.33 85.41
C LEU B 479 15.05 15.44 85.93
N TYR B 480 14.75 15.64 87.21
CA TYR B 480 13.70 14.92 87.90
C TYR B 480 12.39 15.40 87.31
N ASN B 481 12.29 16.71 87.13
CA ASN B 481 11.04 17.28 86.65
C ASN B 481 10.77 16.93 85.20
N VAL B 482 11.82 16.77 84.42
CA VAL B 482 11.66 16.32 83.05
C VAL B 482 11.32 14.82 83.04
N GLU B 483 11.78 14.09 84.05
CA GLU B 483 11.51 12.65 84.14
C GLU B 483 10.09 12.32 84.60
N ALA B 484 9.60 13.13 85.52
CA ALA B 484 8.24 13.05 86.00
C ALA B 484 7.30 13.56 84.95
N THR B 485 7.79 14.52 84.17
CA THR B 485 6.96 15.03 83.10
C THR B 485 6.82 13.93 82.06
N SER B 486 7.92 13.27 81.69
CA SER B 486 7.82 12.16 80.73
C SER B 486 6.95 10.99 81.22
N TYR B 487 6.94 10.76 82.53
CA TYR B 487 6.06 9.71 83.06
C TYR B 487 4.62 10.15 82.95
N ALA B 488 4.40 11.44 83.18
CA ALA B 488 3.05 11.97 83.09
C ALA B 488 2.58 12.00 81.64
N LEU B 489 3.48 12.28 80.70
CA LEU B 489 3.13 12.28 79.29
C LEU B 489 2.69 10.87 78.89
N LEU B 490 3.38 9.87 79.43
CA LEU B 490 3.00 8.50 79.09
C LEU B 490 1.71 8.14 79.77
N ALA B 491 1.50 8.79 80.91
CA ALA B 491 0.33 8.50 81.68
C ALA B 491 -0.88 9.03 80.98
N LEU B 492 -0.83 10.21 80.38
CA LEU B 492 -2.06 10.59 79.72
C LEU B 492 -2.11 9.98 78.30
N LEU B 493 -1.00 9.46 77.75
CA LEU B 493 -1.15 8.82 76.42
C LEU B 493 -1.90 7.51 76.61
N GLN B 494 -1.70 6.90 77.76
CA GLN B 494 -2.49 5.72 78.07
C GLN B 494 -3.93 6.14 78.37
N LEU B 495 -4.09 7.36 78.88
CA LEU B 495 -5.41 7.90 79.22
C LEU B 495 -6.28 8.39 78.10
N LYS B 496 -5.71 8.48 76.90
CA LYS B 496 -6.38 8.99 75.70
C LYS B 496 -6.64 10.50 75.80
N ASP B 497 -6.15 11.12 76.87
CA ASP B 497 -6.53 12.50 77.14
C ASP B 497 -5.79 13.43 76.21
N PHE B 498 -6.37 13.57 75.02
CA PHE B 498 -5.76 14.30 73.91
C PHE B 498 -5.82 15.81 74.05
N ASP B 499 -6.54 16.29 75.06
CA ASP B 499 -6.66 17.72 75.31
C ASP B 499 -5.55 18.20 76.20
N PHE B 500 -5.04 17.29 77.02
CA PHE B 500 -4.24 17.74 78.12
C PHE B 500 -2.80 17.54 77.59
N VAL B 501 -2.68 16.90 76.41
CA VAL B 501 -1.36 16.52 75.84
C VAL B 501 -0.66 17.71 75.22
N PRO B 502 -1.35 18.40 74.27
CA PRO B 502 -0.77 19.56 73.61
C PRO B 502 0.04 20.49 74.46
N PRO B 503 -0.23 20.59 75.77
CA PRO B 503 0.63 21.62 76.31
C PRO B 503 1.90 21.02 76.92
N VAL B 504 1.93 19.71 77.11
CA VAL B 504 3.06 19.13 77.84
C VAL B 504 4.21 19.12 76.83
N VAL B 505 3.92 18.48 75.70
CA VAL B 505 4.85 18.28 74.58
C VAL B 505 5.60 19.56 74.23
N ARG B 506 4.86 20.66 74.17
CA ARG B 506 5.42 21.97 73.87
C ARG B 506 6.42 22.31 74.96
N TRP B 507 6.18 21.91 76.20
CA TRP B 507 7.14 22.20 77.28
C TRP B 507 8.48 21.46 77.25
N LEU B 508 8.50 20.18 76.87
CA LEU B 508 9.78 19.46 76.87
C LEU B 508 10.66 19.79 75.67
N ASN B 509 10.00 20.04 74.53
CA ASN B 509 10.69 20.46 73.32
C ASN B 509 11.33 21.82 73.58
N GLU B 510 10.61 22.61 74.37
CA GLU B 510 10.97 23.95 74.84
C GLU B 510 12.18 23.88 75.77
N GLN B 511 12.22 22.81 76.55
CA GLN B 511 13.31 22.57 77.50
C GLN B 511 14.56 22.32 76.70
N ARG B 512 14.39 21.68 75.54
CA ARG B 512 15.48 21.35 74.59
C ARG B 512 16.47 20.48 75.28
N TYR B 513 15.94 19.52 76.03
CA TYR B 513 16.78 18.54 76.66
C TYR B 513 17.00 17.46 75.62
N TYR B 514 18.27 17.17 75.32
CA TYR B 514 18.59 16.14 74.35
C TYR B 514 19.36 15.03 75.01
N GLY B 515 19.02 14.80 76.27
CA GLY B 515 19.72 13.82 77.05
C GLY B 515 21.22 13.91 77.25
N GLY B 516 21.77 12.85 77.82
CA GLY B 516 23.19 12.73 78.08
C GLY B 516 23.71 13.79 79.04
N GLY B 517 24.37 13.32 80.08
CA GLY B 517 24.95 14.22 81.05
C GLY B 517 25.18 13.50 82.35
N TYR B 518 25.49 14.26 83.38
CA TYR B 518 25.79 13.66 84.67
C TYR B 518 24.45 13.20 85.27
N GLY B 519 24.30 11.89 85.42
CA GLY B 519 23.11 11.29 85.98
C GLY B 519 21.85 11.44 85.15
N SER B 520 22.07 11.55 83.85
CA SER B 520 21.01 11.73 82.87
C SER B 520 20.46 10.43 82.27
N THR B 521 20.49 9.32 83.00
CA THR B 521 20.01 8.01 82.53
C THR B 521 18.48 8.00 82.40
N GLN B 522 17.78 8.35 83.47
CA GLN B 522 16.31 8.34 83.46
C GLN B 522 15.75 9.37 82.59
N ALA B 523 16.28 10.56 82.77
CA ALA B 523 15.84 11.67 82.03
C ALA B 523 15.87 11.30 80.55
N THR B 524 16.90 10.59 80.11
CA THR B 524 17.03 10.24 78.70
C THR B 524 16.14 9.12 78.21
N PHE B 525 15.94 8.17 79.11
CA PHE B 525 15.11 7.03 78.77
C PHE B 525 13.64 7.43 78.79
N MET B 526 13.28 8.36 79.65
CA MET B 526 11.88 8.70 79.80
C MET B 526 11.54 9.75 78.77
N VAL B 527 12.41 10.74 78.60
CA VAL B 527 12.11 11.77 77.60
C VAL B 527 12.08 11.20 76.21
N PHE B 528 12.72 10.05 76.01
CA PHE B 528 12.63 9.60 74.63
C PHE B 528 11.64 8.46 74.45
N GLN B 529 11.28 7.80 75.53
CA GLN B 529 10.19 6.84 75.49
C GLN B 529 8.87 7.62 75.36
N ALA B 530 8.87 8.80 75.98
CA ALA B 530 7.70 9.65 76.01
C ALA B 530 7.56 10.38 74.70
N LEU B 531 8.68 10.85 74.13
CA LEU B 531 8.52 11.55 72.86
C LEU B 531 8.45 10.55 71.69
N ALA B 532 8.65 9.26 71.97
CA ALA B 532 8.50 8.26 70.91
C ALA B 532 7.10 7.75 71.00
N GLN B 533 6.56 7.66 72.22
CA GLN B 533 5.15 7.32 72.31
C GLN B 533 4.30 8.48 72.04
N TYR B 534 4.89 9.64 72.13
CA TYR B 534 4.09 10.73 71.74
C TYR B 534 3.97 10.60 70.23
N GLN B 535 5.02 10.11 69.59
CA GLN B 535 4.91 9.99 68.13
C GLN B 535 4.28 8.70 67.61
N LYS B 536 4.15 7.68 68.45
CA LYS B 536 3.54 6.46 67.95
C LYS B 536 2.05 6.40 68.31
N ASP B 537 1.69 6.96 69.47
CA ASP B 537 0.29 6.89 69.88
C ASP B 537 -0.53 7.96 69.17
N ALA B 538 0.09 9.14 69.06
CA ALA B 538 -0.26 10.19 68.12
C ALA B 538 -1.58 10.72 68.67
N PRO B 539 -1.80 10.36 69.94
CA PRO B 539 -2.98 10.69 70.72
C PRO B 539 -4.30 10.53 69.99
N ASP B 540 -4.80 11.65 69.48
CA ASP B 540 -6.09 11.72 68.81
C ASP B 540 -5.88 12.06 67.35
N HIS B 541 -5.21 11.16 66.64
CA HIS B 541 -4.76 11.41 65.27
C HIS B 541 -3.67 12.48 65.37
N GLN B 542 -4.08 13.68 65.80
CA GLN B 542 -3.28 14.93 65.92
C GLN B 542 -3.39 15.62 64.60
N GLU B 543 -4.00 14.93 63.67
CA GLU B 543 -4.04 15.30 62.29
C GLU B 543 -5.46 15.65 62.51
N LEU B 544 -6.31 15.32 61.59
CA LEU B 544 -7.63 15.96 61.58
C LEU B 544 -8.37 14.88 60.69
N ASN B 545 -9.60 14.59 61.13
CA ASN B 545 -10.69 13.75 60.52
C ASN B 545 -12.06 14.34 60.13
N LEU B 546 -12.39 14.63 58.85
CA LEU B 546 -13.74 15.25 58.70
C LEU B 546 -14.81 14.57 57.84
N ASP B 547 -15.93 14.21 58.49
CA ASP B 547 -16.95 13.55 57.73
C ASP B 547 -17.75 14.71 57.20
N VAL B 548 -18.23 14.66 55.95
CA VAL B 548 -19.04 15.77 55.43
C VAL B 548 -20.30 15.28 54.75
N SER B 549 -21.41 15.21 55.46
CA SER B 549 -22.60 14.64 54.89
C SER B 549 -23.40 15.82 54.33
N LEU B 550 -23.75 15.76 53.05
CA LEU B 550 -24.55 16.84 52.43
C LEU B 550 -25.92 16.41 51.93
N GLN B 551 -26.96 17.14 52.31
CA GLN B 551 -28.33 16.84 51.91
C GLN B 551 -28.96 17.92 51.04
N LEU B 552 -29.28 17.58 49.81
CA LEU B 552 -30.00 18.44 48.81
C LEU B 552 -31.40 17.84 48.45
N PRO B 553 -32.51 18.46 48.89
CA PRO B 553 -33.88 18.05 48.52
C PRO B 553 -34.10 17.56 47.07
N SER B 554 -33.11 17.65 46.18
CA SER B 554 -33.29 17.11 44.83
C SER B 554 -33.09 15.59 44.72
N ARG B 555 -31.91 15.10 45.14
CA ARG B 555 -31.58 13.64 45.10
C ARG B 555 -32.18 13.08 46.37
N SER B 556 -32.48 11.79 46.33
CA SER B 556 -32.99 11.02 47.47
C SER B 556 -31.86 10.44 48.33
N SER B 557 -30.77 10.10 47.64
CA SER B 557 -29.52 9.54 48.18
C SER B 557 -28.78 10.56 49.03
N LYS B 558 -28.01 10.12 50.03
CA LYS B 558 -27.23 11.02 50.91
C LYS B 558 -25.75 10.87 50.52
N ILE B 559 -25.04 11.99 50.45
CA ILE B 559 -23.64 12.02 50.00
C ILE B 559 -22.68 12.28 51.15
N THR B 560 -21.81 11.31 51.44
CA THR B 560 -20.86 11.54 52.51
C THR B 560 -19.46 11.63 51.92
N HIS B 561 -18.73 12.65 52.38
CA HIS B 561 -17.36 12.94 52.01
C HIS B 561 -16.32 12.88 53.15
N ARG B 562 -15.58 11.77 53.25
CA ARG B 562 -14.52 11.67 54.25
C ARG B 562 -13.17 12.27 53.89
N ILE B 563 -12.85 13.40 54.52
CA ILE B 563 -11.58 14.05 54.25
C ILE B 563 -10.64 13.93 55.41
N HIS B 564 -10.00 12.74 55.49
CA HIS B 564 -8.84 12.37 56.33
C HIS B 564 -7.52 12.93 55.70
N TRP B 565 -6.56 13.00 56.56
CA TRP B 565 -5.29 13.54 56.28
C TRP B 565 -4.36 12.49 55.83
N GLU B 566 -3.29 12.86 55.10
CA GLU B 566 -2.40 11.84 54.56
C GLU B 566 -3.05 11.28 53.31
N SER B 567 -3.94 12.06 52.70
CA SER B 567 -4.54 11.66 51.43
C SER B 567 -4.32 12.73 50.36
N ALA B 568 -3.67 12.34 49.27
CA ALA B 568 -3.30 13.26 48.20
C ALA B 568 -4.50 13.75 47.41
N SER B 569 -5.29 14.63 48.04
CA SER B 569 -6.46 15.21 47.41
C SER B 569 -6.84 16.41 48.23
N LEU B 570 -7.52 16.14 49.34
CA LEU B 570 -8.00 17.17 50.25
C LEU B 570 -9.00 18.08 49.54
N LEU B 571 -9.58 17.53 48.47
CA LEU B 571 -10.59 18.22 47.65
C LEU B 571 -11.73 17.29 47.22
N ARG B 572 -12.96 17.77 47.40
CA ARG B 572 -14.17 17.07 46.97
C ARG B 572 -15.14 18.08 46.40
N SER B 573 -15.62 17.80 45.19
CA SER B 573 -16.57 18.68 44.55
C SER B 573 -17.71 17.94 43.87
N GLU B 574 -18.90 18.50 44.00
CA GLU B 574 -20.11 17.85 43.53
C GLU B 574 -20.88 18.91 42.77
N GLU B 575 -21.69 18.50 41.81
CA GLU B 575 -22.48 19.47 41.08
C GLU B 575 -23.92 19.07 40.74
N THR B 576 -24.80 20.07 40.81
CA THR B 576 -26.24 19.90 40.61
C THR B 576 -26.73 20.83 39.51
N LYS B 577 -27.51 20.30 38.56
CA LYS B 577 -28.06 21.15 37.51
C LYS B 577 -29.27 21.99 37.94
N GLU B 578 -29.66 21.88 39.20
CA GLU B 578 -30.83 22.59 39.70
C GLU B 578 -30.51 23.37 40.97
N ASN B 579 -30.89 24.65 40.98
CA ASN B 579 -30.64 25.48 42.14
C ASN B 579 -31.46 25.15 43.40
N GLU B 580 -30.88 24.30 44.26
CA GLU B 580 -31.61 23.87 45.46
C GLU B 580 -31.17 24.47 46.80
N GLY B 581 -32.04 24.33 47.79
CA GLY B 581 -31.65 24.64 49.16
C GLY B 581 -31.21 23.35 49.79
N PHE B 582 -29.92 23.29 50.11
CA PHE B 582 -29.35 22.06 50.66
C PHE B 582 -28.60 22.36 51.96
N THR B 583 -28.70 21.43 52.91
CA THR B 583 -28.10 21.59 54.22
C THR B 583 -27.01 20.53 54.36
N VAL B 584 -25.89 20.96 54.92
CA VAL B 584 -24.70 20.13 55.13
C VAL B 584 -24.16 19.99 56.54
N THR B 585 -24.32 18.79 57.08
CA THR B 585 -23.80 18.45 58.39
C THR B 585 -22.36 17.99 58.25
N ALA B 586 -21.45 18.42 59.11
CA ALA B 586 -20.06 18.02 58.96
C ALA B 586 -19.76 17.26 60.23
N GLU B 587 -18.57 16.66 60.37
CA GLU B 587 -18.23 15.97 61.63
C GLU B 587 -16.77 15.55 61.83
N GLY B 588 -16.28 15.70 63.06
CA GLY B 588 -14.92 15.33 63.39
C GLY B 588 -14.01 16.44 63.87
N LYS B 589 -12.71 16.19 63.82
CA LYS B 589 -11.75 17.22 64.18
C LYS B 589 -11.20 17.79 62.88
N GLY B 590 -10.76 19.05 62.91
CA GLY B 590 -10.20 19.68 61.74
C GLY B 590 -10.95 20.90 61.24
N GLN B 591 -10.20 21.85 60.66
CA GLN B 591 -10.81 23.07 60.18
C GLN B 591 -10.98 23.15 58.67
N GLY B 592 -12.19 23.06 58.17
CA GLY B 592 -12.36 23.11 56.72
C GLY B 592 -13.11 24.35 56.23
N THR B 593 -13.49 24.34 54.96
CA THR B 593 -14.26 25.39 54.31
C THR B 593 -15.16 24.77 53.21
N LEU B 594 -16.31 25.40 53.01
CA LEU B 594 -17.31 24.98 52.05
C LEU B 594 -17.83 26.16 51.24
N SER B 595 -17.38 26.25 49.98
CA SER B 595 -17.81 27.36 49.09
C SER B 595 -18.66 26.79 47.92
N VAL B 596 -19.87 27.34 47.80
CA VAL B 596 -20.91 27.01 46.80
C VAL B 596 -21.16 28.06 45.69
N VAL B 597 -20.90 27.68 44.43
CA VAL B 597 -21.03 28.60 43.29
C VAL B 597 -22.04 28.22 42.16
N THR B 598 -23.04 29.08 41.96
CA THR B 598 -23.99 28.84 40.87
C THR B 598 -23.64 29.64 39.63
N MET B 599 -24.01 29.14 38.46
CA MET B 599 -23.68 29.90 37.27
C MET B 599 -24.80 30.03 36.23
N TYR B 600 -24.96 31.23 35.66
CA TYR B 600 -26.04 31.50 34.70
C TYR B 600 -25.78 32.77 33.92
N HIS B 601 -26.72 33.04 33.01
CA HIS B 601 -26.73 34.25 32.23
C HIS B 601 -27.90 35.20 32.69
N ALA B 602 -27.53 36.39 33.15
CA ALA B 602 -28.46 37.44 33.64
C ALA B 602 -28.90 38.35 32.51
N LYS B 603 -29.91 39.19 32.79
CA LYS B 603 -30.41 40.08 31.74
C LYS B 603 -29.30 41.11 31.50
N ALA B 604 -29.12 41.41 30.22
CA ALA B 604 -28.13 42.35 29.71
C ALA B 604 -28.66 43.01 28.44
N LYS B 605 -28.12 44.17 28.08
CA LYS B 605 -28.58 44.83 26.87
C LYS B 605 -27.49 44.75 25.79
N ASP B 606 -26.23 44.93 26.19
CA ASP B 606 -25.10 44.53 25.36
C ASP B 606 -24.77 45.42 24.17
N GLN B 607 -24.84 44.80 23.00
CA GLN B 607 -24.85 45.47 21.71
C GLN B 607 -23.59 46.31 21.63
N LEU B 608 -22.54 45.74 22.20
CA LEU B 608 -21.17 46.22 22.03
C LEU B 608 -20.80 46.31 20.58
N THR B 609 -21.18 45.27 19.86
CA THR B 609 -20.89 45.19 18.45
C THR B 609 -21.79 46.17 17.75
N CYS B 610 -21.28 46.76 16.68
CA CYS B 610 -19.84 46.88 16.41
C CYS B 610 -18.93 47.31 17.55
N ASN B 611 -18.12 46.40 18.07
CA ASN B 611 -17.18 46.79 19.11
C ASN B 611 -16.00 47.60 18.60
N LYS B 612 -15.46 47.22 17.45
CA LYS B 612 -14.25 47.86 16.93
C LYS B 612 -14.43 48.72 15.68
N PHE B 613 -15.54 48.54 14.97
CA PHE B 613 -15.76 49.24 13.70
C PHE B 613 -17.10 49.91 13.50
N ASP B 614 -17.14 51.13 13.01
CA ASP B 614 -18.41 51.64 12.57
C ASP B 614 -18.60 51.41 11.07
N LEU B 615 -19.87 51.22 10.72
CA LEU B 615 -20.32 50.96 9.36
C LEU B 615 -21.72 51.45 9.04
N LYS B 616 -21.75 52.22 7.96
CA LYS B 616 -22.98 52.66 7.38
C LYS B 616 -22.99 52.30 5.90
N VAL B 617 -24.01 51.57 5.45
CA VAL B 617 -24.05 51.24 4.03
C VAL B 617 -25.36 51.74 3.46
N THR B 618 -25.26 52.57 2.44
CA THR B 618 -26.48 53.16 1.89
C THR B 618 -26.43 52.74 0.41
N ILE B 619 -27.63 52.42 -0.10
CA ILE B 619 -27.91 52.01 -1.47
C ILE B 619 -29.00 52.91 -2.13
N LYS B 620 -28.54 53.75 -3.06
CA LYS B 620 -29.43 54.73 -3.72
C LYS B 620 -29.55 54.52 -5.23
N PRO B 621 -30.65 54.97 -5.85
CA PRO B 621 -30.69 54.80 -7.31
C PRO B 621 -29.77 55.71 -8.13
N ALA B 622 -29.39 55.17 -9.30
CA ALA B 622 -28.50 55.78 -10.28
C ALA B 622 -29.19 56.84 -11.13
N PRO B 623 -28.41 57.82 -11.63
CA PRO B 623 -28.96 58.89 -12.45
C PRO B 623 -29.40 58.41 -13.84
N ASN B 634 -31.78 50.55 -14.25
CA ASN B 634 -30.61 49.89 -14.82
C ASN B 634 -29.55 49.55 -13.78
N THR B 635 -29.22 50.53 -12.95
CA THR B 635 -28.18 50.37 -11.95
C THR B 635 -28.40 51.18 -10.67
N MET B 636 -27.70 50.82 -9.61
CA MET B 636 -27.84 51.55 -8.36
C MET B 636 -26.45 51.83 -7.82
N ILE B 637 -26.35 52.73 -6.86
CA ILE B 637 -25.10 53.08 -6.22
C ILE B 637 -24.90 52.52 -4.80
N LEU B 638 -23.79 51.80 -4.63
CA LEU B 638 -23.42 51.28 -3.32
C LEU B 638 -22.26 51.98 -2.61
N GLU B 639 -22.60 52.86 -1.66
CA GLU B 639 -21.58 53.59 -0.88
C GLU B 639 -21.42 52.90 0.48
N ILE B 640 -20.15 52.67 0.83
CA ILE B 640 -19.75 52.04 2.07
C ILE B 640 -18.97 53.07 2.89
N CYS B 641 -19.31 53.15 4.17
CA CYS B 641 -18.68 54.11 5.09
C CYS B 641 -18.28 53.45 6.39
N THR B 642 -16.99 53.52 6.70
CA THR B 642 -16.45 52.81 7.86
C THR B 642 -15.51 53.64 8.73
N ARG B 643 -15.26 53.17 9.95
CA ARG B 643 -14.43 53.91 10.92
C ARG B 643 -13.95 53.06 12.08
N TYR B 644 -12.71 53.26 12.54
CA TYR B 644 -12.21 52.48 13.66
C TYR B 644 -12.44 53.09 15.05
N ARG B 645 -12.78 52.21 15.98
CA ARG B 645 -13.14 52.53 17.37
C ARG B 645 -12.00 52.36 18.39
N GLY B 646 -10.76 52.59 17.95
CA GLY B 646 -9.60 52.50 18.85
C GLY B 646 -9.00 53.83 19.27
N ASP B 647 -7.71 53.87 19.59
CA ASP B 647 -7.04 55.14 19.92
C ASP B 647 -6.08 55.42 18.77
N GLN B 648 -5.80 54.35 18.04
CA GLN B 648 -4.95 54.36 16.85
C GLN B 648 -5.76 54.02 15.61
N ASP B 649 -5.19 54.35 14.46
CA ASP B 649 -5.73 53.99 13.15
C ASP B 649 -5.47 52.51 12.87
N ALA B 650 -6.54 51.76 12.61
CA ALA B 650 -6.44 50.33 12.35
C ALA B 650 -5.54 50.03 11.16
N THR B 651 -4.96 48.83 11.18
CA THR B 651 -4.08 48.39 10.11
C THR B 651 -4.84 47.85 8.91
N MET B 652 -4.27 46.81 8.29
CA MET B 652 -4.86 46.22 7.10
C MET B 652 -6.21 45.57 7.37
N SER B 653 -7.27 46.12 6.80
CA SER B 653 -8.60 45.58 7.02
C SER B 653 -9.18 45.02 5.74
N ILE B 654 -10.21 44.21 5.91
CA ILE B 654 -10.91 43.57 4.81
C ILE B 654 -12.33 44.10 4.72
N LEU B 655 -12.77 44.30 3.48
CA LEU B 655 -14.15 44.63 3.12
C LEU B 655 -14.81 43.52 2.33
N ASP B 656 -15.60 42.70 3.01
CA ASP B 656 -16.24 41.55 2.41
C ASP B 656 -17.64 41.89 1.95
N ILE B 657 -17.85 41.81 0.65
CA ILE B 657 -19.11 42.26 0.11
C ILE B 657 -19.81 41.08 -0.55
N SER B 658 -21.11 40.97 -0.34
CA SER B 658 -21.90 40.10 -1.16
C SER B 658 -22.94 40.97 -1.83
N MET B 659 -23.38 40.52 -3.01
CA MET B 659 -24.29 41.30 -3.82
C MET B 659 -25.72 40.85 -3.59
N MET B 660 -26.63 41.72 -3.96
CA MET B 660 -28.04 41.40 -4.01
C MET B 660 -28.23 40.50 -5.25
N THR B 661 -29.17 39.56 -5.19
CA THR B 661 -29.38 38.56 -6.25
C THR B 661 -29.62 39.09 -7.67
N GLY B 662 -28.75 38.72 -8.62
CA GLY B 662 -28.91 39.12 -10.01
C GLY B 662 -28.21 40.42 -10.33
N PHE B 663 -27.36 40.88 -9.42
CA PHE B 663 -26.59 42.07 -9.56
C PHE B 663 -25.04 41.83 -9.62
N ALA B 664 -24.34 42.61 -10.44
CA ALA B 664 -22.89 42.55 -10.55
C ALA B 664 -22.25 43.94 -10.41
N PRO B 665 -21.15 44.10 -9.63
CA PRO B 665 -20.47 45.42 -9.52
C PRO B 665 -19.94 45.95 -10.86
N ASP B 666 -19.68 47.25 -10.99
CA ASP B 666 -19.07 47.78 -12.25
C ASP B 666 -17.55 47.65 -12.27
N THR B 667 -17.10 46.96 -13.29
CA THR B 667 -15.69 46.73 -13.54
C THR B 667 -14.89 48.03 -13.54
N ASP B 668 -15.24 49.02 -14.36
CA ASP B 668 -14.50 50.28 -14.44
C ASP B 668 -14.36 51.05 -13.13
N ASP B 669 -15.38 50.91 -12.28
CA ASP B 669 -15.33 51.55 -10.98
C ASP B 669 -14.44 50.76 -10.05
N LEU B 670 -14.27 49.49 -10.37
CA LEU B 670 -13.42 48.67 -9.54
C LEU B 670 -12.01 48.99 -9.94
N LYS B 671 -11.72 48.97 -11.23
CA LYS B 671 -10.42 49.40 -11.72
C LYS B 671 -10.03 50.74 -11.09
N GLN B 672 -11.01 51.66 -10.96
CA GLN B 672 -10.73 52.99 -10.41
C GLN B 672 -10.40 52.91 -8.91
N LEU B 673 -10.93 51.92 -8.20
CA LEU B 673 -10.62 51.78 -6.75
C LEU B 673 -9.30 51.04 -6.56
N ALA B 674 -9.04 50.11 -7.47
CA ALA B 674 -7.89 49.21 -7.50
C ALA B 674 -6.57 49.91 -7.51
N ASN B 675 -6.53 51.02 -8.23
CA ASN B 675 -5.31 51.79 -8.36
C ASN B 675 -4.97 52.53 -7.08
N GLY B 676 -3.90 52.07 -6.44
CA GLY B 676 -3.30 52.70 -5.27
C GLY B 676 -4.25 53.15 -4.18
N VAL B 677 -4.11 54.43 -3.82
CA VAL B 677 -4.86 55.12 -2.77
C VAL B 677 -5.13 54.28 -1.50
N ASP B 678 -4.18 53.43 -1.09
CA ASP B 678 -4.38 52.62 0.14
C ASP B 678 -5.40 51.51 -0.10
N ARG B 679 -5.89 51.38 -1.31
CA ARG B 679 -6.87 50.35 -1.60
C ARG B 679 -6.35 49.37 -2.64
N TYR B 680 -6.79 48.12 -2.48
CA TYR B 680 -6.37 47.01 -3.33
C TYR B 680 -7.44 46.00 -3.68
N ILE B 681 -7.35 45.48 -4.90
CA ILE B 681 -8.18 44.38 -5.35
C ILE B 681 -7.40 43.45 -6.28
N SER B 682 -7.38 42.18 -5.88
CA SER B 682 -6.63 41.16 -6.58
C SER B 682 -7.11 41.13 -8.03
N LYS B 683 -6.18 40.83 -8.92
CA LYS B 683 -6.45 40.64 -10.34
C LYS B 683 -7.64 39.70 -10.46
N TYR B 684 -7.71 38.69 -9.60
CA TYR B 684 -8.84 37.76 -9.56
C TYR B 684 -10.24 38.41 -9.62
N GLU B 685 -10.55 39.28 -8.66
CA GLU B 685 -11.90 39.83 -8.59
C GLU B 685 -12.06 40.72 -9.80
N LEU B 686 -10.91 41.20 -10.26
CA LEU B 686 -10.83 42.02 -11.45
C LEU B 686 -11.35 41.19 -12.65
N ASP B 687 -10.73 40.06 -13.00
CA ASP B 687 -11.20 39.46 -14.26
C ASP B 687 -12.38 38.57 -14.16
N LYS B 688 -13.27 38.84 -13.25
CA LYS B 688 -14.46 38.07 -13.29
C LYS B 688 -15.39 38.79 -14.24
N ALA B 689 -16.07 38.12 -15.17
CA ALA B 689 -17.04 38.85 -15.98
C ALA B 689 -18.22 39.35 -15.14
N PHE B 690 -19.11 40.12 -15.76
CA PHE B 690 -20.28 40.64 -15.08
C PHE B 690 -21.15 39.51 -14.56
N SER B 691 -21.11 38.39 -15.25
CA SER B 691 -21.84 37.23 -14.79
C SER B 691 -21.22 36.70 -13.50
N ASP B 692 -22.08 36.11 -12.67
CA ASP B 692 -21.64 35.21 -11.66
C ASP B 692 -20.72 35.85 -10.58
N ARG B 693 -20.68 37.17 -10.55
CA ARG B 693 -19.97 37.96 -9.49
C ARG B 693 -20.78 38.55 -8.35
N ASN B 694 -21.32 37.64 -7.58
CA ASN B 694 -22.06 37.95 -6.37
C ASN B 694 -21.21 38.22 -5.12
N THR B 695 -19.91 37.88 -5.18
CA THR B 695 -19.01 38.22 -4.06
C THR B 695 -17.76 39.01 -4.42
N LEU B 696 -17.33 39.84 -3.48
CA LEU B 696 -16.22 40.76 -3.73
C LEU B 696 -15.44 41.15 -2.48
N ILE B 697 -14.12 41.23 -2.58
CA ILE B 697 -13.31 41.63 -1.44
C ILE B 697 -12.46 42.86 -1.76
N ILE B 698 -12.69 43.95 -1.02
CA ILE B 698 -11.88 45.16 -1.15
C ILE B 698 -10.91 45.31 0.02
N TYR B 699 -9.61 45.13 -0.25
CA TYR B 699 -8.60 45.24 0.80
C TYR B 699 -8.24 46.70 1.12
N LEU B 700 -8.11 47.01 2.40
CA LEU B 700 -7.81 48.37 2.85
C LEU B 700 -6.48 48.43 3.60
N ASP B 701 -5.52 49.19 3.06
CA ASP B 701 -4.24 49.36 3.72
C ASP B 701 -4.37 49.93 5.14
N LYS B 702 -5.51 50.59 5.41
CA LYS B 702 -5.78 51.17 6.73
C LYS B 702 -7.18 51.76 6.80
N VAL B 703 -7.64 52.01 8.02
CA VAL B 703 -8.83 52.81 8.25
C VAL B 703 -8.64 53.86 9.34
N SER B 704 -9.28 55.02 9.20
CA SER B 704 -9.08 56.08 10.15
C SER B 704 -9.99 55.84 11.34
N HIS B 705 -9.66 56.49 12.44
CA HIS B 705 -10.34 56.37 13.71
C HIS B 705 -10.94 57.71 14.11
N SER B 706 -10.53 58.72 13.35
CA SER B 706 -10.96 60.09 13.53
C SER B 706 -12.22 60.36 12.71
N GLU B 707 -12.16 60.07 11.41
CA GLU B 707 -13.32 60.24 10.56
C GLU B 707 -13.66 59.01 9.72
N ASP B 708 -14.79 59.08 9.03
CA ASP B 708 -15.29 57.96 8.24
C ASP B 708 -14.45 57.82 6.97
N ASP B 709 -14.14 56.59 6.59
CA ASP B 709 -13.52 56.31 5.31
C ASP B 709 -14.57 55.84 4.32
N CYS B 710 -14.90 56.67 3.34
CA CYS B 710 -16.00 56.29 2.48
C CYS B 710 -15.56 55.96 1.05
N LEU B 711 -16.11 54.88 0.51
CA LEU B 711 -15.95 54.55 -0.91
C LEU B 711 -17.33 54.31 -1.51
N ALA B 712 -17.40 54.10 -2.82
CA ALA B 712 -18.69 53.92 -3.49
C ALA B 712 -18.54 53.44 -4.93
N PHE B 713 -19.35 52.46 -5.34
CA PHE B 713 -19.29 51.97 -6.71
C PHE B 713 -20.65 51.59 -7.27
N LYS B 714 -20.76 51.60 -8.61
CA LYS B 714 -22.02 51.30 -9.30
C LYS B 714 -22.27 49.81 -9.46
N VAL B 715 -23.50 49.41 -9.19
CA VAL B 715 -23.91 48.04 -9.35
C VAL B 715 -25.03 47.86 -10.42
N HIS B 716 -24.88 46.87 -11.30
CA HIS B 716 -25.82 46.63 -12.42
C HIS B 716 -26.62 45.33 -12.32
N GLN B 717 -27.91 45.36 -12.69
CA GLN B 717 -28.70 44.12 -12.68
C GLN B 717 -28.63 43.34 -13.99
N TYR B 718 -28.01 42.17 -13.92
CA TYR B 718 -27.87 41.29 -15.09
C TYR B 718 -28.95 40.22 -15.17
N PHE B 719 -29.48 39.83 -14.01
CA PHE B 719 -30.48 38.77 -13.91
C PHE B 719 -31.71 39.08 -13.04
N ASN B 720 -32.84 39.32 -13.70
CA ASN B 720 -34.10 39.72 -13.05
C ASN B 720 -34.91 38.61 -12.41
N VAL B 721 -35.21 38.85 -11.14
CA VAL B 721 -35.95 37.94 -10.26
C VAL B 721 -36.86 38.75 -9.33
N GLU B 722 -37.97 38.11 -9.00
CA GLU B 722 -39.04 38.59 -8.16
C GLU B 722 -38.75 38.65 -6.63
N LEU B 723 -38.02 37.70 -6.05
CA LEU B 723 -37.75 37.71 -4.59
C LEU B 723 -36.26 37.93 -4.42
N ILE B 724 -35.84 39.17 -4.24
CA ILE B 724 -34.40 39.35 -4.17
C ILE B 724 -33.89 39.44 -2.73
N GLN B 725 -32.72 38.83 -2.55
CA GLN B 725 -31.99 38.72 -1.29
C GLN B 725 -31.08 39.89 -0.93
N PRO B 726 -31.31 40.56 0.22
CA PRO B 726 -30.49 41.70 0.62
C PRO B 726 -28.99 41.41 0.52
N GLY B 727 -28.24 42.37 -0.01
CA GLY B 727 -26.79 42.27 -0.05
C GLY B 727 -26.16 42.47 1.32
N ALA B 728 -24.88 42.13 1.46
CA ALA B 728 -24.27 42.34 2.80
C ALA B 728 -22.80 42.73 2.77
N VAL B 729 -22.45 43.74 3.56
CA VAL B 729 -21.07 44.18 3.69
C VAL B 729 -20.54 43.93 5.11
N LYS B 730 -19.29 43.49 5.19
CA LYS B 730 -18.61 43.19 6.45
C LYS B 730 -17.19 43.73 6.49
N VAL B 731 -16.87 44.52 7.51
CA VAL B 731 -15.51 45.02 7.68
C VAL B 731 -14.83 44.24 8.79
N TYR B 732 -13.49 44.30 8.83
CA TYR B 732 -12.71 43.68 9.93
C TYR B 732 -11.23 43.71 9.65
N ALA B 733 -10.44 43.99 10.69
CA ALA B 733 -9.01 43.96 10.58
C ALA B 733 -8.49 42.53 10.46
N TYR B 734 -7.37 42.38 9.74
CA TYR B 734 -6.80 41.09 9.34
C TYR B 734 -6.48 40.16 10.52
N TYR B 735 -6.11 40.75 11.66
CA TYR B 735 -5.65 39.98 12.80
C TYR B 735 -6.85 39.42 13.56
N ASN B 736 -8.01 40.04 13.34
CA ASN B 736 -9.20 39.67 14.11
C ASN B 736 -10.48 39.46 13.33
N LEU B 737 -10.99 38.25 13.38
CA LEU B 737 -12.22 37.95 12.68
C LEU B 737 -13.45 38.31 13.48
N GLU B 738 -13.38 37.97 14.76
CA GLU B 738 -14.49 38.17 15.68
C GLU B 738 -14.93 39.63 15.79
N GLU B 739 -13.96 40.53 15.92
CA GLU B 739 -14.28 41.95 16.03
C GLU B 739 -14.62 42.56 14.69
N SER B 740 -15.75 42.11 14.15
CA SER B 740 -16.25 42.53 12.86
C SER B 740 -17.62 43.15 12.96
N CYS B 741 -18.01 43.77 11.83
CA CYS B 741 -19.31 44.40 11.59
C CYS B 741 -19.85 44.08 10.26
N THR B 742 -21.12 43.72 10.30
CA THR B 742 -21.79 43.33 9.12
C THR B 742 -23.13 44.06 9.05
N ARG B 743 -23.24 44.91 8.04
CA ARG B 743 -24.46 45.60 7.74
C ARG B 743 -25.04 45.02 6.46
N PHE B 744 -26.33 45.21 6.23
CA PHE B 744 -26.95 44.66 5.03
C PHE B 744 -27.45 45.84 4.25
N TYR B 745 -27.69 45.63 2.97
CA TYR B 745 -28.21 46.69 2.12
C TYR B 745 -29.21 46.29 1.05
N HIS B 746 -30.33 46.99 1.01
CA HIS B 746 -31.38 46.76 0.02
C HIS B 746 -32.01 48.13 -0.33
N PRO B 747 -32.25 48.47 -1.62
CA PRO B 747 -32.84 49.80 -1.90
C PRO B 747 -34.08 50.26 -1.11
N GLU B 748 -35.08 49.37 -1.00
CA GLU B 748 -36.39 49.67 -0.37
C GLU B 748 -36.41 49.08 1.01
N LYS B 749 -36.36 47.77 1.15
CA LYS B 749 -36.42 47.13 2.43
C LYS B 749 -35.77 48.00 3.48
N GLU B 750 -36.61 48.33 4.43
CA GLU B 750 -36.25 49.22 5.49
C GLU B 750 -35.60 48.51 6.64
N ASP B 751 -34.44 49.05 6.99
CA ASP B 751 -33.51 48.56 8.00
C ASP B 751 -32.63 47.40 7.56
N GLY B 752 -33.00 46.72 6.47
CA GLY B 752 -32.14 45.67 5.97
C GLY B 752 -32.48 44.45 6.82
N LYS B 753 -33.71 44.44 7.32
CA LYS B 753 -34.31 43.39 8.20
C LYS B 753 -35.41 42.62 7.50
N LEU B 754 -35.32 41.30 7.42
CA LEU B 754 -36.40 40.59 6.72
C LEU B 754 -37.71 40.70 7.48
N ASN B 755 -38.82 40.70 6.74
CA ASN B 755 -40.11 40.96 7.38
C ASN B 755 -40.46 39.81 8.35
N LYS B 756 -40.82 40.22 9.55
CA LYS B 756 -41.10 39.31 10.65
C LYS B 756 -41.90 39.96 11.76
N LEU B 757 -42.97 39.37 12.28
CA LEU B 757 -43.55 40.10 13.37
C LEU B 757 -43.08 39.49 14.71
N CYS B 758 -42.51 40.31 15.62
CA CYS B 758 -41.99 39.78 16.90
C CYS B 758 -42.52 40.60 18.07
N ARG B 759 -42.73 39.92 19.18
CA ARG B 759 -43.05 40.50 20.48
C ARG B 759 -42.20 39.82 21.56
N ASP B 760 -41.36 40.65 22.19
CA ASP B 760 -40.36 40.22 23.19
C ASP B 760 -39.31 39.40 22.54
N GLU B 761 -39.45 38.10 22.61
CA GLU B 761 -38.46 37.30 21.98
C GLU B 761 -39.14 36.28 21.09
N LEU B 762 -40.47 36.35 20.99
CA LEU B 762 -41.08 35.44 20.04
C LEU B 762 -41.39 36.26 18.79
N CYS B 763 -40.95 35.76 17.65
CA CYS B 763 -41.15 36.38 16.34
C CYS B 763 -41.47 35.27 15.32
N ARG B 764 -42.21 35.65 14.29
CA ARG B 764 -42.57 34.77 13.18
C ARG B 764 -42.40 35.41 11.81
N CYS B 765 -41.82 34.63 10.91
CA CYS B 765 -41.51 35.14 9.58
C CYS B 765 -42.78 35.42 8.79
N ALA B 766 -42.71 36.49 8.00
CA ALA B 766 -43.84 36.97 7.22
C ALA B 766 -43.59 37.13 5.73
N GLU B 767 -42.49 36.59 5.19
CA GLU B 767 -42.19 36.69 3.73
C GLU B 767 -42.94 35.65 2.98
N GLU B 768 -44.12 36.09 2.63
CA GLU B 768 -45.04 35.27 1.94
C GLU B 768 -46.09 36.14 1.30
N ASN B 769 -47.10 35.51 0.77
CA ASN B 769 -48.21 36.19 0.20
C ASN B 769 -48.87 36.98 1.38
N CYS B 770 -49.32 38.19 1.12
CA CYS B 770 -49.90 38.91 2.24
C CYS B 770 -51.21 38.24 2.70
N PHE B 771 -51.99 37.68 1.78
CA PHE B 771 -53.15 36.88 2.21
C PHE B 771 -53.39 35.87 1.14
N ILE B 772 -54.45 35.09 1.32
CA ILE B 772 -54.79 34.04 0.38
C ILE B 772 -54.99 34.76 -0.96
N GLN B 773 -54.01 34.74 -1.84
CA GLN B 773 -54.09 35.39 -3.16
C GLN B 773 -55.24 34.84 -3.99
N LYS B 774 -56.19 35.71 -4.36
CA LYS B 774 -57.31 35.28 -5.20
C LYS B 774 -58.26 36.38 -5.67
N SER B 775 -58.99 36.05 -6.71
CA SER B 775 -60.02 36.92 -7.27
C SER B 775 -61.42 36.36 -6.95
N ASP B 776 -62.32 37.23 -6.48
CA ASP B 776 -63.69 36.84 -6.07
C ASP B 776 -64.52 36.01 -7.08
N ASP B 777 -64.08 35.94 -8.33
CA ASP B 777 -64.82 35.19 -9.35
C ASP B 777 -64.75 33.64 -9.30
N LYS B 778 -63.57 33.02 -9.17
CA LYS B 778 -63.52 31.55 -9.13
C LYS B 778 -63.83 30.93 -7.74
N VAL B 779 -63.85 31.80 -6.74
CA VAL B 779 -64.13 31.49 -5.34
C VAL B 779 -65.62 31.28 -5.17
N THR B 780 -66.05 30.02 -5.22
CA THR B 780 -67.46 29.79 -5.14
C THR B 780 -67.91 29.49 -3.72
N LEU B 781 -69.18 29.15 -3.59
CA LEU B 781 -69.76 28.86 -2.30
C LEU B 781 -69.19 27.58 -1.71
N GLU B 782 -69.03 26.55 -2.53
CA GLU B 782 -68.50 25.30 -2.02
C GLU B 782 -67.06 25.36 -1.55
N GLU B 783 -66.28 26.19 -2.24
CA GLU B 783 -64.87 26.41 -1.93
C GLU B 783 -64.76 27.26 -0.66
N ARG B 784 -65.90 27.78 -0.23
CA ARG B 784 -65.94 28.60 0.97
C ARG B 784 -66.41 27.79 2.14
N LEU B 785 -67.36 26.89 1.91
CA LEU B 785 -67.79 26.03 2.99
C LEU B 785 -66.73 24.98 3.34
N ASP B 786 -65.96 24.52 2.34
CA ASP B 786 -64.90 23.52 2.55
C ASP B 786 -63.67 24.24 3.16
N LYS B 787 -63.32 25.45 2.73
CA LYS B 787 -62.12 26.07 3.33
C LYS B 787 -62.30 26.74 4.66
N ALA B 788 -63.55 27.03 5.00
CA ALA B 788 -63.83 27.69 6.24
C ALA B 788 -64.27 26.69 7.32
N CYS B 789 -64.19 25.39 7.03
CA CYS B 789 -64.57 24.37 8.03
C CYS B 789 -63.54 23.30 8.35
N GLU B 790 -62.41 23.30 7.65
CA GLU B 790 -61.31 22.41 8.01
C GLU B 790 -60.89 22.81 9.42
N PRO B 791 -60.11 21.95 10.12
CA PRO B 791 -59.85 22.28 11.52
C PRO B 791 -59.03 23.54 11.71
N GLY B 792 -57.91 23.70 10.98
CA GLY B 792 -56.99 24.79 11.23
C GLY B 792 -57.72 26.10 11.41
N VAL B 793 -58.65 26.41 10.51
CA VAL B 793 -59.39 27.67 10.53
C VAL B 793 -59.89 27.82 11.97
N ASP B 794 -59.59 28.93 12.60
CA ASP B 794 -60.00 29.04 13.98
C ASP B 794 -61.16 30.05 13.98
N TYR B 795 -60.92 31.26 13.48
CA TYR B 795 -61.94 32.29 13.53
C TYR B 795 -62.48 32.65 12.13
N VAL B 796 -63.75 33.05 12.00
CA VAL B 796 -64.23 33.58 10.71
C VAL B 796 -65.28 34.62 11.08
N TYR B 797 -65.00 35.85 10.67
CA TYR B 797 -65.86 36.99 10.95
C TYR B 797 -66.29 37.78 9.73
N LYS B 798 -67.51 38.31 9.84
CA LYS B 798 -67.95 39.37 8.95
C LYS B 798 -67.73 40.70 9.61
N THR B 799 -66.67 41.36 9.15
CA THR B 799 -66.19 42.57 9.77
C THR B 799 -66.41 43.83 8.94
N ARG B 800 -66.27 44.99 9.58
CA ARG B 800 -66.30 46.27 8.87
C ARG B 800 -65.09 47.16 9.27
N LEU B 801 -64.40 47.83 8.34
CA LEU B 801 -63.23 48.67 8.72
C LEU B 801 -63.53 50.08 9.13
N VAL B 802 -63.42 50.32 10.43
CA VAL B 802 -63.69 51.61 11.02
C VAL B 802 -62.42 52.49 10.94
N LYS B 803 -61.26 51.97 11.35
CA LYS B 803 -60.05 52.79 11.36
C LYS B 803 -58.76 52.10 10.92
N VAL B 804 -57.96 52.83 10.12
CA VAL B 804 -56.66 52.38 9.64
C VAL B 804 -55.50 53.26 10.11
N GLN B 805 -54.56 52.64 10.81
CA GLN B 805 -53.40 53.31 11.38
C GLN B 805 -52.07 52.95 10.73
N LEU B 806 -51.50 54.00 10.14
CA LEU B 806 -50.25 53.93 9.41
C LEU B 806 -49.02 54.13 10.26
N SER B 807 -47.94 53.47 9.84
CA SER B 807 -46.66 53.58 10.49
C SER B 807 -45.55 53.40 9.46
N ASN B 808 -44.36 53.10 9.92
CA ASN B 808 -43.21 52.92 9.04
C ASN B 808 -42.91 51.50 8.70
N ASP B 809 -43.55 50.65 9.47
CA ASP B 809 -43.31 49.23 9.36
C ASP B 809 -44.60 48.47 9.43
N PHE B 810 -45.44 48.71 10.40
CA PHE B 810 -46.64 47.85 10.51
C PHE B 810 -47.95 48.61 10.68
N ASP B 811 -48.84 48.31 9.74
CA ASP B 811 -50.18 48.86 9.70
C ASP B 811 -51.15 48.18 10.67
N GLU B 812 -52.15 48.94 11.15
CA GLU B 812 -53.13 48.41 12.09
C GLU B 812 -54.54 48.71 11.63
N TYR B 813 -55.24 47.66 11.22
CA TYR B 813 -56.59 47.75 10.72
C TYR B 813 -57.55 47.35 11.81
N ILE B 814 -58.04 48.34 12.52
CA ILE B 814 -58.93 48.15 13.65
C ILE B 814 -60.32 47.65 13.22
N MET B 815 -60.46 46.32 13.07
CA MET B 815 -61.74 45.73 12.61
C MET B 815 -62.76 45.59 13.71
N ALA B 816 -63.92 46.16 13.46
CA ALA B 816 -65.10 46.03 14.31
C ALA B 816 -65.93 44.81 13.89
N ILE B 817 -66.04 43.81 14.76
CA ILE B 817 -66.75 42.61 14.40
C ILE B 817 -68.24 42.83 14.24
N GLU B 818 -68.79 42.53 13.06
CA GLU B 818 -70.22 42.72 12.81
C GLU B 818 -71.00 41.44 12.95
N GLN B 819 -70.28 40.32 12.89
CA GLN B 819 -70.86 39.03 13.18
C GLN B 819 -69.84 37.93 13.39
N THR B 820 -70.04 37.11 14.41
CA THR B 820 -69.11 36.02 14.64
C THR B 820 -69.63 34.76 13.97
N ILE B 821 -69.21 34.57 12.71
CA ILE B 821 -69.65 33.40 11.98
C ILE B 821 -69.14 32.15 12.69
N LYS B 822 -67.83 32.06 12.86
CA LYS B 822 -67.25 31.00 13.68
C LYS B 822 -66.29 31.61 14.69
N SER B 823 -66.20 30.95 15.84
CA SER B 823 -65.43 31.46 16.96
C SER B 823 -64.14 30.68 17.13
N GLY B 824 -63.04 31.42 17.20
CA GLY B 824 -61.75 30.82 17.40
C GLY B 824 -61.30 31.30 18.76
N SER B 825 -60.50 30.51 19.49
CA SER B 825 -60.21 30.69 20.92
C SER B 825 -60.41 32.10 21.50
N ASP B 826 -60.37 33.13 20.65
CA ASP B 826 -60.63 34.47 21.15
C ASP B 826 -62.15 34.57 21.18
N GLU B 827 -62.64 34.63 22.39
CA GLU B 827 -64.04 34.72 22.79
C GLU B 827 -64.59 36.09 22.56
N VAL B 828 -64.76 36.35 21.28
CA VAL B 828 -65.15 37.65 20.82
C VAL B 828 -66.65 37.78 20.49
N GLN B 829 -67.28 38.68 21.25
CA GLN B 829 -68.66 39.12 21.08
C GLN B 829 -68.87 40.12 19.96
N VAL B 830 -70.13 40.30 19.57
CA VAL B 830 -70.48 41.23 18.51
C VAL B 830 -70.48 42.68 18.99
N GLY B 831 -69.69 43.49 18.29
CA GLY B 831 -69.57 44.90 18.56
C GLY B 831 -68.18 45.38 18.91
N GLN B 832 -67.44 44.53 19.57
CA GLN B 832 -66.06 44.79 19.96
C GLN B 832 -65.08 44.85 18.79
N GLN B 833 -63.92 45.40 19.11
CA GLN B 833 -62.87 45.64 18.16
C GLN B 833 -61.67 44.70 18.25
N ARG B 834 -61.10 44.36 17.09
CA ARG B 834 -59.92 43.54 17.07
C ARG B 834 -58.95 44.14 16.05
N THR B 835 -57.73 44.40 16.50
CA THR B 835 -56.71 45.01 15.66
C THR B 835 -56.08 44.01 14.68
N PHE B 836 -56.17 44.24 13.37
CA PHE B 836 -55.44 43.36 12.42
C PHE B 836 -54.18 44.03 11.88
N ILE B 837 -53.02 43.41 12.09
CA ILE B 837 -51.73 43.96 11.69
C ILE B 837 -51.10 43.35 10.43
N SER B 838 -50.50 44.22 9.62
CA SER B 838 -49.84 43.75 8.39
C SER B 838 -48.56 44.49 7.98
N PRO B 839 -47.59 43.75 7.44
CA PRO B 839 -46.41 44.49 6.98
C PRO B 839 -46.76 45.54 5.92
N ILE B 840 -45.93 46.57 5.81
CA ILE B 840 -46.14 47.65 4.85
C ILE B 840 -46.15 47.14 3.41
N LYS B 841 -45.36 46.11 3.14
CA LYS B 841 -45.28 45.55 1.79
C LYS B 841 -46.60 44.93 1.37
N CYS B 842 -47.56 44.90 2.29
CA CYS B 842 -48.84 44.26 2.03
C CYS B 842 -49.94 45.30 1.97
N ARG B 843 -49.56 46.57 1.91
CA ARG B 843 -50.55 47.66 1.89
C ARG B 843 -51.14 47.84 0.55
N GLU B 844 -50.34 47.39 -0.38
CA GLU B 844 -50.63 47.49 -1.76
C GLU B 844 -51.37 46.25 -2.12
N ALA B 845 -51.04 45.11 -1.53
CA ALA B 845 -51.75 43.88 -1.87
C ALA B 845 -53.13 43.78 -1.20
N LEU B 846 -53.28 44.45 -0.06
CA LEU B 846 -54.54 44.50 0.69
C LEU B 846 -55.58 45.56 0.33
N LYS B 847 -55.16 46.75 -0.08
CA LYS B 847 -56.06 47.89 -0.33
C LYS B 847 -57.30 47.89 0.56
N LEU B 848 -57.10 47.78 1.87
CA LEU B 848 -58.24 47.81 2.76
C LEU B 848 -58.67 49.27 2.92
N GLU B 849 -59.97 49.51 2.82
CA GLU B 849 -60.47 50.88 2.91
C GLU B 849 -61.43 51.07 4.08
N GLU B 850 -61.43 52.26 4.66
CA GLU B 850 -62.28 52.54 5.81
C GLU B 850 -63.74 52.43 5.40
N LYS B 851 -64.58 52.10 6.36
CA LYS B 851 -66.02 52.00 6.16
C LYS B 851 -66.51 50.89 5.24
N LYS B 852 -65.63 49.94 4.91
CA LYS B 852 -66.04 48.81 4.09
C LYS B 852 -66.09 47.53 4.88
N HIS B 853 -66.72 46.52 4.30
CA HIS B 853 -66.91 45.28 4.99
C HIS B 853 -66.04 44.23 4.35
N TYR B 854 -65.65 43.24 5.15
CA TYR B 854 -64.78 42.19 4.68
C TYR B 854 -65.15 40.88 5.37
N LEU B 855 -65.00 39.80 4.64
CA LEU B 855 -65.12 38.46 5.16
C LEU B 855 -63.74 37.91 5.41
N MET B 856 -63.43 37.68 6.68
CA MET B 856 -62.09 37.26 7.04
C MET B 856 -62.06 35.95 7.82
N TRP B 857 -61.03 35.14 7.60
CA TRP B 857 -60.84 33.95 8.48
C TRP B 857 -59.39 33.49 8.56
N GLY B 858 -58.97 33.00 9.72
CA GLY B 858 -57.60 32.57 9.88
C GLY B 858 -57.38 31.49 10.92
N LEU B 859 -56.12 31.12 11.10
CA LEU B 859 -55.65 30.07 12.00
C LEU B 859 -55.51 30.61 13.42
N SER B 860 -55.05 29.75 14.32
CA SER B 860 -54.79 30.10 15.69
C SER B 860 -53.33 30.60 15.79
N SER B 861 -52.49 30.24 14.83
CA SER B 861 -51.11 30.73 14.82
C SER B 861 -50.99 32.21 14.45
N ASP B 862 -52.09 32.81 14.01
CA ASP B 862 -52.14 34.22 13.64
C ASP B 862 -52.63 35.02 14.80
N PHE B 863 -52.27 34.56 15.99
CA PHE B 863 -52.56 35.34 17.16
C PHE B 863 -51.35 36.04 17.68
N TRP B 864 -51.61 37.20 18.26
CA TRP B 864 -50.54 38.04 18.72
C TRP B 864 -50.88 38.57 20.09
N GLY B 865 -50.20 38.20 21.16
CA GLY B 865 -50.66 38.82 22.37
C GLY B 865 -51.31 37.91 23.37
N GLU B 866 -52.11 38.54 24.23
CA GLU B 866 -52.83 37.87 25.29
C GLU B 866 -54.31 38.17 25.09
N LYS B 867 -55.14 37.63 25.97
CA LYS B 867 -56.59 37.81 25.89
C LYS B 867 -57.20 39.21 26.11
N PRO B 868 -56.62 40.07 26.96
CA PRO B 868 -57.29 41.38 27.10
C PRO B 868 -56.85 42.39 26.04
N ASN B 869 -55.93 41.96 25.19
CA ASN B 869 -55.39 42.78 24.12
C ASN B 869 -54.87 41.81 23.07
N LEU B 870 -55.78 41.19 22.33
CA LEU B 870 -55.29 40.26 21.36
C LEU B 870 -55.24 40.97 20.03
N SER B 871 -54.23 40.63 19.22
CA SER B 871 -54.16 41.17 17.88
C SER B 871 -54.08 40.10 16.81
N TYR B 872 -54.66 40.35 15.65
CA TYR B 872 -54.67 39.35 14.61
C TYR B 872 -53.57 39.71 13.61
N ILE B 873 -52.94 38.71 13.02
CA ILE B 873 -51.92 38.94 12.00
C ILE B 873 -52.39 38.32 10.66
N ILE B 874 -52.40 39.11 9.61
CA ILE B 874 -52.81 38.65 8.27
C ILE B 874 -51.71 37.83 7.53
N GLY B 875 -51.63 36.55 7.85
CA GLY B 875 -50.62 35.68 7.27
C GLY B 875 -51.11 35.05 5.98
N LYS B 876 -50.43 34.00 5.52
CA LYS B 876 -50.79 33.36 4.25
C LYS B 876 -52.00 32.46 4.27
N ASP B 877 -52.56 32.27 5.45
CA ASP B 877 -53.76 31.49 5.62
C ASP B 877 -54.90 32.42 6.03
N THR B 878 -54.65 33.72 5.93
CA THR B 878 -55.71 34.64 6.29
C THR B 878 -56.48 34.96 5.04
N TRP B 879 -57.79 34.74 5.13
CA TRP B 879 -58.71 34.96 4.04
C TRP B 879 -59.30 36.35 4.20
N VAL B 880 -58.94 37.23 3.27
CA VAL B 880 -59.41 38.60 3.24
C VAL B 880 -60.27 38.81 1.99
N GLU B 881 -61.53 39.15 2.23
CA GLU B 881 -62.49 39.30 1.16
C GLU B 881 -63.40 40.48 1.20
N HIS B 882 -63.42 41.25 0.13
CA HIS B 882 -64.25 42.42 0.15
C HIS B 882 -65.74 42.05 0.09
N TRP B 883 -66.50 42.52 1.09
CA TRP B 883 -67.94 42.34 1.19
C TRP B 883 -68.46 43.63 0.59
N PRO B 884 -69.12 43.49 -0.59
CA PRO B 884 -69.70 44.60 -1.35
C PRO B 884 -70.73 45.29 -0.54
N GLU B 885 -70.96 46.58 -0.57
CA GLU B 885 -71.98 47.16 0.29
C GLU B 885 -73.37 46.73 -0.16
N GLU B 886 -74.40 47.26 0.50
CA GLU B 886 -75.78 46.93 0.14
C GLU B 886 -76.04 47.49 -1.21
N ASP B 887 -75.64 48.73 -1.47
CA ASP B 887 -76.04 49.27 -2.74
C ASP B 887 -75.14 48.84 -3.84
N GLU B 888 -74.29 47.86 -3.52
CA GLU B 888 -73.55 47.34 -4.61
C GLU B 888 -74.11 45.93 -5.02
N CYS B 889 -74.82 45.19 -4.12
CA CYS B 889 -75.43 43.86 -4.50
C CYS B 889 -76.72 43.92 -5.39
N GLN B 890 -77.37 45.06 -5.53
CA GLN B 890 -78.54 45.01 -6.43
C GLN B 890 -78.01 44.91 -7.82
N ASP B 891 -76.82 45.45 -8.00
CA ASP B 891 -76.13 45.36 -9.25
C ASP B 891 -76.04 43.89 -9.68
N GLU B 892 -76.38 43.63 -10.94
CA GLU B 892 -76.45 42.27 -11.45
C GLU B 892 -75.10 41.58 -11.60
N GLU B 893 -74.06 42.32 -11.98
CA GLU B 893 -72.72 41.73 -12.03
C GLU B 893 -72.14 41.34 -10.66
N ASN B 894 -72.62 41.99 -9.60
CA ASN B 894 -72.25 41.69 -8.22
C ASN B 894 -73.02 40.61 -7.50
N GLN B 895 -74.18 40.30 -8.05
CA GLN B 895 -75.11 39.36 -7.44
C GLN B 895 -74.48 38.05 -6.97
N LYS B 896 -73.78 37.33 -7.84
CA LYS B 896 -73.20 36.05 -7.47
C LYS B 896 -72.40 36.16 -6.15
N GLN B 897 -71.76 37.30 -5.89
CA GLN B 897 -71.00 37.40 -4.66
C GLN B 897 -71.93 37.74 -3.46
N CYS B 898 -72.88 38.68 -3.55
CA CYS B 898 -73.75 38.93 -2.34
C CYS B 898 -74.41 37.57 -2.04
N GLN B 899 -74.93 36.88 -3.09
CA GLN B 899 -75.63 35.61 -2.85
C GLN B 899 -74.77 34.47 -2.30
N ASP B 900 -73.48 34.51 -2.58
CA ASP B 900 -72.57 33.46 -2.10
C ASP B 900 -72.16 33.76 -0.67
N LEU B 901 -71.96 35.04 -0.37
CA LEU B 901 -71.58 35.43 0.98
C LEU B 901 -72.77 35.26 1.92
N GLY B 902 -73.97 35.59 1.44
CA GLY B 902 -75.20 35.42 2.19
C GLY B 902 -75.59 33.95 2.39
N ALA B 903 -75.16 33.12 1.44
CA ALA B 903 -75.47 31.72 1.61
C ALA B 903 -74.42 31.09 2.49
N PHE B 904 -73.22 31.65 2.46
CA PHE B 904 -72.21 31.19 3.39
C PHE B 904 -72.46 31.69 4.82
N THR B 905 -73.23 32.78 4.95
CA THR B 905 -73.57 33.33 6.27
C THR B 905 -74.57 32.36 6.84
N GLU B 906 -75.62 31.99 6.10
CA GLU B 906 -76.60 31.14 6.77
C GLU B 906 -76.22 29.67 6.76
N SER B 907 -75.22 29.29 5.98
CA SER B 907 -74.82 27.90 6.02
C SER B 907 -73.79 27.70 7.12
N MET B 908 -73.26 28.79 7.68
CA MET B 908 -72.31 28.60 8.76
C MET B 908 -72.94 28.99 10.09
N VAL B 909 -73.88 29.92 10.03
CA VAL B 909 -74.59 30.37 11.23
C VAL B 909 -75.62 29.34 11.72
N VAL B 910 -76.42 28.79 10.81
CA VAL B 910 -77.44 27.85 11.23
C VAL B 910 -76.87 26.46 11.50
N PHE B 911 -76.22 25.90 10.49
CA PHE B 911 -75.69 24.56 10.58
C PHE B 911 -74.25 24.59 11.06
N GLY B 912 -73.40 25.27 10.30
CA GLY B 912 -71.98 25.29 10.62
C GLY B 912 -71.08 24.36 9.86
N CYS B 913 -70.45 23.49 10.64
CA CYS B 913 -69.52 22.46 10.19
C CYS B 913 -70.18 21.08 10.32
N PRO B 914 -69.82 20.17 9.40
CA PRO B 914 -70.30 18.79 9.37
C PRO B 914 -69.87 17.95 10.57
N ASN B 915 -68.64 18.13 11.05
CA ASN B 915 -68.03 17.40 12.18
C ASN B 915 -67.51 16.06 11.73
N SER C 1 -37.66 15.26 -56.70
CA SER C 1 -36.52 16.14 -56.57
C SER C 1 -35.58 15.84 -55.37
N PRO C 2 -36.13 15.64 -54.15
CA PRO C 2 -35.15 15.34 -53.08
C PRO C 2 -34.36 14.05 -53.30
N MET C 3 -33.05 14.10 -53.13
CA MET C 3 -32.27 12.89 -53.30
C MET C 3 -31.66 12.59 -51.95
N TYR C 4 -32.04 11.49 -51.33
CA TYR C 4 -31.48 11.13 -50.03
C TYR C 4 -30.26 10.23 -50.17
N SER C 5 -29.17 10.58 -49.50
CA SER C 5 -27.93 9.81 -49.58
C SER C 5 -27.44 9.28 -48.23
N ILE C 6 -26.54 8.31 -48.35
CA ILE C 6 -25.87 7.68 -47.23
C ILE C 6 -24.42 7.28 -47.53
N ILE C 7 -23.49 7.61 -46.63
CA ILE C 7 -22.10 7.19 -46.82
C ILE C 7 -21.52 6.52 -45.55
N THR C 8 -20.95 5.32 -45.70
CA THR C 8 -20.28 4.70 -44.54
C THR C 8 -18.93 4.09 -44.98
N PRO C 9 -18.13 3.53 -44.03
CA PRO C 9 -16.92 3.04 -44.66
C PRO C 9 -17.22 1.74 -45.30
N ASN C 10 -16.48 1.59 -46.37
CA ASN C 10 -16.49 0.38 -47.07
C ASN C 10 -16.45 -0.88 -46.16
N ILE C 11 -15.60 -0.95 -45.13
CA ILE C 11 -15.55 -2.18 -44.29
C ILE C 11 -15.87 -1.78 -42.88
N LEU C 12 -16.97 -2.32 -42.35
CA LEU C 12 -17.30 -2.08 -40.96
C LEU C 12 -16.61 -3.06 -40.04
N ARG C 13 -16.38 -2.66 -38.80
CA ARG C 13 -15.64 -3.51 -37.88
C ARG C 13 -16.42 -3.66 -36.61
N LEU C 14 -16.05 -4.71 -35.88
CA LEU C 14 -16.74 -5.14 -34.70
C LEU C 14 -16.12 -4.58 -33.40
N GLU C 15 -16.97 -4.09 -32.47
CA GLU C 15 -16.51 -3.54 -31.19
C GLU C 15 -15.78 -2.22 -31.44
N SER C 16 -16.31 -1.49 -32.41
CA SER C 16 -15.78 -0.19 -32.80
C SER C 16 -16.98 0.67 -33.17
N GLU C 17 -16.87 1.96 -32.87
CA GLU C 17 -17.89 2.94 -33.17
C GLU C 17 -17.82 3.40 -34.62
N GLU C 18 -18.54 2.71 -35.51
CA GLU C 18 -18.61 3.18 -36.89
C GLU C 18 -19.63 4.29 -37.13
N THR C 19 -19.20 5.35 -37.82
CA THR C 19 -20.04 6.51 -38.10
C THR C 19 -20.69 6.38 -39.49
N MET C 20 -21.86 6.99 -39.64
CA MET C 20 -22.58 6.95 -40.90
C MET C 20 -23.16 8.33 -41.29
N VAL C 21 -22.82 8.85 -42.48
CA VAL C 21 -23.26 10.22 -42.84
C VAL C 21 -24.54 10.22 -43.69
N LEU C 22 -25.60 10.83 -43.16
CA LEU C 22 -26.90 10.88 -43.83
C LEU C 22 -27.22 12.24 -44.43
N GLU C 23 -27.79 12.23 -45.64
CA GLU C 23 -28.02 13.50 -46.33
C GLU C 23 -29.32 13.49 -47.11
N ALA C 24 -29.87 14.69 -47.26
CA ALA C 24 -31.04 14.89 -48.09
C ALA C 24 -30.84 16.16 -48.89
N HIS C 25 -30.62 15.99 -50.19
CA HIS C 25 -30.36 17.10 -51.09
C HIS C 25 -31.64 17.58 -51.74
N ASP C 26 -31.79 18.91 -51.79
CA ASP C 26 -32.95 19.58 -52.38
C ASP C 26 -34.21 19.19 -51.60
N ALA C 27 -34.01 18.94 -50.31
CA ALA C 27 -35.11 18.52 -49.44
C ALA C 27 -35.73 19.73 -48.76
N GLN C 28 -36.96 19.58 -48.27
CA GLN C 28 -37.62 20.65 -47.54
C GLN C 28 -38.08 20.19 -46.16
N GLY C 29 -38.24 21.15 -45.25
CA GLY C 29 -38.66 20.90 -43.89
C GLY C 29 -37.80 19.85 -43.20
N ASP C 30 -38.34 19.29 -42.13
CA ASP C 30 -37.68 18.25 -41.36
C ASP C 30 -37.85 16.89 -42.03
N VAL C 31 -36.95 15.98 -41.66
CA VAL C 31 -36.99 14.56 -42.17
C VAL C 31 -36.58 13.44 -41.20
N PRO C 32 -37.50 12.55 -40.83
CA PRO C 32 -37.11 11.50 -39.90
C PRO C 32 -36.25 10.46 -40.46
N VAL C 33 -35.09 10.21 -39.87
CA VAL C 33 -34.28 9.21 -40.48
C VAL C 33 -34.08 8.16 -39.43
N THR C 34 -34.37 6.93 -39.80
CA THR C 34 -34.12 5.83 -38.88
C THR C 34 -33.14 4.89 -39.55
N VAL C 35 -32.07 4.58 -38.82
CA VAL C 35 -31.03 3.71 -39.33
C VAL C 35 -31.04 2.39 -38.58
N THR C 36 -30.93 1.30 -39.34
CA THR C 36 -30.95 -0.05 -38.79
C THR C 36 -29.85 -0.87 -39.44
N VAL C 37 -29.20 -1.77 -38.70
CA VAL C 37 -28.19 -2.65 -39.29
C VAL C 37 -28.62 -4.10 -39.06
N HIS C 38 -28.71 -4.85 -40.15
CA HIS C 38 -29.05 -6.28 -40.08
C HIS C 38 -27.96 -7.20 -40.62
N ASP C 39 -27.89 -8.41 -40.11
CA ASP C 39 -26.99 -9.41 -40.65
C ASP C 39 -27.48 -9.79 -42.06
N PHE C 40 -26.56 -10.23 -42.90
CA PHE C 40 -26.87 -10.62 -44.28
C PHE C 40 -26.69 -12.11 -44.45
N PRO C 41 -27.59 -12.75 -45.18
CA PRO C 41 -28.87 -12.23 -45.68
C PRO C 41 -30.02 -12.40 -44.73
N GLY C 42 -29.82 -13.19 -43.69
CA GLY C 42 -30.88 -13.52 -42.74
C GLY C 42 -31.67 -12.35 -42.20
N LYS C 43 -31.01 -11.22 -41.94
CA LYS C 43 -31.67 -10.06 -41.32
C LYS C 43 -32.14 -10.52 -39.94
N LYS C 44 -31.37 -11.49 -39.52
CA LYS C 44 -31.46 -12.22 -38.32
C LYS C 44 -31.59 -11.39 -37.04
N LEU C 45 -31.06 -10.20 -37.20
CA LEU C 45 -31.13 -9.22 -36.15
C LEU C 45 -31.29 -7.76 -36.57
N VAL C 46 -31.37 -6.95 -35.52
CA VAL C 46 -31.38 -5.47 -35.53
C VAL C 46 -30.27 -5.19 -34.55
N LEU C 47 -29.03 -5.11 -35.00
CA LEU C 47 -27.99 -4.88 -34.12
C LEU C 47 -27.86 -3.41 -33.75
N SER C 48 -28.11 -2.52 -34.67
CA SER C 48 -28.11 -1.17 -34.25
C SER C 48 -29.25 -0.51 -34.92
N SER C 49 -29.76 0.47 -34.20
CA SER C 49 -30.87 1.24 -34.62
C SER C 49 -30.77 2.55 -33.93
N GLU C 50 -30.66 3.59 -34.73
CA GLU C 50 -30.64 4.93 -34.18
C GLU C 50 -31.67 5.75 -34.92
N LYS C 51 -32.18 6.79 -34.29
CA LYS C 51 -33.00 7.78 -34.98
C LYS C 51 -32.55 9.23 -34.89
N THR C 52 -32.61 9.98 -35.99
CA THR C 52 -32.15 11.36 -35.93
C THR C 52 -33.06 12.16 -36.88
N VAL C 53 -32.97 13.48 -36.85
CA VAL C 53 -33.81 14.30 -37.72
C VAL C 53 -33.04 15.30 -38.57
N LEU C 54 -33.16 15.24 -39.89
CA LEU C 54 -32.48 16.28 -40.66
C LEU C 54 -33.30 17.57 -40.69
N THR C 55 -32.61 18.66 -40.34
CA THR C 55 -33.17 20.00 -40.17
C THR C 55 -32.57 20.97 -41.16
N PRO C 56 -33.39 21.87 -41.72
CA PRO C 56 -32.83 22.93 -42.56
C PRO C 56 -31.63 23.59 -41.88
N ALA C 57 -31.66 23.67 -40.55
CA ALA C 57 -30.59 24.29 -39.76
C ALA C 57 -29.31 23.44 -39.69
N THR C 58 -29.36 22.19 -40.14
CA THR C 58 -28.15 21.35 -40.23
C THR C 58 -27.85 21.14 -41.70
N ASN C 59 -28.49 21.95 -42.53
CA ASN C 59 -28.47 21.84 -43.99
C ASN C 59 -28.91 20.48 -44.51
N HIS C 60 -29.58 19.75 -43.62
CA HIS C 60 -30.15 18.41 -43.84
C HIS C 60 -29.01 17.40 -43.86
N MET C 61 -27.92 17.71 -43.16
CA MET C 61 -26.85 16.74 -42.97
C MET C 61 -26.79 16.09 -41.59
N GLY C 62 -27.03 14.78 -41.50
CA GLY C 62 -27.00 14.11 -40.23
C GLY C 62 -25.83 13.15 -40.20
N ASN C 63 -25.73 12.40 -39.11
CA ASN C 63 -24.62 11.49 -38.88
C ASN C 63 -25.10 10.57 -37.76
N VAL C 64 -25.04 9.27 -38.01
CA VAL C 64 -25.38 8.32 -36.98
C VAL C 64 -24.19 7.44 -36.59
N THR C 65 -23.87 7.46 -35.30
CA THR C 65 -22.79 6.65 -34.76
C THR C 65 -23.24 5.36 -34.10
N PHE C 66 -22.90 4.23 -34.71
CA PHE C 66 -23.39 2.95 -34.22
C PHE C 66 -22.27 1.96 -33.99
N THR C 67 -22.57 0.96 -33.17
CA THR C 67 -21.61 -0.05 -32.79
C THR C 67 -22.24 -1.38 -33.08
N ILE C 68 -21.39 -2.29 -33.55
CA ILE C 68 -21.87 -3.61 -33.85
C ILE C 68 -21.15 -4.47 -32.80
N PRO C 69 -21.84 -5.00 -31.77
CA PRO C 69 -21.33 -5.98 -30.83
C PRO C 69 -21.05 -7.31 -31.46
N ALA C 70 -20.18 -7.99 -30.73
CA ALA C 70 -19.58 -9.23 -31.12
C ALA C 70 -20.47 -10.44 -30.90
N ASN C 71 -21.57 -10.48 -31.65
CA ASN C 71 -22.49 -11.61 -31.58
C ASN C 71 -21.81 -12.84 -32.09
N ARG C 72 -22.39 -13.95 -31.67
CA ARG C 72 -21.86 -15.24 -32.02
C ARG C 72 -22.24 -15.75 -33.41
N GLU C 73 -23.06 -15.02 -34.18
CA GLU C 73 -23.36 -15.53 -35.52
C GLU C 73 -22.21 -15.23 -36.50
N PHE C 74 -21.39 -14.20 -36.23
CA PHE C 74 -20.36 -13.79 -37.21
C PHE C 74 -19.30 -14.89 -37.53
N LYS C 75 -19.67 -16.15 -37.30
CA LYS C 75 -18.95 -17.36 -37.74
C LYS C 75 -19.16 -17.52 -39.20
N SER C 76 -18.09 -17.68 -39.94
CA SER C 76 -18.19 -17.62 -41.37
C SER C 76 -17.54 -18.76 -42.14
N GLU C 77 -18.36 -19.58 -42.84
CA GLU C 77 -18.04 -20.79 -43.68
C GLU C 77 -17.77 -22.19 -43.09
N LYS C 78 -16.71 -22.44 -42.30
CA LYS C 78 -15.67 -21.50 -41.85
C LYS C 78 -14.69 -20.90 -42.89
N GLY C 79 -14.54 -19.58 -42.81
CA GLY C 79 -13.80 -18.77 -43.76
C GLY C 79 -14.54 -17.97 -44.86
N ARG C 80 -15.85 -17.70 -44.69
CA ARG C 80 -16.64 -17.02 -45.72
C ARG C 80 -17.04 -15.62 -45.32
N ASN C 81 -16.56 -14.64 -46.08
CA ASN C 81 -16.72 -13.24 -45.73
C ASN C 81 -18.16 -12.96 -45.33
N LYS C 82 -18.30 -12.11 -44.33
CA LYS C 82 -19.61 -11.78 -43.83
C LYS C 82 -20.05 -10.35 -44.12
N PHE C 83 -21.36 -10.16 -44.17
CA PHE C 83 -21.90 -8.88 -44.57
C PHE C 83 -23.07 -8.45 -43.75
N VAL C 84 -23.24 -7.14 -43.65
CA VAL C 84 -24.42 -6.57 -43.02
C VAL C 84 -25.19 -5.80 -44.07
N THR C 85 -26.49 -5.63 -43.84
CA THR C 85 -27.35 -4.81 -44.65
C THR C 85 -27.72 -3.55 -43.88
N VAL C 86 -27.01 -2.47 -44.20
CA VAL C 86 -27.29 -1.14 -43.65
C VAL C 86 -28.57 -0.57 -44.25
N GLN C 87 -29.51 -0.16 -43.41
CA GLN C 87 -30.80 0.34 -43.88
C GLN C 87 -31.03 1.74 -43.31
N ALA C 88 -31.50 2.63 -44.17
CA ALA C 88 -31.67 4.03 -43.80
C ALA C 88 -32.97 4.55 -44.37
N THR C 89 -33.96 4.70 -43.49
CA THR C 89 -35.27 5.19 -43.91
C THR C 89 -35.44 6.69 -43.68
N PHE C 90 -35.63 7.42 -44.78
CA PHE C 90 -35.89 8.84 -44.77
C PHE C 90 -37.38 9.10 -44.96
N GLY C 91 -38.11 9.24 -43.86
CA GLY C 91 -39.54 9.42 -43.96
C GLY C 91 -40.26 8.17 -44.43
N THR C 92 -40.41 8.10 -45.74
CA THR C 92 -41.01 6.96 -46.41
C THR C 92 -40.04 6.27 -47.35
N GLN C 93 -39.04 7.01 -47.80
CA GLN C 93 -38.08 6.46 -48.74
C GLN C 93 -36.98 5.63 -48.10
N VAL C 94 -36.81 4.39 -48.57
CA VAL C 94 -35.84 3.51 -47.95
C VAL C 94 -34.61 3.30 -48.82
N VAL C 95 -33.44 3.47 -48.20
CA VAL C 95 -32.17 3.21 -48.87
C VAL C 95 -31.37 2.13 -48.16
N GLU C 96 -30.95 1.09 -48.88
CA GLU C 96 -30.19 0.03 -48.23
C GLU C 96 -28.94 -0.35 -48.99
N LYS C 97 -27.92 -0.77 -48.26
CA LYS C 97 -26.68 -1.16 -48.91
C LYS C 97 -26.01 -2.24 -48.07
N VAL C 98 -25.57 -3.28 -48.74
CA VAL C 98 -24.85 -4.37 -48.09
C VAL C 98 -23.37 -3.95 -47.95
N VAL C 99 -22.82 -4.11 -46.76
CA VAL C 99 -21.43 -3.75 -46.48
C VAL C 99 -20.67 -4.94 -45.88
N LEU C 100 -19.37 -4.99 -46.10
CA LEU C 100 -18.51 -6.10 -45.63
C LEU C 100 -18.00 -5.91 -44.19
N VAL C 101 -17.95 -6.98 -43.39
CA VAL C 101 -17.52 -6.84 -42.00
C VAL C 101 -16.25 -7.57 -41.49
N SER C 102 -15.36 -6.76 -40.93
CA SER C 102 -14.08 -7.16 -40.32
C SER C 102 -14.29 -7.59 -38.88
N LEU C 103 -13.68 -8.70 -38.50
CA LEU C 103 -13.73 -9.21 -37.14
C LEU C 103 -12.79 -8.51 -36.15
N GLN C 104 -11.66 -8.00 -36.66
CA GLN C 104 -10.65 -7.32 -35.87
C GLN C 104 -11.18 -6.25 -34.90
N SER C 105 -10.96 -6.50 -33.61
CA SER C 105 -11.38 -5.60 -32.54
C SER C 105 -10.46 -4.37 -32.44
N GLY C 106 -9.24 -4.51 -32.96
CA GLY C 106 -8.23 -3.46 -32.92
C GLY C 106 -6.85 -4.05 -33.01
N TYR C 107 -5.92 -3.62 -32.14
CA TYR C 107 -4.59 -4.22 -32.17
C TYR C 107 -4.03 -4.75 -30.83
N LEU C 108 -3.07 -5.65 -30.99
CA LEU C 108 -2.19 -6.12 -29.92
C LEU C 108 -0.72 -5.91 -30.29
N PHE C 109 0.08 -5.35 -29.39
CA PHE C 109 1.54 -5.31 -29.63
C PHE C 109 2.35 -6.13 -28.65
N ILE C 110 3.33 -6.85 -29.17
CA ILE C 110 4.14 -7.62 -28.27
C ILE C 110 5.54 -7.06 -28.27
N GLN C 111 6.14 -7.02 -27.08
CA GLN C 111 7.50 -6.55 -26.89
C GLN C 111 8.27 -7.46 -25.97
N THR C 112 9.37 -8.00 -26.45
CA THR C 112 10.24 -8.75 -25.56
C THR C 112 11.41 -7.87 -25.13
N ASP C 113 12.11 -8.28 -24.08
CA ASP C 113 13.28 -7.54 -23.62
C ASP C 113 14.38 -7.61 -24.63
N LYS C 114 14.83 -8.83 -24.82
CA LYS C 114 15.93 -9.10 -25.70
C LYS C 114 15.40 -9.52 -27.04
N THR C 115 16.31 -9.75 -27.96
CA THR C 115 16.01 -10.26 -29.28
C THR C 115 16.29 -11.75 -29.33
N ILE C 116 17.26 -12.16 -28.52
CA ILE C 116 17.72 -13.54 -28.47
C ILE C 116 17.83 -14.04 -27.04
N TYR C 117 17.75 -15.36 -26.86
CA TYR C 117 17.79 -15.94 -25.51
C TYR C 117 18.57 -17.25 -25.47
N THR C 118 19.13 -17.55 -24.30
CA THR C 118 19.82 -18.81 -24.08
C THR C 118 18.91 -19.75 -23.32
N PRO C 119 18.90 -21.03 -23.71
CA PRO C 119 18.10 -22.05 -23.03
C PRO C 119 18.37 -22.06 -21.52
N GLY C 120 17.32 -22.00 -20.72
CA GLY C 120 17.47 -22.02 -19.28
C GLY C 120 17.11 -20.66 -18.71
N SER C 121 16.88 -19.70 -19.60
CA SER C 121 16.56 -18.34 -19.19
C SER C 121 15.07 -18.01 -19.31
N THR C 122 14.71 -16.83 -18.83
CA THR C 122 13.32 -16.40 -18.81
C THR C 122 13.02 -15.27 -19.80
N VAL C 123 12.03 -15.48 -20.66
CA VAL C 123 11.62 -14.41 -21.57
C VAL C 123 10.53 -13.56 -20.94
N LEU C 124 10.85 -12.30 -20.69
CA LEU C 124 9.89 -11.35 -20.16
C LEU C 124 9.35 -10.56 -21.37
N TYR C 125 8.04 -10.55 -21.56
CA TYR C 125 7.38 -9.92 -22.70
C TYR C 125 6.11 -9.19 -22.30
N ARG C 126 5.88 -8.02 -22.90
CA ARG C 126 4.71 -7.22 -22.59
C ARG C 126 3.76 -7.12 -23.79
N ILE C 127 2.48 -7.28 -23.49
CA ILE C 127 1.42 -7.12 -24.48
C ILE C 127 0.68 -5.81 -24.29
N PHE C 128 0.52 -5.08 -25.38
CA PHE C 128 -0.21 -3.83 -25.38
C PHE C 128 -1.56 -3.98 -26.06
N THR C 129 -2.63 -3.88 -25.28
CA THR C 129 -3.99 -4.11 -25.76
C THR C 129 -4.72 -2.80 -26.06
N VAL C 130 -4.89 -2.51 -27.34
CA VAL C 130 -5.55 -1.26 -27.71
C VAL C 130 -6.56 -1.43 -28.84
N ASN C 131 -7.60 -0.59 -28.82
CA ASN C 131 -8.60 -0.59 -29.88
C ASN C 131 -8.04 -0.01 -31.18
N HIS C 132 -8.88 0.32 -32.17
CA HIS C 132 -8.37 0.92 -33.41
C HIS C 132 -7.83 2.29 -33.18
N LYS C 133 -8.34 2.98 -32.17
CA LYS C 133 -7.84 4.34 -31.90
C LYS C 133 -6.56 4.34 -31.13
N LEU C 134 -6.02 3.15 -30.90
CA LEU C 134 -4.72 2.95 -30.28
C LEU C 134 -4.76 3.17 -28.79
N LEU C 135 -5.93 3.54 -28.28
CA LEU C 135 -6.08 3.69 -26.83
C LEU C 135 -6.20 2.37 -26.07
N PRO C 136 -5.64 2.29 -24.84
CA PRO C 136 -5.77 1.04 -24.09
C PRO C 136 -7.21 0.71 -23.72
N VAL C 137 -7.50 -0.58 -23.83
CA VAL C 137 -8.80 -1.14 -23.51
C VAL C 137 -8.59 -2.38 -22.66
N GLY C 138 -9.61 -2.79 -21.92
CA GLY C 138 -9.49 -3.96 -21.08
C GLY C 138 -10.30 -5.08 -21.70
N ARG C 139 -9.63 -6.12 -22.18
CA ARG C 139 -10.30 -7.26 -22.80
C ARG C 139 -9.62 -8.57 -22.42
N THR C 140 -10.18 -9.69 -22.88
CA THR C 140 -9.53 -10.98 -22.73
C THR C 140 -8.69 -11.37 -23.94
N VAL C 141 -7.48 -11.82 -23.64
CA VAL C 141 -6.44 -12.17 -24.60
C VAL C 141 -5.94 -13.62 -24.48
N MET C 142 -5.92 -14.32 -25.61
CA MET C 142 -5.30 -15.64 -25.65
C MET C 142 -3.85 -15.45 -26.09
N VAL C 143 -2.95 -16.18 -25.44
CA VAL C 143 -1.52 -16.08 -25.73
C VAL C 143 -0.87 -17.44 -25.87
N ASN C 144 -0.31 -17.67 -27.05
CA ASN C 144 0.39 -18.90 -27.35
C ASN C 144 1.90 -18.66 -27.49
N ILE C 145 2.63 -19.75 -27.35
CA ILE C 145 4.05 -19.73 -27.62
C ILE C 145 4.39 -20.91 -28.50
N GLU C 146 4.66 -20.63 -29.77
CA GLU C 146 4.97 -21.71 -30.72
C GLU C 146 6.46 -21.79 -30.88
N ASN C 147 6.90 -23.03 -31.05
CA ASN C 147 8.26 -23.42 -31.33
C ASN C 147 8.73 -23.26 -32.80
N PRO C 148 10.02 -23.56 -33.11
CA PRO C 148 10.54 -23.41 -34.48
C PRO C 148 9.67 -24.05 -35.55
N GLU C 149 9.30 -25.32 -35.38
CA GLU C 149 8.52 -26.00 -36.40
C GLU C 149 7.09 -25.47 -36.57
N GLY C 150 6.69 -24.55 -35.70
CA GLY C 150 5.42 -23.88 -35.81
C GLY C 150 4.34 -24.60 -35.03
N ILE C 151 4.70 -25.05 -33.84
CA ILE C 151 3.77 -25.75 -32.97
C ILE C 151 3.67 -25.02 -31.63
N PRO C 152 2.45 -24.62 -31.26
CA PRO C 152 2.20 -23.98 -29.96
C PRO C 152 2.53 -24.99 -28.89
N VAL C 153 3.21 -24.53 -27.86
CA VAL C 153 3.62 -25.40 -26.79
C VAL C 153 3.13 -24.99 -25.40
N LYS C 154 2.53 -23.81 -25.31
CA LYS C 154 1.96 -23.33 -24.06
C LYS C 154 0.84 -22.33 -24.40
N GLN C 155 -0.34 -22.45 -23.78
CA GLN C 155 -1.39 -21.46 -24.08
C GLN C 155 -2.06 -20.95 -22.82
N ASP C 156 -2.08 -19.62 -22.71
CA ASP C 156 -2.69 -18.91 -21.59
C ASP C 156 -3.86 -18.00 -21.97
N SER C 157 -4.78 -17.78 -21.03
CA SER C 157 -5.93 -16.92 -21.25
C SER C 157 -5.92 -15.86 -20.15
N LEU C 158 -5.80 -14.59 -20.52
CA LEU C 158 -5.65 -13.50 -19.55
C LEU C 158 -6.47 -12.26 -19.87
N SER C 159 -6.55 -11.29 -18.96
CA SER C 159 -7.31 -10.11 -19.34
C SER C 159 -6.66 -8.76 -18.92
N SER C 160 -6.58 -7.79 -19.85
CA SER C 160 -5.93 -6.47 -19.61
C SER C 160 -6.73 -5.29 -18.95
N GLN C 161 -7.82 -5.61 -18.24
CA GLN C 161 -8.71 -4.70 -17.47
C GLN C 161 -7.95 -4.10 -16.32
N ASN C 162 -8.10 -2.79 -16.14
CA ASN C 162 -7.40 -2.09 -15.07
C ASN C 162 -5.89 -2.21 -15.21
N GLN C 163 -5.50 -2.68 -16.38
CA GLN C 163 -4.11 -3.02 -16.63
C GLN C 163 -3.45 -1.98 -17.47
N LEU C 164 -4.27 -0.97 -17.73
CA LEU C 164 -3.87 0.20 -18.44
C LEU C 164 -3.27 -0.21 -19.77
N GLY C 165 -3.81 -1.28 -20.35
CA GLY C 165 -3.41 -1.69 -21.68
C GLY C 165 -2.01 -2.29 -21.67
N VAL C 166 -1.47 -2.51 -20.48
CA VAL C 166 -0.12 -3.05 -20.35
C VAL C 166 -0.18 -4.37 -19.61
N LEU C 167 0.01 -5.44 -20.37
CA LEU C 167 -0.06 -6.78 -19.85
C LEU C 167 1.33 -7.39 -19.74
N PRO C 168 1.94 -7.35 -18.54
CA PRO C 168 3.27 -7.95 -18.42
C PRO C 168 3.12 -9.47 -18.41
N LEU C 169 4.09 -10.21 -18.92
CA LEU C 169 4.01 -11.69 -18.98
C LEU C 169 5.42 -12.27 -19.07
N SER C 170 5.55 -13.53 -18.65
CA SER C 170 6.83 -14.23 -18.69
C SER C 170 6.74 -15.68 -19.16
N TRP C 171 7.87 -16.19 -19.62
CA TRP C 171 8.03 -17.59 -20.00
C TRP C 171 9.43 -18.17 -19.79
N ASP C 172 9.51 -19.19 -18.93
CA ASP C 172 10.76 -19.85 -18.63
C ASP C 172 11.17 -20.84 -19.72
N ILE C 173 12.19 -20.49 -20.51
CA ILE C 173 12.70 -21.43 -21.49
C ILE C 173 13.35 -22.59 -20.73
N PRO C 174 12.96 -23.82 -21.04
CA PRO C 174 13.59 -24.99 -20.41
C PRO C 174 15.01 -25.20 -20.94
N GLU C 175 15.86 -25.86 -20.16
CA GLU C 175 17.23 -26.15 -20.60
C GLU C 175 17.24 -27.11 -21.81
N LEU C 176 16.22 -27.95 -21.91
CA LEU C 176 15.97 -28.83 -23.06
C LEU C 176 14.98 -28.18 -24.00
N VAL C 177 15.49 -27.67 -25.13
CA VAL C 177 14.71 -26.90 -26.09
C VAL C 177 15.35 -26.88 -27.47
N ASN C 178 14.50 -26.74 -28.47
CA ASN C 178 14.86 -26.65 -29.88
C ASN C 178 15.37 -25.28 -30.20
N MET C 179 16.56 -25.27 -30.73
CA MET C 179 17.16 -24.06 -31.18
C MET C 179 16.44 -23.40 -32.37
N GLY C 180 16.66 -22.11 -32.59
CA GLY C 180 16.08 -21.44 -33.75
C GLY C 180 15.06 -20.35 -33.43
N GLN C 181 14.21 -20.06 -34.42
CA GLN C 181 13.24 -18.99 -34.30
C GLN C 181 11.98 -19.45 -33.57
N TRP C 182 11.78 -18.88 -32.41
CA TRP C 182 10.57 -19.06 -31.61
C TRP C 182 9.63 -17.91 -31.77
N LYS C 183 8.38 -18.20 -31.48
CA LYS C 183 7.33 -17.26 -31.68
C LYS C 183 6.33 -17.03 -30.55
N ILE C 184 5.97 -15.77 -30.35
CA ILE C 184 4.85 -15.40 -29.47
C ILE C 184 3.65 -14.96 -30.30
N ARG C 185 2.55 -15.69 -30.16
CA ARG C 185 1.31 -15.38 -30.86
C ARG C 185 0.22 -14.93 -29.92
N ALA C 186 -0.51 -13.88 -30.26
CA ALA C 186 -1.53 -13.43 -29.33
C ALA C 186 -2.73 -12.85 -30.05
N TYR C 187 -3.92 -13.05 -29.48
CA TYR C 187 -5.11 -12.51 -30.11
C TYR C 187 -6.23 -12.19 -29.11
N TYR C 188 -7.16 -11.34 -29.56
CA TYR C 188 -8.34 -11.00 -28.78
C TYR C 188 -9.36 -12.13 -28.83
N GLU C 189 -9.90 -12.50 -27.67
CA GLU C 189 -10.89 -13.57 -27.62
C GLU C 189 -12.04 -13.41 -28.60
N ASN C 190 -12.44 -12.17 -28.84
CA ASN C 190 -13.57 -11.91 -29.70
C ASN C 190 -13.21 -11.98 -31.19
N SER C 191 -11.92 -11.99 -31.48
CA SER C 191 -11.46 -12.03 -32.86
C SER C 191 -10.20 -12.87 -33.01
N PRO C 192 -10.39 -14.19 -33.09
CA PRO C 192 -9.34 -15.21 -33.19
C PRO C 192 -8.70 -15.29 -34.56
N GLN C 193 -9.33 -14.69 -35.57
CA GLN C 193 -8.78 -14.68 -36.91
C GLN C 193 -7.60 -13.72 -37.01
N GLN C 194 -7.74 -12.52 -36.45
CA GLN C 194 -6.66 -11.54 -36.45
C GLN C 194 -5.66 -11.87 -35.37
N VAL C 195 -4.44 -12.19 -35.78
CA VAL C 195 -3.47 -12.63 -34.81
C VAL C 195 -2.33 -11.63 -34.82
N PHE C 196 -1.69 -11.43 -33.68
CA PHE C 196 -0.57 -10.50 -33.57
C PHE C 196 0.66 -11.21 -33.06
N SER C 197 1.77 -11.01 -33.78
CA SER C 197 2.93 -11.82 -33.51
C SER C 197 4.29 -11.17 -33.37
N THR C 198 5.14 -11.78 -32.55
CA THR C 198 6.54 -11.36 -32.54
C THR C 198 7.48 -12.56 -32.41
N GLU C 199 8.54 -12.60 -33.20
CA GLU C 199 9.53 -13.69 -33.12
C GLU C 199 10.73 -13.31 -32.26
N PHE C 200 11.21 -14.32 -31.53
CA PHE C 200 12.44 -14.28 -30.74
C PHE C 200 13.28 -15.56 -30.85
N GLU C 201 14.59 -15.37 -30.89
CA GLU C 201 15.56 -16.46 -31.09
C GLU C 201 16.04 -17.10 -29.83
N VAL C 202 16.13 -18.43 -29.89
CA VAL C 202 16.70 -19.21 -28.82
C VAL C 202 17.95 -19.85 -29.36
N LYS C 203 19.09 -19.49 -28.74
CA LYS C 203 20.34 -19.97 -29.30
C LYS C 203 21.38 -20.12 -28.24
N GLU C 204 22.31 -21.03 -28.53
CA GLU C 204 23.45 -21.26 -27.71
C GLU C 204 24.51 -20.23 -28.03
N TYR C 205 24.70 -19.31 -27.09
CA TYR C 205 25.56 -18.18 -27.33
C TYR C 205 26.25 -17.64 -26.07
N VAL C 206 27.27 -16.86 -26.38
CA VAL C 206 27.99 -15.98 -25.46
C VAL C 206 28.14 -14.59 -26.08
N LEU C 207 28.25 -13.61 -25.19
CA LEU C 207 28.39 -12.22 -25.51
C LEU C 207 29.80 -12.05 -26.11
N PRO C 208 29.88 -11.45 -27.30
CA PRO C 208 31.20 -11.28 -27.87
C PRO C 208 32.12 -10.20 -27.31
N SER C 209 31.53 -9.28 -26.57
CA SER C 209 32.15 -8.08 -26.04
C SER C 209 32.64 -6.94 -26.94
N PHE C 210 32.51 -7.07 -28.24
CA PHE C 210 32.83 -5.96 -29.11
C PHE C 210 31.87 -6.07 -30.28
N GLU C 211 31.78 -5.03 -31.08
CA GLU C 211 30.92 -5.08 -32.25
C GLU C 211 31.74 -4.87 -33.51
N VAL C 212 31.17 -5.36 -34.61
CA VAL C 212 31.77 -5.28 -35.93
C VAL C 212 30.74 -4.75 -36.92
N ILE C 213 31.09 -3.63 -37.52
CA ILE C 213 30.26 -2.96 -38.51
C ILE C 213 30.94 -3.01 -39.86
N VAL C 214 30.25 -3.57 -40.84
CA VAL C 214 30.80 -3.56 -42.17
C VAL C 214 30.10 -2.61 -43.12
N GLU C 215 30.80 -1.60 -43.58
CA GLU C 215 30.11 -0.72 -44.45
C GLU C 215 30.81 -0.47 -45.80
N PRO C 216 30.15 -0.86 -46.92
CA PRO C 216 30.64 -0.51 -48.25
C PRO C 216 30.52 0.95 -48.52
N THR C 217 31.47 1.53 -49.23
CA THR C 217 31.45 2.97 -49.51
C THR C 217 30.11 3.47 -50.12
N GLU C 218 29.63 2.70 -51.09
CA GLU C 218 28.31 2.90 -51.68
C GLU C 218 27.38 1.80 -51.20
N LYS C 219 26.10 2.13 -51.04
CA LYS C 219 25.14 1.17 -50.51
C LYS C 219 24.74 0.18 -51.59
N PHE C 220 25.40 0.31 -52.74
CA PHE C 220 25.15 -0.51 -53.91
C PHE C 220 26.47 -0.78 -54.61
N TYR C 221 26.43 -1.60 -55.66
CA TYR C 221 27.59 -1.77 -56.53
C TYR C 221 27.26 -1.48 -57.99
N TYR C 222 28.08 -0.64 -58.61
CA TYR C 222 27.90 -0.27 -60.00
C TYR C 222 28.77 -1.17 -60.87
N ILE C 223 28.13 -1.99 -61.70
CA ILE C 223 28.79 -3.05 -62.49
C ILE C 223 30.01 -2.63 -63.29
N TYR C 224 30.05 -1.37 -63.71
CA TYR C 224 31.16 -0.91 -64.53
C TYR C 224 32.17 -0.09 -63.76
N ASN C 225 32.04 -0.07 -62.45
CA ASN C 225 33.02 0.56 -61.57
C ASN C 225 34.28 -0.29 -61.40
N GLU C 226 35.37 0.16 -62.03
CA GLU C 226 36.62 -0.58 -62.01
C GLU C 226 37.19 -0.76 -60.62
N LYS C 227 37.00 0.20 -59.73
CA LYS C 227 37.58 0.06 -58.39
C LYS C 227 37.07 -1.22 -57.74
N GLY C 228 35.77 -1.45 -57.83
CA GLY C 228 35.19 -2.64 -57.26
C GLY C 228 34.43 -2.28 -55.99
N LEU C 229 34.11 -3.29 -55.19
CA LEU C 229 33.35 -3.07 -53.98
C LEU C 229 34.28 -2.86 -52.81
N GLU C 230 34.44 -1.60 -52.43
CA GLU C 230 35.33 -1.19 -51.36
C GLU C 230 34.61 -1.17 -50.03
N VAL C 231 35.14 -1.92 -49.07
CA VAL C 231 34.50 -2.07 -47.77
C VAL C 231 35.35 -1.63 -46.58
N THR C 232 34.71 -0.90 -45.66
CA THR C 232 35.34 -0.47 -44.42
C THR C 232 34.86 -1.29 -43.22
N ILE C 233 35.76 -2.14 -42.71
CA ILE C 233 35.50 -2.99 -41.55
C ILE C 233 35.84 -2.28 -40.24
N THR C 234 34.82 -1.78 -39.57
CA THR C 234 35.00 -1.08 -38.29
C THR C 234 34.76 -2.06 -37.16
N ALA C 235 35.56 -1.99 -36.10
CA ALA C 235 35.37 -2.88 -34.94
C ALA C 235 35.68 -2.13 -33.67
N ARG C 236 34.71 -2.06 -32.77
CA ARG C 236 34.96 -1.37 -31.51
C ARG C 236 34.32 -2.04 -30.31
N PHE C 237 34.94 -1.89 -29.15
CA PHE C 237 34.36 -2.48 -27.96
C PHE C 237 33.04 -1.79 -27.67
N LEU C 238 32.20 -2.52 -26.98
CA LEU C 238 30.87 -2.07 -26.59
C LEU C 238 30.87 -0.80 -25.77
N TYR C 239 31.91 -0.59 -24.95
CA TYR C 239 31.93 0.59 -24.09
C TYR C 239 32.47 1.77 -24.88
N GLY C 240 32.76 1.54 -26.15
CA GLY C 240 33.13 2.59 -27.07
C GLY C 240 34.50 2.39 -27.71
N LYS C 241 35.51 2.08 -26.91
CA LYS C 241 36.89 1.99 -27.40
C LYS C 241 37.09 1.09 -28.63
N LYS C 242 38.07 1.45 -29.46
CA LYS C 242 38.38 0.70 -30.68
C LYS C 242 39.22 -0.54 -30.41
N VAL C 243 38.97 -1.56 -31.23
CA VAL C 243 39.57 -2.89 -31.13
C VAL C 243 40.89 -3.08 -31.90
N GLU C 244 41.84 -3.81 -31.33
CA GLU C 244 43.07 -4.26 -31.99
C GLU C 244 43.02 -5.80 -32.11
N GLY C 245 43.14 -6.30 -33.36
CA GLY C 245 43.07 -7.71 -33.71
C GLY C 245 43.32 -7.97 -35.21
N THR C 246 42.77 -9.06 -35.76
CA THR C 246 42.95 -9.42 -37.19
C THR C 246 41.61 -9.84 -37.82
N ALA C 247 41.33 -9.39 -39.04
CA ALA C 247 40.04 -9.72 -39.65
C ALA C 247 40.15 -10.57 -40.91
N PHE C 248 39.23 -11.52 -41.04
CA PHE C 248 39.05 -12.27 -42.27
C PHE C 248 37.79 -11.78 -42.94
N VAL C 249 37.87 -11.51 -44.23
CA VAL C 249 36.69 -11.04 -44.95
C VAL C 249 36.52 -11.73 -46.28
N ILE C 250 35.26 -12.07 -46.57
CA ILE C 250 34.93 -12.75 -47.80
C ILE C 250 33.66 -12.12 -48.38
N PHE C 251 33.46 -12.35 -49.67
CA PHE C 251 32.36 -11.84 -50.49
C PHE C 251 31.57 -12.96 -51.14
N GLY C 252 30.36 -12.62 -51.56
CA GLY C 252 29.47 -13.58 -52.18
C GLY C 252 28.43 -12.89 -53.02
N ILE C 253 27.78 -13.67 -53.89
CA ILE C 253 26.76 -13.14 -54.77
C ILE C 253 25.45 -13.87 -54.42
N GLN C 254 24.38 -13.13 -54.18
CA GLN C 254 23.14 -13.79 -53.82
C GLN C 254 22.12 -13.60 -54.93
N ASP C 255 21.35 -14.66 -55.20
CA ASP C 255 20.29 -14.60 -56.20
C ASP C 255 19.05 -15.23 -55.60
N GLY C 256 18.15 -14.37 -55.10
CA GLY C 256 17.00 -14.83 -54.32
C GLY C 256 17.48 -15.35 -52.98
N GLU C 257 17.36 -16.66 -52.79
CA GLU C 257 17.88 -17.38 -51.64
C GLU C 257 19.13 -18.20 -51.91
N GLN C 258 19.50 -18.36 -53.17
CA GLN C 258 20.71 -19.15 -53.39
C GLN C 258 21.89 -18.20 -53.36
N ARG C 259 22.89 -18.61 -52.60
CA ARG C 259 24.12 -17.86 -52.42
C ARG C 259 25.30 -18.58 -53.05
N ILE C 260 26.18 -17.80 -53.66
CA ILE C 260 27.42 -18.34 -54.20
C ILE C 260 28.58 -17.61 -53.53
N SER C 261 29.41 -18.37 -52.84
CA SER C 261 30.56 -17.82 -52.12
C SER C 261 31.71 -17.61 -53.08
N LEU C 262 32.37 -16.47 -52.96
CA LEU C 262 33.55 -16.19 -53.79
C LEU C 262 34.82 -16.54 -53.03
N PRO C 263 35.33 -17.78 -53.22
CA PRO C 263 36.45 -18.25 -52.41
C PRO C 263 37.69 -17.40 -52.62
N GLU C 264 37.86 -16.96 -53.87
CA GLU C 264 39.04 -16.24 -54.26
C GLU C 264 39.05 -14.78 -53.83
N SER C 265 38.01 -14.35 -53.13
CA SER C 265 37.97 -12.98 -52.65
C SER C 265 38.33 -12.95 -51.17
N LEU C 266 38.61 -14.12 -50.60
CA LEU C 266 38.91 -14.20 -49.18
C LEU C 266 40.24 -13.55 -48.83
N LYS C 267 40.18 -12.49 -48.03
CA LYS C 267 41.39 -11.77 -47.65
C LYS C 267 41.52 -11.73 -46.14
N ARG C 268 42.74 -11.57 -45.67
CA ARG C 268 43.01 -11.36 -44.25
C ARG C 268 43.76 -10.04 -44.09
N ILE C 269 43.10 -9.12 -43.38
CA ILE C 269 43.53 -7.74 -43.23
C ILE C 269 43.67 -7.28 -41.78
N PRO C 270 44.75 -6.54 -41.49
CA PRO C 270 45.13 -5.95 -40.20
C PRO C 270 44.21 -4.78 -39.86
N ILE C 271 43.67 -4.87 -38.66
CA ILE C 271 42.76 -3.89 -38.11
C ILE C 271 43.54 -2.92 -37.22
N GLU C 272 43.88 -1.74 -37.72
CA GLU C 272 44.70 -0.83 -36.94
C GLU C 272 43.78 0.32 -36.49
N ASP C 273 43.92 0.70 -35.22
CA ASP C 273 43.08 1.74 -34.63
C ASP C 273 41.58 1.47 -34.79
N GLY C 274 41.16 0.22 -34.57
CA GLY C 274 39.74 -0.09 -34.62
C GLY C 274 39.14 0.00 -36.01
N SER C 275 39.96 -0.20 -37.03
CA SER C 275 39.47 -0.10 -38.41
C SER C 275 40.29 -0.89 -39.43
N GLY C 276 39.70 -1.12 -40.60
CA GLY C 276 40.36 -1.85 -41.68
C GLY C 276 39.69 -1.70 -43.04
N GLU C 277 40.48 -1.78 -44.11
CA GLU C 277 39.94 -1.61 -45.45
C GLU C 277 40.14 -2.85 -46.31
N VAL C 278 39.11 -3.25 -47.06
CA VAL C 278 39.23 -4.43 -47.93
C VAL C 278 38.33 -4.34 -49.15
N VAL C 279 38.86 -4.70 -50.32
CA VAL C 279 38.17 -4.44 -51.57
C VAL C 279 38.01 -5.70 -52.42
N LEU C 280 36.81 -5.88 -52.97
CA LEU C 280 36.51 -6.89 -53.96
C LEU C 280 36.65 -6.29 -55.37
N SER C 281 37.76 -6.60 -56.04
CA SER C 281 38.06 -6.11 -57.37
C SER C 281 37.21 -6.77 -58.47
N ARG C 282 36.75 -6.00 -59.46
CA ARG C 282 35.86 -6.56 -60.50
C ARG C 282 36.28 -7.88 -61.07
N LYS C 283 37.59 -7.96 -61.31
CA LYS C 283 38.23 -9.13 -61.86
C LYS C 283 37.74 -10.35 -61.12
N VAL C 284 38.00 -10.37 -59.81
CA VAL C 284 37.63 -11.50 -58.96
C VAL C 284 36.14 -11.81 -59.05
N LEU C 285 35.31 -10.77 -58.99
CA LEU C 285 33.86 -10.92 -59.05
C LEU C 285 33.47 -11.71 -60.29
N LEU C 286 33.87 -11.18 -61.44
CA LEU C 286 33.53 -11.76 -62.72
C LEU C 286 34.17 -13.14 -62.93
N ASP C 287 35.27 -13.37 -62.23
CA ASP C 287 36.01 -14.64 -62.32
C ASP C 287 35.36 -15.75 -61.50
N GLY C 288 34.70 -15.37 -60.41
CA GLY C 288 34.11 -16.37 -59.53
C GLY C 288 32.86 -16.88 -60.20
N VAL C 289 32.26 -16.05 -61.04
CA VAL C 289 31.06 -16.47 -61.76
C VAL C 289 31.55 -17.00 -63.10
N GLN C 290 30.79 -17.91 -63.70
CA GLN C 290 31.19 -18.52 -64.96
C GLN C 290 30.61 -17.74 -66.13
N ASN C 291 29.96 -16.62 -65.83
CA ASN C 291 29.44 -15.78 -66.90
C ASN C 291 30.49 -14.79 -67.32
N PRO C 292 30.67 -14.63 -68.63
CA PRO C 292 31.40 -13.49 -69.17
C PRO C 292 30.56 -12.22 -69.12
N ARG C 293 29.25 -12.28 -69.40
CA ARG C 293 28.48 -11.05 -69.50
C ARG C 293 28.25 -10.34 -68.16
N ALA C 294 28.50 -9.04 -68.15
CA ALA C 294 28.43 -8.26 -66.92
C ALA C 294 27.00 -7.98 -66.45
N GLU C 295 26.16 -7.68 -67.43
CA GLU C 295 24.77 -7.28 -67.20
C GLU C 295 23.87 -8.33 -66.56
N ASP C 296 24.33 -9.57 -66.57
CA ASP C 296 23.60 -10.67 -65.98
C ASP C 296 23.60 -10.64 -64.46
N LEU C 297 24.45 -9.79 -63.89
CA LEU C 297 24.57 -9.71 -62.44
C LEU C 297 23.67 -8.65 -61.83
N VAL C 298 23.09 -7.83 -62.70
CA VAL C 298 22.16 -6.79 -62.28
C VAL C 298 20.83 -7.40 -61.80
N GLY C 299 20.37 -6.97 -60.63
CA GLY C 299 19.18 -7.52 -60.03
C GLY C 299 19.59 -8.37 -58.85
N LYS C 300 20.71 -9.05 -59.01
CA LYS C 300 21.29 -9.86 -57.95
C LYS C 300 21.96 -8.98 -56.91
N SER C 301 22.46 -9.59 -55.85
CA SER C 301 23.09 -8.82 -54.79
C SER C 301 24.41 -9.45 -54.36
N LEU C 302 25.15 -8.70 -53.53
CA LEU C 302 26.43 -9.15 -52.99
C LEU C 302 26.35 -9.15 -51.46
N TYR C 303 27.07 -10.04 -50.81
CA TYR C 303 27.16 -9.99 -49.36
C TYR C 303 28.60 -10.05 -48.89
N VAL C 304 28.88 -9.35 -47.78
CA VAL C 304 30.22 -9.30 -47.20
C VAL C 304 30.19 -9.93 -45.81
N SER C 305 31.03 -10.94 -45.62
CA SER C 305 31.17 -11.65 -44.36
C SER C 305 32.48 -11.30 -43.66
N ALA C 306 32.36 -10.73 -42.46
CA ALA C 306 33.51 -10.32 -41.67
C ALA C 306 33.70 -11.17 -40.42
N THR C 307 34.94 -11.43 -40.07
CA THR C 307 35.26 -12.18 -38.85
C THR C 307 36.49 -11.56 -38.18
N VAL C 308 36.25 -10.81 -37.11
CA VAL C 308 37.29 -10.07 -36.41
C VAL C 308 37.70 -10.72 -35.10
N ILE C 309 39.01 -10.96 -34.97
CA ILE C 309 39.54 -11.64 -33.76
C ILE C 309 40.57 -10.84 -32.96
N LEU C 310 40.27 -10.61 -31.69
CA LEU C 310 41.14 -9.88 -30.79
C LEU C 310 42.51 -10.54 -30.60
N HIS C 311 43.58 -9.74 -30.62
CA HIS C 311 44.98 -10.26 -30.49
C HIS C 311 45.20 -11.16 -29.32
N SER C 312 44.17 -11.32 -28.50
CA SER C 312 44.24 -12.17 -27.30
C SER C 312 43.66 -13.55 -27.64
N GLY C 313 42.81 -13.56 -28.69
CA GLY C 313 42.17 -14.80 -29.09
C GLY C 313 41.12 -15.20 -28.09
N SER C 314 40.75 -14.27 -27.23
CA SER C 314 39.77 -14.60 -26.18
C SER C 314 38.31 -14.35 -26.60
N ASP C 315 38.13 -13.63 -27.70
CA ASP C 315 36.81 -13.27 -28.27
C ASP C 315 36.93 -13.03 -29.74
N MET C 316 35.90 -13.46 -30.44
CA MET C 316 35.86 -13.42 -31.87
C MET C 316 34.45 -13.08 -32.32
N VAL C 317 34.33 -12.10 -33.20
CA VAL C 317 33.01 -11.68 -33.67
C VAL C 317 32.82 -11.79 -35.16
N GLN C 318 31.65 -12.29 -35.54
CA GLN C 318 31.28 -12.41 -36.93
C GLN C 318 30.14 -11.49 -37.29
N ALA C 319 30.31 -10.78 -38.41
CA ALA C 319 29.29 -9.88 -38.91
C ALA C 319 29.10 -10.14 -40.39
N GLU C 320 28.12 -9.45 -40.98
CA GLU C 320 27.78 -9.65 -42.38
C GLU C 320 26.81 -8.58 -42.85
N ARG C 321 27.17 -7.89 -43.92
CA ARG C 321 26.20 -7.06 -44.61
C ARG C 321 25.67 -7.85 -45.79
N SER C 322 24.36 -7.80 -46.01
CA SER C 322 23.76 -8.52 -47.12
C SER C 322 22.79 -7.66 -47.91
N GLY C 323 22.53 -8.07 -49.14
CA GLY C 323 21.55 -7.44 -50.00
C GLY C 323 21.99 -6.10 -50.56
N ILE C 324 23.29 -5.98 -50.85
CA ILE C 324 23.84 -4.84 -51.58
C ILE C 324 23.57 -5.09 -53.06
N PRO C 325 22.65 -4.30 -53.62
CA PRO C 325 22.19 -4.53 -54.99
C PRO C 325 23.27 -4.17 -55.97
N ILE C 326 23.32 -4.96 -57.02
CA ILE C 326 24.16 -4.65 -58.15
C ILE C 326 23.22 -3.89 -59.10
N VAL C 327 23.53 -2.62 -59.39
CA VAL C 327 22.63 -1.79 -60.21
C VAL C 327 23.31 -0.84 -61.23
N THR C 328 22.60 -0.56 -62.32
CA THR C 328 23.04 0.40 -63.33
C THR C 328 22.80 1.85 -62.89
N SER C 329 21.92 2.02 -61.91
CA SER C 329 21.53 3.35 -61.45
C SER C 329 21.54 3.50 -59.93
N PRO C 330 22.09 4.62 -59.44
CA PRO C 330 22.20 4.84 -58.00
C PRO C 330 20.84 5.20 -57.45
N TYR C 331 19.80 5.02 -58.30
CA TYR C 331 18.45 5.39 -57.90
C TYR C 331 17.37 4.47 -58.45
N GLN C 332 16.19 4.56 -57.85
CA GLN C 332 14.96 3.93 -58.37
C GLN C 332 13.84 4.95 -58.26
N ILE C 333 12.88 4.89 -59.17
CA ILE C 333 11.75 5.82 -59.14
C ILE C 333 10.41 5.08 -58.98
N HIS C 334 9.54 5.50 -58.06
CA HIS C 334 8.24 4.82 -57.83
C HIS C 334 7.12 5.82 -57.84
N PHE C 335 6.03 5.42 -58.48
CA PHE C 335 4.84 6.26 -58.57
C PHE C 335 3.76 5.74 -57.65
N THR C 336 4.16 5.00 -56.61
CA THR C 336 3.24 4.44 -55.63
C THR C 336 2.55 5.53 -54.82
N LYS C 337 3.03 6.76 -54.99
CA LYS C 337 2.51 7.89 -54.23
C LYS C 337 1.69 8.82 -55.12
N THR C 338 1.74 8.59 -56.43
CA THR C 338 0.94 9.34 -57.39
C THR C 338 -0.37 8.65 -57.75
N PRO C 339 -1.45 9.43 -57.80
CA PRO C 339 -2.75 8.91 -58.20
C PRO C 339 -2.70 8.49 -59.67
N LYS C 340 -3.58 7.57 -60.04
CA LYS C 340 -3.63 6.99 -61.39
C LYS C 340 -4.75 7.55 -62.25
N TYR C 341 -5.29 8.72 -61.87
CA TYR C 341 -6.41 9.29 -62.61
C TYR C 341 -6.32 10.79 -62.70
N PHE C 342 -6.47 11.36 -63.88
CA PHE C 342 -6.40 12.80 -63.94
C PHE C 342 -7.78 13.36 -64.22
N LYS C 343 -7.87 14.68 -64.23
CA LYS C 343 -9.05 15.44 -64.64
C LYS C 343 -8.72 16.28 -65.89
N PRO C 344 -9.22 15.88 -67.08
CA PRO C 344 -8.87 16.50 -68.37
C PRO C 344 -8.86 18.04 -68.38
N GLY C 345 -7.69 18.62 -68.59
CA GLY C 345 -7.55 20.06 -68.67
C GLY C 345 -7.09 20.66 -67.35
N MET C 346 -7.24 19.91 -66.28
CA MET C 346 -6.82 20.42 -64.99
C MET C 346 -5.40 19.97 -64.69
N PRO C 347 -4.63 20.78 -63.95
CA PRO C 347 -3.30 20.35 -63.51
C PRO C 347 -3.28 18.96 -62.92
N PHE C 348 -2.26 18.19 -63.29
CA PHE C 348 -2.11 16.87 -62.72
C PHE C 348 -0.80 16.80 -61.98
N ASP C 349 -0.90 16.42 -60.71
CA ASP C 349 0.25 16.31 -59.83
C ASP C 349 0.86 14.92 -59.71
N LEU C 350 2.18 14.85 -59.79
CA LEU C 350 2.93 13.63 -59.65
C LEU C 350 3.73 13.67 -58.36
N MET C 351 3.69 12.55 -57.63
CA MET C 351 4.50 12.29 -56.44
C MET C 351 5.53 11.24 -56.80
N VAL C 352 6.64 11.72 -57.34
CA VAL C 352 7.74 10.83 -57.66
C VAL C 352 8.47 10.47 -56.38
N PHE C 353 8.80 9.19 -56.25
CA PHE C 353 9.45 8.70 -55.04
C PHE C 353 10.77 8.02 -55.39
N VAL C 354 11.88 8.72 -55.15
CA VAL C 354 13.19 8.23 -55.55
C VAL C 354 13.93 7.57 -54.38
N THR C 355 14.17 6.26 -54.51
CA THR C 355 14.88 5.52 -53.47
C THR C 355 16.30 5.13 -53.85
N ASN C 356 17.11 4.81 -52.85
CA ASN C 356 18.41 4.20 -53.09
C ASN C 356 18.24 2.69 -53.18
N PRO C 357 19.08 2.02 -54.00
CA PRO C 357 18.94 0.60 -54.34
C PRO C 357 18.56 -0.32 -53.17
N ASP C 358 18.92 0.08 -51.96
CA ASP C 358 18.60 -0.68 -50.75
C ASP C 358 17.13 -0.54 -50.33
N GLY C 359 16.57 0.64 -50.56
CA GLY C 359 15.20 0.92 -50.19
C GLY C 359 15.04 2.23 -49.43
N SER C 360 16.17 2.90 -49.18
CA SER C 360 16.16 4.16 -48.45
C SER C 360 15.91 5.35 -49.38
N PRO C 361 15.27 6.41 -48.85
CA PRO C 361 14.92 7.61 -49.64
C PRO C 361 16.16 8.38 -50.08
N ALA C 362 16.16 8.84 -51.32
CA ALA C 362 17.30 9.57 -51.87
C ALA C 362 17.08 11.09 -51.79
N TYR C 363 17.93 11.76 -51.01
CA TYR C 363 17.80 13.19 -50.72
C TYR C 363 18.38 14.04 -51.89
N ARG C 364 17.78 15.19 -52.21
CA ARG C 364 18.28 16.09 -53.27
C ARG C 364 18.60 15.42 -54.63
N VAL C 365 17.62 14.74 -55.19
CA VAL C 365 17.79 14.21 -56.46
C VAL C 365 16.84 14.84 -57.49
N PRO C 366 17.35 15.64 -58.43
CA PRO C 366 16.50 16.28 -59.42
C PRO C 366 15.79 15.37 -60.34
N VAL C 367 14.51 15.58 -60.57
CA VAL C 367 13.79 14.75 -61.55
C VAL C 367 12.94 15.56 -62.55
N ALA C 368 12.57 14.91 -63.67
CA ALA C 368 11.75 15.55 -64.71
C ALA C 368 11.05 14.58 -65.67
N VAL C 369 9.93 15.07 -66.20
CA VAL C 369 9.15 14.36 -67.21
C VAL C 369 9.82 14.52 -68.57
N GLN C 370 9.79 13.47 -69.37
CA GLN C 370 10.32 13.52 -70.72
C GLN C 370 9.45 14.43 -71.61
N GLY C 371 10.06 15.24 -72.46
CA GLY C 371 9.33 16.28 -73.19
C GLY C 371 9.05 17.62 -72.54
N GLU C 372 9.15 17.68 -71.22
CA GLU C 372 9.03 18.95 -70.51
C GLU C 372 10.25 19.13 -69.62
N ASP C 373 11.15 20.03 -70.00
CA ASP C 373 12.34 20.26 -69.22
C ASP C 373 12.11 21.34 -68.17
N THR C 374 11.13 22.22 -68.45
CA THR C 374 10.75 23.26 -67.52
C THR C 374 10.44 22.46 -66.26
N VAL C 375 9.56 21.47 -66.42
CA VAL C 375 9.13 20.57 -65.37
C VAL C 375 10.38 19.95 -64.67
N GLN C 376 10.78 20.58 -63.57
CA GLN C 376 11.92 20.20 -62.77
C GLN C 376 11.49 20.14 -61.31
N SER C 377 11.96 19.14 -60.57
CA SER C 377 11.61 19.07 -59.16
C SER C 377 12.60 18.26 -58.35
N LEU C 378 12.92 18.76 -57.17
CA LEU C 378 13.91 18.12 -56.34
C LEU C 378 13.24 17.27 -55.27
N THR C 379 13.93 16.20 -54.88
CA THR C 379 13.49 15.29 -53.83
C THR C 379 13.77 15.91 -52.47
N GLN C 380 12.82 15.77 -51.55
CA GLN C 380 12.96 16.35 -50.21
C GLN C 380 13.61 15.33 -49.27
N GLY C 381 13.49 15.55 -47.96
CA GLY C 381 14.12 14.65 -46.99
C GLY C 381 13.67 13.21 -47.12
N ASP C 382 12.38 13.04 -47.40
CA ASP C 382 11.77 11.73 -47.54
C ASP C 382 11.94 11.14 -48.96
N GLY C 383 12.61 11.87 -49.85
CA GLY C 383 12.85 11.40 -51.20
C GLY C 383 11.75 11.63 -52.23
N VAL C 384 10.80 12.51 -51.91
CA VAL C 384 9.68 12.76 -52.83
C VAL C 384 9.79 14.09 -53.57
N ALA C 385 9.38 14.04 -54.84
CA ALA C 385 9.34 15.21 -55.70
C ALA C 385 7.93 15.46 -56.24
N LYS C 386 7.58 16.74 -56.36
CA LYS C 386 6.25 17.16 -56.78
C LYS C 386 6.39 17.70 -58.19
N LEU C 387 5.98 16.92 -59.19
CA LEU C 387 6.04 17.45 -60.54
C LEU C 387 4.62 17.77 -60.93
N SER C 388 4.41 18.86 -61.66
CA SER C 388 3.06 19.15 -62.13
C SER C 388 2.95 19.45 -63.61
N ILE C 389 2.04 18.73 -64.27
CA ILE C 389 1.87 18.93 -65.70
C ILE C 389 0.46 19.39 -66.01
N ASN C 390 0.35 20.38 -66.88
CA ASN C 390 -0.95 20.87 -67.27
C ASN C 390 -1.47 19.94 -68.36
N THR C 391 -2.75 19.61 -68.35
CA THR C 391 -3.20 18.54 -69.22
C THR C 391 -4.12 19.17 -70.22
N HIS C 392 -4.30 18.45 -71.30
CA HIS C 392 -5.21 18.84 -72.34
C HIS C 392 -6.62 18.25 -72.14
N PRO C 393 -7.69 18.99 -72.49
CA PRO C 393 -9.00 18.36 -72.34
C PRO C 393 -9.15 17.23 -73.35
N SER C 394 -9.14 15.99 -72.89
CA SER C 394 -9.28 14.83 -73.77
C SER C 394 -9.39 13.55 -72.97
N GLN C 395 -10.03 12.55 -73.57
CA GLN C 395 -10.20 11.26 -72.92
C GLN C 395 -9.06 10.31 -73.24
N LYS C 396 -7.93 10.85 -73.71
CA LYS C 396 -6.83 9.98 -74.08
C LYS C 396 -5.99 9.60 -72.86
N PRO C 397 -5.60 8.32 -72.79
CA PRO C 397 -4.72 7.72 -71.78
C PRO C 397 -3.48 8.55 -71.50
N LEU C 398 -3.35 9.15 -70.32
CA LEU C 398 -2.13 9.90 -70.03
C LEU C 398 -0.98 8.96 -69.71
N SER C 399 0.08 9.05 -70.51
CA SER C 399 1.27 8.23 -70.34
C SER C 399 2.43 9.11 -69.93
N ILE C 400 3.05 8.80 -68.79
CA ILE C 400 4.09 9.67 -68.27
C ILE C 400 5.41 8.99 -68.00
N THR C 401 6.48 9.56 -68.54
CA THR C 401 7.81 9.05 -68.26
C THR C 401 8.61 10.06 -67.50
N VAL C 402 9.43 9.56 -66.59
CA VAL C 402 10.12 10.42 -65.66
C VAL C 402 11.54 9.90 -65.58
N ARG C 403 12.50 10.81 -65.44
CA ARG C 403 13.87 10.45 -65.15
C ARG C 403 14.51 11.37 -64.15
N THR C 404 15.65 10.90 -63.68
CA THR C 404 16.54 11.71 -62.88
C THR C 404 17.45 12.59 -63.71
N LYS C 405 17.91 13.68 -63.10
CA LYS C 405 18.69 14.69 -63.79
C LYS C 405 19.80 15.05 -62.82
N LYS C 406 20.18 14.07 -62.00
CA LYS C 406 21.30 14.24 -61.09
C LYS C 406 22.46 14.57 -61.98
N GLN C 407 23.12 15.70 -61.71
CA GLN C 407 24.35 15.97 -62.44
C GLN C 407 25.48 15.00 -62.06
N GLU C 408 26.71 15.23 -62.57
CA GLU C 408 27.86 14.31 -62.34
C GLU C 408 27.61 12.92 -62.91
N LEU C 409 26.37 12.47 -63.00
CA LEU C 409 26.05 11.14 -63.49
C LEU C 409 25.89 11.15 -65.01
N SER C 410 25.89 9.97 -65.66
CA SER C 410 25.61 9.99 -67.10
C SER C 410 24.18 9.54 -67.36
N GLU C 411 23.67 9.97 -68.50
CA GLU C 411 22.33 9.65 -68.98
C GLU C 411 21.98 8.15 -68.85
N ALA C 412 22.98 7.30 -69.07
CA ALA C 412 22.83 5.85 -69.00
C ALA C 412 22.58 5.37 -67.58
N GLU C 413 23.18 6.08 -66.64
CA GLU C 413 23.13 5.77 -65.22
C GLU C 413 21.89 6.38 -64.55
N GLN C 414 21.29 7.35 -65.22
CA GLN C 414 20.10 8.02 -64.71
C GLN C 414 18.97 6.99 -64.63
N ALA C 415 18.04 7.16 -63.70
CA ALA C 415 16.96 6.20 -63.60
C ALA C 415 15.75 6.69 -64.40
N THR C 416 14.78 5.81 -64.60
CA THR C 416 13.57 6.17 -65.32
C THR C 416 12.39 5.30 -64.94
N ARG C 417 11.18 5.79 -65.20
CA ARG C 417 9.98 5.01 -64.91
C ARG C 417 8.78 5.62 -65.64
N THR C 418 7.81 4.78 -66.00
CA THR C 418 6.67 5.24 -66.82
C THR C 418 5.32 4.74 -66.31
N MET C 419 4.40 5.65 -65.98
CA MET C 419 3.07 5.21 -65.58
C MET C 419 2.07 5.55 -66.67
N GLN C 420 0.82 5.41 -66.25
CA GLN C 420 -0.33 5.69 -67.06
C GLN C 420 -1.56 6.11 -66.24
N ALA C 421 -2.00 7.34 -66.45
CA ALA C 421 -3.13 7.90 -65.72
C ALA C 421 -4.35 8.02 -66.63
N LEU C 422 -5.46 7.44 -66.18
CA LEU C 422 -6.70 7.45 -66.95
C LEU C 422 -7.60 8.65 -66.63
N PRO C 423 -8.52 8.98 -67.56
CA PRO C 423 -9.43 10.11 -67.34
C PRO C 423 -10.60 9.76 -66.43
N TYR C 424 -11.01 10.70 -65.60
CA TYR C 424 -12.21 10.51 -64.79
C TYR C 424 -13.45 10.46 -65.69
N SER C 425 -14.12 9.31 -65.70
CA SER C 425 -15.32 9.15 -66.52
C SER C 425 -16.54 9.81 -65.90
N THR C 426 -17.21 10.63 -66.70
CA THR C 426 -18.32 11.47 -66.27
C THR C 426 -19.65 10.76 -66.55
N VAL C 427 -20.69 11.19 -65.82
CA VAL C 427 -22.03 10.63 -65.91
C VAL C 427 -22.69 10.87 -67.27
N GLY C 428 -22.71 9.84 -68.10
CA GLY C 428 -23.28 9.97 -69.43
C GLY C 428 -22.54 10.99 -70.26
N ASN C 429 -21.22 11.05 -70.08
CA ASN C 429 -20.35 11.96 -70.82
C ASN C 429 -20.68 13.44 -70.70
N SER C 430 -20.95 13.88 -69.47
CA SER C 430 -21.39 15.25 -69.24
C SER C 430 -20.23 16.28 -69.19
N ASN C 431 -18.99 15.82 -69.08
CA ASN C 431 -17.79 16.70 -68.94
C ASN C 431 -17.87 17.68 -67.76
N ASN C 432 -18.38 17.19 -66.64
CA ASN C 432 -18.46 17.93 -65.37
C ASN C 432 -17.58 17.42 -64.20
N TYR C 433 -16.55 18.21 -63.86
CA TYR C 433 -15.53 17.84 -62.87
C TYR C 433 -15.42 18.61 -61.53
N LEU C 434 -14.74 17.96 -60.58
CA LEU C 434 -14.30 18.57 -59.32
C LEU C 434 -12.83 18.22 -59.02
N HIS C 435 -12.05 19.17 -58.50
CA HIS C 435 -10.63 18.91 -58.22
C HIS C 435 -10.25 19.43 -56.85
N LEU C 436 -9.71 18.51 -56.05
CA LEU C 436 -9.25 18.82 -54.71
C LEU C 436 -7.73 18.88 -54.70
N SER C 437 -7.22 20.05 -54.35
CA SER C 437 -5.79 20.29 -54.31
C SER C 437 -5.37 20.51 -52.86
N VAL C 438 -4.21 19.97 -52.51
CA VAL C 438 -3.71 20.11 -51.16
C VAL C 438 -2.22 20.45 -51.16
N LEU C 439 -1.84 21.43 -50.35
CA LEU C 439 -0.44 21.84 -50.28
C LEU C 439 0.44 20.73 -49.73
N ARG C 440 1.43 20.28 -50.50
CA ARG C 440 2.21 19.12 -50.07
C ARG C 440 3.36 19.62 -49.20
N THR C 441 3.32 19.35 -47.91
CA THR C 441 4.46 19.65 -47.05
C THR C 441 4.38 18.80 -45.82
N GLU C 442 5.52 18.56 -45.16
CA GLU C 442 5.40 17.71 -44.00
C GLU C 442 4.48 18.42 -43.01
N LEU C 443 3.22 18.04 -43.04
CA LEU C 443 2.18 18.57 -42.18
C LEU C 443 2.29 18.02 -40.77
N ARG C 444 2.38 18.90 -39.78
CA ARG C 444 2.38 18.46 -38.40
C ARG C 444 1.06 18.74 -37.70
N PRO C 445 0.69 17.89 -36.73
CA PRO C 445 -0.53 18.17 -35.97
C PRO C 445 -0.39 19.49 -35.22
N GLY C 446 -1.43 20.32 -35.29
CA GLY C 446 -1.37 21.64 -34.69
C GLY C 446 -1.40 22.65 -35.82
N GLU C 447 -0.97 22.21 -36.99
CA GLU C 447 -0.96 23.07 -38.16
C GLU C 447 -2.36 23.16 -38.77
N THR C 448 -2.56 24.11 -39.68
CA THR C 448 -3.84 24.20 -40.36
C THR C 448 -3.70 24.09 -41.88
N LEU C 449 -4.49 23.20 -42.47
CA LEU C 449 -4.42 22.90 -43.89
C LEU C 449 -5.41 23.70 -44.73
N ASN C 450 -4.96 24.20 -45.88
CA ASN C 450 -5.84 24.94 -46.77
C ASN C 450 -6.29 24.08 -47.95
N VAL C 451 -7.33 23.24 -47.77
CA VAL C 451 -7.80 22.37 -48.85
C VAL C 451 -8.55 23.15 -49.91
N ASN C 452 -8.14 22.99 -51.16
CA ASN C 452 -8.67 23.77 -52.27
C ASN C 452 -9.69 23.02 -53.14
N PHE C 453 -10.89 23.60 -53.17
CA PHE C 453 -12.05 23.08 -53.90
C PHE C 453 -12.19 23.82 -55.23
N LEU C 454 -11.72 23.19 -56.30
CA LEU C 454 -11.85 23.74 -57.65
C LEU C 454 -12.94 23.08 -58.52
N LEU C 455 -13.88 23.89 -59.01
CA LEU C 455 -14.98 23.39 -59.81
C LEU C 455 -14.82 23.60 -61.33
N ARG C 456 -15.07 22.52 -62.05
CA ARG C 456 -15.15 22.46 -63.52
C ARG C 456 -16.55 21.99 -63.87
N MET C 457 -17.33 22.81 -64.55
CA MET C 457 -18.63 22.41 -65.09
C MET C 457 -19.24 23.36 -66.06
N ASP C 458 -20.04 22.82 -66.97
CA ASP C 458 -20.67 23.66 -67.97
C ASP C 458 -21.42 24.82 -67.31
N ARG C 459 -21.42 25.97 -67.99
CA ARG C 459 -22.00 27.18 -67.41
C ARG C 459 -23.53 27.13 -67.23
N ALA C 460 -24.19 26.11 -67.79
CA ALA C 460 -25.63 26.06 -67.68
C ALA C 460 -26.16 25.89 -66.25
N HIS C 461 -25.39 25.22 -65.40
CA HIS C 461 -25.80 24.90 -64.02
C HIS C 461 -24.88 25.26 -62.83
N GLU C 462 -23.76 25.98 -63.01
CA GLU C 462 -22.82 26.20 -61.89
C GLU C 462 -23.48 26.95 -60.74
N ALA C 463 -24.50 27.72 -61.03
CA ALA C 463 -25.15 28.52 -60.00
C ALA C 463 -25.98 27.66 -59.03
N LYS C 464 -26.15 26.38 -59.32
CA LYS C 464 -26.95 25.51 -58.46
C LYS C 464 -26.15 24.83 -57.34
N ILE C 465 -24.85 24.67 -57.55
CA ILE C 465 -23.92 24.04 -56.60
C ILE C 465 -23.55 25.08 -55.54
N ARG C 466 -24.16 24.95 -54.39
CA ARG C 466 -24.02 25.88 -53.31
C ARG C 466 -23.08 25.33 -52.23
N TYR C 467 -22.83 24.02 -52.20
CA TYR C 467 -21.99 23.51 -51.13
C TYR C 467 -21.28 22.23 -51.58
N TYR C 468 -20.08 21.99 -51.09
CA TYR C 468 -19.42 20.70 -51.31
C TYR C 468 -19.51 19.92 -49.99
N THR C 469 -19.67 18.61 -50.09
CA THR C 469 -19.64 17.76 -48.90
C THR C 469 -18.33 17.01 -48.75
N TYR C 470 -17.65 17.19 -47.63
CA TYR C 470 -16.41 16.46 -47.40
C TYR C 470 -16.43 15.43 -46.27
N LEU C 471 -15.59 14.41 -46.44
CA LEU C 471 -15.42 13.35 -45.46
C LEU C 471 -13.93 13.04 -45.29
N ILE C 472 -13.48 13.01 -44.04
CA ILE C 472 -12.10 12.67 -43.71
C ILE C 472 -12.02 11.21 -43.30
N MET C 473 -11.09 10.48 -43.92
CA MET C 473 -10.83 9.10 -43.59
C MET C 473 -9.48 8.97 -42.89
N ASN C 474 -9.47 8.09 -41.89
CA ASN C 474 -8.30 7.76 -41.07
C ASN C 474 -8.30 6.36 -40.41
N LYS C 475 -7.12 5.72 -40.37
CA LYS C 475 -6.95 4.38 -39.78
C LYS C 475 -8.01 3.38 -40.24
N GLY C 476 -8.89 3.83 -41.14
CA GLY C 476 -9.94 3.04 -41.72
C GLY C 476 -11.30 3.41 -41.14
N ARG C 477 -11.37 4.57 -40.47
CA ARG C 477 -12.65 5.03 -39.92
C ARG C 477 -12.99 6.40 -40.48
N LEU C 478 -14.23 6.82 -40.27
CA LEU C 478 -14.69 8.16 -40.67
C LEU C 478 -14.50 9.23 -39.59
N LEU C 479 -13.33 9.87 -39.59
CA LEU C 479 -12.90 10.84 -38.57
C LEU C 479 -13.72 12.11 -38.43
N LYS C 480 -14.25 12.59 -39.55
CA LYS C 480 -15.02 13.82 -39.62
C LYS C 480 -15.76 14.07 -40.92
N ALA C 481 -17.00 14.54 -40.82
CA ALA C 481 -17.72 14.95 -42.03
C ALA C 481 -18.06 16.44 -41.92
N GLY C 482 -18.30 17.09 -43.05
CA GLY C 482 -18.61 18.51 -43.00
C GLY C 482 -19.03 19.12 -44.32
N ARG C 483 -19.37 20.41 -44.28
CA ARG C 483 -19.84 21.09 -45.47
C ARG C 483 -19.05 22.36 -45.81
N GLN C 484 -18.63 22.49 -47.07
CA GLN C 484 -17.93 23.68 -47.57
C GLN C 484 -18.83 24.57 -48.42
N VAL C 485 -19.21 25.71 -47.87
CA VAL C 485 -20.14 26.66 -48.51
C VAL C 485 -19.63 27.19 -49.89
N ARG C 486 -20.50 27.34 -50.84
CA ARG C 486 -20.22 27.92 -52.14
C ARG C 486 -21.28 28.96 -52.69
N GLU C 487 -20.81 30.12 -53.18
CA GLU C 487 -21.52 31.22 -53.86
C GLU C 487 -21.44 31.19 -55.41
N PRO C 488 -22.38 31.86 -56.10
CA PRO C 488 -22.38 31.73 -57.56
C PRO C 488 -21.11 32.27 -58.16
N GLY C 489 -20.35 31.62 -59.02
CA GLY C 489 -19.26 32.42 -59.49
C GLY C 489 -17.94 32.31 -58.82
N GLN C 490 -17.94 31.66 -57.67
CA GLN C 490 -16.73 31.48 -56.91
C GLN C 490 -16.08 30.20 -57.46
N ASP C 491 -15.16 30.24 -58.40
CA ASP C 491 -14.49 29.02 -58.87
C ASP C 491 -13.67 28.31 -57.79
N LEU C 492 -12.90 29.02 -56.99
CA LEU C 492 -12.05 28.34 -56.04
C LEU C 492 -12.49 28.66 -54.61
N VAL C 493 -12.84 27.62 -53.85
CA VAL C 493 -13.14 27.90 -52.45
C VAL C 493 -12.21 27.09 -51.53
N VAL C 494 -11.91 27.64 -50.36
CA VAL C 494 -10.95 27.03 -49.43
C VAL C 494 -11.54 26.57 -48.10
N LEU C 495 -11.10 25.40 -47.65
CA LEU C 495 -11.52 24.87 -46.35
C LEU C 495 -10.31 24.86 -45.39
N PRO C 496 -10.39 25.68 -44.32
CA PRO C 496 -9.37 25.74 -43.26
C PRO C 496 -9.54 24.54 -42.31
N LEU C 497 -8.80 23.47 -42.58
CA LEU C 497 -8.93 22.23 -41.82
C LEU C 497 -7.84 22.08 -40.78
N SER C 498 -8.23 22.16 -39.51
CA SER C 498 -7.27 22.05 -38.42
C SER C 498 -6.79 20.61 -38.31
N ILE C 499 -5.48 20.45 -38.19
CA ILE C 499 -4.88 19.13 -38.07
C ILE C 499 -4.57 18.82 -36.62
N THR C 500 -5.14 17.72 -36.15
CA THR C 500 -4.89 17.28 -34.80
C THR C 500 -4.13 15.98 -34.84
N THR C 501 -3.80 15.50 -33.66
CA THR C 501 -3.10 14.25 -33.49
C THR C 501 -3.86 13.03 -33.99
N ASP C 502 -5.14 13.23 -34.31
CA ASP C 502 -6.02 12.16 -34.75
C ASP C 502 -5.80 11.81 -36.22
N PHE C 503 -5.14 12.71 -36.94
CA PHE C 503 -4.89 12.53 -38.37
C PHE C 503 -3.66 11.69 -38.63
N ILE C 504 -2.80 11.56 -37.62
CA ILE C 504 -1.63 10.70 -37.73
C ILE C 504 -2.04 9.26 -38.06
N PRO C 505 -1.31 8.60 -38.97
CA PRO C 505 -0.16 9.13 -39.72
C PRO C 505 -0.59 9.73 -41.05
N SER C 506 -1.70 9.26 -41.57
CA SER C 506 -2.18 9.70 -42.87
C SER C 506 -3.70 9.77 -42.85
N PHE C 507 -4.26 10.64 -43.67
CA PHE C 507 -5.70 10.74 -43.80
C PHE C 507 -6.08 11.06 -45.25
N ARG C 508 -7.26 10.62 -45.61
CA ARG C 508 -7.84 10.86 -46.93
C ARG C 508 -8.95 11.88 -46.88
N LEU C 509 -8.96 12.79 -47.85
CA LEU C 509 -10.05 13.74 -47.95
C LEU C 509 -10.82 13.47 -49.23
N VAL C 510 -12.09 13.09 -49.05
CA VAL C 510 -13.00 12.94 -50.19
C VAL C 510 -14.15 13.93 -50.13
N ALA C 511 -14.39 14.63 -51.23
CA ALA C 511 -15.45 15.63 -51.29
C ALA C 511 -16.26 15.52 -52.58
N TYR C 512 -17.54 15.89 -52.51
CA TYR C 512 -18.40 15.77 -53.69
C TYR C 512 -19.54 16.77 -53.71
N TYR C 513 -20.10 16.98 -54.91
CA TYR C 513 -21.31 17.80 -55.02
C TYR C 513 -22.32 17.05 -55.88
N THR C 514 -23.60 17.37 -55.71
CA THR C 514 -24.66 16.74 -56.49
C THR C 514 -25.64 17.78 -57.03
N LEU C 515 -26.27 17.49 -58.17
CA LEU C 515 -27.22 18.41 -58.77
C LEU C 515 -28.05 17.77 -59.88
N ILE C 516 -29.18 18.38 -60.21
CA ILE C 516 -29.95 17.92 -61.36
C ILE C 516 -29.63 18.72 -62.61
N GLY C 517 -29.35 18.06 -63.73
CA GLY C 517 -29.05 18.82 -64.92
C GLY C 517 -29.40 18.15 -66.23
N ALA C 518 -28.44 18.17 -67.15
CA ALA C 518 -28.54 17.57 -68.48
C ALA C 518 -29.95 17.50 -69.03
N SER C 519 -30.57 16.34 -68.86
CA SER C 519 -31.94 16.12 -69.30
C SER C 519 -32.74 15.52 -68.16
N GLY C 520 -32.69 16.22 -67.04
CA GLY C 520 -33.30 15.80 -65.80
C GLY C 520 -32.51 14.71 -65.13
N GLN C 521 -31.19 14.75 -65.23
CA GLN C 521 -30.45 13.64 -64.63
C GLN C 521 -29.77 14.08 -63.35
N ARG C 522 -29.86 13.21 -62.35
CA ARG C 522 -29.27 13.50 -61.07
C ARG C 522 -27.78 13.14 -61.18
N GLU C 523 -26.92 14.11 -60.91
CA GLU C 523 -25.49 13.97 -61.11
C GLU C 523 -24.73 14.15 -59.82
N VAL C 524 -23.82 13.21 -59.60
CA VAL C 524 -22.89 13.18 -58.48
C VAL C 524 -21.44 13.17 -58.94
N VAL C 525 -20.69 14.14 -58.44
CA VAL C 525 -19.28 14.28 -58.79
C VAL C 525 -18.37 14.29 -57.59
N ALA C 526 -17.44 13.34 -57.53
CA ALA C 526 -16.60 13.27 -56.36
C ALA C 526 -15.13 13.31 -56.71
N ASP C 527 -14.34 13.68 -55.72
CA ASP C 527 -12.88 13.63 -55.83
C ASP C 527 -12.22 13.43 -54.48
N SER C 528 -11.18 12.61 -54.46
CA SER C 528 -10.45 12.32 -53.25
C SER C 528 -8.99 12.78 -53.34
N VAL C 529 -8.28 12.66 -52.22
CA VAL C 529 -6.87 13.02 -52.14
C VAL C 529 -6.28 12.35 -50.90
N TRP C 530 -5.03 11.89 -50.99
CA TRP C 530 -4.42 11.25 -49.82
C TRP C 530 -3.30 12.09 -49.27
N VAL C 531 -3.45 12.56 -48.05
CA VAL C 531 -2.42 13.39 -47.43
C VAL C 531 -1.77 12.63 -46.24
N ASP C 532 -0.44 12.57 -46.23
CA ASP C 532 0.38 11.98 -45.15
C ASP C 532 0.65 12.97 -44.03
N VAL C 533 0.67 12.50 -42.79
CA VAL C 533 0.94 13.41 -41.66
C VAL C 533 2.24 12.98 -40.99
N LYS C 534 3.03 13.92 -40.48
CA LYS C 534 4.32 13.57 -39.87
C LYS C 534 4.13 12.46 -38.85
N ASP C 535 4.64 11.28 -39.19
CA ASP C 535 4.47 10.12 -38.35
C ASP C 535 5.29 10.31 -37.08
N SER C 536 4.67 10.09 -35.93
CA SER C 536 5.36 10.27 -34.68
C SER C 536 4.64 9.62 -33.55
N CYS C 537 4.95 10.12 -32.37
CA CYS C 537 4.17 9.75 -31.24
C CYS C 537 3.19 10.89 -31.34
N VAL C 538 1.94 10.59 -31.01
CA VAL C 538 0.85 11.53 -31.05
C VAL C 538 1.35 12.64 -30.07
N GLY C 539 2.03 12.23 -28.99
CA GLY C 539 2.67 13.07 -27.97
C GLY C 539 4.18 13.16 -27.80
N SER C 540 4.63 12.69 -26.63
CA SER C 540 6.07 12.63 -26.30
C SER C 540 6.52 11.79 -25.10
N LEU C 541 7.67 11.12 -25.28
CA LEU C 541 8.34 10.38 -24.21
C LEU C 541 9.86 10.49 -24.39
N VAL C 542 10.51 11.20 -23.49
CA VAL C 542 11.96 11.39 -23.56
C VAL C 542 12.66 10.79 -22.35
N VAL C 543 13.73 10.03 -22.56
CA VAL C 543 14.53 9.57 -21.42
C VAL C 543 15.98 10.09 -21.52
N LYS C 544 16.49 10.76 -20.49
CA LYS C 544 17.86 11.30 -20.52
C LYS C 544 18.48 11.32 -19.11
N SER C 545 19.63 11.98 -18.95
CA SER C 545 20.36 12.06 -17.67
C SER C 545 19.92 13.18 -16.70
N GLY C 546 19.63 12.82 -15.45
CA GLY C 546 19.29 13.83 -14.45
C GLY C 546 20.48 14.65 -13.99
N GLN C 547 21.58 13.97 -13.76
CA GLN C 547 22.81 14.64 -13.36
C GLN C 547 23.56 15.49 -14.35
N SER C 548 24.84 15.66 -14.01
CA SER C 548 25.76 16.44 -14.82
C SER C 548 26.47 15.52 -15.84
N GLU C 549 26.74 16.06 -17.02
CA GLU C 549 27.44 15.35 -18.10
C GLU C 549 28.94 15.09 -17.90
N ASP C 550 29.59 15.91 -17.08
CA ASP C 550 30.95 15.62 -16.64
C ASP C 550 31.18 14.33 -15.85
N ARG C 551 30.13 13.85 -15.17
CA ARG C 551 30.25 12.65 -14.35
C ARG C 551 29.93 11.30 -15.03
N GLN C 552 30.98 10.63 -15.42
CA GLN C 552 30.87 9.32 -16.12
C GLN C 552 30.37 8.20 -15.22
N PRO C 553 29.57 7.23 -15.75
CA PRO C 553 29.33 6.30 -14.64
C PRO C 553 30.32 5.29 -14.20
N VAL C 554 30.24 4.79 -12.97
CA VAL C 554 31.14 3.75 -12.56
C VAL C 554 30.41 2.46 -12.09
N PRO C 555 30.93 1.25 -12.44
CA PRO C 555 30.29 -0.03 -12.04
C PRO C 555 29.96 0.06 -10.53
N GLY C 556 28.68 0.03 -10.18
CA GLY C 556 28.16 0.11 -8.82
C GLY C 556 27.68 1.53 -8.48
N GLN C 557 27.55 2.38 -9.50
CA GLN C 557 27.12 3.76 -9.25
C GLN C 557 25.61 3.93 -9.21
N GLN C 558 25.17 4.85 -8.37
CA GLN C 558 23.76 5.19 -8.34
C GLN C 558 23.65 6.34 -9.25
N MET C 559 22.71 6.26 -10.20
CA MET C 559 22.53 7.35 -11.13
C MET C 559 21.15 7.91 -11.34
N THR C 560 21.11 9.20 -11.67
CA THR C 560 19.82 9.85 -11.90
C THR C 560 19.34 9.78 -13.33
N LEU C 561 18.12 9.30 -13.49
CA LEU C 561 17.51 9.14 -14.79
C LEU C 561 16.30 10.06 -14.98
N LYS C 562 16.45 11.14 -15.73
CA LYS C 562 15.30 12.00 -15.96
C LYS C 562 14.38 11.36 -17.01
N ILE C 563 13.08 11.35 -16.72
CA ILE C 563 12.06 10.89 -17.65
C ILE C 563 10.99 11.96 -17.87
N GLU C 564 10.86 12.39 -19.13
CA GLU C 564 9.91 13.42 -19.52
C GLU C 564 8.77 12.79 -20.33
N GLY C 565 7.54 12.83 -19.83
CA GLY C 565 6.44 12.19 -20.55
C GLY C 565 5.06 12.80 -20.34
N ASP C 566 4.01 12.17 -20.87
CA ASP C 566 2.66 12.71 -20.70
C ASP C 566 2.15 12.40 -19.30
N HIS C 567 1.55 13.39 -18.65
CA HIS C 567 1.01 13.25 -17.28
C HIS C 567 -0.04 12.14 -17.13
N GLY C 568 0.11 11.31 -16.10
CA GLY C 568 -0.89 10.30 -15.82
C GLY C 568 -0.49 8.96 -16.40
N ALA C 569 0.31 9.02 -17.47
CA ALA C 569 0.75 7.84 -18.18
C ALA C 569 1.59 6.91 -17.31
N ARG C 570 1.76 5.69 -17.79
CA ARG C 570 2.62 4.74 -17.12
C ARG C 570 3.77 4.36 -18.02
N VAL C 571 4.98 4.44 -17.45
CA VAL C 571 6.16 4.16 -18.23
C VAL C 571 6.80 2.88 -17.78
N VAL C 572 7.13 2.10 -18.78
CA VAL C 572 7.79 0.86 -18.56
C VAL C 572 9.18 0.71 -19.20
N LEU C 573 10.22 0.57 -18.35
CA LEU C 573 11.61 0.54 -18.81
C LEU C 573 12.28 -0.83 -19.01
N VAL C 574 13.48 -0.78 -19.59
CA VAL C 574 14.36 -1.93 -19.77
C VAL C 574 15.75 -1.43 -20.17
N ALA C 575 16.80 -2.10 -19.71
CA ALA C 575 18.16 -1.71 -20.10
C ALA C 575 18.91 -2.93 -20.63
N VAL C 576 19.23 -2.89 -21.92
CA VAL C 576 19.89 -4.01 -22.61
C VAL C 576 21.34 -3.75 -23.03
N ASP C 577 22.16 -4.79 -22.95
CA ASP C 577 23.56 -4.75 -23.35
C ASP C 577 23.76 -4.74 -24.84
N LYS C 578 24.26 -3.62 -25.35
CA LYS C 578 24.45 -3.46 -26.79
C LYS C 578 25.13 -4.67 -27.41
N GLY C 579 25.68 -5.54 -26.56
CA GLY C 579 26.24 -6.80 -26.97
C GLY C 579 25.17 -7.68 -27.54
N VAL C 580 24.01 -7.69 -26.87
CA VAL C 580 22.88 -8.47 -27.33
C VAL C 580 22.63 -8.12 -28.79
N PHE C 581 22.63 -6.83 -29.09
CA PHE C 581 22.34 -6.34 -30.43
C PHE C 581 23.49 -6.54 -31.41
N VAL C 582 24.57 -7.19 -30.97
CA VAL C 582 25.62 -7.60 -31.91
C VAL C 582 25.27 -8.95 -32.51
N LEU C 583 24.54 -9.74 -31.74
CA LEU C 583 24.06 -11.05 -32.16
C LEU C 583 22.77 -10.94 -32.95
N ASN C 584 21.80 -10.24 -32.39
CA ASN C 584 20.51 -10.10 -33.05
C ASN C 584 19.86 -8.76 -32.75
N LYS C 585 19.59 -8.02 -33.82
CA LYS C 585 18.99 -6.70 -33.75
C LYS C 585 17.59 -6.76 -34.36
N LYS C 586 17.13 -7.96 -34.67
CA LYS C 586 15.87 -8.08 -35.39
C LYS C 586 14.68 -8.10 -34.45
N ASN C 587 13.53 -7.69 -34.97
CA ASN C 587 12.27 -7.75 -34.21
C ASN C 587 12.30 -6.83 -32.99
N LYS C 588 12.99 -5.70 -33.12
CA LYS C 588 12.95 -4.71 -32.05
C LYS C 588 11.63 -3.94 -32.16
N LEU C 589 11.23 -3.26 -31.09
CA LEU C 589 10.04 -2.42 -31.17
C LEU C 589 10.34 -0.96 -31.47
N THR C 590 9.62 -0.41 -32.44
CA THR C 590 9.75 0.98 -32.85
C THR C 590 8.35 1.56 -33.00
N GLN C 591 8.22 2.87 -32.86
CA GLN C 591 6.96 3.56 -33.12
C GLN C 591 6.59 3.43 -34.59
N SER C 592 7.62 3.35 -35.44
CA SER C 592 7.42 3.28 -36.87
C SER C 592 6.80 1.95 -37.32
N LYS C 593 7.15 0.86 -36.64
CA LYS C 593 6.54 -0.44 -36.97
C LYS C 593 5.07 -0.46 -36.54
N ILE C 594 4.76 0.35 -35.53
CA ILE C 594 3.37 0.52 -35.08
C ILE C 594 2.57 1.25 -36.14
N TRP C 595 3.04 2.44 -36.50
CA TRP C 595 2.37 3.22 -37.54
C TRP C 595 2.31 2.41 -38.82
N ASP C 596 3.25 1.49 -38.95
CA ASP C 596 3.29 0.58 -40.09
C ASP C 596 2.11 -0.38 -40.06
N VAL C 597 1.83 -0.95 -38.89
CA VAL C 597 0.69 -1.87 -38.75
C VAL C 597 -0.58 -1.07 -39.05
N VAL C 598 -0.75 0.02 -38.30
CA VAL C 598 -1.90 0.90 -38.46
C VAL C 598 -2.12 1.14 -39.96
N GLU C 599 -1.02 1.42 -40.68
CA GLU C 599 -1.10 1.74 -42.10
C GLU C 599 -1.59 0.50 -42.86
N LYS C 600 -0.97 -0.64 -42.62
CA LYS C 600 -1.33 -1.89 -43.31
C LYS C 600 -2.78 -2.30 -43.05
N ALA C 601 -3.46 -1.61 -42.15
CA ALA C 601 -4.83 -2.01 -41.89
C ALA C 601 -5.79 -0.94 -42.34
N ASP C 602 -5.38 -0.19 -43.36
CA ASP C 602 -6.26 0.75 -44.00
C ASP C 602 -7.20 0.04 -44.96
N ILE C 603 -8.44 0.50 -45.02
CA ILE C 603 -9.46 0.00 -45.94
C ILE C 603 -9.36 0.66 -47.33
N GLY C 604 -8.67 1.80 -47.41
CA GLY C 604 -8.38 2.48 -48.65
C GLY C 604 -7.24 1.87 -49.45
N CYS C 605 -7.51 1.61 -50.73
CA CYS C 605 -6.57 0.84 -51.53
C CYS C 605 -5.94 1.63 -52.67
N THR C 606 -6.07 2.96 -52.64
CA THR C 606 -5.58 3.80 -53.73
C THR C 606 -5.22 5.21 -53.27
N PRO C 607 -4.11 5.75 -53.80
CA PRO C 607 -3.67 7.14 -53.62
C PRO C 607 -4.75 8.19 -53.85
N GLY C 608 -5.87 7.81 -54.46
CA GLY C 608 -6.96 8.75 -54.67
C GLY C 608 -7.65 8.61 -56.04
N SER C 609 -8.68 9.43 -56.24
CA SER C 609 -9.49 9.45 -57.46
C SER C 609 -10.13 8.12 -57.77
N GLY C 610 -10.51 7.88 -59.02
CA GLY C 610 -11.17 6.64 -59.40
C GLY C 610 -11.78 6.76 -60.78
N LYS C 611 -12.02 5.63 -61.44
CA LYS C 611 -12.56 5.62 -62.80
C LYS C 611 -13.87 6.39 -62.88
N ASP C 612 -14.60 6.36 -61.77
CA ASP C 612 -15.85 7.08 -61.68
C ASP C 612 -16.03 7.51 -60.24
N TYR C 613 -17.20 8.04 -59.93
CA TYR C 613 -17.49 8.48 -58.58
C TYR C 613 -17.67 7.35 -57.55
N ALA C 614 -18.30 6.25 -57.97
CA ALA C 614 -18.48 5.10 -57.10
C ALA C 614 -17.15 4.41 -56.90
N GLY C 615 -16.23 4.73 -57.79
CA GLY C 615 -14.90 4.19 -57.71
C GLY C 615 -14.13 5.08 -56.77
N VAL C 616 -14.24 6.39 -56.92
CA VAL C 616 -13.55 7.32 -56.02
C VAL C 616 -13.90 6.94 -54.59
N PHE C 617 -15.20 6.80 -54.36
CA PHE C 617 -15.72 6.41 -53.07
C PHE C 617 -15.15 5.07 -52.61
N SER C 618 -15.42 3.97 -53.32
CA SER C 618 -14.95 2.68 -52.81
C SER C 618 -13.43 2.53 -52.66
N ASP C 619 -12.64 3.07 -53.58
CA ASP C 619 -11.19 3.05 -53.49
C ASP C 619 -10.71 3.84 -52.28
N ALA C 620 -11.41 4.92 -51.96
CA ALA C 620 -10.98 5.72 -50.84
C ALA C 620 -11.49 5.01 -49.60
N GLY C 621 -12.46 4.14 -49.81
CA GLY C 621 -12.95 3.32 -48.73
C GLY C 621 -14.27 3.73 -48.19
N LEU C 622 -15.17 4.08 -49.08
CA LEU C 622 -16.44 4.55 -48.63
C LEU C 622 -17.52 3.95 -49.50
N THR C 623 -18.73 4.05 -49.00
CA THR C 623 -19.93 3.56 -49.63
C THR C 623 -20.91 4.71 -49.69
N PHE C 624 -21.35 5.02 -50.89
CA PHE C 624 -22.29 6.07 -51.20
C PHE C 624 -23.54 5.49 -51.86
N THR C 625 -24.67 5.58 -51.16
CA THR C 625 -25.94 5.09 -51.70
C THR C 625 -27.00 6.17 -51.61
N SER C 626 -27.78 6.38 -52.68
CA SER C 626 -28.73 7.47 -52.63
C SER C 626 -30.17 6.99 -52.81
N SER C 627 -31.13 7.90 -52.66
CA SER C 627 -32.52 7.53 -52.86
C SER C 627 -32.97 7.74 -54.30
N SER C 628 -32.02 8.04 -55.17
CA SER C 628 -32.31 8.15 -56.59
C SER C 628 -31.69 6.95 -57.29
N GLY C 629 -30.91 6.20 -56.53
CA GLY C 629 -30.28 5.00 -57.05
C GLY C 629 -28.79 5.09 -57.37
N GLN C 630 -28.18 6.25 -57.18
CA GLN C 630 -26.75 6.38 -57.44
C GLN C 630 -25.90 5.73 -56.34
N GLN C 631 -25.67 4.41 -56.47
CA GLN C 631 -24.89 3.68 -55.45
C GLN C 631 -23.53 3.15 -55.92
N THR C 632 -22.72 2.71 -54.95
CA THR C 632 -21.38 2.17 -55.21
C THR C 632 -21.43 0.68 -55.49
N ALA C 633 -20.24 0.12 -55.71
CA ALA C 633 -20.06 -1.30 -55.88
C ALA C 633 -19.93 -2.00 -54.53
N GLN C 634 -20.57 -3.15 -54.41
CA GLN C 634 -20.52 -3.93 -53.18
C GLN C 634 -19.13 -4.55 -52.94
N ARG C 635 -18.39 -4.13 -51.90
CA ARG C 635 -17.08 -4.76 -51.60
C ARG C 635 -17.22 -6.05 -50.88
N ALA C 636 -16.77 -7.12 -51.51
CA ALA C 636 -16.88 -8.43 -50.91
C ALA C 636 -15.55 -8.85 -50.20
N GLU C 637 -14.43 -8.18 -50.49
CA GLU C 637 -13.11 -8.57 -49.92
C GLU C 637 -12.61 -7.61 -48.81
N LEU C 638 -12.15 -8.18 -47.68
CA LEU C 638 -11.61 -7.38 -46.57
C LEU C 638 -10.23 -6.77 -46.81
N GLN C 639 -9.38 -7.51 -47.51
CA GLN C 639 -8.03 -7.07 -47.88
C GLN C 639 -8.10 -6.16 -49.12
N CYS C 640 -7.08 -5.32 -49.34
CA CYS C 640 -7.03 -4.56 -50.59
C CYS C 640 -6.62 -5.44 -51.79
N PRO C 641 -7.09 -5.08 -53.00
CA PRO C 641 -6.80 -5.88 -54.19
C PRO C 641 -5.29 -5.90 -54.48
N GLN C 642 -4.78 -7.02 -55.00
CA GLN C 642 -3.36 -7.12 -55.33
C GLN C 642 -2.97 -6.14 -56.44
N ASP D 4 48.47 -10.95 1.17
CA ASP D 4 49.70 -10.19 1.47
C ASP D 4 49.54 -8.80 2.07
N GLU D 5 50.48 -7.91 1.69
CA GLU D 5 50.55 -6.56 2.24
C GLU D 5 50.06 -5.64 1.14
N ASP D 6 49.19 -4.73 1.53
CA ASP D 6 48.60 -3.64 0.76
C ASP D 6 47.89 -4.23 -0.45
N ILE D 7 47.30 -5.39 -0.19
CA ILE D 7 46.54 -6.12 -1.17
C ILE D 7 45.50 -6.87 -0.40
N ILE D 8 44.69 -7.61 -1.11
CA ILE D 8 43.58 -8.22 -0.50
C ILE D 8 43.28 -9.61 -1.08
N ALA D 9 43.32 -10.63 -0.22
CA ALA D 9 43.26 -12.08 -0.56
C ALA D 9 41.99 -12.76 -1.13
N GLU D 10 41.80 -14.04 -0.86
CA GLU D 10 40.70 -14.72 -1.55
C GLU D 10 39.30 -14.31 -1.07
N GLU D 11 39.12 -14.29 0.24
CA GLU D 11 37.89 -13.84 0.88
C GLU D 11 37.80 -12.31 0.91
N ASN D 12 36.78 -11.74 1.58
CA ASN D 12 36.56 -10.31 1.75
C ASN D 12 36.37 -9.42 0.53
N ILE D 13 36.79 -9.81 -0.70
CA ILE D 13 36.82 -8.96 -1.96
C ILE D 13 35.51 -8.88 -2.70
N VAL D 14 35.43 -7.86 -3.56
CA VAL D 14 34.29 -7.63 -4.42
C VAL D 14 34.36 -8.33 -5.79
N SER D 15 33.35 -9.17 -6.03
CA SER D 15 33.37 -9.89 -7.28
C SER D 15 32.14 -9.36 -7.96
N ARG D 16 32.22 -9.29 -9.27
CA ARG D 16 31.13 -8.94 -10.11
C ARG D 16 30.26 -10.17 -10.29
N SER D 17 28.97 -10.13 -9.98
CA SER D 17 28.27 -11.42 -10.01
C SER D 17 27.06 -11.43 -10.89
N GLU D 18 26.45 -10.26 -10.91
CA GLU D 18 25.22 -9.95 -11.60
C GLU D 18 25.39 -9.52 -13.06
N PHE D 19 25.15 -10.41 -14.03
CA PHE D 19 25.33 -10.02 -15.44
C PHE D 19 24.15 -10.30 -16.37
N PRO D 20 23.02 -9.65 -16.10
CA PRO D 20 21.92 -9.88 -17.02
C PRO D 20 22.20 -9.28 -18.39
N GLU D 21 21.45 -9.80 -19.34
CA GLU D 21 21.51 -9.41 -20.72
C GLU D 21 20.43 -8.35 -20.86
N SER D 22 19.53 -8.36 -19.87
CA SER D 22 18.48 -7.34 -19.75
C SER D 22 18.00 -7.24 -18.29
N TRP D 23 17.67 -6.02 -17.88
CA TRP D 23 17.25 -5.74 -16.51
C TRP D 23 16.48 -4.42 -16.53
N LEU D 24 16.01 -3.98 -15.36
CA LEU D 24 15.22 -2.75 -15.20
C LEU D 24 13.83 -2.94 -15.81
N TRP D 25 13.34 -4.16 -15.81
CA TRP D 25 12.01 -4.46 -16.29
C TRP D 25 11.03 -3.83 -15.30
N ASN D 26 11.03 -2.50 -15.27
CA ASN D 26 10.29 -1.75 -14.26
C ASN D 26 9.04 -0.99 -14.73
N VAL D 27 8.16 -0.67 -13.78
CA VAL D 27 6.93 0.08 -14.04
C VAL D 27 6.65 1.35 -13.25
N GLU D 28 6.79 2.49 -13.93
CA GLU D 28 6.58 3.78 -13.26
C GLU D 28 5.43 4.60 -13.83
N ASP D 29 4.84 5.41 -12.95
CA ASP D 29 3.73 6.27 -13.31
C ASP D 29 4.05 7.74 -13.29
N LEU D 30 3.76 8.37 -14.40
CA LEU D 30 3.99 9.79 -14.55
C LEU D 30 2.92 10.65 -13.90
N LYS D 31 3.07 10.88 -12.61
CA LYS D 31 2.02 11.54 -11.87
C LYS D 31 2.40 12.93 -11.37
N GLU D 32 3.60 13.38 -11.75
CA GLU D 32 4.07 14.71 -11.36
C GLU D 32 3.39 15.83 -12.13
N PRO D 33 3.29 16.98 -11.53
CA PRO D 33 2.74 18.15 -12.19
C PRO D 33 3.43 18.44 -13.57
N PRO D 34 2.57 18.56 -14.60
CA PRO D 34 2.91 18.69 -16.03
C PRO D 34 3.17 20.11 -16.45
N LYS D 35 4.21 20.27 -17.25
CA LYS D 35 4.53 21.55 -17.87
C LYS D 35 4.44 21.49 -19.40
N ASN D 36 3.38 22.08 -19.96
CA ASN D 36 3.09 22.03 -21.40
C ASN D 36 2.68 20.63 -21.77
N GLY D 37 1.86 20.04 -20.92
CA GLY D 37 1.39 18.68 -21.09
C GLY D 37 2.55 17.74 -20.96
N ILE D 38 3.65 18.20 -20.35
CA ILE D 38 4.83 17.36 -20.22
C ILE D 38 5.17 17.22 -18.75
N SER D 39 4.88 16.04 -18.21
CA SER D 39 5.23 15.70 -16.84
C SER D 39 6.63 15.11 -16.83
N THR D 40 7.38 15.30 -15.74
CA THR D 40 8.78 14.83 -15.64
C THR D 40 9.10 14.11 -14.32
N LYS D 41 9.39 12.80 -14.41
CA LYS D 41 9.73 11.99 -13.24
C LYS D 41 11.23 11.67 -13.20
N LEU D 42 11.83 11.77 -12.02
CA LEU D 42 13.23 11.39 -11.83
C LEU D 42 13.28 10.07 -11.07
N MET D 43 13.95 9.08 -11.63
CA MET D 43 14.07 7.78 -10.99
C MET D 43 15.53 7.43 -10.72
N ASN D 44 15.82 7.02 -9.49
CA ASN D 44 17.15 6.49 -9.17
C ASN D 44 17.38 5.01 -9.37
N ILE D 45 18.46 4.67 -10.10
CA ILE D 45 18.79 3.27 -10.33
C ILE D 45 20.27 2.84 -10.10
N PHE D 46 20.41 1.64 -9.53
CA PHE D 46 21.68 0.93 -9.36
C PHE D 46 21.91 0.03 -10.55
N LEU D 47 22.92 0.50 -11.28
CA LEU D 47 23.52 -0.04 -12.50
C LEU D 47 24.20 -1.35 -12.27
N LYS D 48 24.14 -2.19 -13.29
CA LYS D 48 24.66 -3.52 -13.13
C LYS D 48 26.17 -3.71 -12.97
N ASP D 49 26.62 -4.96 -13.12
CA ASP D 49 28.03 -5.26 -12.87
C ASP D 49 28.80 -5.32 -14.16
N SER D 50 28.06 -5.27 -15.26
CA SER D 50 28.61 -5.30 -16.61
C SER D 50 29.46 -4.08 -16.91
N ILE D 51 30.57 -4.30 -17.61
CA ILE D 51 31.33 -3.19 -18.14
C ILE D 51 30.95 -3.10 -19.60
N THR D 52 30.06 -2.17 -19.95
CA THR D 52 29.55 -2.14 -21.32
C THR D 52 28.76 -0.86 -21.58
N THR D 53 27.74 -0.94 -22.45
CA THR D 53 26.83 0.17 -22.69
C THR D 53 25.39 -0.39 -22.66
N TRP D 54 24.50 0.16 -21.82
CA TRP D 54 23.11 -0.31 -21.77
C TRP D 54 22.23 0.49 -22.73
N GLU D 55 21.24 -0.15 -23.32
CA GLU D 55 20.26 0.53 -24.13
C GLU D 55 18.89 0.46 -23.37
N ILE D 56 18.38 1.66 -23.11
CA ILE D 56 17.16 1.86 -22.34
C ILE D 56 15.97 2.28 -23.14
N LEU D 57 14.98 1.40 -23.17
CA LEU D 57 13.82 1.56 -24.03
C LEU D 57 12.54 1.72 -23.21
N ALA D 58 11.88 2.87 -23.40
CA ALA D 58 10.68 3.20 -22.66
C ALA D 58 9.45 3.29 -23.54
N VAL D 59 8.35 2.68 -23.09
CA VAL D 59 7.06 2.70 -23.79
C VAL D 59 5.94 3.27 -22.90
N SER D 60 5.13 4.20 -23.42
CA SER D 60 4.02 4.79 -22.66
C SER D 60 2.61 4.44 -23.13
N MET D 61 1.67 4.56 -22.18
CA MET D 61 0.25 4.29 -22.40
C MET D 61 -0.64 5.29 -21.63
N SER D 62 -1.38 6.13 -22.35
CA SER D 62 -2.29 7.12 -21.75
C SER D 62 -3.70 7.06 -22.37
N ASP D 63 -4.75 7.02 -21.54
CA ASP D 63 -6.17 6.97 -21.98
C ASP D 63 -6.61 8.13 -22.88
N LYS D 64 -5.71 9.07 -23.05
CA LYS D 64 -5.89 10.25 -23.85
C LYS D 64 -4.99 10.08 -25.03
N LYS D 65 -3.79 9.74 -24.63
CA LYS D 65 -2.71 9.66 -25.53
C LYS D 65 -2.29 8.35 -26.26
N GLY D 66 -2.92 7.25 -25.89
CA GLY D 66 -2.64 5.97 -26.50
C GLY D 66 -1.25 5.50 -26.14
N ILE D 67 -0.69 4.71 -27.06
CA ILE D 67 0.64 4.13 -26.94
C ILE D 67 1.73 5.09 -27.48
N CYS D 68 2.98 4.90 -27.07
CA CYS D 68 4.09 5.69 -27.62
C CYS D 68 5.43 5.04 -27.28
N VAL D 69 6.20 4.67 -28.31
CA VAL D 69 7.54 4.13 -28.10
C VAL D 69 8.61 5.21 -28.19
N ALA D 70 9.42 5.34 -27.15
CA ALA D 70 10.47 6.34 -27.13
C ALA D 70 11.74 5.83 -27.80
N ASP D 71 12.55 6.79 -28.25
CA ASP D 71 13.87 6.54 -28.82
C ASP D 71 14.78 5.92 -27.75
N PRO D 72 15.64 4.96 -28.15
CA PRO D 72 16.56 4.29 -27.20
C PRO D 72 17.51 5.29 -26.53
N PHE D 73 17.87 5.00 -25.28
CA PHE D 73 18.82 5.81 -24.53
C PHE D 73 20.01 5.01 -24.01
N GLU D 74 21.21 5.36 -24.46
CA GLU D 74 22.39 4.58 -24.13
C GLU D 74 23.20 5.15 -22.98
N VAL D 75 23.55 4.28 -22.04
CA VAL D 75 24.41 4.62 -20.91
C VAL D 75 25.70 3.80 -20.96
N THR D 76 26.87 4.45 -21.02
CA THR D 76 28.10 3.67 -21.12
C THR D 76 28.79 3.56 -19.74
N VAL D 77 28.88 2.33 -19.24
CA VAL D 77 29.49 2.04 -17.94
C VAL D 77 30.90 1.49 -18.11
N MET D 78 31.88 2.21 -17.54
CA MET D 78 33.29 1.83 -17.62
C MET D 78 34.14 2.06 -16.36
N GLN D 79 35.39 1.58 -16.43
CA GLN D 79 36.38 1.62 -15.37
C GLN D 79 37.78 1.61 -15.99
N ASP D 80 38.75 2.19 -15.30
CA ASP D 80 40.10 2.35 -15.82
C ASP D 80 40.88 1.02 -15.94
N PHE D 81 40.70 0.15 -14.95
CA PHE D 81 41.26 -1.20 -14.97
C PHE D 81 40.23 -2.25 -14.62
N PHE D 82 40.18 -3.34 -15.39
CA PHE D 82 39.21 -4.38 -15.07
C PHE D 82 39.52 -5.74 -15.69
N ILE D 83 38.77 -6.77 -15.31
CA ILE D 83 38.97 -8.08 -15.89
C ILE D 83 37.71 -8.49 -16.62
N ASP D 84 37.93 -9.11 -17.78
CA ASP D 84 36.87 -9.71 -18.53
C ASP D 84 37.09 -11.24 -18.47
N LEU D 85 36.29 -11.90 -17.63
CA LEU D 85 36.29 -13.36 -17.47
C LEU D 85 35.41 -14.06 -18.48
N ARG D 86 36.01 -14.65 -19.49
CA ARG D 86 35.22 -15.24 -20.54
C ARG D 86 34.94 -16.71 -20.48
N LEU D 87 33.84 -17.02 -19.84
CA LEU D 87 33.41 -18.38 -19.78
C LEU D 87 32.74 -18.73 -21.09
N PRO D 88 32.57 -20.03 -21.32
CA PRO D 88 31.70 -20.50 -22.38
C PRO D 88 30.33 -20.67 -21.79
N TYR D 89 29.38 -20.87 -22.68
CA TYR D 89 28.01 -21.10 -22.30
C TYR D 89 27.91 -22.28 -21.35
N SER D 90 28.39 -23.43 -21.79
CA SER D 90 28.35 -24.66 -21.00
C SER D 90 29.67 -25.41 -21.13
N VAL D 91 29.98 -26.28 -20.18
CA VAL D 91 31.14 -27.15 -20.34
C VAL D 91 30.81 -28.56 -19.95
N VAL D 92 31.49 -29.49 -20.58
CA VAL D 92 31.21 -30.87 -20.30
C VAL D 92 31.94 -31.27 -19.07
N ARG D 93 31.19 -31.99 -18.30
CA ARG D 93 31.56 -32.54 -17.08
C ARG D 93 32.75 -33.52 -17.12
N ASN D 94 33.86 -33.25 -16.39
CA ASN D 94 35.09 -34.11 -16.30
C ASN D 94 36.05 -33.78 -17.45
N GLU D 95 35.56 -33.03 -18.42
CA GLU D 95 36.37 -32.58 -19.53
C GLU D 95 37.16 -31.40 -19.04
N GLN D 96 38.47 -31.53 -19.14
CA GLN D 96 39.35 -30.43 -18.77
C GLN D 96 39.33 -29.40 -19.88
N VAL D 97 39.05 -28.15 -19.50
CA VAL D 97 38.97 -27.05 -20.45
C VAL D 97 39.67 -25.75 -20.02
N GLU D 98 39.96 -24.91 -20.99
CA GLU D 98 40.57 -23.62 -20.71
C GLU D 98 39.59 -22.46 -20.67
N ILE D 99 39.74 -21.58 -19.69
CA ILE D 99 38.95 -20.37 -19.65
C ILE D 99 39.95 -19.22 -19.72
N ARG D 100 39.56 -18.12 -20.35
CA ARG D 100 40.48 -17.00 -20.51
C ARG D 100 40.00 -15.85 -19.62
N ALA D 101 40.92 -15.08 -19.06
CA ALA D 101 40.61 -13.90 -18.26
C ALA D 101 41.49 -12.76 -18.72
N VAL D 102 40.87 -11.75 -19.31
CA VAL D 102 41.62 -10.66 -19.90
C VAL D 102 41.65 -9.44 -18.99
N LEU D 103 42.84 -8.97 -18.67
CA LEU D 103 42.96 -7.77 -17.85
C LEU D 103 43.22 -6.56 -18.69
N TYR D 104 42.24 -5.66 -18.71
CA TYR D 104 42.34 -4.44 -19.46
C TYR D 104 42.80 -3.28 -18.57
N ASN D 105 43.83 -2.60 -19.03
CA ASN D 105 44.37 -1.37 -18.45
C ASN D 105 44.22 -0.22 -19.41
N TYR D 106 43.27 0.65 -19.13
CA TYR D 106 43.03 1.71 -20.09
C TYR D 106 43.62 3.03 -19.66
N ARG D 107 44.58 3.01 -18.76
CA ARG D 107 45.20 4.26 -18.40
C ARG D 107 46.19 4.69 -19.47
N GLN D 108 46.08 5.97 -19.86
CA GLN D 108 46.75 6.52 -21.03
C GLN D 108 48.24 6.15 -21.14
N ASN D 109 49.02 6.54 -20.14
CA ASN D 109 50.45 6.27 -20.14
C ASN D 109 51.02 5.85 -18.79
N GLN D 110 50.34 4.94 -18.10
CA GLN D 110 50.74 4.47 -16.78
C GLN D 110 50.70 2.95 -16.69
N GLU D 111 51.83 2.27 -16.79
CA GLU D 111 51.81 0.81 -16.65
C GLU D 111 51.50 0.34 -15.23
N LEU D 112 50.93 -0.86 -15.11
CA LEU D 112 50.47 -1.37 -13.81
C LEU D 112 50.99 -2.79 -13.55
N LYS D 113 51.76 -2.93 -12.47
CA LYS D 113 52.18 -4.25 -11.97
C LYS D 113 51.06 -4.91 -11.18
N VAL D 114 50.44 -5.92 -11.80
CA VAL D 114 49.22 -6.54 -11.27
C VAL D 114 49.48 -8.01 -10.82
N ARG D 115 48.66 -8.48 -9.89
CA ARG D 115 48.62 -9.86 -9.43
C ARG D 115 47.22 -10.37 -9.71
N VAL D 116 47.13 -11.48 -10.45
CA VAL D 116 45.84 -12.10 -10.72
C VAL D 116 45.77 -13.52 -10.16
N GLU D 117 44.73 -13.77 -9.38
CA GLU D 117 44.56 -15.02 -8.65
C GLU D 117 43.22 -15.66 -9.02
N LEU D 118 43.29 -16.95 -9.37
CA LEU D 118 42.13 -17.81 -9.57
C LEU D 118 41.71 -18.39 -8.24
N LEU D 119 40.41 -18.33 -7.95
CA LEU D 119 39.91 -18.82 -6.67
C LEU D 119 39.54 -20.27 -6.63
N HIS D 120 39.78 -20.93 -5.51
CA HIS D 120 39.49 -22.35 -5.45
C HIS D 120 38.02 -22.64 -5.27
N ASN D 121 37.48 -23.54 -6.08
CA ASN D 121 36.10 -23.94 -5.88
C ASN D 121 36.02 -25.47 -5.92
N PRO D 122 35.59 -26.10 -4.80
CA PRO D 122 35.51 -27.56 -4.63
C PRO D 122 34.87 -28.25 -5.82
N ALA D 123 34.00 -27.51 -6.53
CA ALA D 123 33.33 -28.01 -7.71
C ALA D 123 34.32 -28.05 -8.88
N PHE D 124 35.48 -27.42 -8.73
CA PHE D 124 36.51 -27.37 -9.78
C PHE D 124 37.84 -27.99 -9.39
N CYS D 125 38.49 -28.66 -10.34
CA CYS D 125 39.79 -29.24 -10.09
C CYS D 125 40.81 -28.42 -10.86
N SER D 126 41.40 -27.42 -10.20
CA SER D 126 42.37 -26.57 -10.85
C SER D 126 43.64 -26.52 -10.02
N LEU D 127 44.51 -25.55 -10.31
CA LEU D 127 45.73 -25.42 -9.53
C LEU D 127 45.50 -24.76 -8.18
N ALA D 128 44.55 -23.82 -8.11
CA ALA D 128 44.25 -23.18 -6.83
C ALA D 128 43.43 -24.06 -5.91
N THR D 129 43.97 -24.32 -4.73
CA THR D 129 43.30 -25.08 -3.69
C THR D 129 43.08 -24.36 -2.37
N THR D 130 42.67 -25.21 -1.44
CA THR D 130 42.38 -24.96 -0.04
C THR D 130 43.67 -24.38 0.54
N LYS D 131 44.77 -25.06 0.22
CA LYS D 131 46.09 -24.82 0.79
C LYS D 131 47.14 -24.02 0.02
N ARG D 132 46.88 -23.76 -1.25
CA ARG D 132 47.82 -22.97 -2.05
C ARG D 132 47.10 -22.01 -2.98
N ARG D 133 47.55 -20.76 -3.05
CA ARG D 133 46.91 -19.82 -3.96
C ARG D 133 47.56 -19.95 -5.33
N HIS D 134 46.87 -19.46 -6.34
CA HIS D 134 47.30 -19.56 -7.74
C HIS D 134 47.38 -18.18 -8.37
N GLN D 135 48.45 -17.47 -8.02
CA GLN D 135 48.59 -16.06 -8.36
C GLN D 135 49.72 -15.82 -9.35
N GLN D 136 49.41 -15.14 -10.45
CA GLN D 136 50.43 -14.75 -11.39
C GLN D 136 50.76 -13.30 -11.11
N THR D 137 52.03 -12.94 -11.22
CA THR D 137 52.47 -11.56 -11.17
C THR D 137 52.83 -11.15 -12.58
N VAL D 138 52.12 -10.15 -13.08
CA VAL D 138 52.30 -9.74 -14.46
C VAL D 138 52.24 -8.21 -14.62
N THR D 139 52.87 -7.68 -15.66
CA THR D 139 52.93 -6.23 -15.90
C THR D 139 52.09 -5.84 -17.11
N ILE D 140 51.30 -4.77 -16.98
CA ILE D 140 50.48 -4.37 -18.11
C ILE D 140 50.79 -2.95 -18.60
N PRO D 141 51.24 -2.88 -19.86
CA PRO D 141 51.59 -1.61 -20.48
C PRO D 141 50.34 -0.72 -20.63
N PRO D 142 50.55 0.59 -20.75
CA PRO D 142 49.50 1.59 -20.90
C PRO D 142 48.69 1.28 -22.14
N LYS D 143 47.37 1.39 -22.06
CA LYS D 143 46.54 1.21 -23.24
C LYS D 143 46.53 -0.19 -23.82
N SER D 144 46.60 -1.21 -22.97
CA SER D 144 46.65 -2.56 -23.50
C SER D 144 45.90 -3.56 -22.65
N SER D 145 45.77 -4.75 -23.19
CA SER D 145 45.06 -5.82 -22.53
C SER D 145 46.04 -6.94 -22.33
N LEU D 146 45.77 -7.83 -21.39
CA LEU D 146 46.66 -8.95 -21.22
C LEU D 146 45.84 -10.20 -20.93
N SER D 147 45.99 -11.22 -21.76
CA SER D 147 45.26 -12.46 -21.58
C SER D 147 45.95 -13.37 -20.55
N VAL D 148 45.13 -13.91 -19.65
CA VAL D 148 45.58 -14.84 -18.62
C VAL D 148 44.74 -16.11 -18.72
N PRO D 149 45.39 -17.22 -19.04
CA PRO D 149 44.75 -18.53 -19.23
C PRO D 149 44.67 -19.32 -17.94
N TYR D 150 43.53 -19.97 -17.72
CA TYR D 150 43.38 -20.89 -16.59
C TYR D 150 42.81 -22.20 -17.11
N VAL D 151 43.37 -23.32 -16.65
CA VAL D 151 42.79 -24.60 -16.98
C VAL D 151 42.06 -25.20 -15.81
N ILE D 152 40.87 -25.73 -16.07
CA ILE D 152 40.08 -26.30 -15.00
C ILE D 152 39.36 -27.56 -15.43
N VAL D 153 38.76 -28.18 -14.44
CA VAL D 153 37.99 -29.38 -14.60
C VAL D 153 36.89 -29.25 -13.59
N PRO D 154 35.65 -29.10 -14.03
CA PRO D 154 34.44 -29.00 -13.19
C PRO D 154 34.03 -30.31 -12.52
N LEU D 155 33.77 -30.23 -11.20
CA LEU D 155 33.54 -31.47 -10.38
C LEU D 155 32.07 -31.79 -10.01
N LYS D 156 31.09 -30.89 -10.13
CA LYS D 156 29.67 -31.35 -9.88
C LYS D 156 28.70 -30.82 -10.95
N THR D 157 27.72 -31.59 -11.44
CA THR D 157 26.92 -31.07 -12.58
C THR D 157 25.97 -29.97 -12.16
N GLY D 158 25.51 -29.17 -13.14
CA GLY D 158 24.58 -28.10 -12.85
C GLY D 158 25.45 -26.86 -13.05
N LEU D 159 25.01 -25.69 -12.63
CA LEU D 159 25.86 -24.53 -12.82
C LEU D 159 26.91 -24.59 -11.72
N GLN D 160 28.06 -23.99 -11.99
CA GLN D 160 29.17 -23.87 -11.07
C GLN D 160 29.65 -22.47 -11.20
N GLU D 161 30.64 -22.09 -10.40
CA GLU D 161 30.95 -20.70 -10.32
C GLU D 161 32.45 -20.51 -10.32
N VAL D 162 32.89 -19.75 -11.30
CA VAL D 162 34.26 -19.34 -11.38
C VAL D 162 34.31 -17.90 -10.91
N GLU D 163 35.41 -17.52 -10.29
CA GLU D 163 35.52 -16.20 -9.74
C GLU D 163 37.00 -15.92 -9.66
N VAL D 164 37.46 -14.91 -10.40
CA VAL D 164 38.86 -14.51 -10.33
C VAL D 164 39.01 -13.09 -9.80
N LYS D 165 40.13 -12.85 -9.12
CA LYS D 165 40.45 -11.53 -8.60
C LYS D 165 41.81 -10.99 -9.01
N ALA D 166 41.96 -9.67 -8.92
CA ALA D 166 43.22 -9.02 -9.27
C ALA D 166 43.46 -7.72 -8.53
N ALA D 167 44.72 -7.48 -8.15
CA ALA D 167 45.08 -6.24 -7.46
C ALA D 167 46.43 -5.73 -7.99
N VAL D 168 46.66 -4.43 -7.93
CA VAL D 168 47.94 -3.88 -8.41
C VAL D 168 48.90 -3.52 -7.28
N TYR D 169 50.20 -3.57 -7.58
CA TYR D 169 51.20 -3.25 -6.58
C TYR D 169 51.41 -1.73 -6.55
N HIS D 170 51.57 -1.17 -5.36
CA HIS D 170 51.92 0.25 -5.15
C HIS D 170 50.74 1.20 -5.40
N HIS D 171 50.38 1.36 -6.67
CA HIS D 171 49.29 2.26 -7.06
C HIS D 171 47.96 1.69 -6.52
N PHE D 172 46.90 2.50 -6.53
CA PHE D 172 45.62 2.06 -5.96
C PHE D 172 44.57 1.56 -6.95
N ILE D 173 44.67 0.28 -7.34
CA ILE D 173 43.77 -0.36 -8.29
C ILE D 173 43.41 -1.84 -8.03
N SER D 174 42.13 -2.16 -7.93
CA SER D 174 41.73 -3.55 -7.65
C SER D 174 40.50 -3.92 -8.47
N ASP D 175 40.37 -5.20 -8.81
CA ASP D 175 39.19 -5.66 -9.54
C ASP D 175 38.76 -7.12 -9.26
N GLY D 176 37.46 -7.42 -9.31
CA GLY D 176 36.97 -8.78 -9.09
C GLY D 176 35.81 -9.26 -9.96
N VAL D 177 35.91 -10.47 -10.49
CA VAL D 177 34.87 -11.06 -11.35
C VAL D 177 34.25 -12.44 -10.97
N ARG D 178 32.94 -12.47 -10.68
CA ARG D 178 32.25 -13.73 -10.33
C ARG D 178 31.21 -14.17 -11.38
N LYS D 179 31.58 -15.11 -12.24
CA LYS D 179 30.64 -15.57 -13.25
C LYS D 179 30.32 -17.02 -13.03
N SER D 180 29.10 -17.40 -13.38
CA SER D 180 28.68 -18.78 -13.21
C SER D 180 28.60 -19.38 -14.61
N LEU D 181 28.79 -20.68 -14.71
CA LEU D 181 28.64 -21.40 -15.96
C LEU D 181 28.02 -22.78 -15.82
N LYS D 182 27.20 -23.17 -16.79
CA LYS D 182 26.48 -24.43 -16.75
C LYS D 182 27.35 -25.66 -17.07
N VAL D 183 27.44 -26.64 -16.20
CA VAL D 183 28.21 -27.85 -16.55
C VAL D 183 27.13 -28.91 -16.86
N VAL D 184 27.18 -29.47 -18.06
CA VAL D 184 26.13 -30.38 -18.53
C VAL D 184 26.52 -31.84 -18.79
N PRO D 185 25.61 -32.80 -18.52
CA PRO D 185 25.92 -34.21 -18.81
C PRO D 185 26.04 -34.45 -20.31
N GLU D 186 26.83 -35.46 -20.66
CA GLU D 186 27.25 -35.69 -22.02
C GLU D 186 26.08 -35.96 -23.01
N GLY D 187 25.07 -36.74 -22.62
CA GLY D 187 23.93 -37.01 -23.50
C GLY D 187 23.25 -35.81 -24.16
N ILE D 188 22.73 -36.01 -25.37
CA ILE D 188 22.03 -34.95 -26.10
C ILE D 188 20.52 -35.19 -25.98
N ARG D 189 19.73 -34.13 -26.09
CA ARG D 189 18.27 -34.23 -26.01
C ARG D 189 17.70 -35.23 -27.02
N MET D 190 16.83 -36.09 -26.53
CA MET D 190 16.18 -37.11 -27.34
C MET D 190 14.66 -37.01 -27.25
N ASN D 191 14.00 -37.08 -28.39
CA ASN D 191 12.53 -37.04 -28.43
C ASN D 191 11.96 -38.32 -28.99
N LYS D 192 11.13 -38.98 -28.20
CA LYS D 192 10.60 -40.25 -28.65
C LYS D 192 9.10 -40.02 -28.77
N THR D 193 8.49 -40.64 -29.77
CA THR D 193 7.05 -40.53 -29.88
C THR D 193 6.44 -41.67 -29.10
N VAL D 194 5.50 -41.29 -28.25
CA VAL D 194 4.86 -42.22 -27.32
C VAL D 194 3.54 -42.79 -27.79
N ALA D 195 2.64 -41.93 -28.21
CA ALA D 195 1.33 -42.37 -28.66
C ALA D 195 0.70 -41.47 -29.70
N VAL D 196 0.21 -42.10 -30.76
CA VAL D 196 -0.53 -41.40 -31.79
C VAL D 196 -1.83 -42.12 -32.11
N ARG D 197 -2.91 -41.67 -31.50
CA ARG D 197 -4.19 -42.34 -31.74
C ARG D 197 -5.19 -41.38 -32.36
N THR D 198 -6.11 -41.95 -33.14
CA THR D 198 -7.17 -41.19 -33.79
C THR D 198 -8.45 -41.18 -32.94
N LEU D 199 -8.80 -40.00 -32.46
CA LEU D 199 -9.94 -39.82 -31.57
C LEU D 199 -11.27 -39.66 -32.25
N ASP D 200 -12.01 -40.76 -32.36
CA ASP D 200 -13.30 -40.63 -32.96
C ASP D 200 -14.25 -41.65 -32.40
N PRO D 201 -15.01 -41.25 -31.39
CA PRO D 201 -16.10 -42.07 -30.87
C PRO D 201 -17.08 -42.37 -32.00
N GLU D 202 -17.72 -43.54 -31.99
CA GLU D 202 -18.63 -43.98 -33.05
C GLU D 202 -17.97 -44.89 -34.07
N ARG D 203 -16.99 -44.36 -34.76
CA ARG D 203 -16.20 -45.09 -35.72
C ARG D 203 -15.18 -45.89 -34.92
N LEU D 204 -15.39 -47.20 -34.79
CA LEU D 204 -14.57 -48.10 -33.98
C LEU D 204 -14.56 -47.76 -32.49
N GLY D 205 -14.44 -46.47 -32.19
CA GLY D 205 -14.65 -45.95 -30.86
C GLY D 205 -16.09 -46.13 -30.44
N ARG D 206 -16.38 -47.22 -29.72
CA ARG D 206 -17.75 -47.64 -29.45
C ARG D 206 -18.67 -46.55 -28.90
N GLU D 207 -19.97 -46.84 -28.96
CA GLU D 207 -20.98 -45.93 -28.42
C GLU D 207 -20.72 -45.62 -26.95
N GLY D 208 -20.14 -46.59 -26.25
CA GLY D 208 -19.53 -46.38 -24.94
C GLY D 208 -18.26 -45.61 -25.19
N VAL D 209 -18.42 -44.29 -25.25
CA VAL D 209 -17.38 -43.36 -25.65
C VAL D 209 -15.88 -43.73 -25.48
N GLN D 210 -15.09 -43.47 -26.52
CA GLN D 210 -13.69 -43.93 -26.61
C GLN D 210 -12.79 -43.69 -25.41
N LYS D 211 -12.09 -44.74 -24.99
CA LYS D 211 -11.06 -44.67 -23.97
C LYS D 211 -9.69 -45.00 -24.54
N GLU D 212 -8.66 -44.26 -24.14
CA GLU D 212 -7.33 -44.48 -24.73
C GLU D 212 -6.21 -44.54 -23.70
N ASP D 213 -5.68 -45.74 -23.50
CA ASP D 213 -4.56 -45.97 -22.57
C ASP D 213 -3.22 -45.62 -23.20
N ILE D 214 -2.53 -44.66 -22.61
CA ILE D 214 -1.24 -44.27 -23.13
C ILE D 214 -0.17 -44.60 -22.09
N PRO D 215 0.78 -45.45 -22.45
CA PRO D 215 1.82 -45.79 -21.51
C PRO D 215 2.78 -44.62 -21.43
N PRO D 216 3.60 -44.57 -20.39
CA PRO D 216 4.71 -43.62 -20.36
C PRO D 216 5.73 -43.92 -21.41
N ALA D 217 6.82 -43.16 -21.47
CA ALA D 217 7.90 -43.43 -22.41
C ALA D 217 9.00 -44.24 -21.75
N ASP D 218 9.84 -44.87 -22.57
CA ASP D 218 10.95 -45.69 -22.07
C ASP D 218 11.91 -44.97 -21.15
N LEU D 219 12.65 -44.01 -21.71
CA LEU D 219 13.62 -43.22 -20.96
C LEU D 219 14.54 -44.11 -20.12
N SER D 220 14.83 -45.32 -20.60
CA SER D 220 15.67 -46.23 -19.83
C SER D 220 17.13 -45.88 -19.98
N ASP D 221 17.43 -45.18 -21.07
CA ASP D 221 18.78 -44.69 -21.31
C ASP D 221 18.88 -43.20 -20.99
N GLN D 222 17.94 -42.71 -20.19
CA GLN D 222 17.99 -41.33 -19.70
C GLN D 222 19.11 -41.14 -18.69
N VAL D 223 20.01 -40.21 -18.95
CA VAL D 223 21.10 -39.91 -18.03
C VAL D 223 20.50 -39.29 -16.76
N PRO D 224 20.82 -39.89 -15.59
CA PRO D 224 20.33 -39.58 -14.24
C PRO D 224 20.52 -38.09 -13.96
N ASP D 225 19.55 -37.45 -13.31
CA ASP D 225 19.59 -36.01 -12.96
C ASP D 225 19.13 -35.13 -14.09
N THR D 226 18.22 -35.62 -14.90
CA THR D 226 17.73 -34.76 -15.94
C THR D 226 16.22 -34.73 -15.90
N GLU D 227 15.67 -33.54 -16.08
CA GLU D 227 14.25 -33.38 -16.16
C GLU D 227 13.84 -33.89 -17.53
N SER D 228 12.59 -34.29 -17.67
CA SER D 228 12.12 -34.78 -18.95
C SER D 228 10.71 -34.29 -19.12
N GLU D 229 10.43 -33.64 -20.24
CA GLU D 229 9.05 -33.15 -20.31
C GLU D 229 8.22 -33.89 -21.35
N THR D 230 7.01 -34.23 -20.90
CA THR D 230 6.04 -34.92 -21.71
C THR D 230 5.02 -33.91 -22.20
N ARG D 231 4.87 -33.86 -23.52
CA ARG D 231 3.93 -32.96 -24.14
C ARG D 231 2.81 -33.70 -24.83
N ILE D 232 1.61 -33.15 -24.70
CA ILE D 232 0.45 -33.75 -25.34
C ILE D 232 -0.22 -32.73 -26.24
N LEU D 233 -0.78 -33.25 -27.33
CA LEU D 233 -1.40 -32.45 -28.38
C LEU D 233 -2.69 -33.06 -28.91
N LEU D 234 -3.66 -32.17 -29.12
CA LEU D 234 -5.00 -32.53 -29.59
C LEU D 234 -5.24 -31.91 -30.94
N GLN D 235 -4.73 -32.54 -31.99
CA GLN D 235 -4.99 -32.03 -33.34
C GLN D 235 -6.43 -32.36 -33.70
N GLY D 236 -7.16 -31.40 -34.26
CA GLY D 236 -8.54 -31.69 -34.63
C GLY D 236 -8.69 -31.71 -36.14
N THR D 237 -9.12 -32.85 -36.65
CA THR D 237 -9.38 -33.03 -38.06
C THR D 237 -10.79 -32.71 -38.57
N PRO D 238 -10.93 -31.65 -39.36
CA PRO D 238 -12.20 -31.14 -39.85
C PRO D 238 -12.57 -31.76 -41.22
N VAL D 239 -11.71 -32.61 -41.79
CA VAL D 239 -11.92 -33.17 -43.14
C VAL D 239 -13.18 -34.08 -43.15
N ALA D 240 -13.49 -34.61 -44.34
CA ALA D 240 -14.63 -35.42 -44.78
C ALA D 240 -15.65 -34.53 -45.46
N GLN D 241 -16.77 -35.15 -45.84
CA GLN D 241 -17.98 -34.49 -46.32
C GLN D 241 -18.30 -33.13 -45.68
N MET D 242 -19.02 -32.30 -46.43
CA MET D 242 -19.75 -31.16 -45.87
C MET D 242 -21.20 -31.38 -45.34
N THR D 243 -21.96 -32.39 -45.76
CA THR D 243 -21.79 -33.22 -46.95
C THR D 243 -22.22 -32.57 -48.26
N GLU D 244 -21.36 -32.64 -49.27
CA GLU D 244 -21.74 -32.33 -50.65
C GLU D 244 -22.92 -33.23 -51.02
N ASP D 245 -23.78 -32.82 -51.95
CA ASP D 245 -23.58 -31.71 -52.87
C ASP D 245 -24.89 -30.94 -53.06
N ALA D 246 -24.80 -29.63 -53.30
CA ALA D 246 -25.99 -28.86 -53.63
C ALA D 246 -25.87 -28.05 -54.95
N VAL D 247 -26.98 -27.47 -55.39
CA VAL D 247 -27.11 -26.79 -56.68
C VAL D 247 -26.46 -25.43 -56.70
N ASP D 248 -25.63 -25.24 -57.72
CA ASP D 248 -24.94 -24.01 -57.95
C ASP D 248 -25.99 -22.89 -58.04
N ALA D 249 -25.75 -21.76 -57.37
CA ALA D 249 -26.75 -20.70 -57.35
C ALA D 249 -26.88 -20.12 -58.76
N GLU D 250 -25.76 -20.13 -59.47
CA GLU D 250 -25.67 -19.65 -60.84
C GLU D 250 -26.65 -20.39 -61.75
N ARG D 251 -27.19 -21.46 -61.20
CA ARG D 251 -28.12 -22.33 -61.90
C ARG D 251 -29.57 -21.96 -61.61
N LEU D 252 -29.77 -20.88 -60.84
CA LEU D 252 -31.11 -20.48 -60.42
C LEU D 252 -31.51 -19.11 -60.95
N LYS D 253 -30.64 -18.51 -61.75
CA LYS D 253 -30.85 -17.16 -62.27
C LYS D 253 -32.22 -16.94 -62.93
N HIS D 254 -32.84 -18.02 -63.41
CA HIS D 254 -34.12 -17.90 -64.10
C HIS D 254 -35.30 -17.89 -63.13
N LEU D 255 -35.01 -18.26 -61.88
CA LEU D 255 -36.02 -18.36 -60.85
C LEU D 255 -36.43 -17.02 -60.28
N ILE D 256 -35.78 -15.95 -60.72
CA ILE D 256 -36.14 -14.62 -60.30
C ILE D 256 -37.17 -14.00 -61.27
N VAL D 257 -38.44 -14.21 -60.96
CA VAL D 257 -39.48 -13.80 -61.88
C VAL D 257 -40.36 -12.69 -61.33
N THR D 258 -40.66 -11.72 -62.19
CA THR D 258 -41.58 -10.64 -61.83
C THR D 258 -42.98 -11.21 -61.82
N PRO D 259 -43.63 -11.18 -60.65
CA PRO D 259 -45.00 -11.74 -60.54
C PRO D 259 -46.09 -10.86 -61.21
N SER D 260 -46.95 -11.42 -62.08
CA SER D 260 -48.02 -10.72 -62.71
C SER D 260 -49.14 -11.69 -62.99
N GLY D 261 -50.26 -11.11 -63.42
CA GLY D 261 -51.42 -11.86 -63.77
C GLY D 261 -52.44 -11.91 -62.65
N CYS D 262 -53.34 -12.88 -62.75
CA CYS D 262 -54.44 -12.98 -61.81
C CYS D 262 -54.17 -13.95 -60.67
N GLY D 263 -55.13 -14.02 -59.75
CA GLY D 263 -55.05 -14.81 -58.53
C GLY D 263 -54.21 -16.07 -58.57
N GLU D 264 -54.19 -16.73 -59.71
CA GLU D 264 -53.46 -17.98 -59.88
C GLU D 264 -52.10 -17.77 -60.55
N GLU D 265 -52.09 -16.96 -61.61
CA GLU D 265 -50.88 -16.65 -62.35
C GLU D 265 -49.88 -15.85 -61.53
N ASN D 266 -50.41 -15.08 -60.60
CA ASN D 266 -49.55 -14.31 -59.73
C ASN D 266 -48.79 -15.26 -58.83
N MET D 267 -49.40 -16.39 -58.49
CA MET D 267 -48.72 -17.33 -57.64
C MET D 267 -47.69 -18.13 -58.38
N ILE D 268 -47.98 -18.37 -59.66
CA ILE D 268 -47.06 -19.11 -60.48
C ILE D 268 -45.86 -18.19 -60.72
N GLY D 269 -46.04 -16.89 -60.58
CA GLY D 269 -44.89 -16.04 -60.81
C GLY D 269 -44.16 -15.68 -59.53
N MET D 270 -44.85 -15.71 -58.40
CA MET D 270 -44.19 -15.42 -57.13
C MET D 270 -43.53 -16.71 -56.58
N THR D 271 -43.89 -17.86 -57.15
CA THR D 271 -43.37 -19.15 -56.67
C THR D 271 -41.86 -19.32 -56.87
N PRO D 272 -41.36 -19.32 -58.11
CA PRO D 272 -39.93 -19.59 -58.27
C PRO D 272 -39.05 -18.56 -57.55
N THR D 273 -39.56 -17.34 -57.37
CA THR D 273 -38.79 -16.28 -56.72
C THR D 273 -38.68 -16.50 -55.20
N VAL D 274 -39.78 -16.82 -54.54
CA VAL D 274 -39.75 -17.08 -53.10
C VAL D 274 -38.91 -18.31 -52.76
N ILE D 275 -39.03 -19.37 -53.55
CA ILE D 275 -38.27 -20.58 -53.29
C ILE D 275 -36.80 -20.46 -53.74
N ALA D 276 -36.49 -19.44 -54.52
CA ALA D 276 -35.10 -19.21 -54.92
C ALA D 276 -34.33 -18.51 -53.83
N VAL D 277 -34.92 -17.45 -53.28
CA VAL D 277 -34.28 -16.72 -52.19
C VAL D 277 -34.09 -17.58 -50.95
N HIS D 278 -35.16 -18.26 -50.55
CA HIS D 278 -35.20 -19.11 -49.37
C HIS D 278 -34.02 -20.10 -49.51
N TYR D 279 -33.91 -20.78 -50.64
CA TYR D 279 -32.84 -21.74 -50.90
C TYR D 279 -31.43 -21.10 -50.87
N LEU D 280 -31.32 -19.88 -51.39
CA LEU D 280 -30.02 -19.18 -51.46
C LEU D 280 -29.59 -18.68 -50.11
N ASP D 281 -30.59 -18.41 -49.29
CA ASP D 281 -30.36 -18.00 -47.93
C ASP D 281 -29.86 -19.20 -47.16
N GLU D 282 -30.25 -20.37 -47.63
CA GLU D 282 -29.93 -21.52 -46.85
C GLU D 282 -28.58 -22.21 -47.23
N THR D 283 -28.21 -22.06 -48.50
CA THR D 283 -26.97 -22.61 -49.05
C THR D 283 -25.88 -21.56 -48.98
N GLU D 284 -26.33 -20.39 -48.54
CA GLU D 284 -25.51 -19.23 -48.27
C GLU D 284 -24.60 -18.93 -49.41
N GLN D 285 -25.12 -19.12 -50.62
CA GLN D 285 -24.38 -18.87 -51.82
C GLN D 285 -24.53 -17.46 -52.39
N TRP D 286 -25.21 -16.57 -51.67
CA TRP D 286 -25.54 -15.22 -52.12
C TRP D 286 -24.33 -14.43 -52.73
N GLU D 287 -23.13 -14.83 -52.32
CA GLU D 287 -21.94 -14.22 -52.89
C GLU D 287 -21.74 -14.62 -54.34
N LYS D 288 -21.87 -15.89 -54.64
CA LYS D 288 -21.62 -16.25 -56.04
C LYS D 288 -22.72 -15.78 -56.94
N PHE D 289 -23.91 -15.71 -56.39
CA PHE D 289 -25.08 -15.35 -57.16
C PHE D 289 -25.09 -13.80 -57.37
N GLY D 290 -24.57 -13.06 -56.38
CA GLY D 290 -24.64 -11.59 -56.37
C GLY D 290 -25.37 -10.99 -55.18
N LEU D 291 -24.64 -10.43 -54.22
CA LEU D 291 -25.30 -10.03 -52.98
C LEU D 291 -26.30 -8.89 -53.22
N GLU D 292 -26.07 -8.07 -54.24
CA GLU D 292 -26.97 -6.93 -54.46
C GLU D 292 -28.34 -7.30 -55.04
N LYS D 293 -28.44 -8.47 -55.67
CA LYS D 293 -29.68 -8.85 -56.35
C LYS D 293 -30.72 -9.37 -55.36
N ARG D 294 -30.30 -9.60 -54.12
CA ARG D 294 -31.24 -10.11 -53.12
C ARG D 294 -32.30 -9.07 -52.81
N GLN D 295 -31.88 -7.86 -52.48
CA GLN D 295 -32.83 -6.80 -52.16
C GLN D 295 -33.89 -6.68 -53.27
N GLY D 296 -33.41 -6.78 -54.51
CA GLY D 296 -34.31 -6.70 -55.65
C GLY D 296 -35.20 -7.92 -55.84
N ALA D 297 -34.80 -9.09 -55.36
CA ALA D 297 -35.68 -10.25 -55.46
C ALA D 297 -36.73 -10.20 -54.33
N LEU D 298 -36.34 -9.53 -53.26
CA LEU D 298 -37.20 -9.29 -52.11
C LEU D 298 -38.30 -8.32 -52.50
N GLU D 299 -37.93 -7.41 -53.40
CA GLU D 299 -38.86 -6.42 -53.91
C GLU D 299 -39.92 -7.15 -54.75
N LEU D 300 -39.49 -8.18 -55.45
CA LEU D 300 -40.36 -8.98 -56.31
C LEU D 300 -41.31 -9.85 -55.47
N ILE D 301 -40.85 -10.26 -54.30
CA ILE D 301 -41.67 -11.06 -53.39
C ILE D 301 -42.75 -10.21 -52.72
N LYS D 302 -42.37 -8.98 -52.40
CA LYS D 302 -43.34 -8.05 -51.84
C LYS D 302 -44.36 -7.67 -52.91
N LYS D 303 -43.95 -7.68 -54.17
CA LYS D 303 -44.88 -7.33 -55.23
C LYS D 303 -45.85 -8.48 -55.46
N GLY D 304 -45.40 -9.70 -55.24
CA GLY D 304 -46.31 -10.82 -55.40
C GLY D 304 -47.35 -10.84 -54.28
N TYR D 305 -46.90 -10.60 -53.05
CA TYR D 305 -47.86 -10.60 -51.94
C TYR D 305 -48.85 -9.43 -51.98
N THR D 306 -48.35 -8.26 -52.36
CA THR D 306 -49.20 -7.09 -52.46
C THR D 306 -50.21 -7.26 -53.58
N GLN D 307 -49.77 -7.81 -54.71
CA GLN D 307 -50.70 -7.99 -55.81
C GLN D 307 -51.66 -9.14 -55.56
N GLN D 308 -51.35 -9.95 -54.55
CA GLN D 308 -52.22 -11.06 -54.21
C GLN D 308 -53.20 -10.68 -53.11
N LEU D 309 -53.10 -9.45 -52.65
CA LEU D 309 -54.03 -9.00 -51.63
C LEU D 309 -55.27 -8.49 -52.38
N ALA D 310 -55.08 -8.12 -53.64
CA ALA D 310 -56.20 -7.63 -54.43
C ALA D 310 -57.12 -8.79 -54.85
N PHE D 311 -56.68 -10.03 -54.66
CA PHE D 311 -57.51 -11.21 -54.98
C PHE D 311 -57.99 -11.95 -53.74
N ARG D 312 -57.90 -11.27 -52.61
CA ARG D 312 -58.35 -11.76 -51.34
C ARG D 312 -59.86 -11.34 -51.13
N GLN D 313 -60.75 -12.33 -51.11
CA GLN D 313 -62.23 -12.11 -50.94
C GLN D 313 -62.67 -11.76 -49.50
N PRO D 314 -63.83 -11.10 -49.24
CA PRO D 314 -64.08 -10.85 -47.80
C PRO D 314 -63.94 -12.19 -47.12
N SER D 315 -64.24 -13.19 -47.97
CA SER D 315 -64.21 -14.60 -47.63
C SER D 315 -62.82 -15.13 -47.51
N SER D 316 -61.78 -14.26 -47.53
CA SER D 316 -60.35 -14.63 -47.34
C SER D 316 -59.81 -15.76 -48.06
N ALA D 317 -60.61 -16.09 -49.01
CA ALA D 317 -60.23 -17.26 -49.73
C ALA D 317 -59.78 -16.56 -50.89
N PHE D 318 -59.15 -17.30 -51.73
CA PHE D 318 -58.58 -16.71 -52.87
C PHE D 318 -59.14 -17.48 -53.99
N ALA D 319 -59.35 -16.79 -55.08
CA ALA D 319 -59.79 -17.44 -56.27
C ALA D 319 -59.14 -16.69 -57.38
N ALA D 320 -59.18 -17.30 -58.55
CA ALA D 320 -58.61 -16.73 -59.76
C ALA D 320 -59.07 -15.31 -59.91
N PHE D 321 -60.38 -15.11 -59.73
CA PHE D 321 -60.95 -13.78 -59.82
C PHE D 321 -61.61 -13.35 -58.51
N VAL D 322 -62.31 -12.22 -58.54
CA VAL D 322 -62.96 -11.75 -57.33
C VAL D 322 -64.43 -12.16 -57.37
N LYS D 323 -64.90 -12.52 -58.56
CA LYS D 323 -66.27 -12.95 -58.80
C LYS D 323 -66.36 -14.46 -58.88
N ARG D 324 -65.20 -15.10 -58.96
CA ARG D 324 -65.13 -16.54 -59.03
C ARG D 324 -65.31 -17.17 -57.66
N ALA D 325 -65.80 -18.41 -57.63
CA ALA D 325 -65.87 -19.07 -56.34
C ALA D 325 -64.48 -19.44 -55.85
N PRO D 326 -64.23 -19.21 -54.56
CA PRO D 326 -62.92 -19.46 -53.94
C PRO D 326 -62.47 -20.92 -54.04
N SER D 327 -61.18 -21.12 -54.30
CA SER D 327 -60.61 -22.46 -54.41
C SER D 327 -59.99 -22.93 -53.10
N THR D 328 -60.28 -24.17 -52.73
CA THR D 328 -59.71 -24.77 -51.52
C THR D 328 -58.20 -24.91 -51.67
N TRP D 329 -57.78 -25.49 -52.80
CA TRP D 329 -56.37 -25.77 -53.03
C TRP D 329 -55.55 -24.52 -53.16
N LEU D 330 -56.07 -23.55 -53.89
CA LEU D 330 -55.36 -22.32 -54.11
C LEU D 330 -55.16 -21.60 -52.77
N THR D 331 -56.20 -21.48 -51.96
CA THR D 331 -56.09 -20.84 -50.64
C THR D 331 -55.12 -21.61 -49.74
N ALA D 332 -54.99 -22.90 -49.97
CA ALA D 332 -54.06 -23.70 -49.19
C ALA D 332 -52.66 -23.53 -49.75
N TYR D 333 -52.56 -23.00 -50.96
CA TYR D 333 -51.25 -22.75 -51.53
C TYR D 333 -50.81 -21.35 -51.15
N VAL D 334 -51.73 -20.39 -51.15
CA VAL D 334 -51.43 -19.05 -50.68
C VAL D 334 -50.90 -19.18 -49.25
N VAL D 335 -51.61 -19.98 -48.45
CA VAL D 335 -51.18 -20.26 -47.08
C VAL D 335 -49.82 -20.96 -47.01
N LYS D 336 -49.61 -21.94 -47.87
CA LYS D 336 -48.35 -22.69 -47.88
C LYS D 336 -47.17 -21.73 -48.20
N VAL D 337 -47.29 -21.00 -49.31
CA VAL D 337 -46.26 -20.07 -49.78
C VAL D 337 -46.01 -18.94 -48.77
N PHE D 338 -47.06 -18.26 -48.31
CA PHE D 338 -46.92 -17.15 -47.38
C PHE D 338 -46.35 -17.57 -46.03
N SER D 339 -46.51 -18.84 -45.71
CA SER D 339 -46.00 -19.37 -44.46
C SER D 339 -44.52 -19.57 -44.64
N LEU D 340 -44.09 -19.63 -45.90
CA LEU D 340 -42.69 -19.82 -46.18
C LEU D 340 -42.06 -18.49 -46.48
N ALA D 341 -42.85 -17.48 -46.87
CA ALA D 341 -42.21 -16.20 -47.15
C ALA D 341 -42.41 -15.24 -45.99
N VAL D 342 -42.41 -15.79 -44.78
CA VAL D 342 -42.58 -15.02 -43.54
C VAL D 342 -41.27 -14.40 -43.05
N ASN D 343 -40.17 -15.17 -43.12
CA ASN D 343 -38.90 -14.66 -42.63
C ASN D 343 -38.26 -13.73 -43.63
N LEU D 344 -38.79 -13.75 -44.84
CA LEU D 344 -38.29 -12.94 -45.93
C LEU D 344 -39.00 -11.57 -45.95
N ILE D 345 -40.32 -11.56 -46.05
CA ILE D 345 -41.05 -10.29 -46.02
C ILE D 345 -42.05 -10.23 -44.88
N ALA D 346 -42.68 -9.08 -44.70
CA ALA D 346 -43.63 -8.90 -43.63
C ALA D 346 -45.01 -9.41 -44.04
N ILE D 347 -45.25 -10.70 -43.77
CA ILE D 347 -46.52 -11.35 -44.03
C ILE D 347 -47.46 -10.97 -42.94
N ASP D 348 -48.53 -10.35 -43.37
CA ASP D 348 -49.49 -9.95 -42.40
C ASP D 348 -50.24 -11.21 -41.82
N SER D 349 -50.47 -11.28 -40.49
CA SER D 349 -51.16 -12.43 -39.85
C SER D 349 -52.71 -12.66 -39.97
N GLN D 350 -53.54 -11.62 -40.06
CA GLN D 350 -55.01 -11.77 -40.23
C GLN D 350 -55.29 -12.45 -41.56
N VAL D 351 -54.48 -12.17 -42.56
CA VAL D 351 -54.76 -12.72 -43.88
C VAL D 351 -54.41 -14.18 -43.90
N LEU D 352 -53.20 -14.52 -43.49
CA LEU D 352 -52.76 -15.91 -43.49
C LEU D 352 -53.52 -16.84 -42.55
N CYS D 353 -53.67 -16.39 -41.31
CA CYS D 353 -54.32 -17.22 -40.32
C CYS D 353 -55.82 -17.19 -40.55
N GLY D 354 -56.28 -16.11 -41.18
CA GLY D 354 -57.68 -15.98 -41.52
C GLY D 354 -58.05 -17.00 -42.58
N ALA D 355 -57.16 -17.21 -43.53
CA ALA D 355 -57.38 -18.16 -44.61
C ALA D 355 -57.25 -19.57 -44.10
N VAL D 356 -56.47 -19.71 -43.04
CA VAL D 356 -56.39 -21.02 -42.43
C VAL D 356 -57.68 -21.35 -41.72
N LYS D 357 -58.24 -20.39 -41.00
CA LYS D 357 -59.49 -20.59 -40.31
C LYS D 357 -60.71 -20.81 -41.25
N TRP D 358 -60.77 -20.11 -42.39
CA TRP D 358 -61.85 -20.22 -43.38
C TRP D 358 -61.73 -21.60 -44.02
N LEU D 359 -60.51 -21.99 -44.40
CA LEU D 359 -60.30 -23.33 -44.94
C LEU D 359 -60.84 -24.35 -43.89
N ILE D 360 -60.52 -24.16 -42.61
CA ILE D 360 -60.91 -25.11 -41.55
C ILE D 360 -62.42 -25.22 -41.35
N LEU D 361 -63.07 -24.09 -41.12
CA LEU D 361 -64.49 -24.04 -40.77
C LEU D 361 -65.38 -24.28 -42.00
N GLU D 362 -64.90 -23.99 -43.19
CA GLU D 362 -65.73 -24.06 -44.40
C GLU D 362 -65.41 -25.29 -45.24
N LYS D 363 -64.13 -25.54 -45.52
CA LYS D 363 -63.82 -26.59 -46.46
C LYS D 363 -63.30 -27.87 -45.81
N GLN D 364 -63.67 -28.12 -44.56
CA GLN D 364 -63.33 -29.39 -43.96
C GLN D 364 -64.59 -30.15 -43.54
N LYS D 365 -64.73 -31.38 -44.00
CA LYS D 365 -65.82 -32.25 -43.59
C LYS D 365 -65.59 -32.81 -42.18
N PRO D 366 -66.66 -33.25 -41.49
CA PRO D 366 -66.59 -33.86 -40.16
C PRO D 366 -65.52 -34.95 -40.06
N ASP D 367 -65.45 -35.85 -41.04
CA ASP D 367 -64.51 -36.96 -40.97
C ASP D 367 -63.05 -36.52 -41.15
N GLY D 368 -62.85 -35.26 -41.51
CA GLY D 368 -61.51 -34.68 -41.60
C GLY D 368 -61.09 -34.29 -42.99
N VAL D 369 -61.80 -34.80 -43.99
CA VAL D 369 -61.47 -34.55 -45.38
C VAL D 369 -61.66 -33.06 -45.75
N PHE D 370 -60.82 -32.56 -46.64
CA PHE D 370 -60.99 -31.21 -47.18
C PHE D 370 -61.47 -31.37 -48.60
N GLN D 371 -62.55 -30.66 -48.89
CA GLN D 371 -63.18 -30.77 -50.19
C GLN D 371 -62.97 -29.54 -51.06
N GLU D 372 -62.51 -29.80 -52.28
CA GLU D 372 -62.36 -28.75 -53.28
C GLU D 372 -63.74 -28.52 -53.88
N ASP D 373 -64.18 -27.27 -53.96
CA ASP D 373 -65.51 -26.98 -54.51
C ASP D 373 -65.44 -26.10 -55.76
N ALA D 374 -64.31 -25.42 -55.94
CA ALA D 374 -64.09 -24.57 -57.11
C ALA D 374 -62.67 -24.75 -57.65
N PRO D 375 -62.46 -25.80 -58.46
CA PRO D 375 -61.14 -26.15 -59.02
C PRO D 375 -60.47 -24.97 -59.71
N VAL D 376 -59.15 -24.88 -59.51
CA VAL D 376 -58.34 -23.82 -60.09
C VAL D 376 -58.23 -23.91 -61.60
N ILE D 377 -58.24 -22.76 -62.24
CA ILE D 377 -58.23 -22.68 -63.70
C ILE D 377 -56.92 -23.19 -64.30
N HIS D 378 -55.81 -22.93 -63.61
CA HIS D 378 -54.56 -23.51 -64.04
C HIS D 378 -54.56 -24.85 -63.37
N GLN D 379 -55.07 -25.83 -64.10
CA GLN D 379 -55.20 -27.16 -63.56
C GLN D 379 -53.91 -27.91 -63.63
N GLU D 380 -52.87 -27.17 -63.98
CA GLU D 380 -51.56 -27.74 -64.06
C GLU D 380 -50.61 -27.32 -62.90
N MET D 381 -50.95 -26.25 -62.19
CA MET D 381 -50.11 -25.73 -61.11
C MET D 381 -50.23 -26.54 -59.83
N ILE D 382 -51.25 -27.38 -59.77
CA ILE D 382 -51.54 -28.10 -58.55
C ILE D 382 -50.65 -29.31 -58.37
N GLY D 383 -50.01 -29.71 -59.46
CA GLY D 383 -49.07 -30.80 -59.41
C GLY D 383 -49.73 -32.15 -59.57
N GLY D 384 -49.49 -33.06 -58.61
CA GLY D 384 -49.98 -34.43 -58.74
C GLY D 384 -51.37 -34.83 -58.31
N LEU D 385 -52.10 -33.79 -57.96
CA LEU D 385 -53.47 -33.93 -57.61
C LEU D 385 -54.30 -34.02 -58.93
N ARG D 386 -53.77 -33.45 -59.99
CA ARG D 386 -54.35 -33.42 -61.39
C ARG D 386 -54.85 -34.79 -62.03
N ASN D 387 -54.01 -35.75 -62.01
CA ASN D 387 -54.36 -37.09 -62.62
C ASN D 387 -55.62 -37.86 -62.28
N ASN D 388 -56.22 -37.53 -61.14
CA ASN D 388 -57.41 -38.21 -60.54
C ASN D 388 -56.93 -39.42 -59.71
N ASN D 389 -57.88 -40.08 -59.04
CA ASN D 389 -57.69 -41.25 -58.16
C ASN D 389 -57.22 -40.86 -56.75
N GLU D 390 -58.06 -41.17 -55.75
CA GLU D 390 -57.82 -40.94 -54.31
C GLU D 390 -57.41 -39.47 -54.16
N LYS D 391 -58.26 -38.55 -54.58
CA LYS D 391 -57.96 -37.13 -54.40
C LYS D 391 -58.39 -36.52 -53.10
N ASP D 392 -59.06 -37.33 -52.30
CA ASP D 392 -59.46 -36.96 -50.96
C ASP D 392 -58.26 -37.08 -50.02
N MET D 393 -57.27 -37.86 -50.43
CA MET D 393 -56.08 -38.03 -49.62
C MET D 393 -55.05 -37.08 -50.17
N ALA D 394 -54.90 -37.02 -51.48
CA ALA D 394 -53.91 -36.12 -52.05
C ALA D 394 -54.26 -34.69 -51.59
N LEU D 395 -55.55 -34.35 -51.66
CA LEU D 395 -55.98 -33.02 -51.25
C LEU D 395 -55.99 -32.74 -49.76
N THR D 396 -56.48 -33.68 -48.95
CA THR D 396 -56.46 -33.44 -47.50
C THR D 396 -55.07 -33.44 -46.89
N ALA D 397 -54.15 -34.04 -47.64
CA ALA D 397 -52.75 -34.06 -47.26
C ALA D 397 -52.11 -32.76 -47.71
N PHE D 398 -52.56 -32.25 -48.85
CA PHE D 398 -52.03 -30.97 -49.31
C PHE D 398 -52.51 -29.89 -48.35
N VAL D 399 -53.80 -29.79 -48.13
CA VAL D 399 -54.30 -28.79 -47.21
C VAL D 399 -53.74 -28.94 -45.79
N LEU D 400 -53.42 -30.18 -45.41
CA LEU D 400 -52.86 -30.41 -44.09
C LEU D 400 -51.45 -29.83 -44.06
N ILE D 401 -50.62 -30.20 -45.04
CA ILE D 401 -49.25 -29.71 -45.09
C ILE D 401 -49.26 -28.19 -45.07
N SER D 402 -50.19 -27.59 -45.78
CA SER D 402 -50.28 -26.14 -45.77
C SER D 402 -50.61 -25.66 -44.36
N LEU D 403 -51.41 -26.42 -43.63
CA LEU D 403 -51.78 -26.04 -42.26
C LEU D 403 -50.72 -26.13 -41.18
N GLN D 404 -49.84 -27.11 -41.30
CA GLN D 404 -48.81 -27.33 -40.28
C GLN D 404 -47.67 -26.33 -40.40
N GLU D 405 -47.47 -25.77 -41.60
CA GLU D 405 -46.44 -24.73 -41.78
C GLU D 405 -47.05 -23.40 -41.43
N ALA D 406 -48.35 -23.40 -41.19
CA ALA D 406 -49.00 -22.19 -40.75
C ALA D 406 -49.27 -22.38 -39.27
N LYS D 407 -48.67 -23.44 -38.73
CA LYS D 407 -48.86 -23.78 -37.32
C LYS D 407 -48.51 -22.66 -36.37
N ASP D 408 -47.19 -22.45 -36.22
CA ASP D 408 -46.67 -21.45 -35.29
C ASP D 408 -47.27 -20.07 -35.47
N ILE D 409 -47.56 -19.73 -36.72
CA ILE D 409 -48.06 -18.41 -37.05
C ILE D 409 -49.54 -18.31 -36.73
N CYS D 410 -50.24 -19.44 -36.81
CA CYS D 410 -51.69 -19.39 -36.65
C CYS D 410 -52.26 -20.33 -35.62
N GLU D 411 -51.54 -20.44 -34.52
CA GLU D 411 -51.97 -21.22 -33.38
C GLU D 411 -52.86 -20.51 -32.37
N GLU D 412 -52.46 -19.30 -32.00
CA GLU D 412 -53.19 -18.56 -31.00
C GLU D 412 -54.40 -17.75 -31.45
N GLN D 413 -54.56 -17.52 -32.74
CA GLN D 413 -55.72 -16.74 -33.16
C GLN D 413 -56.84 -17.67 -33.58
N VAL D 414 -56.46 -18.88 -34.00
CA VAL D 414 -57.43 -19.91 -34.34
C VAL D 414 -57.17 -21.22 -33.61
N ASN D 415 -58.13 -21.50 -32.73
CA ASN D 415 -58.14 -22.60 -31.78
C ASN D 415 -58.69 -23.91 -32.35
N SER D 416 -59.30 -23.84 -33.54
CA SER D 416 -59.84 -25.06 -34.12
C SER D 416 -58.79 -25.75 -34.96
N LEU D 417 -57.61 -25.14 -35.02
CA LEU D 417 -56.50 -25.65 -35.81
C LEU D 417 -55.93 -27.00 -35.29
N PRO D 418 -55.66 -27.12 -33.98
CA PRO D 418 -55.13 -28.40 -33.48
C PRO D 418 -56.06 -29.59 -33.78
N GLY D 419 -57.36 -29.31 -33.69
CA GLY D 419 -58.40 -30.29 -33.92
C GLY D 419 -58.55 -30.67 -35.37
N SER D 420 -58.30 -29.71 -36.25
CA SER D 420 -58.44 -29.98 -37.67
C SER D 420 -57.23 -30.77 -38.11
N ILE D 421 -56.07 -30.36 -37.63
CA ILE D 421 -54.82 -31.05 -37.91
C ILE D 421 -54.95 -32.51 -37.52
N THR D 422 -55.40 -32.73 -36.29
CA THR D 422 -55.55 -34.08 -35.80
C THR D 422 -56.63 -34.85 -36.57
N LYS D 423 -57.73 -34.19 -36.94
CA LYS D 423 -58.77 -34.88 -37.69
C LYS D 423 -58.30 -35.32 -39.06
N ALA D 424 -57.73 -34.41 -39.84
CA ALA D 424 -57.24 -34.77 -41.16
C ALA D 424 -56.08 -35.74 -41.05
N GLY D 425 -55.43 -35.79 -39.91
CA GLY D 425 -54.36 -36.75 -39.75
C GLY D 425 -55.04 -38.07 -39.50
N ASP D 426 -56.19 -38.01 -38.84
CA ASP D 426 -56.96 -39.21 -38.58
C ASP D 426 -57.49 -39.84 -39.87
N PHE D 427 -57.98 -39.00 -40.77
CA PHE D 427 -58.50 -39.61 -41.97
C PHE D 427 -57.31 -40.16 -42.79
N LEU D 428 -56.20 -39.44 -42.96
CA LEU D 428 -55.12 -40.10 -43.71
C LEU D 428 -54.63 -41.38 -42.99
N GLU D 429 -54.46 -41.38 -41.67
CA GLU D 429 -53.95 -42.58 -41.00
C GLU D 429 -54.89 -43.75 -41.32
N ALA D 430 -56.20 -43.57 -41.25
CA ALA D 430 -57.08 -44.71 -41.52
C ALA D 430 -56.99 -45.23 -42.98
N ASN D 431 -56.83 -44.34 -43.95
CA ASN D 431 -56.80 -44.72 -45.37
C ASN D 431 -55.45 -44.74 -46.05
N TYR D 432 -54.41 -45.00 -45.28
CA TYR D 432 -53.07 -45.08 -45.82
C TYR D 432 -52.67 -46.41 -46.40
N MET D 433 -53.23 -47.48 -45.88
CA MET D 433 -52.85 -48.78 -46.37
C MET D 433 -53.56 -49.12 -47.69
N ASN D 434 -54.45 -48.25 -48.14
CA ASN D 434 -55.19 -48.54 -49.36
C ASN D 434 -54.81 -47.63 -50.53
N LEU D 435 -53.61 -47.06 -50.47
CA LEU D 435 -53.15 -46.16 -51.52
C LEU D 435 -52.28 -46.94 -52.50
N GLN D 436 -52.46 -46.66 -53.79
CA GLN D 436 -51.73 -47.38 -54.83
C GLN D 436 -50.68 -46.53 -55.54
N ARG D 437 -51.00 -45.26 -55.75
CA ARG D 437 -50.08 -44.33 -56.41
C ARG D 437 -48.96 -43.92 -55.48
N SER D 438 -47.74 -43.88 -56.00
CA SER D 438 -46.56 -43.46 -55.23
C SER D 438 -46.63 -41.99 -54.79
N TYR D 439 -47.24 -41.18 -55.63
CA TYR D 439 -47.39 -39.78 -55.31
C TYR D 439 -48.22 -39.48 -54.05
N THR D 440 -49.38 -40.15 -53.94
CA THR D 440 -50.29 -39.97 -52.80
C THR D 440 -49.67 -40.47 -51.50
N VAL D 441 -48.96 -41.59 -51.59
CA VAL D 441 -48.28 -42.22 -50.47
C VAL D 441 -47.23 -41.18 -50.11
N ALA D 442 -46.77 -40.38 -51.07
CA ALA D 442 -45.72 -39.42 -50.69
C ALA D 442 -46.17 -38.26 -49.88
N ILE D 443 -47.12 -37.56 -50.43
CA ILE D 443 -47.57 -36.37 -49.80
C ILE D 443 -48.25 -36.78 -48.46
N ALA D 444 -48.86 -37.97 -48.40
CA ALA D 444 -49.46 -38.42 -47.13
C ALA D 444 -48.48 -39.05 -46.14
N GLY D 445 -47.36 -39.58 -46.61
CA GLY D 445 -46.36 -40.12 -45.72
C GLY D 445 -45.67 -38.95 -45.04
N TYR D 446 -45.60 -37.88 -45.79
CA TYR D 446 -45.03 -36.65 -45.30
C TYR D 446 -46.05 -35.95 -44.41
N ALA D 447 -47.30 -36.22 -44.74
CA ALA D 447 -48.42 -35.65 -44.05
C ALA D 447 -48.61 -36.24 -42.67
N LEU D 448 -48.15 -37.47 -42.52
CA LEU D 448 -48.24 -38.14 -41.24
C LEU D 448 -46.96 -38.00 -40.42
N ALA D 449 -45.81 -37.87 -41.09
CA ALA D 449 -44.54 -37.74 -40.35
C ALA D 449 -44.31 -36.46 -39.57
N GLN D 450 -44.96 -35.39 -39.95
CA GLN D 450 -44.78 -34.16 -39.21
C GLN D 450 -45.43 -34.26 -37.86
N MET D 451 -46.36 -35.20 -37.71
CA MET D 451 -47.04 -35.40 -36.45
C MET D 451 -46.45 -36.63 -35.75
N GLY D 452 -45.53 -37.32 -36.42
CA GLY D 452 -44.97 -38.55 -35.88
C GLY D 452 -45.88 -39.76 -36.00
N ARG D 453 -46.93 -39.64 -36.83
CA ARG D 453 -47.91 -40.71 -36.97
C ARG D 453 -47.72 -41.55 -38.22
N LEU D 454 -46.48 -41.91 -38.50
CA LEU D 454 -46.19 -42.83 -39.60
C LEU D 454 -45.34 -43.95 -39.04
N LYS D 455 -45.95 -44.81 -38.26
CA LYS D 455 -45.14 -45.85 -37.70
C LYS D 455 -45.74 -47.17 -38.14
N GLY D 456 -45.18 -48.29 -37.67
CA GLY D 456 -45.74 -49.58 -38.01
C GLY D 456 -45.77 -49.80 -39.52
N PRO D 457 -46.83 -50.44 -40.03
CA PRO D 457 -47.08 -50.78 -41.45
C PRO D 457 -47.15 -49.61 -42.44
N LEU D 458 -47.57 -48.44 -41.97
CA LEU D 458 -47.62 -47.24 -42.81
C LEU D 458 -46.23 -46.83 -43.25
N LEU D 459 -45.29 -46.82 -42.30
CA LEU D 459 -43.92 -46.45 -42.60
C LEU D 459 -43.30 -47.49 -43.56
N ASN D 460 -43.57 -48.77 -43.33
CA ASN D 460 -43.09 -49.85 -44.21
C ASN D 460 -43.60 -49.69 -45.64
N LYS D 461 -44.84 -49.27 -45.75
CA LYS D 461 -45.50 -49.05 -47.03
C LYS D 461 -44.81 -47.89 -47.73
N PHE D 462 -44.52 -46.89 -46.90
CA PHE D 462 -43.88 -45.64 -47.26
C PHE D 462 -42.49 -45.91 -47.85
N LEU D 463 -41.77 -46.83 -47.23
CA LEU D 463 -40.40 -47.15 -47.66
C LEU D 463 -40.40 -48.07 -48.90
N THR D 464 -41.34 -49.02 -48.93
CA THR D 464 -41.46 -49.99 -50.04
C THR D 464 -42.25 -49.47 -51.24
N THR D 465 -42.67 -48.22 -51.19
CA THR D 465 -43.33 -47.61 -52.33
C THR D 465 -42.23 -47.13 -53.24
N ALA D 466 -41.02 -47.09 -52.70
CA ALA D 466 -39.88 -46.63 -53.41
C ALA D 466 -39.23 -47.62 -54.37
N LYS D 467 -39.03 -47.13 -55.60
CA LYS D 467 -38.33 -47.94 -56.58
C LYS D 467 -36.82 -47.77 -56.39
N ASP D 468 -36.12 -48.86 -55.99
CA ASP D 468 -34.66 -49.03 -55.78
C ASP D 468 -34.08 -48.25 -54.61
N LYS D 469 -34.99 -47.76 -53.80
CA LYS D 469 -34.72 -46.93 -52.66
C LYS D 469 -34.05 -45.56 -52.97
N ASN D 470 -34.52 -44.88 -54.05
CA ASN D 470 -33.97 -43.54 -54.39
C ASN D 470 -35.05 -42.68 -55.18
N ARG D 471 -36.19 -43.25 -55.56
CA ARG D 471 -37.24 -42.50 -56.30
C ARG D 471 -38.63 -43.03 -56.10
N TRP D 472 -39.52 -42.06 -56.01
CA TRP D 472 -40.92 -42.33 -55.91
C TRP D 472 -41.62 -41.99 -57.21
N GLU D 473 -41.75 -42.95 -58.12
CA GLU D 473 -42.29 -42.58 -59.42
C GLU D 473 -43.62 -43.17 -59.83
N ASP D 474 -44.37 -42.42 -60.62
CA ASP D 474 -45.57 -43.00 -61.18
C ASP D 474 -45.52 -42.77 -62.67
N PRO D 475 -45.93 -43.76 -63.48
CA PRO D 475 -45.84 -43.45 -64.91
C PRO D 475 -46.71 -42.23 -65.26
N GLY D 476 -46.21 -41.47 -66.21
CA GLY D 476 -46.77 -40.26 -66.79
C GLY D 476 -45.63 -39.27 -66.77
N LYS D 477 -45.89 -37.99 -66.57
CA LYS D 477 -44.82 -36.98 -66.52
C LYS D 477 -43.99 -37.01 -65.22
N GLN D 478 -42.73 -36.60 -65.36
CA GLN D 478 -41.68 -36.60 -64.34
C GLN D 478 -41.79 -35.53 -63.29
N LEU D 479 -42.48 -34.43 -63.55
CA LEU D 479 -42.51 -33.40 -62.53
C LEU D 479 -43.41 -33.84 -61.35
N TYR D 480 -44.23 -34.86 -61.57
CA TYR D 480 -44.95 -35.47 -60.46
C TYR D 480 -44.06 -36.42 -59.70
N ASN D 481 -43.04 -36.93 -60.38
CA ASN D 481 -42.15 -37.85 -59.72
C ASN D 481 -41.07 -37.11 -58.94
N VAL D 482 -40.63 -35.98 -59.47
CA VAL D 482 -39.70 -35.11 -58.77
C VAL D 482 -40.42 -34.48 -57.59
N GLU D 483 -41.71 -34.20 -57.77
CA GLU D 483 -42.49 -33.61 -56.71
C GLU D 483 -42.71 -34.60 -55.56
N ALA D 484 -43.08 -35.82 -55.94
CA ALA D 484 -43.38 -36.85 -54.96
C ALA D 484 -42.12 -37.31 -54.25
N THR D 485 -41.01 -37.21 -54.98
CA THR D 485 -39.73 -37.54 -54.39
C THR D 485 -39.31 -36.40 -53.44
N SER D 486 -39.79 -35.19 -53.70
CA SER D 486 -39.44 -34.06 -52.82
C SER D 486 -40.24 -34.14 -51.51
N TYR D 487 -41.48 -34.61 -51.61
CA TYR D 487 -42.28 -34.83 -50.42
C TYR D 487 -41.75 -36.04 -49.66
N ALA D 488 -41.20 -36.99 -50.41
CA ALA D 488 -40.62 -38.17 -49.79
C ALA D 488 -39.36 -37.82 -49.02
N LEU D 489 -38.49 -37.03 -49.65
CA LEU D 489 -37.27 -36.58 -49.01
C LEU D 489 -37.54 -35.74 -47.77
N LEU D 490 -38.64 -35.00 -47.81
CA LEU D 490 -39.01 -34.22 -46.65
C LEU D 490 -39.48 -35.16 -45.54
N ALA D 491 -40.20 -36.20 -45.93
CA ALA D 491 -40.71 -37.16 -44.94
C ALA D 491 -39.64 -38.02 -44.30
N LEU D 492 -38.67 -38.40 -45.10
CA LEU D 492 -37.55 -39.16 -44.65
C LEU D 492 -36.78 -38.33 -43.66
N LEU D 493 -36.74 -37.04 -43.98
CA LEU D 493 -36.03 -36.06 -43.19
C LEU D 493 -36.68 -35.74 -41.87
N GLN D 494 -37.99 -35.89 -41.87
CA GLN D 494 -38.84 -35.66 -40.72
C GLN D 494 -38.54 -36.83 -39.82
N LEU D 495 -38.31 -37.99 -40.43
CA LEU D 495 -38.02 -39.20 -39.67
C LEU D 495 -36.63 -39.46 -39.12
N LYS D 496 -35.63 -38.70 -39.56
CA LYS D 496 -34.25 -38.80 -39.05
C LYS D 496 -33.71 -40.14 -39.52
N ASP D 497 -34.04 -40.50 -40.74
CA ASP D 497 -33.55 -41.72 -41.36
C ASP D 497 -32.32 -41.42 -42.21
N PHE D 498 -31.15 -41.32 -41.58
CA PHE D 498 -29.97 -40.87 -42.33
C PHE D 498 -29.35 -41.89 -43.21
N ASP D 499 -29.96 -43.06 -43.22
CA ASP D 499 -29.49 -44.13 -44.06
C ASP D 499 -30.18 -44.12 -45.43
N PHE D 500 -31.39 -43.59 -45.45
CA PHE D 500 -32.23 -43.65 -46.63
C PHE D 500 -32.10 -42.33 -47.41
N VAL D 501 -31.47 -41.29 -46.83
CA VAL D 501 -31.49 -39.94 -47.43
C VAL D 501 -30.53 -39.93 -48.63
N PRO D 502 -29.24 -40.31 -48.46
CA PRO D 502 -28.30 -40.24 -49.57
C PRO D 502 -28.74 -40.78 -50.93
N PRO D 503 -29.36 -42.00 -50.97
CA PRO D 503 -29.76 -42.51 -52.29
C PRO D 503 -30.79 -41.75 -53.07
N VAL D 504 -31.76 -41.22 -52.35
CA VAL D 504 -32.81 -40.46 -52.97
C VAL D 504 -32.34 -39.07 -53.45
N VAL D 505 -31.45 -38.43 -52.69
CA VAL D 505 -31.01 -37.08 -53.04
C VAL D 505 -30.00 -37.01 -54.15
N ARG D 506 -29.15 -38.02 -54.23
CA ARG D 506 -28.21 -38.13 -55.30
C ARG D 506 -29.07 -38.23 -56.54
N TRP D 507 -30.22 -38.92 -56.42
CA TRP D 507 -31.21 -39.06 -57.50
C TRP D 507 -31.84 -37.72 -57.86
N LEU D 508 -32.10 -36.87 -56.89
CA LEU D 508 -32.69 -35.59 -57.23
C LEU D 508 -31.76 -34.66 -58.00
N ASN D 509 -30.48 -34.63 -57.66
CA ASN D 509 -29.53 -33.75 -58.40
C ASN D 509 -29.19 -34.21 -59.83
N GLU D 510 -29.14 -35.52 -60.11
CA GLU D 510 -28.80 -36.00 -61.47
C GLU D 510 -30.01 -35.92 -62.42
N GLN D 511 -31.18 -35.60 -61.88
CA GLN D 511 -32.33 -35.37 -62.73
C GLN D 511 -32.00 -34.03 -63.40
N ARG D 512 -31.18 -33.22 -62.73
CA ARG D 512 -30.73 -31.89 -63.17
C ARG D 512 -31.89 -30.96 -63.44
N TYR D 513 -32.87 -31.04 -62.56
CA TYR D 513 -34.03 -30.18 -62.66
C TYR D 513 -33.81 -28.86 -61.93
N TYR D 514 -34.09 -27.75 -62.61
CA TYR D 514 -33.84 -26.42 -62.07
C TYR D 514 -35.08 -25.55 -62.04
N GLY D 515 -36.22 -26.17 -61.78
CA GLY D 515 -37.49 -25.48 -61.74
C GLY D 515 -37.80 -24.75 -63.02
N GLY D 516 -38.92 -24.01 -63.02
CA GLY D 516 -39.31 -23.24 -64.18
C GLY D 516 -39.64 -24.09 -65.39
N GLY D 517 -40.81 -23.86 -65.96
CA GLY D 517 -41.22 -24.61 -67.13
C GLY D 517 -42.72 -24.57 -67.17
N TYR D 518 -43.34 -25.38 -68.01
CA TYR D 518 -44.78 -25.38 -68.01
C TYR D 518 -45.18 -26.15 -66.80
N GLY D 519 -45.83 -25.46 -65.87
CA GLY D 519 -46.24 -26.15 -64.68
C GLY D 519 -45.31 -26.68 -63.65
N SER D 520 -44.22 -25.98 -63.57
CA SER D 520 -43.16 -26.29 -62.68
C SER D 520 -43.46 -25.59 -61.36
N THR D 521 -44.74 -25.43 -61.03
CA THR D 521 -45.10 -24.73 -59.80
C THR D 521 -44.74 -25.52 -58.55
N GLN D 522 -45.32 -26.71 -58.51
CA GLN D 522 -45.14 -27.64 -57.41
C GLN D 522 -43.73 -28.16 -57.43
N ALA D 523 -43.33 -28.66 -58.59
CA ALA D 523 -42.00 -29.22 -58.78
C ALA D 523 -40.90 -28.25 -58.32
N THR D 524 -41.07 -26.98 -58.64
CA THR D 524 -40.05 -25.96 -58.33
C THR D 524 -40.09 -25.53 -56.88
N PHE D 525 -41.28 -25.52 -56.28
CA PHE D 525 -41.38 -25.15 -54.87
C PHE D 525 -40.94 -26.28 -53.94
N MET D 526 -41.18 -27.50 -54.39
CA MET D 526 -40.94 -28.69 -53.58
C MET D 526 -39.53 -29.19 -53.71
N VAL D 527 -38.99 -29.24 -54.93
CA VAL D 527 -37.64 -29.72 -55.09
C VAL D 527 -36.65 -28.81 -54.38
N PHE D 528 -37.05 -27.57 -54.11
CA PHE D 528 -36.14 -26.68 -53.42
C PHE D 528 -36.46 -26.46 -51.96
N GLN D 529 -37.70 -26.78 -51.57
CA GLN D 529 -37.99 -26.78 -50.14
C GLN D 529 -37.30 -28.01 -49.59
N ALA D 530 -37.25 -29.05 -50.44
CA ALA D 530 -36.67 -30.32 -50.07
C ALA D 530 -35.15 -30.27 -50.14
N LEU D 531 -34.62 -29.59 -51.16
CA LEU D 531 -33.17 -29.53 -51.25
C LEU D 531 -32.65 -28.43 -50.33
N ALA D 532 -33.55 -27.67 -49.70
CA ALA D 532 -33.09 -26.70 -48.71
C ALA D 532 -33.21 -27.31 -47.31
N GLN D 533 -34.22 -28.15 -47.09
CA GLN D 533 -34.31 -28.80 -45.80
C GLN D 533 -33.33 -29.99 -45.73
N TYR D 534 -32.85 -30.47 -46.88
CA TYR D 534 -31.83 -31.53 -46.89
C TYR D 534 -30.41 -31.24 -46.45
N GLN D 535 -29.92 -30.04 -46.71
CA GLN D 535 -28.56 -29.72 -46.33
C GLN D 535 -28.53 -29.21 -44.91
N LYS D 536 -29.71 -28.90 -44.38
CA LYS D 536 -29.74 -28.43 -43.00
C LYS D 536 -30.04 -29.54 -42.06
N ASP D 537 -30.88 -30.44 -42.53
CA ASP D 537 -31.26 -31.51 -41.66
C ASP D 537 -30.20 -32.55 -41.62
N ALA D 538 -29.14 -32.20 -40.88
CA ALA D 538 -28.20 -33.15 -40.33
C ALA D 538 -27.47 -33.84 -41.45
N PRO D 539 -27.39 -33.12 -42.57
CA PRO D 539 -26.60 -33.45 -43.73
C PRO D 539 -25.14 -33.59 -43.33
N ASP D 540 -24.83 -34.70 -42.66
CA ASP D 540 -23.51 -35.01 -42.14
C ASP D 540 -22.71 -33.83 -41.54
N HIS D 541 -23.41 -32.95 -40.83
CA HIS D 541 -22.89 -31.73 -40.18
C HIS D 541 -24.06 -30.80 -39.79
N GLN D 542 -23.83 -29.59 -39.27
CA GLN D 542 -22.61 -29.21 -38.52
C GLN D 542 -22.41 -30.20 -37.39
N GLU D 543 -21.25 -30.84 -37.40
CA GLU D 543 -21.07 -31.99 -36.56
C GLU D 543 -20.12 -31.81 -35.38
N LEU D 544 -18.92 -31.28 -35.63
CA LEU D 544 -17.86 -31.33 -34.62
C LEU D 544 -18.39 -30.90 -33.26
N ASN D 545 -17.96 -31.64 -32.25
CA ASN D 545 -18.19 -31.34 -30.86
C ASN D 545 -17.37 -32.37 -30.13
N LEU D 546 -16.16 -32.06 -29.71
CA LEU D 546 -15.45 -33.17 -29.06
C LEU D 546 -14.91 -32.94 -27.67
N ASP D 547 -15.41 -33.72 -26.70
CA ASP D 547 -14.92 -33.48 -25.36
C ASP D 547 -13.68 -34.34 -25.27
N VAL D 548 -12.66 -33.86 -24.57
CA VAL D 548 -11.46 -34.67 -24.44
C VAL D 548 -11.02 -34.76 -22.98
N SER D 549 -11.46 -35.78 -22.24
CA SER D 549 -11.14 -35.77 -20.82
C SER D 549 -9.88 -36.60 -20.58
N LEU D 550 -8.89 -35.98 -19.96
CA LEU D 550 -7.63 -36.66 -19.62
C LEU D 550 -7.28 -36.78 -18.14
N GLN D 551 -6.94 -37.98 -17.70
CA GLN D 551 -6.59 -38.18 -16.31
C GLN D 551 -5.15 -38.61 -16.21
N LEU D 552 -4.33 -37.80 -15.55
CA LEU D 552 -2.93 -38.11 -15.29
C LEU D 552 -2.71 -38.27 -13.77
N PRO D 553 -2.54 -39.51 -13.28
CA PRO D 553 -2.25 -39.71 -11.86
C PRO D 553 -1.20 -38.81 -11.16
N SER D 554 -0.57 -37.87 -11.86
CA SER D 554 0.31 -36.93 -11.17
C SER D 554 -0.59 -35.86 -10.54
N ARG D 555 -1.43 -35.26 -11.37
CA ARG D 555 -2.38 -34.23 -10.98
C ARG D 555 -3.64 -34.86 -10.39
N SER D 556 -4.23 -34.15 -9.44
CA SER D 556 -5.43 -34.59 -8.73
C SER D 556 -6.69 -34.15 -9.48
N SER D 557 -6.57 -32.95 -10.05
CA SER D 557 -7.55 -32.31 -10.92
C SER D 557 -7.66 -32.98 -12.28
N LYS D 558 -8.84 -32.90 -12.88
CA LYS D 558 -9.09 -33.50 -14.19
C LYS D 558 -9.21 -32.36 -15.20
N ILE D 559 -8.64 -32.60 -16.36
CA ILE D 559 -8.55 -31.61 -17.41
C ILE D 559 -9.49 -31.90 -18.58
N THR D 560 -10.44 -31.02 -18.85
CA THR D 560 -11.30 -31.31 -19.99
C THR D 560 -11.08 -30.32 -21.12
N HIS D 561 -10.98 -30.86 -22.34
CA HIS D 561 -10.81 -30.07 -23.55
C HIS D 561 -11.93 -30.21 -24.55
N ARG D 562 -12.83 -29.24 -24.54
CA ARG D 562 -13.89 -29.21 -25.52
C ARG D 562 -13.48 -28.55 -26.83
N ILE D 563 -13.33 -29.34 -27.89
CA ILE D 563 -12.94 -28.78 -29.17
C ILE D 563 -14.14 -28.79 -30.14
N HIS D 564 -14.80 -27.63 -30.06
CA HIS D 564 -15.84 -27.18 -30.95
C HIS D 564 -15.35 -26.72 -32.28
N TRP D 565 -16.28 -26.70 -33.22
CA TRP D 565 -15.91 -26.29 -34.54
C TRP D 565 -16.31 -24.81 -34.50
N GLU D 566 -15.87 -24.02 -35.47
CA GLU D 566 -16.16 -22.58 -35.56
C GLU D 566 -15.36 -21.83 -34.52
N SER D 567 -14.27 -22.44 -34.07
CA SER D 567 -13.34 -21.78 -33.17
C SER D 567 -11.94 -21.81 -33.77
N ALA D 568 -11.37 -20.63 -33.98
CA ALA D 568 -10.06 -20.53 -34.63
C ALA D 568 -8.96 -21.06 -33.72
N SER D 569 -8.86 -22.38 -33.65
CA SER D 569 -7.86 -23.03 -32.81
C SER D 569 -7.66 -24.47 -33.25
N LEU D 570 -8.57 -25.34 -32.80
CA LEU D 570 -8.53 -26.78 -33.05
C LEU D 570 -7.29 -27.46 -32.48
N LEU D 571 -6.56 -26.73 -31.63
CA LEU D 571 -5.33 -27.23 -31.01
C LEU D 571 -5.26 -26.83 -29.55
N ARG D 572 -5.11 -27.87 -28.75
CA ARG D 572 -4.99 -27.83 -27.29
C ARG D 572 -3.79 -28.69 -26.93
N SER D 573 -2.90 -28.12 -26.13
CA SER D 573 -1.69 -28.80 -25.67
C SER D 573 -1.38 -28.60 -24.19
N GLU D 574 -0.93 -29.68 -23.55
CA GLU D 574 -0.71 -29.69 -22.09
C GLU D 574 0.65 -30.30 -21.81
N GLU D 575 1.28 -29.90 -20.71
CA GLU D 575 2.58 -30.50 -20.40
C GLU D 575 2.93 -30.86 -18.97
N THR D 576 3.60 -31.99 -18.78
CA THR D 576 3.93 -32.41 -17.42
C THR D 576 5.44 -32.66 -17.39
N LYS D 577 6.08 -32.27 -16.28
CA LYS D 577 7.51 -32.48 -16.09
C LYS D 577 7.83 -33.94 -15.72
N GLU D 578 6.80 -34.76 -15.62
CA GLU D 578 6.95 -36.16 -15.21
C GLU D 578 6.41 -37.23 -16.18
N ASN D 579 7.25 -38.22 -16.48
CA ASN D 579 6.83 -39.31 -17.37
C ASN D 579 5.79 -40.21 -16.76
N GLU D 580 4.53 -39.88 -16.97
CA GLU D 580 3.43 -40.60 -16.35
C GLU D 580 2.66 -41.54 -17.34
N GLY D 581 1.89 -42.50 -16.81
CA GLY D 581 0.91 -43.26 -17.60
C GLY D 581 -0.47 -42.67 -17.38
N PHE D 582 -1.03 -42.04 -18.42
CA PHE D 582 -2.32 -41.33 -18.32
C PHE D 582 -3.31 -41.78 -19.33
N THR D 583 -4.56 -41.79 -18.94
CA THR D 583 -5.58 -42.29 -19.85
C THR D 583 -6.49 -41.15 -20.22
N VAL D 584 -6.81 -41.15 -21.51
CA VAL D 584 -7.66 -40.13 -22.09
C VAL D 584 -8.90 -40.62 -22.79
N THR D 585 -10.05 -40.39 -22.19
CA THR D 585 -11.23 -40.79 -22.92
C THR D 585 -11.54 -39.58 -23.80
N ALA D 586 -12.45 -39.79 -24.74
CA ALA D 586 -12.85 -38.78 -25.70
C ALA D 586 -14.34 -38.69 -25.50
N GLU D 587 -15.02 -37.85 -26.25
CA GLU D 587 -16.49 -37.82 -26.18
C GLU D 587 -17.14 -36.92 -27.20
N GLY D 588 -18.16 -37.47 -27.87
CA GLY D 588 -18.87 -36.70 -28.85
C GLY D 588 -18.70 -37.20 -30.27
N LYS D 589 -19.05 -36.31 -31.20
CA LYS D 589 -18.88 -36.57 -32.60
C LYS D 589 -17.64 -35.82 -33.11
N GLY D 590 -17.06 -36.29 -34.20
CA GLY D 590 -15.88 -35.67 -34.79
C GLY D 590 -14.65 -36.56 -34.81
N GLN D 591 -13.79 -36.37 -35.82
CA GLN D 591 -12.58 -37.19 -35.94
C GLN D 591 -11.33 -36.43 -35.54
N GLY D 592 -10.72 -36.80 -34.42
CA GLY D 592 -9.54 -36.07 -33.99
C GLY D 592 -8.24 -36.87 -34.03
N THR D 593 -7.21 -36.30 -33.40
CA THR D 593 -5.88 -36.92 -33.30
C THR D 593 -5.24 -36.54 -31.95
N LEU D 594 -4.45 -37.46 -31.38
CA LEU D 594 -3.77 -37.31 -30.09
C LEU D 594 -2.31 -37.74 -30.16
N SER D 595 -1.43 -36.74 -30.13
CA SER D 595 0.02 -37.00 -30.20
C SER D 595 0.74 -36.68 -28.88
N VAL D 596 1.40 -37.71 -28.34
CA VAL D 596 2.19 -37.64 -27.09
C VAL D 596 3.71 -37.79 -27.27
N VAL D 597 4.47 -36.73 -26.95
CA VAL D 597 5.94 -36.71 -27.12
C VAL D 597 6.80 -36.46 -25.85
N THR D 598 7.66 -37.41 -25.48
CA THR D 598 8.53 -37.18 -24.32
C THR D 598 9.91 -36.68 -24.75
N MET D 599 10.60 -35.91 -23.90
CA MET D 599 11.93 -35.41 -24.25
C MET D 599 12.87 -35.63 -23.05
N TYR D 600 14.11 -36.06 -23.36
CA TYR D 600 15.16 -36.47 -22.39
C TYR D 600 16.61 -36.48 -22.98
N HIS D 601 17.57 -36.87 -22.13
CA HIS D 601 18.99 -37.05 -22.46
C HIS D 601 19.46 -38.50 -22.56
N ALA D 602 19.91 -39.03 -23.71
CA ALA D 602 20.33 -40.41 -23.58
C ALA D 602 21.81 -40.57 -23.26
N LYS D 603 22.14 -41.77 -22.81
CA LYS D 603 23.47 -42.25 -22.45
C LYS D 603 24.29 -42.50 -23.71
N ALA D 604 25.58 -42.20 -23.70
CA ALA D 604 26.20 -41.50 -22.60
C ALA D 604 25.68 -40.08 -22.75
N LYS D 605 25.71 -39.49 -23.96
CA LYS D 605 26.52 -39.89 -25.12
C LYS D 605 27.59 -38.89 -25.48
N ASP D 606 28.77 -39.35 -25.89
CA ASP D 606 29.71 -38.46 -26.58
C ASP D 606 30.48 -37.49 -25.67
N GLN D 607 31.74 -37.13 -25.95
CA GLN D 607 32.61 -37.50 -27.09
C GLN D 607 32.01 -37.32 -28.49
N LEU D 608 31.54 -36.12 -28.91
CA LEU D 608 31.73 -34.76 -28.35
C LEU D 608 33.20 -34.28 -28.31
N THR D 609 34.04 -34.86 -29.17
CA THR D 609 35.46 -34.46 -29.25
C THR D 609 35.82 -33.92 -30.64
N CYS D 610 36.97 -33.27 -30.73
CA CYS D 610 37.44 -32.65 -31.97
C CYS D 610 37.14 -33.52 -33.18
N ASN D 611 36.04 -33.16 -33.82
CA ASN D 611 35.50 -33.70 -35.05
C ASN D 611 36.05 -33.32 -36.41
N LYS D 612 36.43 -32.06 -36.60
CA LYS D 612 36.78 -31.61 -37.94
C LYS D 612 38.27 -31.47 -38.11
N PHE D 613 38.98 -31.43 -36.99
CA PHE D 613 40.41 -31.21 -36.99
C PHE D 613 41.07 -32.26 -36.11
N ASP D 614 42.14 -32.85 -36.61
CA ASP D 614 43.01 -33.63 -35.76
C ASP D 614 44.10 -32.69 -35.32
N LEU D 615 44.57 -32.96 -34.10
CA LEU D 615 45.61 -32.18 -33.45
C LEU D 615 46.43 -33.06 -32.53
N LYS D 616 47.73 -33.03 -32.74
CA LYS D 616 48.72 -33.64 -31.86
C LYS D 616 49.76 -32.62 -31.49
N VAL D 617 49.95 -32.44 -30.19
CA VAL D 617 50.91 -31.50 -29.68
C VAL D 617 51.95 -32.16 -28.80
N THR D 618 53.21 -31.93 -29.17
CA THR D 618 54.32 -32.58 -28.48
C THR D 618 55.27 -31.56 -27.86
N ILE D 619 55.74 -31.88 -26.65
CA ILE D 619 56.70 -31.07 -25.91
C ILE D 619 57.91 -31.83 -25.43
N LYS D 620 59.05 -31.60 -26.08
CA LYS D 620 60.21 -32.37 -25.68
C LYS D 620 61.29 -31.41 -25.20
N PRO D 621 62.20 -31.89 -24.34
CA PRO D 621 63.23 -30.91 -23.98
C PRO D 621 64.25 -30.65 -25.07
N ALA D 622 64.81 -29.44 -25.09
CA ALA D 622 65.79 -29.09 -26.12
C ALA D 622 67.15 -29.64 -25.78
N PRO D 623 67.94 -29.94 -26.80
CA PRO D 623 69.26 -30.45 -26.47
C PRO D 623 70.17 -29.34 -25.92
N ASN D 634 65.22 -22.45 -18.78
CA ASN D 634 65.06 -23.74 -19.44
C ASN D 634 64.67 -23.57 -20.90
N THR D 635 64.79 -24.65 -21.67
CA THR D 635 64.50 -24.58 -23.10
C THR D 635 63.88 -25.84 -23.68
N MET D 636 62.67 -25.71 -24.23
CA MET D 636 62.03 -26.88 -24.81
C MET D 636 61.44 -26.62 -26.19
N ILE D 637 61.12 -27.71 -26.86
CA ILE D 637 60.51 -27.71 -28.18
C ILE D 637 59.02 -28.07 -28.27
N LEU D 638 58.26 -27.15 -28.88
CA LEU D 638 56.82 -27.33 -29.16
C LEU D 638 56.47 -27.59 -30.60
N GLU D 639 56.20 -28.87 -30.85
CA GLU D 639 55.82 -29.35 -32.18
C GLU D 639 54.31 -29.44 -32.23
N ILE D 640 53.72 -28.85 -33.26
CA ILE D 640 52.27 -28.87 -33.47
C ILE D 640 51.99 -29.59 -34.78
N CYS D 641 51.02 -30.50 -34.75
CA CYS D 641 50.63 -31.30 -35.91
C CYS D 641 49.12 -31.34 -36.11
N THR D 642 48.65 -30.88 -37.26
CA THR D 642 47.20 -30.77 -37.47
C THR D 642 46.73 -31.29 -38.82
N ARG D 643 45.41 -31.53 -38.93
CA ARG D 643 44.86 -32.10 -40.16
C ARG D 643 43.35 -31.95 -40.27
N TYR D 644 42.85 -31.68 -41.47
CA TYR D 644 41.41 -31.55 -41.68
C TYR D 644 40.66 -32.82 -42.07
N ARG D 645 39.48 -32.97 -41.50
CA ARG D 645 38.64 -34.16 -41.68
C ARG D 645 37.50 -34.02 -42.71
N GLY D 646 37.70 -33.21 -43.76
CA GLY D 646 36.68 -33.04 -44.78
C GLY D 646 37.05 -33.78 -46.07
N ASP D 647 36.59 -33.32 -47.24
CA ASP D 647 36.99 -33.98 -48.49
C ASP D 647 37.88 -33.00 -49.21
N GLN D 648 37.75 -31.74 -48.80
CA GLN D 648 38.56 -30.67 -49.33
C GLN D 648 39.42 -30.20 -48.18
N ASP D 649 40.48 -29.49 -48.53
CA ASP D 649 41.34 -28.82 -47.58
C ASP D 649 40.71 -27.56 -47.03
N ALA D 650 40.56 -27.49 -45.70
CA ALA D 650 39.96 -26.33 -45.04
C ALA D 650 40.72 -25.08 -45.41
N THR D 651 40.03 -23.96 -45.35
CA THR D 651 40.64 -22.70 -45.69
C THR D 651 41.46 -22.07 -44.60
N MET D 652 41.36 -20.75 -44.53
CA MET D 652 42.14 -20.00 -43.58
C MET D 652 41.77 -20.35 -42.14
N SER D 653 42.73 -20.96 -41.45
CA SER D 653 42.51 -21.38 -40.07
C SER D 653 43.40 -20.65 -39.08
N ILE D 654 43.01 -20.75 -37.82
CA ILE D 654 43.70 -20.14 -36.71
C ILE D 654 44.31 -21.19 -35.79
N LEU D 655 45.53 -20.87 -35.33
CA LEU D 655 46.22 -21.62 -34.30
C LEU D 655 46.39 -20.76 -33.05
N ASP D 656 45.50 -20.96 -32.08
CA ASP D 656 45.50 -20.16 -30.87
C ASP D 656 46.29 -20.89 -29.80
N ILE D 657 47.39 -20.28 -29.37
CA ILE D 657 48.29 -20.95 -28.46
C ILE D 657 48.36 -20.17 -27.16
N SER D 658 48.38 -20.90 -26.05
CA SER D 658 48.74 -20.34 -24.77
C SER D 658 49.96 -21.09 -24.28
N MET D 659 50.76 -20.39 -23.49
CA MET D 659 52.02 -20.91 -23.01
C MET D 659 51.88 -21.51 -21.63
N MET D 660 52.86 -22.32 -21.26
CA MET D 660 52.94 -22.84 -19.90
C MET D 660 53.40 -21.65 -19.06
N THR D 661 52.92 -21.55 -17.82
CA THR D 661 53.21 -20.38 -16.98
C THR D 661 54.71 -20.14 -16.83
N GLY D 662 55.13 -18.96 -17.27
CA GLY D 662 56.52 -18.56 -17.19
C GLY D 662 57.32 -18.95 -18.42
N PHE D 663 56.64 -19.35 -19.49
CA PHE D 663 57.38 -19.69 -20.69
C PHE D 663 57.04 -18.71 -21.80
N ALA D 664 58.02 -18.37 -22.62
CA ALA D 664 57.83 -17.51 -23.78
C ALA D 664 58.40 -18.08 -25.07
N PRO D 665 57.64 -17.96 -26.17
CA PRO D 665 58.18 -18.47 -27.43
C PRO D 665 59.45 -17.70 -27.74
N ASP D 666 60.24 -18.31 -28.61
CA ASP D 666 61.51 -17.79 -29.10
C ASP D 666 61.20 -16.83 -30.26
N THR D 667 61.63 -15.59 -30.18
CA THR D 667 61.39 -14.64 -31.27
C THR D 667 61.81 -15.08 -32.69
N ASP D 668 63.09 -15.42 -32.84
CA ASP D 668 63.70 -15.82 -34.13
C ASP D 668 63.07 -16.98 -34.91
N ASP D 669 62.52 -17.93 -34.17
CA ASP D 669 61.84 -19.07 -34.75
C ASP D 669 60.48 -18.64 -35.23
N LEU D 670 60.00 -17.55 -34.63
CA LEU D 670 58.71 -17.04 -35.03
C LEU D 670 58.95 -16.30 -36.29
N LYS D 671 59.95 -15.41 -36.29
CA LYS D 671 60.35 -14.74 -37.52
C LYS D 671 60.51 -15.73 -38.68
N GLN D 672 61.08 -16.90 -38.39
CA GLN D 672 61.34 -17.93 -39.42
C GLN D 672 60.01 -18.53 -39.92
N LEU D 673 59.00 -18.56 -39.05
CA LEU D 673 57.67 -19.07 -39.39
C LEU D 673 56.79 -18.03 -40.11
N ALA D 674 56.96 -16.79 -39.69
CA ALA D 674 56.26 -15.60 -40.13
C ALA D 674 56.46 -15.37 -41.62
N ASN D 675 57.64 -15.67 -42.12
CA ASN D 675 57.95 -15.48 -43.52
C ASN D 675 57.27 -16.44 -44.48
N GLY D 676 56.29 -15.92 -45.20
CA GLY D 676 55.59 -16.65 -46.27
C GLY D 676 55.12 -18.05 -45.94
N VAL D 677 55.52 -19.02 -46.72
CA VAL D 677 55.13 -20.42 -46.55
C VAL D 677 53.67 -20.71 -46.10
N ASP D 678 52.69 -19.91 -46.56
CA ASP D 678 51.30 -20.20 -46.17
C ASP D 678 51.06 -19.90 -44.71
N ARG D 679 52.07 -19.37 -44.04
CA ARG D 679 51.93 -19.03 -42.63
C ARG D 679 52.13 -17.54 -42.38
N TYR D 680 51.41 -17.06 -41.38
CA TYR D 680 51.40 -15.65 -41.00
C TYR D 680 51.38 -15.37 -39.50
N ILE D 681 52.07 -14.29 -39.14
CA ILE D 681 52.04 -13.76 -37.79
C ILE D 681 52.12 -12.24 -37.79
N SER D 682 51.09 -11.65 -37.18
CA SER D 682 50.92 -10.21 -37.15
C SER D 682 52.14 -9.57 -36.51
N LYS D 683 52.48 -8.38 -36.98
CA LYS D 683 53.55 -7.59 -36.37
C LYS D 683 53.38 -7.53 -34.86
N TYR D 684 52.15 -7.40 -34.37
CA TYR D 684 51.91 -7.37 -32.93
C TYR D 684 52.63 -8.45 -32.11
N GLU D 685 52.37 -9.73 -32.38
CA GLU D 685 52.95 -10.80 -31.55
C GLU D 685 54.44 -10.82 -31.80
N LEU D 686 54.81 -10.34 -32.98
CA LEU D 686 56.20 -10.24 -33.33
C LEU D 686 56.86 -9.31 -32.31
N ASP D 687 56.45 -8.04 -32.22
CA ASP D 687 57.21 -7.17 -31.35
C ASP D 687 56.82 -7.20 -29.88
N LYS D 688 56.44 -8.38 -29.43
CA LYS D 688 56.19 -8.58 -28.04
C LYS D 688 57.58 -8.88 -27.43
N ALA D 689 58.03 -8.27 -26.34
CA ALA D 689 59.31 -8.76 -25.80
C ALA D 689 59.01 -10.14 -25.26
N PHE D 690 60.01 -10.95 -24.88
CA PHE D 690 59.57 -12.26 -24.39
C PHE D 690 58.76 -12.17 -23.07
N SER D 691 58.97 -11.11 -22.28
CA SER D 691 58.20 -10.95 -21.04
C SER D 691 56.71 -10.86 -21.38
N ASP D 692 55.93 -11.48 -20.51
CA ASP D 692 54.47 -11.59 -20.59
C ASP D 692 53.91 -12.00 -21.96
N ARG D 693 54.64 -12.83 -22.71
CA ARG D 693 54.11 -13.43 -23.95
C ARG D 693 53.60 -14.84 -23.75
N ASN D 694 52.55 -14.93 -22.94
CA ASN D 694 51.85 -16.17 -22.68
C ASN D 694 50.82 -16.58 -23.73
N THR D 695 50.45 -15.67 -24.63
CA THR D 695 49.57 -16.03 -25.74
C THR D 695 50.13 -15.68 -27.13
N LEU D 696 49.75 -16.50 -28.12
CA LEU D 696 50.31 -16.37 -29.47
C LEU D 696 49.31 -16.91 -30.49
N ILE D 697 49.17 -16.25 -31.63
CA ILE D 697 48.27 -16.72 -32.68
C ILE D 697 49.02 -16.92 -33.98
N ILE D 698 49.03 -18.15 -34.46
CA ILE D 698 49.63 -18.48 -35.76
C ILE D 698 48.57 -18.70 -36.84
N TYR D 699 48.49 -17.76 -37.76
CA TYR D 699 47.53 -17.84 -38.84
C TYR D 699 48.00 -18.81 -39.94
N LEU D 700 47.08 -19.62 -40.43
CA LEU D 700 47.40 -20.60 -41.45
C LEU D 700 46.64 -20.29 -42.73
N ASP D 701 47.37 -19.99 -43.80
CA ASP D 701 46.74 -19.74 -45.09
C ASP D 701 45.91 -20.92 -45.47
N LYS D 702 46.23 -22.06 -44.87
CA LYS D 702 45.49 -23.26 -45.16
C LYS D 702 45.94 -24.46 -44.28
N VAL D 703 45.12 -25.50 -44.20
CA VAL D 703 45.54 -26.78 -43.61
C VAL D 703 45.14 -27.97 -44.50
N SER D 704 45.94 -29.03 -44.53
CA SER D 704 45.60 -30.12 -45.43
C SER D 704 44.56 -30.99 -44.76
N HIS D 705 43.90 -31.77 -45.60
CA HIS D 705 42.81 -32.66 -45.20
C HIS D 705 43.38 -34.00 -45.51
N SER D 706 44.51 -33.91 -46.18
CA SER D 706 45.24 -35.07 -46.59
C SER D 706 46.31 -35.67 -45.64
N GLU D 707 47.28 -34.87 -45.23
CA GLU D 707 48.30 -35.31 -44.27
C GLU D 707 48.45 -34.32 -43.14
N ASP D 708 49.26 -34.66 -42.13
CA ASP D 708 49.40 -33.77 -41.01
C ASP D 708 50.26 -32.60 -41.52
N ASP D 709 49.89 -31.38 -41.14
CA ASP D 709 50.71 -30.20 -41.38
C ASP D 709 51.46 -29.84 -40.12
N CYS D 710 52.78 -30.05 -40.11
CA CYS D 710 53.50 -29.86 -38.85
C CYS D 710 54.43 -28.66 -38.83
N LEU D 711 54.38 -27.94 -37.72
CA LEU D 711 55.31 -26.85 -37.43
C LEU D 711 55.91 -27.10 -36.05
N ALA D 712 56.88 -26.28 -35.64
CA ALA D 712 57.56 -26.48 -34.37
C ALA D 712 58.44 -25.29 -34.01
N PHE D 713 58.37 -24.85 -32.75
CA PHE D 713 59.23 -23.74 -32.34
C PHE D 713 59.73 -23.88 -30.90
N LYS D 714 60.84 -23.19 -30.60
CA LYS D 714 61.48 -23.26 -29.29
C LYS D 714 60.85 -22.32 -28.28
N VAL D 715 60.63 -22.82 -27.07
CA VAL D 715 60.12 -22.03 -25.96
C VAL D 715 61.12 -21.95 -24.78
N HIS D 716 61.32 -20.76 -24.23
CA HIS D 716 62.27 -20.53 -23.13
C HIS D 716 61.62 -20.11 -21.81
N GLN D 717 62.13 -20.65 -20.69
CA GLN D 717 61.63 -20.26 -19.36
C GLN D 717 62.30 -19.06 -18.69
N TYR D 718 61.54 -17.99 -18.57
CA TYR D 718 61.98 -16.75 -17.95
C TYR D 718 61.61 -16.50 -16.50
N PHE D 719 60.51 -17.10 -16.08
CA PHE D 719 59.99 -16.92 -14.72
C PHE D 719 59.63 -18.25 -14.07
N ASN D 720 60.49 -18.66 -13.15
CA ASN D 720 60.43 -19.94 -12.44
C ASN D 720 59.44 -19.99 -11.27
N VAL D 721 58.57 -21.00 -11.34
CA VAL D 721 57.50 -21.25 -10.37
C VAL D 721 57.36 -22.75 -10.17
N GLU D 722 56.97 -23.13 -8.96
CA GLU D 722 56.81 -24.54 -8.62
C GLU D 722 55.57 -25.18 -9.25
N LEU D 723 54.50 -24.41 -9.40
CA LEU D 723 53.25 -24.97 -9.91
C LEU D 723 52.84 -24.46 -11.27
N ILE D 724 53.23 -25.22 -12.27
CA ILE D 724 52.97 -24.74 -13.60
C ILE D 724 51.72 -25.28 -14.33
N GLN D 725 51.13 -24.36 -15.09
CA GLN D 725 49.93 -24.57 -15.87
C GLN D 725 50.10 -25.16 -17.25
N PRO D 726 49.46 -26.31 -17.52
CA PRO D 726 49.61 -26.92 -18.83
C PRO D 726 49.34 -25.84 -19.90
N GLY D 727 50.14 -25.80 -20.95
CA GLY D 727 49.92 -24.92 -22.08
C GLY D 727 48.76 -25.41 -22.91
N ALA D 728 48.25 -24.61 -23.83
CA ALA D 728 47.13 -25.12 -24.64
C ALA D 728 47.11 -24.61 -26.07
N VAL D 729 46.91 -25.52 -27.01
CA VAL D 729 46.79 -25.18 -28.42
C VAL D 729 45.39 -25.49 -28.93
N LYS D 730 44.86 -24.59 -29.76
CA LYS D 730 43.53 -24.75 -30.33
C LYS D 730 43.53 -24.39 -31.81
N VAL D 731 43.06 -25.30 -32.65
CA VAL D 731 42.96 -25.02 -34.07
C VAL D 731 41.50 -24.76 -34.42
N TYR D 732 41.26 -24.14 -35.59
CA TYR D 732 39.89 -23.94 -36.12
C TYR D 732 39.87 -23.04 -37.34
N ALA D 733 39.03 -23.37 -38.32
CA ALA D 733 38.87 -22.54 -39.51
C ALA D 733 38.13 -21.24 -39.19
N TYR D 734 38.46 -20.18 -39.94
CA TYR D 734 38.01 -18.81 -39.65
C TYR D 734 36.50 -18.65 -39.64
N TYR D 735 35.82 -19.46 -40.45
CA TYR D 735 34.39 -19.29 -40.62
C TYR D 735 33.62 -19.90 -39.45
N ASN D 736 34.24 -20.84 -38.77
CA ASN D 736 33.51 -21.58 -37.74
C ASN D 736 34.25 -21.78 -36.41
N LEU D 737 33.69 -21.29 -35.33
CA LEU D 737 34.33 -21.44 -34.05
C LEU D 737 34.14 -22.77 -33.31
N GLU D 738 32.93 -23.32 -33.28
CA GLU D 738 32.69 -24.55 -32.53
C GLU D 738 33.43 -25.84 -32.90
N GLU D 739 33.52 -26.13 -34.19
CA GLU D 739 34.17 -27.33 -34.68
C GLU D 739 35.67 -27.04 -34.58
N SER D 740 36.10 -26.95 -33.33
CA SER D 740 37.48 -26.59 -33.05
C SER D 740 38.07 -27.73 -32.28
N CYS D 741 39.38 -27.71 -32.14
CA CYS D 741 40.05 -28.74 -31.39
C CYS D 741 41.09 -28.17 -30.48
N THR D 742 41.11 -28.65 -29.24
CA THR D 742 42.04 -28.10 -28.29
C THR D 742 42.79 -29.19 -27.54
N ARG D 743 44.11 -29.22 -27.77
CA ARG D 743 45.01 -30.12 -27.04
C ARG D 743 45.75 -29.14 -26.15
N PHE D 744 46.29 -29.67 -25.09
CA PHE D 744 47.04 -28.98 -24.06
C PHE D 744 48.40 -29.67 -24.08
N TYR D 745 49.38 -29.04 -23.48
CA TYR D 745 50.73 -29.56 -23.38
C TYR D 745 51.53 -29.31 -22.10
N HIS D 746 52.09 -30.40 -21.56
CA HIS D 746 52.89 -30.30 -20.34
C HIS D 746 54.04 -31.29 -20.55
N PRO D 747 55.31 -30.91 -20.27
CA PRO D 747 56.36 -31.92 -20.53
C PRO D 747 56.13 -33.34 -19.94
N GLU D 748 55.77 -33.39 -18.67
CA GLU D 748 55.57 -34.63 -17.90
C GLU D 748 54.10 -34.94 -17.69
N LYS D 749 53.35 -34.15 -16.89
CA LYS D 749 51.96 -34.51 -16.58
C LYS D 749 51.19 -35.15 -17.68
N GLU D 750 51.44 -36.45 -17.70
CA GLU D 750 50.90 -37.44 -18.60
C GLU D 750 49.73 -37.00 -19.38
N ASP D 751 49.95 -36.77 -20.66
CA ASP D 751 48.86 -36.37 -21.52
C ASP D 751 48.21 -35.06 -21.02
N GLY D 752 48.42 -34.74 -19.75
CA GLY D 752 47.98 -33.56 -19.03
C GLY D 752 46.63 -33.62 -18.31
N LYS D 753 46.14 -34.83 -18.05
CA LYS D 753 44.88 -34.95 -17.34
C LYS D 753 45.23 -34.44 -15.97
N LEU D 754 44.53 -33.42 -15.48
CA LEU D 754 44.86 -32.98 -14.16
C LEU D 754 44.43 -34.15 -13.33
N ASN D 755 45.09 -34.38 -12.21
CA ASN D 755 44.80 -35.58 -11.49
C ASN D 755 43.40 -35.56 -10.93
N LYS D 756 42.68 -36.64 -11.20
CA LYS D 756 41.30 -36.72 -10.78
C LYS D 756 40.92 -38.15 -10.78
N LEU D 757 40.32 -38.64 -9.71
CA LEU D 757 39.91 -40.03 -9.84
C LEU D 757 38.45 -40.20 -10.16
N CYS D 758 38.17 -40.94 -11.21
CA CYS D 758 36.81 -41.14 -11.70
C CYS D 758 36.58 -42.60 -11.86
N ARG D 759 35.35 -43.02 -11.58
CA ARG D 759 34.76 -44.34 -11.82
C ARG D 759 33.42 -44.11 -12.43
N ASP D 760 33.22 -44.60 -13.64
CA ASP D 760 31.99 -44.44 -14.41
C ASP D 760 31.76 -42.99 -14.75
N GLU D 761 30.96 -42.32 -13.95
CA GLU D 761 30.71 -40.92 -14.20
C GLU D 761 30.89 -40.08 -12.94
N LEU D 762 31.36 -40.76 -11.91
CA LEU D 762 31.69 -40.11 -10.67
C LEU D 762 33.18 -39.84 -10.55
N CYS D 763 33.57 -38.61 -10.26
CA CYS D 763 34.96 -38.29 -10.13
C CYS D 763 35.26 -37.30 -8.98
N ARG D 764 36.46 -37.35 -8.39
CA ARG D 764 36.91 -36.46 -7.32
C ARG D 764 38.36 -35.95 -7.54
N CYS D 765 38.57 -34.66 -7.28
CA CYS D 765 39.84 -33.99 -7.54
C CYS D 765 40.96 -34.53 -6.65
N ALA D 766 42.16 -34.61 -7.21
CA ALA D 766 43.29 -35.20 -6.49
C ALA D 766 44.53 -34.30 -6.40
N GLU D 767 44.42 -33.03 -6.75
CA GLU D 767 45.59 -32.15 -6.62
C GLU D 767 45.76 -31.58 -5.22
N GLU D 768 46.43 -32.32 -4.33
CA GLU D 768 46.65 -31.91 -2.93
C GLU D 768 47.79 -32.74 -2.37
N ASN D 769 48.02 -32.61 -1.07
CA ASN D 769 49.02 -33.39 -0.37
C ASN D 769 48.72 -34.89 -0.42
N CYS D 770 49.75 -35.70 -0.58
CA CYS D 770 49.57 -37.15 -0.67
C CYS D 770 49.11 -37.78 0.65
N PHE D 771 49.57 -37.20 1.77
CA PHE D 771 49.08 -37.60 3.09
C PHE D 771 49.18 -36.44 4.02
N ILE D 772 48.80 -36.69 5.26
CA ILE D 772 48.86 -35.66 6.28
C ILE D 772 50.37 -35.34 6.33
N GLN D 773 50.90 -34.30 5.69
CA GLN D 773 52.36 -34.09 5.81
C GLN D 773 52.84 -33.82 7.22
N LYS D 774 53.62 -34.75 7.78
CA LYS D 774 54.21 -34.65 9.12
C LYS D 774 55.23 -35.76 9.39
N SER D 775 56.11 -35.50 10.33
CA SER D 775 57.16 -36.42 10.75
C SER D 775 56.77 -37.11 12.04
N ASP D 776 56.93 -38.43 12.07
CA ASP D 776 56.62 -39.24 13.23
C ASP D 776 57.28 -38.70 14.50
N ASP D 777 58.35 -37.95 14.30
CA ASP D 777 59.11 -37.38 15.40
C ASP D 777 58.34 -36.27 16.10
N LYS D 778 57.72 -35.37 15.32
CA LYS D 778 56.97 -34.27 15.93
C LYS D 778 55.59 -34.71 16.41
N VAL D 779 55.16 -35.90 15.99
CA VAL D 779 53.87 -36.44 16.39
C VAL D 779 53.91 -37.20 17.72
N THR D 780 53.14 -36.75 18.70
CA THR D 780 53.05 -37.45 19.98
C THR D 780 51.81 -38.34 20.03
N LEU D 781 51.58 -38.97 21.18
CA LEU D 781 50.38 -39.80 21.36
C LEU D 781 49.12 -38.99 21.39
N GLU D 782 49.13 -37.93 22.19
CA GLU D 782 47.92 -37.17 22.40
C GLU D 782 47.39 -36.61 21.08
N GLU D 783 48.27 -36.27 20.14
CA GLU D 783 47.79 -35.75 18.86
C GLU D 783 47.19 -36.85 17.99
N ARG D 784 47.36 -38.09 18.44
CA ARG D 784 46.82 -39.21 17.70
C ARG D 784 45.52 -39.61 18.35
N LEU D 785 45.43 -39.52 19.67
CA LEU D 785 44.17 -39.80 20.32
C LEU D 785 43.22 -38.67 20.01
N ASP D 786 43.77 -37.48 19.83
CA ASP D 786 42.94 -36.34 19.51
C ASP D 786 42.53 -36.34 18.05
N LYS D 787 43.43 -36.68 17.12
CA LYS D 787 43.06 -36.59 15.69
C LYS D 787 42.31 -37.80 15.15
N ALA D 788 42.36 -38.89 15.87
CA ALA D 788 41.71 -40.13 15.47
C ALA D 788 40.37 -40.32 16.20
N CYS D 789 39.91 -39.30 16.92
CA CYS D 789 38.62 -39.39 17.61
C CYS D 789 37.60 -38.31 17.36
N GLU D 790 37.94 -37.28 16.59
CA GLU D 790 36.92 -36.32 16.13
C GLU D 790 35.96 -37.09 15.24
N PRO D 791 34.83 -36.46 14.89
CA PRO D 791 33.85 -37.21 14.11
C PRO D 791 34.37 -37.58 12.72
N GLY D 792 34.89 -36.62 11.95
CA GLY D 792 35.16 -36.84 10.54
C GLY D 792 35.80 -38.19 10.32
N VAL D 793 36.83 -38.47 11.12
CA VAL D 793 37.59 -39.70 11.02
C VAL D 793 36.58 -40.84 10.99
N ASP D 794 36.61 -41.72 10.00
CA ASP D 794 35.59 -42.76 9.96
C ASP D 794 36.27 -44.07 10.32
N TYR D 795 37.30 -44.42 9.58
CA TYR D 795 37.98 -45.69 9.77
C TYR D 795 39.40 -45.51 10.33
N VAL D 796 39.88 -46.49 11.10
CA VAL D 796 41.29 -46.53 11.53
C VAL D 796 41.72 -47.96 11.59
N TYR D 797 42.70 -48.29 10.76
CA TYR D 797 43.20 -49.64 10.69
C TYR D 797 44.71 -49.67 10.88
N LYS D 798 45.18 -50.74 11.52
CA LYS D 798 46.58 -51.13 11.51
C LYS D 798 46.66 -52.17 10.41
N THR D 799 47.22 -51.73 9.30
CA THR D 799 47.21 -52.51 8.08
C THR D 799 48.57 -53.07 7.67
N ARG D 800 48.54 -54.00 6.73
CA ARG D 800 49.77 -54.55 6.15
C ARG D 800 49.77 -54.49 4.63
N LEU D 801 50.89 -54.09 4.04
CA LEU D 801 50.94 -53.98 2.59
C LEU D 801 51.33 -55.31 1.93
N VAL D 802 50.37 -56.00 1.33
CA VAL D 802 50.69 -57.27 0.71
C VAL D 802 51.16 -57.13 -0.73
N LYS D 803 50.39 -56.38 -1.51
CA LYS D 803 50.69 -56.23 -2.93
C LYS D 803 50.45 -54.80 -3.38
N VAL D 804 51.39 -54.33 -4.19
CA VAL D 804 51.31 -53.01 -4.80
C VAL D 804 51.23 -53.11 -6.31
N GLN D 805 50.16 -52.55 -6.85
CA GLN D 805 49.94 -52.62 -8.30
C GLN D 805 50.11 -51.26 -8.93
N LEU D 806 51.13 -51.25 -9.80
CA LEU D 806 51.57 -50.08 -10.51
C LEU D 806 50.85 -49.86 -11.84
N SER D 807 50.67 -48.58 -12.17
CA SER D 807 50.04 -48.22 -13.43
C SER D 807 50.56 -46.92 -13.99
N ASN D 808 49.76 -46.35 -14.88
CA ASN D 808 50.09 -45.10 -15.57
C ASN D 808 49.49 -43.85 -15.01
N ASP D 809 48.52 -44.05 -14.13
CA ASP D 809 47.74 -42.98 -13.55
C ASP D 809 47.48 -43.16 -12.08
N PHE D 810 46.99 -44.35 -11.73
CA PHE D 810 46.55 -44.64 -10.37
C PHE D 810 47.12 -45.91 -9.77
N ASP D 811 47.74 -45.72 -8.63
CA ASP D 811 48.31 -46.79 -7.89
C ASP D 811 47.33 -47.57 -7.06
N GLU D 812 47.57 -48.87 -6.85
CA GLU D 812 46.65 -49.62 -6.02
C GLU D 812 47.39 -50.43 -4.96
N TYR D 813 47.26 -50.00 -3.71
CA TYR D 813 47.92 -50.62 -2.56
C TYR D 813 46.95 -51.50 -1.78
N ILE D 814 46.87 -52.81 -2.03
CA ILE D 814 45.88 -53.63 -1.32
C ILE D 814 46.19 -53.88 0.20
N MET D 815 45.72 -53.02 1.08
CA MET D 815 46.09 -53.24 2.46
C MET D 815 45.23 -54.32 3.16
N ALA D 816 45.92 -55.30 3.77
CA ALA D 816 45.28 -56.35 4.58
C ALA D 816 45.12 -55.90 6.01
N ILE D 817 43.86 -55.76 6.41
CA ILE D 817 43.57 -55.25 7.73
C ILE D 817 44.01 -56.25 8.78
N GLU D 818 44.89 -55.82 9.66
CA GLU D 818 45.43 -56.69 10.69
C GLU D 818 44.71 -56.47 12.01
N GLN D 819 44.06 -55.33 12.12
CA GLN D 819 43.22 -55.04 13.27
C GLN D 819 42.35 -53.83 12.98
N THR D 820 41.09 -53.93 13.38
CA THR D 820 40.17 -52.83 13.18
C THR D 820 40.13 -51.96 14.42
N ILE D 821 41.00 -50.96 14.45
CA ILE D 821 41.08 -50.04 15.57
C ILE D 821 39.75 -49.33 15.72
N LYS D 822 39.30 -48.68 14.65
CA LYS D 822 37.95 -48.15 14.65
C LYS D 822 37.26 -48.45 13.32
N SER D 823 35.94 -48.67 13.40
CA SER D 823 35.10 -49.04 12.25
C SER D 823 34.02 -48.00 12.00
N GLY D 824 33.88 -47.60 10.74
CA GLY D 824 32.87 -46.65 10.35
C GLY D 824 31.83 -47.32 9.48
N SER D 825 31.58 -46.77 8.30
CA SER D 825 30.50 -47.26 7.46
C SER D 825 30.92 -48.57 6.81
N ASP D 826 32.23 -48.75 6.75
CA ASP D 826 32.82 -49.97 6.21
C ASP D 826 32.91 -51.08 7.23
N GLU D 827 32.06 -52.08 7.04
CA GLU D 827 32.00 -53.23 7.92
C GLU D 827 33.09 -54.23 7.56
N VAL D 828 34.32 -53.87 7.86
CA VAL D 828 35.46 -54.70 7.54
C VAL D 828 35.93 -55.45 8.77
N GLN D 829 36.19 -56.74 8.58
CA GLN D 829 36.57 -57.67 9.62
C GLN D 829 38.08 -57.84 9.57
N VAL D 830 38.67 -58.50 10.57
CA VAL D 830 40.09 -58.80 10.51
C VAL D 830 40.44 -59.96 9.58
N GLY D 831 41.34 -59.66 8.64
CA GLY D 831 41.92 -60.61 7.70
C GLY D 831 41.66 -60.27 6.25
N GLN D 832 40.50 -59.66 5.99
CA GLN D 832 40.12 -59.24 4.63
C GLN D 832 40.97 -58.10 4.11
N GLN D 833 40.89 -57.95 2.80
CA GLN D 833 41.68 -56.98 2.08
C GLN D 833 40.94 -55.75 1.56
N ARG D 834 41.60 -54.58 1.61
CA ARG D 834 40.95 -53.40 1.08
C ARG D 834 41.95 -52.59 0.23
N THR D 835 41.57 -52.29 -1.01
CA THR D 835 42.44 -51.58 -1.95
C THR D 835 42.55 -50.08 -1.68
N PHE D 836 43.76 -49.57 -1.44
CA PHE D 836 43.93 -48.13 -1.30
C PHE D 836 44.54 -47.54 -2.57
N ILE D 837 43.83 -46.61 -3.18
CA ILE D 837 44.28 -46.04 -4.44
C ILE D 837 44.91 -44.64 -4.26
N SER D 838 45.99 -44.38 -5.00
CA SER D 838 46.66 -43.07 -4.94
C SER D 838 47.23 -42.62 -6.29
N PRO D 839 47.14 -41.32 -6.60
CA PRO D 839 47.73 -40.85 -7.86
C PRO D 839 49.22 -41.15 -7.97
N ILE D 840 49.72 -41.25 -9.19
CA ILE D 840 51.13 -41.54 -9.42
C ILE D 840 52.12 -40.51 -8.87
N LYS D 841 51.72 -39.25 -8.86
CA LYS D 841 52.58 -38.16 -8.40
C LYS D 841 52.92 -38.22 -6.92
N CYS D 842 52.30 -39.18 -6.24
CA CYS D 842 52.45 -39.32 -4.81
C CYS D 842 53.18 -40.60 -4.51
N ARG D 843 53.75 -41.18 -5.56
CA ARG D 843 54.47 -42.45 -5.41
C ARG D 843 55.76 -42.38 -4.75
N GLU D 844 56.31 -41.20 -4.87
CA GLU D 844 57.59 -40.92 -4.37
C GLU D 844 57.43 -40.39 -2.96
N ALA D 845 56.34 -39.65 -2.75
CA ALA D 845 56.07 -39.07 -1.44
C ALA D 845 55.51 -40.06 -0.44
N LEU D 846 54.83 -41.07 -0.97
CA LEU D 846 54.26 -42.15 -0.16
C LEU D 846 55.21 -43.27 0.17
N LYS D 847 56.06 -43.60 -0.80
CA LYS D 847 57.01 -44.71 -0.70
C LYS D 847 56.54 -45.91 0.13
N LEU D 848 55.35 -46.42 -0.18
CA LEU D 848 54.82 -47.58 0.53
C LEU D 848 55.47 -48.85 0.00
N GLU D 849 55.91 -49.72 0.90
CA GLU D 849 56.57 -50.97 0.50
C GLU D 849 55.83 -52.22 0.97
N GLU D 850 55.91 -53.29 0.17
CA GLU D 850 55.24 -54.55 0.46
C GLU D 850 55.77 -55.17 1.74
N LYS D 851 54.94 -55.97 2.40
CA LYS D 851 55.34 -56.65 3.61
C LYS D 851 55.58 -55.72 4.79
N LYS D 852 55.15 -54.47 4.66
CA LYS D 852 55.30 -53.52 5.74
C LYS D 852 53.96 -53.20 6.39
N HIS D 853 54.00 -52.59 7.57
CA HIS D 853 52.78 -52.28 8.32
C HIS D 853 52.59 -50.77 8.37
N TYR D 854 51.35 -50.34 8.46
CA TYR D 854 51.04 -48.93 8.49
C TYR D 854 49.82 -48.64 9.35
N LEU D 855 49.83 -47.49 10.02
CA LEU D 855 48.67 -47.00 10.75
C LEU D 855 47.97 -45.97 9.89
N MET D 856 46.76 -46.30 9.44
CA MET D 856 46.07 -45.40 8.54
C MET D 856 44.68 -45.02 9.06
N TRP D 857 44.27 -43.79 8.78
CA TRP D 857 42.89 -43.39 9.05
C TRP D 857 42.41 -42.29 8.12
N GLY D 858 41.14 -42.30 7.74
CA GLY D 858 40.64 -41.29 6.83
C GLY D 858 39.16 -41.01 6.96
N LEU D 859 38.66 -40.12 6.10
CA LEU D 859 37.26 -39.72 6.17
C LEU D 859 36.35 -40.73 5.49
N SER D 860 35.06 -40.42 5.48
CA SER D 860 34.07 -41.23 4.81
C SER D 860 33.95 -40.77 3.37
N SER D 861 34.37 -39.53 3.11
CA SER D 861 34.35 -39.02 1.76
C SER D 861 35.44 -39.72 0.97
N ASP D 862 36.25 -40.46 1.70
CA ASP D 862 37.31 -41.21 1.07
C ASP D 862 36.91 -42.65 0.81
N PHE D 863 35.62 -42.86 0.53
CA PHE D 863 35.21 -44.18 0.09
C PHE D 863 35.01 -44.11 -1.40
N TRP D 864 35.30 -45.23 -2.05
CA TRP D 864 35.26 -45.29 -3.49
C TRP D 864 34.58 -46.59 -3.90
N GLY D 865 33.39 -46.56 -4.47
CA GLY D 865 32.79 -47.84 -4.83
C GLY D 865 31.55 -48.10 -4.03
N GLU D 866 31.15 -49.36 -3.94
CA GLU D 866 29.96 -49.73 -3.21
C GLU D 866 30.37 -50.75 -2.15
N LYS D 867 29.40 -51.27 -1.41
CA LYS D 867 29.68 -52.22 -0.34
C LYS D 867 30.25 -53.59 -0.79
N PRO D 868 29.89 -54.13 -1.97
CA PRO D 868 30.60 -55.41 -2.14
C PRO D 868 32.02 -55.34 -2.74
N ASN D 869 32.49 -54.15 -3.10
CA ASN D 869 33.82 -53.90 -3.70
C ASN D 869 34.19 -52.47 -3.34
N LEU D 870 34.56 -52.22 -2.09
CA LEU D 870 34.90 -50.85 -1.77
C LEU D 870 36.40 -50.63 -1.82
N SER D 871 36.80 -49.44 -2.25
CA SER D 871 38.18 -49.00 -2.26
C SER D 871 38.41 -47.68 -1.51
N TYR D 872 39.57 -47.50 -0.89
CA TYR D 872 39.83 -46.29 -0.13
C TYR D 872 40.67 -45.39 -1.02
N ILE D 873 40.50 -44.09 -0.88
CA ILE D 873 41.29 -43.12 -1.63
C ILE D 873 42.17 -42.30 -0.63
N ILE D 874 43.48 -42.30 -0.88
CA ILE D 874 44.43 -41.57 -0.04
C ILE D 874 44.52 -40.04 -0.29
N GLY D 875 43.59 -39.31 0.32
CA GLY D 875 43.48 -37.86 0.15
C GLY D 875 44.28 -37.06 1.17
N LYS D 876 43.99 -35.76 1.30
CA LYS D 876 44.74 -34.89 2.21
C LYS D 876 44.35 -35.04 3.66
N ASP D 877 43.33 -35.85 3.90
CA ASP D 877 42.90 -36.14 5.25
C ASP D 877 43.21 -37.56 5.61
N THR D 878 43.97 -38.24 4.76
CA THR D 878 44.31 -39.61 5.06
C THR D 878 45.64 -39.63 5.78
N TRP D 879 45.62 -40.26 6.95
CA TRP D 879 46.78 -40.39 7.81
C TRP D 879 47.49 -41.69 7.54
N VAL D 880 48.69 -41.58 7.00
CA VAL D 880 49.56 -42.71 6.69
C VAL D 880 50.82 -42.69 7.57
N GLU D 881 51.01 -43.73 8.38
CA GLU D 881 52.16 -43.72 9.29
C GLU D 881 52.82 -45.08 9.30
N HIS D 882 54.12 -45.11 9.04
CA HIS D 882 54.84 -46.37 8.96
C HIS D 882 54.97 -47.07 10.32
N TRP D 883 54.47 -48.30 10.38
CA TRP D 883 54.58 -49.10 11.59
C TRP D 883 55.88 -49.88 11.46
N PRO D 884 56.89 -49.54 12.30
CA PRO D 884 58.19 -50.23 12.33
C PRO D 884 58.12 -51.68 12.79
N GLU D 885 58.74 -52.65 12.13
CA GLU D 885 58.55 -54.06 12.52
C GLU D 885 58.92 -54.35 13.95
N GLU D 886 58.82 -55.62 14.24
CA GLU D 886 59.12 -56.23 15.51
C GLU D 886 60.62 -56.07 15.68
N ASP D 887 61.43 -56.37 14.68
CA ASP D 887 62.83 -56.25 14.98
C ASP D 887 63.31 -54.81 14.81
N GLU D 888 62.38 -53.86 14.64
CA GLU D 888 62.78 -52.46 14.62
C GLU D 888 62.40 -51.82 15.95
N CYS D 889 61.44 -52.41 16.65
CA CYS D 889 61.07 -51.87 17.95
C CYS D 889 62.04 -52.15 19.11
N GLN D 890 62.98 -53.09 18.96
CA GLN D 890 63.99 -53.47 20.02
C GLN D 890 64.95 -52.36 20.14
N ASP D 891 64.98 -51.75 19.02
CA ASP D 891 65.73 -50.61 18.81
C ASP D 891 65.42 -49.44 19.73
N GLU D 892 66.42 -48.80 20.34
CA GLU D 892 66.02 -47.75 21.28
C GLU D 892 65.54 -46.47 20.53
N GLU D 893 66.27 -45.78 19.64
CA GLU D 893 65.70 -44.52 19.02
C GLU D 893 64.30 -44.84 18.49
N ASN D 894 64.06 -46.07 18.07
CA ASN D 894 62.73 -46.43 17.58
C ASN D 894 61.72 -46.72 18.69
N GLN D 895 62.17 -46.71 19.95
CA GLN D 895 61.28 -46.97 21.08
C GLN D 895 60.07 -46.03 21.11
N LYS D 896 60.25 -44.70 20.93
CA LYS D 896 59.09 -43.78 21.00
C LYS D 896 57.95 -43.93 19.98
N GLN D 897 58.22 -44.43 18.79
CA GLN D 897 57.12 -44.54 17.86
C GLN D 897 56.36 -45.81 18.19
N CYS D 898 57.07 -46.87 18.55
CA CYS D 898 56.38 -48.12 18.86
C CYS D 898 55.60 -48.11 20.18
N GLN D 899 56.14 -47.54 21.26
CA GLN D 899 55.35 -47.48 22.50
C GLN D 899 54.20 -46.52 22.28
N ASP D 900 54.35 -45.57 21.34
CA ASP D 900 53.18 -44.72 21.17
C ASP D 900 52.11 -45.31 20.26
N LEU D 901 52.46 -46.12 19.27
CA LEU D 901 51.41 -46.80 18.52
C LEU D 901 50.79 -47.97 19.31
N GLY D 902 51.56 -48.44 20.29
CA GLY D 902 51.18 -49.53 21.17
C GLY D 902 50.10 -49.00 22.07
N ALA D 903 50.37 -47.82 22.60
CA ALA D 903 49.45 -47.25 23.56
C ALA D 903 48.36 -46.55 22.78
N PHE D 904 48.54 -46.41 21.49
CA PHE D 904 47.49 -45.83 20.70
C PHE D 904 46.54 -46.93 20.23
N THR D 905 46.93 -48.17 20.47
CA THR D 905 46.10 -49.29 20.05
C THR D 905 45.39 -49.87 21.27
N GLU D 906 46.02 -49.74 22.42
CA GLU D 906 45.50 -50.15 23.72
C GLU D 906 44.46 -49.06 24.02
N SER D 907 44.77 -47.83 23.61
CA SER D 907 43.94 -46.65 23.86
C SER D 907 42.73 -46.73 22.95
N MET D 908 42.85 -46.98 21.65
CA MET D 908 41.59 -46.92 20.92
C MET D 908 40.82 -48.24 20.92
N VAL D 909 41.47 -49.35 21.25
CA VAL D 909 40.75 -50.62 21.39
C VAL D 909 39.94 -50.81 22.69
N VAL D 910 40.54 -50.55 23.86
CA VAL D 910 39.82 -50.82 25.11
C VAL D 910 38.78 -49.74 25.35
N PHE D 911 39.18 -48.48 25.24
CA PHE D 911 38.24 -47.42 25.49
C PHE D 911 37.61 -46.90 24.21
N GLY D 912 38.46 -46.32 23.36
CA GLY D 912 38.00 -45.69 22.14
C GLY D 912 37.96 -44.17 22.21
N CYS D 913 36.76 -43.64 22.01
CA CYS D 913 36.47 -42.20 22.04
C CYS D 913 35.67 -41.80 23.30
N PRO D 914 35.94 -40.59 23.82
CA PRO D 914 35.25 -40.06 24.99
C PRO D 914 33.77 -39.80 24.78
N ASN D 915 33.39 -39.32 23.60
CA ASN D 915 32.00 -38.98 23.25
C ASN D 915 31.72 -37.61 23.82
N SER E 3 -39.39 -20.45 -34.97
CA SER E 3 -39.44 -19.32 -34.04
C SER E 3 -38.72 -19.69 -32.76
N CYS E 4 -38.29 -18.69 -32.00
CA CYS E 4 -37.62 -19.02 -30.75
C CYS E 4 -38.60 -19.25 -29.62
N GLU E 5 -38.17 -20.10 -28.70
CA GLU E 5 -38.91 -20.43 -27.49
C GLU E 5 -39.04 -19.17 -26.63
N VAL E 6 -39.91 -19.23 -25.61
CA VAL E 6 -40.14 -18.12 -24.67
C VAL E 6 -38.84 -17.63 -24.05
N PRO E 7 -38.68 -16.30 -23.91
CA PRO E 7 -37.44 -15.81 -23.29
C PRO E 7 -37.26 -16.55 -21.97
N THR E 8 -36.02 -16.94 -21.69
CA THR E 8 -35.69 -17.68 -20.48
C THR E 8 -35.86 -16.84 -19.22
N ARG E 9 -36.33 -17.48 -18.15
CA ARG E 9 -36.53 -16.78 -16.89
C ARG E 9 -35.27 -16.12 -16.38
N LEU E 10 -35.42 -14.90 -15.92
CA LEU E 10 -34.32 -14.16 -15.37
C LEU E 10 -34.59 -13.79 -13.93
N ASN E 11 -33.58 -13.86 -13.10
CA ASN E 11 -33.79 -13.56 -11.69
C ASN E 11 -33.98 -12.06 -11.37
N SER E 12 -33.36 -11.23 -12.20
CA SER E 12 -33.43 -9.77 -12.06
C SER E 12 -34.59 -9.04 -12.72
N ALA E 13 -34.82 -9.39 -13.99
CA ALA E 13 -35.86 -8.72 -14.74
C ALA E 13 -36.85 -9.71 -15.30
N SER E 14 -38.08 -9.26 -15.41
CA SER E 14 -39.18 -10.02 -15.97
C SER E 14 -39.73 -9.26 -17.16
N LEU E 15 -40.13 -9.99 -18.19
CA LEU E 15 -40.67 -9.42 -19.42
C LEU E 15 -41.74 -8.36 -19.15
N LYS E 16 -41.96 -7.50 -20.15
CA LYS E 16 -43.00 -6.49 -20.08
C LYS E 16 -44.19 -6.87 -20.94
N GLN E 17 -45.22 -6.03 -20.89
CA GLN E 17 -46.39 -6.24 -21.72
C GLN E 17 -46.18 -5.73 -23.13
N PRO E 18 -46.67 -6.49 -24.13
CA PRO E 18 -47.43 -7.72 -23.94
C PRO E 18 -46.62 -8.98 -24.30
N TYR E 19 -45.30 -8.87 -24.42
CA TYR E 19 -44.47 -10.03 -24.78
C TYR E 19 -44.56 -11.24 -23.82
N ILE E 20 -45.03 -11.01 -22.59
CA ILE E 20 -45.12 -12.09 -21.59
C ILE E 20 -46.18 -13.14 -21.91
N THR E 21 -47.11 -12.77 -22.78
CA THR E 21 -48.22 -13.65 -23.11
C THR E 21 -48.16 -14.09 -24.54
N GLN E 22 -47.06 -13.72 -25.20
CA GLN E 22 -46.87 -14.08 -26.58
C GLN E 22 -46.20 -15.46 -26.58
N ASN E 23 -46.11 -16.09 -27.74
CA ASN E 23 -45.49 -17.40 -27.89
C ASN E 23 -44.96 -17.48 -29.32
N TYR E 24 -45.45 -16.58 -30.18
CA TYR E 24 -45.06 -16.50 -31.58
C TYR E 24 -43.94 -15.50 -31.72
N PHE E 25 -42.73 -16.03 -31.62
CA PHE E 25 -41.52 -15.24 -31.68
C PHE E 25 -40.75 -15.33 -32.98
N PRO E 26 -41.29 -14.69 -34.02
CA PRO E 26 -40.60 -14.69 -35.29
C PRO E 26 -39.22 -14.12 -35.11
N VAL E 27 -38.34 -14.62 -35.93
CA VAL E 27 -36.99 -14.19 -35.88
C VAL E 27 -36.81 -12.66 -36.12
N GLY E 28 -35.86 -12.05 -35.42
CA GLY E 28 -35.68 -10.61 -35.52
C GLY E 28 -36.62 -9.85 -34.60
N THR E 29 -37.03 -10.51 -33.52
CA THR E 29 -37.92 -9.88 -32.55
C THR E 29 -37.26 -9.47 -31.27
N VAL E 30 -37.66 -8.31 -30.78
CA VAL E 30 -37.09 -7.84 -29.55
C VAL E 30 -38.11 -7.93 -28.43
N VAL E 31 -37.68 -8.34 -27.24
CA VAL E 31 -38.59 -8.39 -26.08
C VAL E 31 -37.96 -7.52 -25.00
N GLU E 32 -38.79 -6.73 -24.31
CA GLU E 32 -38.33 -5.84 -23.26
C GLU E 32 -38.63 -6.29 -21.82
N TYR E 33 -37.61 -6.22 -20.96
CA TYR E 33 -37.70 -6.61 -19.56
C TYR E 33 -37.80 -5.40 -18.65
N GLU E 34 -38.29 -5.68 -17.45
CA GLU E 34 -38.37 -4.70 -16.37
C GLU E 34 -37.95 -5.45 -15.12
N CYS E 35 -36.99 -4.83 -14.42
CA CYS E 35 -36.35 -5.35 -13.18
C CYS E 35 -37.40 -5.86 -12.19
N ARG E 36 -37.03 -6.91 -11.45
CA ARG E 36 -37.94 -7.47 -10.47
C ARG E 36 -37.73 -6.68 -9.20
N PRO E 37 -38.29 -7.15 -8.10
CA PRO E 37 -38.12 -6.59 -6.77
C PRO E 37 -37.32 -7.60 -5.96
N GLY E 38 -36.13 -7.19 -5.52
CA GLY E 38 -35.67 -5.84 -5.76
C GLY E 38 -34.38 -5.64 -6.52
N TYR E 39 -34.52 -5.22 -7.78
CA TYR E 39 -33.38 -4.93 -8.62
C TYR E 39 -33.53 -3.55 -9.30
N ARG E 40 -32.44 -2.94 -9.75
CA ARG E 40 -32.54 -1.63 -10.42
C ARG E 40 -31.92 -1.63 -11.81
N ARG E 41 -32.50 -0.86 -12.70
CA ARG E 41 -32.05 -0.80 -14.09
C ARG E 41 -30.65 -0.19 -14.23
N GLU E 42 -29.86 -0.79 -15.12
CA GLU E 42 -28.52 -0.31 -15.42
C GLU E 42 -28.51 0.50 -16.73
N PRO E 43 -28.81 1.80 -16.63
CA PRO E 43 -28.88 2.76 -17.75
C PRO E 43 -28.03 2.41 -18.98
N SER E 44 -26.74 2.18 -18.79
CA SER E 44 -25.81 1.92 -19.89
C SER E 44 -26.10 0.61 -20.62
N LEU E 45 -26.97 -0.21 -20.06
CA LEU E 45 -27.26 -1.50 -20.66
C LEU E 45 -28.69 -1.55 -21.18
N SER E 46 -28.87 -2.22 -22.31
CA SER E 46 -30.18 -2.35 -22.97
C SER E 46 -30.97 -3.46 -22.33
N PRO E 47 -32.26 -3.21 -21.99
CA PRO E 47 -33.15 -4.18 -21.35
C PRO E 47 -33.85 -5.08 -22.37
N LYS E 48 -33.46 -4.96 -23.63
CA LYS E 48 -34.08 -5.73 -24.70
C LYS E 48 -33.27 -6.98 -25.03
N LEU E 49 -33.90 -7.94 -25.68
CA LEU E 49 -33.25 -9.19 -26.09
C LEU E 49 -33.76 -9.49 -27.54
N THR E 50 -33.07 -10.41 -28.23
CA THR E 50 -33.25 -10.77 -29.65
C THR E 50 -33.12 -12.29 -29.90
N CYS E 51 -33.76 -12.78 -30.96
CA CYS E 51 -33.90 -14.26 -31.25
C CYS E 51 -33.03 -14.87 -32.33
N LEU E 52 -32.13 -15.77 -31.97
CA LEU E 52 -31.18 -16.29 -33.01
C LEU E 52 -31.64 -17.35 -34.06
N GLN E 53 -30.72 -17.67 -35.00
CA GLN E 53 -30.98 -18.54 -36.17
C GLN E 53 -31.15 -20.01 -35.87
N ASN E 54 -30.38 -20.43 -34.92
CA ASN E 54 -30.40 -21.80 -34.45
C ASN E 54 -31.41 -21.92 -33.33
N LEU E 55 -32.34 -20.96 -33.35
CA LEU E 55 -33.42 -20.90 -32.38
C LEU E 55 -32.93 -20.68 -30.94
N LYS E 56 -32.25 -19.56 -30.70
CA LYS E 56 -31.73 -19.18 -29.37
C LYS E 56 -32.01 -17.70 -29.16
N TRP E 57 -31.53 -17.16 -28.04
CA TRP E 57 -31.77 -15.77 -27.75
C TRP E 57 -30.45 -15.00 -27.56
N SER E 58 -30.44 -13.67 -27.70
CA SER E 58 -29.18 -13.00 -27.38
C SER E 58 -28.81 -13.05 -25.90
N THR E 59 -27.68 -13.72 -25.68
CA THR E 59 -27.02 -13.89 -24.39
C THR E 59 -26.81 -12.56 -23.68
N ALA E 60 -27.29 -12.40 -22.46
CA ALA E 60 -27.10 -11.10 -21.86
C ALA E 60 -26.91 -11.21 -20.37
N VAL E 61 -26.06 -10.37 -19.81
CA VAL E 61 -25.97 -10.49 -18.39
C VAL E 61 -27.07 -9.61 -17.93
N GLU E 62 -27.67 -10.20 -16.94
CA GLU E 62 -28.74 -9.72 -16.14
C GLU E 62 -28.85 -8.15 -16.12
N PHE E 63 -29.91 -7.66 -16.77
CA PHE E 63 -30.29 -6.24 -16.94
C PHE E 63 -30.44 -5.29 -15.70
N CYS E 64 -30.95 -5.77 -14.55
CA CYS E 64 -31.12 -5.04 -13.28
C CYS E 64 -30.12 -5.55 -12.27
N LYS E 65 -29.38 -4.64 -11.65
CA LYS E 65 -28.39 -5.00 -10.68
C LYS E 65 -29.10 -5.10 -9.37
N LYS E 66 -28.44 -5.73 -8.41
CA LYS E 66 -29.15 -5.93 -7.15
C LYS E 66 -29.26 -4.62 -6.34
N LYS E 67 -30.46 -4.48 -5.79
CA LYS E 67 -30.81 -3.33 -4.99
C LYS E 67 -30.12 -3.28 -3.63
N SER E 68 -29.65 -2.08 -3.29
CA SER E 68 -28.92 -1.80 -2.05
C SER E 68 -29.78 -1.36 -0.87
N CYS E 69 -29.41 -1.72 0.35
CA CYS E 69 -30.18 -1.30 1.52
C CYS E 69 -29.55 -0.03 2.08
N PRO E 70 -30.31 0.74 2.88
CA PRO E 70 -29.73 1.95 3.45
C PRO E 70 -28.68 1.56 4.49
N ASN E 71 -27.60 2.33 4.60
CA ASN E 71 -26.54 2.05 5.57
C ASN E 71 -27.11 1.74 6.96
N PRO E 72 -26.78 0.56 7.53
CA PRO E 72 -27.28 0.14 8.84
C PRO E 72 -27.10 1.22 9.91
N GLY E 73 -26.00 1.96 9.84
CA GLY E 73 -25.73 3.02 10.78
C GLY E 73 -24.73 2.64 11.85
N GLU E 74 -24.78 3.37 12.97
CA GLU E 74 -23.87 3.12 14.08
C GLU E 74 -24.64 2.85 15.36
N ILE E 75 -24.10 1.97 16.21
CA ILE E 75 -24.74 1.69 17.48
C ILE E 75 -23.88 2.22 18.61
N ARG E 76 -24.41 3.19 19.32
CA ARG E 76 -23.70 3.77 20.44
C ARG E 76 -23.43 2.57 21.40
N ASN E 77 -22.12 2.29 21.61
CA ASN E 77 -21.40 1.26 22.45
C ASN E 77 -21.86 -0.10 22.05
N GLY E 78 -22.03 -0.35 20.78
CA GLY E 78 -22.47 -1.67 20.40
C GLY E 78 -21.81 -1.75 19.07
N GLN E 79 -22.10 -2.83 18.38
CA GLN E 79 -21.56 -3.08 17.10
C GLN E 79 -22.55 -3.76 16.19
N ILE E 80 -22.28 -3.56 14.90
CA ILE E 80 -23.05 -4.14 13.84
C ILE E 80 -22.15 -5.07 13.02
N ASP E 81 -22.45 -6.36 13.04
CA ASP E 81 -21.71 -7.35 12.26
C ASP E 81 -22.33 -7.50 10.88
N VAL E 82 -21.59 -7.06 9.87
CA VAL E 82 -22.01 -7.19 8.49
C VAL E 82 -21.31 -8.31 7.70
N PRO E 83 -21.73 -9.56 7.91
CA PRO E 83 -21.13 -10.73 7.26
C PRO E 83 -20.88 -10.58 5.75
N GLY E 84 -21.94 -10.23 5.00
CA GLY E 84 -21.84 -10.12 3.55
C GLY E 84 -22.69 -9.04 2.89
N GLY E 85 -22.24 -7.79 2.97
CA GLY E 85 -22.90 -6.68 2.32
C GLY E 85 -24.25 -6.28 2.86
N ILE E 86 -24.85 -5.26 2.23
CA ILE E 86 -26.14 -4.75 2.63
C ILE E 86 -27.14 -4.75 1.47
N LEU E 87 -26.90 -5.62 0.49
CA LEU E 87 -27.77 -5.75 -0.66
C LEU E 87 -29.08 -6.46 -0.34
N PHE E 88 -30.06 -6.36 -1.25
CA PHE E 88 -31.35 -7.01 -1.04
C PHE E 88 -31.17 -8.48 -0.67
N GLY E 89 -31.70 -8.90 0.47
CA GLY E 89 -31.57 -10.27 0.93
C GLY E 89 -30.43 -10.49 1.91
N ALA E 90 -29.76 -9.40 2.28
CA ALA E 90 -28.64 -9.45 3.21
C ALA E 90 -29.11 -9.52 4.66
N THR E 91 -28.16 -9.83 5.55
CA THR E 91 -28.45 -9.98 6.96
C THR E 91 -27.37 -9.28 7.75
N ILE E 92 -27.75 -8.72 8.89
CA ILE E 92 -26.79 -8.10 9.79
C ILE E 92 -27.12 -8.47 11.22
N SER E 93 -26.09 -8.50 12.06
CA SER E 93 -26.32 -8.90 13.46
C SER E 93 -25.85 -7.81 14.40
N PHE E 94 -26.30 -7.89 15.66
CA PHE E 94 -25.99 -6.86 16.62
C PHE E 94 -25.35 -7.38 17.89
N SER E 95 -24.54 -6.54 18.51
CA SER E 95 -23.85 -6.93 19.73
C SER E 95 -23.54 -5.69 20.53
N CYS E 96 -23.35 -5.81 21.83
CA CYS E 96 -23.05 -4.63 22.62
C CYS E 96 -21.63 -4.72 23.17
N ASN E 97 -21.04 -3.56 23.47
CA ASN E 97 -19.72 -3.58 24.05
C ASN E 97 -19.86 -4.00 25.50
N THR E 98 -18.82 -4.66 26.01
CA THR E 98 -18.77 -5.14 27.39
C THR E 98 -19.20 -4.04 28.37
N GLY E 99 -20.14 -4.37 29.25
CA GLY E 99 -20.63 -3.40 30.19
C GLY E 99 -21.96 -2.88 29.73
N TYR E 100 -22.36 -3.27 28.51
CA TYR E 100 -23.64 -2.82 27.98
C TYR E 100 -24.51 -4.04 27.62
N LYS E 101 -25.82 -3.94 27.85
CA LYS E 101 -26.75 -5.03 27.56
C LYS E 101 -27.61 -4.73 26.32
N LEU E 102 -27.97 -5.78 25.59
CA LEU E 102 -28.73 -5.65 24.35
C LEU E 102 -30.24 -5.61 24.56
N PHE E 103 -30.89 -4.56 24.04
CA PHE E 103 -32.35 -4.47 24.16
C PHE E 103 -32.96 -4.27 22.78
N GLY E 104 -33.57 -5.32 22.25
CA GLY E 104 -34.16 -5.22 20.94
C GLY E 104 -33.88 -6.45 20.12
N SER E 105 -33.84 -6.28 18.81
CA SER E 105 -33.58 -7.38 17.89
C SER E 105 -32.08 -7.67 17.81
N THR E 106 -31.75 -8.96 17.69
CA THR E 106 -30.37 -9.39 17.63
C THR E 106 -29.88 -9.46 16.19
N SER E 107 -30.80 -9.27 15.26
CA SER E 107 -30.47 -9.30 13.84
C SER E 107 -31.46 -8.49 13.03
N SER E 108 -31.07 -8.13 11.82
CA SER E 108 -31.92 -7.36 10.94
C SER E 108 -31.74 -7.93 9.54
N PHE E 109 -32.79 -7.76 8.75
CA PHE E 109 -32.84 -8.27 7.40
C PHE E 109 -33.16 -7.22 6.33
N CYS E 110 -32.44 -7.26 5.21
CA CYS E 110 -32.78 -6.37 4.10
C CYS E 110 -33.91 -6.98 3.30
N LEU E 111 -35.13 -6.54 3.61
CA LEU E 111 -36.31 -7.10 2.96
C LEU E 111 -36.97 -6.12 2.01
N ILE E 112 -37.78 -6.59 1.07
CA ILE E 112 -38.55 -5.72 0.19
C ILE E 112 -39.79 -5.21 0.91
N SER E 113 -39.97 -3.90 0.90
CA SER E 113 -41.12 -3.29 1.56
C SER E 113 -42.22 -2.98 0.56
N GLY E 114 -42.24 -1.74 0.08
CA GLY E 114 -43.21 -1.30 -0.89
C GLY E 114 -42.55 -1.29 -2.25
N SER E 115 -42.06 -0.13 -2.65
CA SER E 115 -41.35 0.03 -3.91
C SER E 115 -39.85 0.02 -3.68
N SER E 116 -39.43 -0.50 -2.54
CA SER E 116 -38.01 -0.53 -2.22
C SER E 116 -37.67 -1.45 -1.06
N VAL E 117 -36.37 -1.71 -0.94
CA VAL E 117 -35.87 -2.53 0.14
C VAL E 117 -35.62 -1.70 1.41
N GLN E 118 -35.99 -2.27 2.55
CA GLN E 118 -35.81 -1.70 3.87
C GLN E 118 -35.43 -2.74 4.91
N TRP E 119 -34.57 -2.37 5.85
CA TRP E 119 -34.17 -3.27 6.94
C TRP E 119 -35.37 -3.77 7.74
N SER E 120 -35.43 -5.09 7.95
CA SER E 120 -36.57 -5.71 8.64
C SER E 120 -36.83 -5.19 10.06
N ASP E 121 -35.78 -4.92 10.83
CA ASP E 121 -35.97 -4.47 12.20
C ASP E 121 -35.22 -3.16 12.47
N PRO E 122 -35.63 -2.43 13.51
CA PRO E 122 -34.96 -1.18 13.86
C PRO E 122 -33.71 -1.43 14.65
N LEU E 123 -32.77 -0.49 14.61
CA LEU E 123 -31.54 -0.58 15.38
C LEU E 123 -31.81 -0.60 16.89
N PRO E 124 -31.35 -1.67 17.58
CA PRO E 124 -31.58 -1.80 19.03
C PRO E 124 -30.72 -0.86 19.88
N GLU E 125 -30.79 -1.02 21.21
CA GLU E 125 -30.05 -0.16 22.14
C GLU E 125 -29.16 -0.94 23.11
N CYS E 126 -27.99 -0.38 23.42
CA CYS E 126 -27.09 -0.97 24.39
C CYS E 126 -27.13 -0.19 25.70
N ARG E 127 -27.80 -0.75 26.71
CA ARG E 127 -27.97 -0.05 28.00
C ARG E 127 -26.85 -0.38 28.98
N GLU E 128 -26.26 0.64 29.58
CA GLU E 128 -25.19 0.48 30.56
C GLU E 128 -25.64 -0.51 31.66
N ILE E 129 -24.90 -1.62 31.81
CA ILE E 129 -25.17 -2.61 32.87
C ILE E 129 -24.58 -2.16 34.23
N TYR E 130 -25.51 -1.74 35.09
CA TYR E 130 -25.15 -1.26 36.41
C TYR E 130 -25.02 -2.39 37.41
N CYS E 131 -24.09 -2.26 38.35
CA CYS E 131 -23.97 -3.29 39.35
C CYS E 131 -24.97 -3.00 40.51
N PRO E 132 -25.37 -4.00 41.31
CA PRO E 132 -26.24 -3.67 42.46
C PRO E 132 -25.50 -2.84 43.54
N ALA E 133 -26.21 -1.93 44.20
CA ALA E 133 -25.61 -1.06 45.23
C ALA E 133 -24.65 -1.73 46.23
N PRO E 134 -23.47 -1.10 46.44
CA PRO E 134 -22.46 -1.70 47.32
C PRO E 134 -22.97 -1.90 48.74
N PRO E 135 -22.58 -3.03 49.35
CA PRO E 135 -22.96 -3.40 50.71
C PRO E 135 -22.45 -2.40 51.73
N GLN E 136 -23.29 -2.11 52.73
CA GLN E 136 -22.88 -1.21 53.79
C GLN E 136 -22.28 -2.06 54.87
N ILE E 137 -21.10 -1.68 55.32
CA ILE E 137 -20.41 -2.50 56.28
C ILE E 137 -20.59 -1.90 57.67
N ASP E 138 -20.46 -2.71 58.70
CA ASP E 138 -20.62 -2.28 60.08
C ASP E 138 -19.37 -1.55 60.56
N ASN E 139 -19.56 -0.37 61.17
CA ASN E 139 -18.50 0.53 61.72
C ASN E 139 -17.68 1.26 60.65
N GLY E 140 -18.08 1.14 59.39
CA GLY E 140 -17.37 1.81 58.31
C GLY E 140 -18.34 2.46 57.35
N ILE E 141 -17.80 3.18 56.36
CA ILE E 141 -18.59 3.86 55.34
C ILE E 141 -17.84 3.74 54.00
N ILE E 142 -18.43 4.23 52.93
CA ILE E 142 -17.86 4.19 51.59
C ILE E 142 -17.37 5.59 51.22
N GLN E 143 -16.06 5.81 51.34
CA GLN E 143 -15.46 7.11 51.04
C GLN E 143 -16.03 7.72 49.75
N GLY E 144 -16.92 8.70 49.96
CA GLY E 144 -17.56 9.42 48.88
C GLY E 144 -18.24 8.50 47.89
N GLU E 145 -19.40 7.93 48.28
CA GLU E 145 -20.15 6.98 47.43
C GLU E 145 -20.40 7.41 45.98
N ARG E 146 -21.49 6.94 45.38
CA ARG E 146 -21.81 7.19 43.97
C ARG E 146 -23.18 6.65 43.68
N ASP E 147 -23.85 7.27 42.71
CA ASP E 147 -25.18 6.90 42.33
C ASP E 147 -25.24 5.57 41.66
N HIS E 148 -24.41 5.43 40.64
CA HIS E 148 -24.39 4.19 39.94
C HIS E 148 -22.98 3.69 39.67
N TYR E 149 -22.77 2.39 39.86
CA TYR E 149 -21.47 1.82 39.59
C TYR E 149 -21.58 0.88 38.39
N GLY E 150 -20.82 1.20 37.34
CA GLY E 150 -20.84 0.42 36.10
C GLY E 150 -19.70 -0.57 36.01
N TYR E 151 -19.37 -0.97 34.79
CA TYR E 151 -18.32 -1.94 34.53
C TYR E 151 -17.08 -1.23 34.96
N ARG E 152 -16.29 -1.89 35.78
CA ARG E 152 -15.02 -1.32 36.22
C ARG E 152 -15.12 -0.20 37.22
N GLN E 153 -16.27 0.21 37.65
CA GLN E 153 -16.20 1.24 38.65
C GLN E 153 -15.87 0.63 40.02
N SER E 154 -15.05 1.33 40.80
CA SER E 154 -14.61 0.78 42.08
C SER E 154 -15.21 1.57 43.26
N VAL E 155 -15.36 0.88 44.38
CA VAL E 155 -15.88 1.45 45.62
C VAL E 155 -14.85 1.34 46.75
N THR E 156 -14.43 2.49 47.27
CA THR E 156 -13.45 2.55 48.34
C THR E 156 -14.12 2.64 49.72
N TYR E 157 -13.61 1.87 50.69
CA TYR E 157 -14.18 1.79 52.03
C TYR E 157 -13.29 2.41 53.11
N ALA E 158 -13.89 2.75 54.25
CA ALA E 158 -13.12 3.34 55.37
C ALA E 158 -13.84 3.14 56.69
N CYS E 159 -13.15 2.56 57.65
CA CYS E 159 -13.71 2.30 58.98
C CYS E 159 -13.70 3.55 59.78
N ASN E 160 -14.54 3.62 60.82
CA ASN E 160 -14.62 4.77 61.72
C ASN E 160 -13.48 4.81 62.74
N LYS E 161 -13.38 5.90 63.49
CA LYS E 161 -12.34 6.05 64.51
C LYS E 161 -12.46 4.98 65.59
N GLY E 162 -11.33 4.37 65.93
CA GLY E 162 -11.32 3.33 66.95
C GLY E 162 -11.56 1.96 66.36
N PHE E 163 -11.51 1.86 65.03
CA PHE E 163 -11.70 0.58 64.37
C PHE E 163 -10.57 0.27 63.39
N THR E 164 -10.29 -1.01 63.22
CA THR E 164 -9.20 -1.45 62.36
C THR E 164 -9.73 -2.13 61.10
N MET E 165 -9.17 -1.76 59.96
CA MET E 165 -9.54 -2.36 58.69
C MET E 165 -8.81 -3.67 58.40
N ILE E 166 -9.57 -4.72 58.11
CA ILE E 166 -9.02 -6.04 57.82
C ILE E 166 -9.57 -6.62 56.54
N GLY E 167 -8.90 -6.30 55.44
CA GLY E 167 -9.29 -6.77 54.14
C GLY E 167 -8.98 -5.77 53.05
N GLU E 168 -9.52 -6.03 51.85
CA GLU E 168 -9.28 -5.18 50.69
C GLU E 168 -9.77 -3.77 50.90
N HIS E 169 -8.88 -2.79 50.78
CA HIS E 169 -9.23 -1.38 50.97
C HIS E 169 -10.43 -0.97 50.14
N SER E 170 -10.62 -1.65 49.02
CA SER E 170 -11.73 -1.32 48.14
C SER E 170 -12.06 -2.50 47.24
N ILE E 171 -13.22 -2.43 46.60
CA ILE E 171 -13.63 -3.49 45.69
C ILE E 171 -14.11 -2.92 44.35
N TYR E 172 -14.09 -3.72 43.29
CA TYR E 172 -14.53 -3.22 42.00
C TYR E 172 -15.59 -4.05 41.33
N CYS E 173 -16.30 -3.41 40.39
CA CYS E 173 -17.40 -4.09 39.70
C CYS E 173 -16.92 -4.87 38.46
N THR E 174 -17.25 -6.16 38.47
CA THR E 174 -16.96 -7.09 37.40
C THR E 174 -18.30 -7.45 36.72
N VAL E 175 -18.24 -7.76 35.43
CA VAL E 175 -19.42 -8.10 34.68
C VAL E 175 -19.33 -9.49 34.04
N ASN E 176 -20.31 -10.33 34.34
CA ASN E 176 -20.34 -11.68 33.80
C ASN E 176 -21.71 -12.14 33.34
N ASN E 177 -21.90 -12.19 32.02
CA ASN E 177 -23.15 -12.60 31.40
C ASN E 177 -24.19 -11.51 31.63
N ASP E 178 -23.86 -10.28 31.25
CA ASP E 178 -24.74 -9.12 31.40
C ASP E 178 -25.27 -8.93 32.81
N GLU E 179 -24.60 -9.55 33.77
CA GLU E 179 -24.99 -9.44 35.17
C GLU E 179 -23.87 -8.82 36.00
N GLY E 180 -24.11 -7.67 36.63
CA GLY E 180 -23.06 -7.07 37.44
C GLY E 180 -22.88 -7.75 38.79
N GLU E 181 -21.62 -8.08 39.12
CA GLU E 181 -21.17 -8.75 40.38
C GLU E 181 -19.85 -8.21 40.91
N TRP E 182 -19.78 -8.00 42.22
CA TRP E 182 -18.60 -7.46 42.87
C TRP E 182 -17.51 -8.42 42.86
N SER E 183 -16.33 -7.86 42.64
CA SER E 183 -15.13 -8.61 42.59
C SER E 183 -15.16 -9.60 43.78
N GLY E 184 -15.49 -9.06 44.96
CA GLY E 184 -15.55 -9.90 46.15
C GLY E 184 -16.21 -9.29 47.38
N PRO E 185 -16.00 -9.93 48.56
CA PRO E 185 -16.65 -9.35 49.75
C PRO E 185 -15.93 -8.09 50.24
N PRO E 186 -16.70 -7.10 50.69
CA PRO E 186 -16.07 -5.91 51.24
C PRO E 186 -15.26 -6.22 52.51
N PRO E 187 -14.42 -5.26 52.93
CA PRO E 187 -13.63 -5.46 54.14
C PRO E 187 -14.44 -5.31 55.43
N GLU E 188 -13.77 -5.65 56.52
CA GLU E 188 -14.34 -5.60 57.88
C GLU E 188 -13.60 -4.58 58.83
N CYS E 189 -14.28 -3.87 59.73
CA CYS E 189 -13.59 -2.93 60.65
C CYS E 189 -13.67 -3.46 62.10
N ARG E 190 -12.80 -4.38 62.50
CA ARG E 190 -12.83 -4.98 63.87
C ARG E 190 -12.48 -3.95 64.91
N GLY E 191 -13.28 -3.95 65.97
CA GLY E 191 -13.05 -3.04 67.05
C GLY E 191 -12.12 -3.68 68.05
N SER F 3 60.75 12.61 23.93
CA SER F 3 59.97 11.73 23.07
C SER F 3 58.63 12.28 22.68
N CYS F 4 58.12 11.72 21.59
CA CYS F 4 56.77 11.98 21.16
C CYS F 4 55.87 11.21 22.12
N GLU F 5 54.61 11.62 22.17
CA GLU F 5 53.57 11.04 23.01
C GLU F 5 53.03 9.86 22.21
N VAL F 6 52.44 8.88 22.91
CA VAL F 6 51.91 7.70 22.22
C VAL F 6 50.89 8.17 21.22
N PRO F 7 50.93 7.51 20.03
CA PRO F 7 50.02 7.84 18.94
C PRO F 7 48.54 7.89 19.24
N THR F 8 47.93 8.92 18.66
CA THR F 8 46.52 9.18 18.80
C THR F 8 45.77 7.93 18.42
N ARG F 9 44.72 7.58 19.17
CA ARG F 9 43.97 6.39 18.83
C ARG F 9 43.28 6.67 17.52
N LEU F 10 43.21 5.69 16.64
CA LEU F 10 42.53 5.89 15.38
C LEU F 10 41.41 4.87 15.23
N ASN F 11 40.29 5.39 14.76
CA ASN F 11 39.09 4.63 14.51
C ASN F 11 39.31 3.60 13.43
N SER F 12 40.10 4.00 12.46
CA SER F 12 40.37 3.18 11.29
C SER F 12 41.50 2.17 11.53
N ALA F 13 42.59 2.64 12.10
CA ALA F 13 43.75 1.78 12.32
C ALA F 13 44.25 1.67 13.75
N SER F 14 44.82 0.51 14.06
CA SER F 14 45.43 0.27 15.36
C SER F 14 46.89 -0.05 15.12
N LEU F 15 47.76 0.41 16.01
CA LEU F 15 49.21 0.21 15.92
C LEU F 15 49.61 -1.26 15.69
N LYS F 16 50.82 -1.48 15.19
CA LYS F 16 51.35 -2.83 14.99
C LYS F 16 52.37 -3.12 16.09
N GLN F 17 52.89 -4.35 16.10
CA GLN F 17 53.92 -4.72 17.05
C GLN F 17 55.26 -4.22 16.54
N PRO F 18 56.09 -3.69 17.46
CA PRO F 18 55.83 -3.67 18.89
C PRO F 18 55.46 -2.29 19.37
N TYR F 19 55.12 -1.43 18.42
CA TYR F 19 54.74 -0.05 18.72
C TYR F 19 53.54 0.08 19.66
N ILE F 20 52.74 -0.98 19.78
CA ILE F 20 51.55 -0.91 20.62
C ILE F 20 51.94 -0.83 22.10
N THR F 21 53.16 -1.23 22.42
CA THR F 21 53.60 -1.24 23.81
C THR F 21 54.78 -0.31 24.09
N GLN F 22 55.19 0.50 23.11
CA GLN F 22 56.32 1.39 23.33
C GLN F 22 55.83 2.73 23.91
N ASN F 23 56.77 3.58 24.34
CA ASN F 23 56.45 4.88 24.93
C ASN F 23 57.58 5.89 24.70
N TYR F 24 58.75 5.38 24.34
CA TYR F 24 59.96 6.17 24.08
C TYR F 24 60.05 6.48 22.60
N PHE F 25 59.49 7.64 22.23
CA PHE F 25 59.45 8.04 20.83
C PHE F 25 60.41 9.15 20.40
N PRO F 26 61.71 8.84 20.29
CA PRO F 26 62.70 9.82 19.84
C PRO F 26 62.31 10.37 18.48
N VAL F 27 62.65 11.63 18.22
CA VAL F 27 62.29 12.26 16.96
C VAL F 27 62.88 11.51 15.77
N GLY F 28 62.14 11.46 14.67
CA GLY F 28 62.56 10.70 13.50
C GLY F 28 62.22 9.23 13.62
N THR F 29 61.19 8.92 14.39
CA THR F 29 60.74 7.55 14.59
C THR F 29 59.47 7.26 13.81
N VAL F 30 59.37 6.08 13.19
CA VAL F 30 58.18 5.76 12.43
C VAL F 30 57.36 4.71 13.15
N VAL F 31 56.04 4.86 13.09
CA VAL F 31 55.16 3.87 13.70
C VAL F 31 54.22 3.29 12.65
N GLU F 32 54.03 1.97 12.64
CA GLU F 32 53.16 1.35 11.65
C GLU F 32 51.79 0.89 12.16
N TYR F 33 50.75 1.25 11.42
CA TYR F 33 49.37 0.90 11.72
C TYR F 33 48.79 -0.20 10.86
N GLU F 34 47.71 -0.79 11.33
CA GLU F 34 47.00 -1.80 10.54
C GLU F 34 45.51 -1.52 10.68
N CYS F 35 44.74 -1.40 9.61
CA CYS F 35 43.27 -1.08 9.69
C CYS F 35 42.60 -1.99 10.70
N ARG F 36 41.59 -1.43 11.28
CA ARG F 36 40.81 -2.14 12.22
C ARG F 36 39.72 -2.93 11.46
N PRO F 37 38.74 -3.49 12.18
CA PRO F 37 37.58 -4.20 11.61
C PRO F 37 36.34 -3.36 11.88
N GLY F 38 35.71 -2.93 10.79
CA GLY F 38 36.20 -3.30 9.47
C GLY F 38 36.61 -2.23 8.50
N TYR F 39 37.93 -2.12 8.34
CA TYR F 39 38.55 -1.17 7.41
C TYR F 39 39.60 -1.82 6.50
N ARG F 40 39.91 -1.16 5.37
CA ARG F 40 40.88 -1.67 4.42
C ARG F 40 42.03 -0.72 4.06
N ARG F 41 43.21 -1.29 3.81
CA ARG F 41 44.46 -0.57 3.52
C ARG F 41 44.53 0.15 2.15
N GLU F 42 45.08 1.37 2.09
CA GLU F 42 45.21 2.09 0.82
C GLU F 42 46.66 2.04 0.28
N PRO F 43 47.08 0.99 -0.45
CA PRO F 43 48.47 0.91 -0.97
C PRO F 43 49.23 2.24 -1.15
N SER F 44 48.61 3.15 -1.90
CA SER F 44 49.19 4.45 -2.25
C SER F 44 49.41 5.38 -1.07
N LEU F 45 48.87 5.02 0.08
CA LEU F 45 48.97 5.85 1.28
C LEU F 45 49.81 5.17 2.37
N SER F 46 50.60 5.95 3.10
CA SER F 46 51.42 5.33 4.11
C SER F 46 50.66 5.10 5.42
N PRO F 47 50.74 3.88 5.95
CA PRO F 47 50.07 3.53 7.20
C PRO F 47 51.02 3.87 8.33
N LYS F 48 52.13 4.50 7.96
CA LYS F 48 53.18 4.84 8.92
C LYS F 48 53.10 6.28 9.39
N LEU F 49 53.76 6.55 10.51
CA LEU F 49 53.72 7.90 11.04
C LEU F 49 55.07 8.37 11.53
N THR F 50 55.24 9.69 11.71
CA THR F 50 56.55 10.23 12.09
C THR F 50 56.38 11.39 13.09
N CYS F 51 57.39 11.57 13.95
CA CYS F 51 57.34 12.52 15.07
C CYS F 51 58.17 13.81 14.93
N LEU F 52 57.52 14.96 14.94
CA LEU F 52 58.14 16.28 14.69
C LEU F 52 58.95 16.91 15.85
N GLN F 53 59.54 18.06 15.55
CA GLN F 53 60.42 18.80 16.44
C GLN F 53 59.72 19.47 17.62
N ASN F 54 58.52 19.97 17.38
CA ASN F 54 57.75 20.61 18.44
C ASN F 54 56.86 19.62 19.21
N LEU F 55 57.26 18.36 19.13
CA LEU F 55 56.60 17.22 19.77
C LEU F 55 55.20 16.99 19.23
N LYS F 56 55.11 16.72 17.95
CA LYS F 56 53.85 16.45 17.30
C LYS F 56 54.05 15.28 16.38
N TRP F 57 53.00 14.91 15.65
CA TRP F 57 53.12 13.78 14.76
C TRP F 57 52.81 14.23 13.34
N SER F 58 53.28 13.46 12.37
CA SER F 58 52.92 13.74 11.00
C SER F 58 51.44 13.42 10.97
N THR F 59 50.64 14.42 10.64
CA THR F 59 49.19 14.26 10.55
C THR F 59 48.84 13.04 9.71
N ALA F 60 48.08 12.13 10.31
CA ALA F 60 47.73 10.91 9.62
C ALA F 60 46.80 11.16 8.45
N VAL F 61 47.01 10.39 7.40
CA VAL F 61 46.18 10.47 6.24
C VAL F 61 45.04 9.50 6.52
N GLU F 62 44.36 9.04 5.47
CA GLU F 62 43.29 8.08 5.64
C GLU F 62 43.60 6.69 5.11
N PHE F 63 44.75 6.12 5.45
CA PHE F 63 45.16 4.81 4.92
C PHE F 63 44.08 3.71 5.13
N CYS F 64 43.25 3.77 6.17
CA CYS F 64 42.20 2.73 6.26
C CYS F 64 40.80 3.23 5.95
N LYS F 65 40.31 2.79 4.79
CA LYS F 65 39.00 3.13 4.24
C LYS F 65 37.94 2.17 4.71
N LYS F 66 36.69 2.56 4.53
CA LYS F 66 35.53 1.77 4.89
C LYS F 66 35.29 0.64 3.89
N LYS F 67 34.93 -0.51 4.46
CA LYS F 67 34.64 -1.76 3.74
C LYS F 67 33.36 -1.80 2.88
N SER F 68 33.46 -2.38 1.68
CA SER F 68 32.32 -2.45 0.75
C SER F 68 31.50 -3.74 0.96
N CYS F 69 30.18 -3.69 0.76
CA CYS F 69 29.37 -4.87 0.91
C CYS F 69 29.20 -5.54 -0.44
N PRO F 70 28.81 -6.84 -0.44
CA PRO F 70 28.60 -7.47 -1.75
C PRO F 70 27.31 -6.96 -2.43
N ASN F 71 27.36 -6.85 -3.77
CA ASN F 71 26.20 -6.38 -4.53
C ASN F 71 24.96 -7.15 -4.07
N PRO F 72 23.92 -6.43 -3.62
CA PRO F 72 22.70 -7.07 -3.13
C PRO F 72 22.14 -8.13 -4.08
N GLY F 73 22.24 -7.88 -5.39
CA GLY F 73 21.74 -8.83 -6.37
C GLY F 73 20.39 -8.45 -6.96
N GLU F 74 19.70 -9.45 -7.49
CA GLU F 74 18.40 -9.24 -8.12
C GLU F 74 17.35 -10.13 -7.46
N ILE F 75 16.12 -9.63 -7.37
CA ILE F 75 15.02 -10.38 -6.80
C ILE F 75 13.95 -10.75 -7.81
N ARG F 76 13.78 -12.05 -8.00
CA ARG F 76 12.79 -12.58 -8.92
C ARG F 76 11.42 -12.08 -8.51
N ASN F 77 10.80 -11.32 -9.41
CA ASN F 77 9.48 -10.74 -9.22
C ASN F 77 9.48 -9.82 -8.01
N GLY F 78 10.59 -9.12 -7.80
CA GLY F 78 10.72 -8.20 -6.68
C GLY F 78 11.66 -7.05 -6.96
N GLN F 79 11.92 -6.26 -5.93
CA GLN F 79 12.84 -5.14 -6.02
C GLN F 79 13.59 -4.95 -4.72
N ILE F 80 14.77 -4.33 -4.88
CA ILE F 80 15.63 -3.97 -3.80
C ILE F 80 15.81 -2.48 -3.73
N ASP F 81 15.34 -1.85 -2.63
CA ASP F 81 15.50 -0.41 -2.47
C ASP F 81 16.80 -0.17 -1.73
N VAL F 82 17.79 0.39 -2.43
CA VAL F 82 19.07 0.74 -1.81
C VAL F 82 19.19 2.25 -1.58
N PRO F 83 18.59 2.75 -0.50
CA PRO F 83 18.57 4.19 -0.17
C PRO F 83 19.93 4.88 -0.31
N GLY F 84 20.98 4.35 0.32
CA GLY F 84 22.26 5.01 0.29
C GLY F 84 23.51 4.14 0.25
N GLY F 85 23.79 3.64 -0.95
CA GLY F 85 24.99 2.87 -1.15
C GLY F 85 25.12 1.50 -0.52
N ILE F 86 26.29 0.93 -0.75
CA ILE F 86 26.55 -0.38 -0.25
C ILE F 86 27.79 -0.50 0.64
N LEU F 87 28.18 0.61 1.21
CA LEU F 87 29.31 0.60 2.10
C LEU F 87 28.98 0.01 3.49
N PHE F 88 30.02 -0.30 4.24
CA PHE F 88 29.85 -0.84 5.59
C PHE F 88 28.91 0.04 6.40
N GLY F 89 27.84 -0.56 6.92
CA GLY F 89 26.87 0.18 7.70
C GLY F 89 25.68 0.61 6.87
N ALA F 90 25.64 0.21 5.60
CA ALA F 90 24.52 0.57 4.76
C ALA F 90 23.34 -0.34 5.05
N THR F 91 22.17 0.05 4.57
CA THR F 91 20.94 -0.70 4.82
C THR F 91 20.16 -0.78 3.53
N ILE F 92 19.43 -1.88 3.38
CA ILE F 92 18.57 -2.07 2.23
C ILE F 92 17.19 -2.66 2.52
N SER F 93 16.22 -2.33 1.67
CA SER F 93 14.87 -2.81 1.90
C SER F 93 14.42 -3.60 0.68
N PHE F 94 13.39 -4.40 0.88
CA PHE F 94 12.89 -5.28 -0.15
C PHE F 94 11.40 -5.11 -0.35
N SER F 95 10.93 -5.38 -1.57
CA SER F 95 9.53 -5.23 -1.89
C SER F 95 9.16 -6.16 -3.04
N CYS F 96 7.89 -6.50 -3.17
CA CYS F 96 7.52 -7.40 -4.26
C CYS F 96 6.68 -6.67 -5.28
N ASN F 97 6.73 -7.18 -6.51
CA ASN F 97 5.95 -6.65 -7.61
C ASN F 97 4.49 -7.05 -7.46
N THR F 98 3.59 -6.22 -7.97
CA THR F 98 2.15 -6.49 -7.88
C THR F 98 1.82 -7.91 -8.30
N GLY F 99 1.09 -8.62 -7.45
CA GLY F 99 0.72 -9.99 -7.72
C GLY F 99 1.61 -10.96 -6.95
N TYR F 100 2.65 -10.43 -6.30
CA TYR F 100 3.59 -11.25 -5.54
C TYR F 100 3.69 -10.85 -4.07
N LYS F 101 3.86 -11.84 -3.20
CA LYS F 101 3.95 -11.66 -1.74
C LYS F 101 5.35 -11.83 -1.13
N LEU F 102 5.64 -11.07 -0.07
CA LEU F 102 6.94 -11.10 0.57
C LEU F 102 7.06 -12.17 1.64
N PHE F 103 8.06 -13.02 1.49
CA PHE F 103 8.34 -14.04 2.45
C PHE F 103 9.81 -13.99 2.90
N GLY F 104 10.07 -13.48 4.09
CA GLY F 104 11.43 -13.39 4.57
C GLY F 104 11.64 -12.05 5.24
N SER F 105 12.88 -11.56 5.22
CA SER F 105 13.19 -10.28 5.84
C SER F 105 12.80 -9.14 4.90
N THR F 106 12.33 -8.04 5.48
CA THR F 106 11.90 -6.89 4.73
C THR F 106 13.06 -5.93 4.54
N SER F 107 14.16 -6.23 5.22
CA SER F 107 15.36 -5.41 5.13
C SER F 107 16.61 -6.22 5.46
N SER F 108 17.76 -5.69 5.07
CA SER F 108 19.02 -6.35 5.35
C SER F 108 19.98 -5.24 5.72
N PHE F 109 20.96 -5.60 6.53
CA PHE F 109 21.94 -4.64 7.01
C PHE F 109 23.35 -5.13 6.69
N CYS F 110 24.18 -4.18 6.26
CA CYS F 110 25.57 -4.45 6.00
C CYS F 110 26.38 -4.42 7.31
N LEU F 111 26.59 -5.61 7.90
CA LEU F 111 27.30 -5.74 9.18
C LEU F 111 28.67 -6.40 9.08
N ILE F 112 29.54 -6.22 10.07
CA ILE F 112 30.83 -6.92 10.05
C ILE F 112 30.63 -8.36 10.54
N SER F 113 31.10 -9.31 9.73
CA SER F 113 30.98 -10.72 10.05
C SER F 113 32.30 -11.21 10.64
N GLY F 114 33.16 -11.77 9.80
CA GLY F 114 34.45 -12.25 10.26
C GLY F 114 35.54 -11.23 9.94
N SER F 115 36.22 -11.45 8.82
CA SER F 115 37.27 -10.54 8.36
C SER F 115 36.73 -9.61 7.30
N SER F 116 35.41 -9.50 7.24
CA SER F 116 34.78 -8.66 6.23
C SER F 116 33.34 -8.41 6.57
N VAL F 117 32.77 -7.43 5.88
CA VAL F 117 31.39 -7.10 6.04
C VAL F 117 30.51 -7.97 5.15
N GLN F 118 29.39 -8.41 5.72
CA GLN F 118 28.43 -9.23 5.04
C GLN F 118 27.02 -8.83 5.42
N TRP F 119 26.14 -8.93 4.43
CA TRP F 119 24.75 -8.63 4.60
C TRP F 119 24.05 -9.36 5.71
N SER F 120 23.34 -8.63 6.56
CA SER F 120 22.67 -9.22 7.71
C SER F 120 21.65 -10.33 7.43
N ASP F 121 20.85 -10.17 6.38
CA ASP F 121 19.83 -11.16 6.08
C ASP F 121 19.88 -11.66 4.63
N PRO F 122 19.29 -12.84 4.36
CA PRO F 122 19.29 -13.39 3.00
C PRO F 122 18.21 -12.79 2.14
N LEU F 123 18.39 -12.81 0.83
CA LEU F 123 17.36 -12.34 -0.06
C LEU F 123 16.11 -13.22 0.10
N PRO F 124 14.97 -12.64 0.49
CA PRO F 124 13.73 -13.36 0.66
C PRO F 124 13.17 -13.70 -0.71
N GLU F 125 11.96 -14.22 -0.71
CA GLU F 125 11.30 -14.65 -1.92
C GLU F 125 9.97 -13.99 -2.18
N CYS F 126 9.67 -13.70 -3.45
CA CYS F 126 8.36 -13.15 -3.73
C CYS F 126 7.50 -14.21 -4.38
N ARG F 127 6.58 -14.77 -3.60
CA ARG F 127 5.71 -15.84 -4.11
C ARG F 127 4.43 -15.33 -4.71
N GLU F 128 4.22 -15.81 -5.92
CA GLU F 128 3.09 -15.52 -6.74
C GLU F 128 1.79 -15.82 -6.00
N ILE F 129 1.02 -14.74 -5.85
CA ILE F 129 -0.25 -14.82 -5.21
C ILE F 129 -1.28 -15.38 -6.15
N TYR F 130 -1.58 -16.65 -5.91
CA TYR F 130 -2.53 -17.45 -6.65
C TYR F 130 -3.98 -17.33 -6.18
N CYS F 131 -4.90 -17.45 -7.13
CA CYS F 131 -6.29 -17.40 -6.81
C CYS F 131 -6.76 -18.77 -6.36
N PRO F 132 -7.89 -18.79 -5.64
CA PRO F 132 -8.43 -20.07 -5.24
C PRO F 132 -8.93 -20.74 -6.50
N ALA F 133 -8.78 -22.06 -6.56
CA ALA F 133 -9.20 -22.86 -7.71
C ALA F 133 -10.58 -22.43 -8.19
N PRO F 134 -10.73 -22.21 -9.51
CA PRO F 134 -11.99 -21.71 -10.05
C PRO F 134 -13.15 -22.67 -9.76
N PRO F 135 -14.32 -22.10 -9.45
CA PRO F 135 -15.56 -22.84 -9.13
C PRO F 135 -16.05 -23.74 -10.27
N GLN F 136 -16.52 -24.93 -9.90
CA GLN F 136 -17.09 -25.85 -10.88
C GLN F 136 -18.56 -25.60 -10.98
N ILE F 137 -19.01 -25.43 -12.21
CA ILE F 137 -20.39 -25.10 -12.43
C ILE F 137 -21.10 -26.35 -12.88
N ASP F 138 -22.40 -26.35 -12.65
CA ASP F 138 -23.25 -27.46 -12.98
C ASP F 138 -23.55 -27.45 -14.45
N ASN F 139 -23.43 -28.62 -15.07
CA ASN F 139 -23.75 -28.89 -16.49
C ASN F 139 -22.75 -28.20 -17.44
N GLY F 140 -21.68 -27.63 -16.92
CA GLY F 140 -20.70 -26.97 -17.76
C GLY F 140 -19.33 -27.41 -17.29
N ILE F 141 -18.30 -26.98 -18.01
CA ILE F 141 -16.92 -27.30 -17.70
C ILE F 141 -16.03 -26.10 -17.95
N ILE F 142 -14.75 -26.25 -17.65
CA ILE F 142 -13.78 -25.19 -17.84
C ILE F 142 -12.91 -25.48 -19.05
N GLN F 143 -13.23 -24.85 -20.17
CA GLN F 143 -12.47 -25.03 -21.40
C GLN F 143 -10.98 -25.02 -21.15
N GLY F 144 -10.38 -26.21 -21.15
CA GLY F 144 -8.96 -26.22 -21.00
C GLY F 144 -8.36 -25.52 -19.81
N GLU F 145 -8.44 -26.17 -18.67
CA GLU F 145 -8.04 -25.71 -17.34
C GLU F 145 -6.55 -25.08 -17.17
N ARG F 146 -5.95 -25.15 -15.99
CA ARG F 146 -4.58 -24.63 -15.62
C ARG F 146 -4.33 -25.07 -14.21
N ASP F 147 -3.11 -25.35 -13.79
CA ASP F 147 -2.75 -25.81 -12.41
C ASP F 147 -2.94 -24.65 -11.46
N HIS F 148 -2.35 -23.54 -11.84
CA HIS F 148 -2.46 -22.38 -11.03
C HIS F 148 -2.87 -21.15 -11.84
N TYR F 149 -3.76 -20.37 -11.26
CA TYR F 149 -4.24 -19.14 -11.88
C TYR F 149 -3.72 -18.03 -11.03
N GLY F 150 -2.94 -17.17 -11.64
CA GLY F 150 -2.37 -16.09 -10.88
C GLY F 150 -3.22 -14.90 -11.14
N TYR F 151 -2.59 -13.78 -10.92
CA TYR F 151 -3.19 -12.50 -11.07
C TYR F 151 -3.52 -12.24 -12.57
N ARG F 152 -4.77 -11.89 -12.87
CA ARG F 152 -5.27 -11.55 -14.22
C ARG F 152 -5.46 -12.69 -15.23
N GLN F 153 -5.14 -13.92 -14.84
CA GLN F 153 -5.35 -15.05 -15.73
C GLN F 153 -6.79 -15.28 -15.62
N SER F 154 -7.25 -15.61 -16.83
CA SER F 154 -8.64 -15.79 -16.97
C SER F 154 -8.97 -17.28 -17.19
N VAL F 155 -10.19 -17.69 -16.81
CA VAL F 155 -10.73 -19.03 -16.96
C VAL F 155 -12.00 -19.00 -17.81
N THR F 156 -11.95 -19.75 -18.90
CA THR F 156 -13.03 -19.83 -19.84
C THR F 156 -13.95 -21.00 -19.54
N TYR F 157 -15.25 -20.75 -19.60
CA TYR F 157 -16.25 -21.75 -19.28
C TYR F 157 -17.02 -22.17 -20.52
N ALA F 158 -17.65 -23.33 -20.46
CA ALA F 158 -18.42 -23.81 -21.60
C ALA F 158 -19.45 -24.80 -21.09
N CYS F 159 -20.72 -24.54 -21.39
CA CYS F 159 -21.82 -25.38 -20.98
C CYS F 159 -21.91 -26.61 -21.88
N ASN F 160 -22.52 -27.68 -21.38
CA ASN F 160 -22.72 -28.90 -22.16
C ASN F 160 -23.87 -28.86 -23.17
N LYS F 161 -23.91 -29.92 -23.98
CA LYS F 161 -24.91 -30.11 -25.02
C LYS F 161 -26.33 -30.21 -24.44
N GLY F 162 -27.25 -29.48 -25.04
CA GLY F 162 -28.62 -29.46 -24.56
C GLY F 162 -28.77 -28.39 -23.50
N PHE F 163 -27.77 -27.54 -23.41
CA PHE F 163 -27.79 -26.49 -22.42
C PHE F 163 -27.51 -25.10 -22.99
N THR F 164 -27.79 -24.09 -22.19
CA THR F 164 -27.61 -22.69 -22.55
C THR F 164 -26.81 -21.88 -21.55
N MET F 165 -26.10 -20.87 -22.04
CA MET F 165 -25.25 -20.10 -21.16
C MET F 165 -25.82 -18.72 -20.86
N ILE F 166 -25.79 -18.40 -19.57
CA ILE F 166 -26.25 -17.12 -19.08
C ILE F 166 -25.22 -16.49 -18.16
N GLY F 167 -24.41 -15.62 -18.73
CA GLY F 167 -23.45 -14.87 -17.96
C GLY F 167 -22.14 -14.72 -18.68
N GLU F 168 -21.15 -14.22 -17.94
CA GLU F 168 -19.84 -14.00 -18.51
C GLU F 168 -19.22 -15.32 -18.97
N HIS F 169 -18.90 -15.41 -20.26
CA HIS F 169 -18.29 -16.62 -20.86
C HIS F 169 -17.04 -16.99 -20.05
N SER F 170 -16.44 -16.01 -19.40
CA SER F 170 -15.25 -16.31 -18.62
C SER F 170 -15.03 -15.24 -17.56
N ILE F 171 -14.18 -15.61 -16.60
CA ILE F 171 -13.80 -14.73 -15.50
C ILE F 171 -12.30 -14.69 -15.27
N TYR F 172 -11.82 -13.64 -14.63
CA TYR F 172 -10.40 -13.54 -14.38
C TYR F 172 -10.03 -13.32 -12.93
N CYS F 173 -8.78 -13.64 -12.61
CA CYS F 173 -8.33 -13.51 -11.24
C CYS F 173 -7.79 -12.12 -10.95
N THR F 174 -8.38 -11.48 -9.95
CA THR F 174 -7.93 -10.17 -9.50
C THR F 174 -7.33 -10.25 -8.10
N VAL F 175 -6.37 -9.38 -7.80
CA VAL F 175 -5.75 -9.32 -6.47
C VAL F 175 -5.77 -8.02 -5.70
N ASN F 176 -6.28 -8.20 -4.48
CA ASN F 176 -6.48 -7.17 -3.47
C ASN F 176 -6.04 -7.69 -2.14
N ASN F 177 -4.90 -7.15 -1.76
CA ASN F 177 -4.16 -7.43 -0.55
C ASN F 177 -3.50 -8.76 -0.51
N ASP F 178 -2.70 -9.03 -1.54
CA ASP F 178 -1.98 -10.28 -1.60
C ASP F 178 -2.91 -11.49 -1.40
N GLU F 179 -4.19 -11.23 -1.66
CA GLU F 179 -5.27 -12.18 -1.57
C GLU F 179 -5.89 -12.32 -2.96
N GLY F 180 -5.83 -13.53 -3.51
CA GLY F 180 -6.39 -13.80 -4.82
C GLY F 180 -7.90 -13.93 -4.74
N GLU F 181 -8.57 -13.24 -5.66
CA GLU F 181 -10.03 -13.23 -5.70
C GLU F 181 -10.56 -13.26 -7.15
N TRP F 182 -11.55 -14.10 -7.41
CA TRP F 182 -12.08 -14.21 -8.76
C TRP F 182 -12.87 -12.95 -9.14
N SER F 183 -12.76 -12.51 -10.39
CA SER F 183 -13.44 -11.30 -10.88
C SER F 183 -14.89 -11.17 -10.41
N GLY F 184 -15.63 -12.26 -10.58
CA GLY F 184 -17.03 -12.29 -10.20
C GLY F 184 -17.54 -13.71 -10.18
N PRO F 185 -18.87 -13.88 -10.17
CA PRO F 185 -19.45 -15.22 -10.15
C PRO F 185 -19.33 -15.90 -11.51
N PRO F 186 -19.08 -17.21 -11.50
CA PRO F 186 -19.03 -17.95 -12.76
C PRO F 186 -20.40 -17.93 -13.45
N PRO F 187 -20.45 -18.31 -14.72
CA PRO F 187 -21.71 -18.35 -15.46
C PRO F 187 -22.55 -19.57 -15.07
N GLU F 188 -23.76 -19.64 -15.60
CA GLU F 188 -24.64 -20.75 -15.32
C GLU F 188 -25.05 -21.38 -16.64
N CYS F 189 -25.17 -22.68 -16.70
CA CYS F 189 -25.63 -23.29 -17.94
C CYS F 189 -27.05 -23.85 -17.70
N ARG F 190 -28.08 -23.06 -17.96
CA ARG F 190 -29.46 -23.52 -17.77
C ARG F 190 -29.99 -24.46 -18.87
N GLY F 191 -30.64 -25.55 -18.46
CA GLY F 191 -31.19 -26.49 -19.43
C GLY F 191 -32.62 -26.13 -19.81
#